data_2KR7
#
_entry.id   2KR7
#
_entity_poly.entity_id   1
_entity_poly.type   'polypeptide(L)'
_entity_poly.pdbx_seq_one_letter_code
;MQNHDLESIKQAALIEYEVREQGSSIVLDSNISKEPLEFIIGTNQIIAGLEKAVLKAQIGEWEEVVIAPEEAYGVYESSY
LQEVPRDQFEGIELEKGMSVFGQTEDNQTIQAIIKDFSATHVMVDYNHPLAGKTLAFRFKVLGFREVSEEE
;
_entity_poly.pdbx_strand_id   A
#
# COMPACT_ATOMS: atom_id res chain seq x y z
N MET A 1 1.71 -41.78 -0.11
CA MET A 1 0.76 -42.84 0.33
C MET A 1 -0.52 -42.18 0.90
N GLN A 2 -1.44 -41.78 0.00
CA GLN A 2 -2.71 -41.11 0.37
C GLN A 2 -3.85 -41.54 -0.57
N ASN A 3 -4.99 -41.98 -0.02
CA ASN A 3 -6.20 -42.34 -0.76
C ASN A 3 -7.11 -41.11 -0.98
N HIS A 4 -6.73 -40.26 -1.94
CA HIS A 4 -7.49 -39.08 -2.40
C HIS A 4 -7.46 -38.95 -3.95
N ASP A 5 -8.26 -38.01 -4.47
CA ASP A 5 -8.36 -37.71 -5.91
C ASP A 5 -7.05 -37.14 -6.50
N LEU A 6 -6.94 -37.17 -7.84
CA LEU A 6 -5.83 -36.58 -8.60
C LEU A 6 -5.96 -35.05 -8.69
N GLU A 7 -5.31 -34.33 -7.78
CA GLU A 7 -5.30 -32.85 -7.69
C GLU A 7 -4.51 -32.14 -8.82
N SER A 8 -4.16 -32.85 -9.91
CA SER A 8 -3.39 -32.34 -11.06
C SER A 8 -4.18 -31.37 -11.96
N ILE A 9 -5.51 -31.33 -11.88
CA ILE A 9 -6.39 -30.50 -12.71
C ILE A 9 -6.54 -29.11 -12.10
N LYS A 10 -6.36 -28.05 -12.91
CA LYS A 10 -6.52 -26.63 -12.57
C LYS A 10 -7.94 -26.25 -12.13
N GLN A 11 -8.05 -25.22 -11.28
CA GLN A 11 -9.30 -24.76 -10.65
C GLN A 11 -9.38 -23.22 -10.61
N ALA A 12 -10.59 -22.67 -10.60
CA ALA A 12 -10.88 -21.25 -10.46
C ALA A 12 -11.00 -20.87 -8.96
N ALA A 13 -9.93 -20.31 -8.39
CA ALA A 13 -9.88 -19.78 -7.03
C ALA A 13 -10.46 -18.36 -6.96
N LEU A 14 -11.66 -18.20 -6.40
CA LEU A 14 -12.27 -16.90 -6.14
C LEU A 14 -11.73 -16.30 -4.82
N ILE A 15 -11.39 -15.00 -4.86
CA ILE A 15 -11.05 -14.17 -3.70
C ILE A 15 -11.79 -12.82 -3.73
N GLU A 16 -11.77 -12.11 -2.59
CA GLU A 16 -12.32 -10.76 -2.39
C GLU A 16 -11.42 -9.95 -1.45
N TYR A 17 -11.16 -8.67 -1.77
CA TYR A 17 -10.33 -7.75 -1.00
C TYR A 17 -10.93 -6.33 -0.87
N GLU A 18 -10.56 -5.65 0.22
CA GLU A 18 -10.98 -4.31 0.62
C GLU A 18 -9.78 -3.55 1.22
N VAL A 19 -9.42 -2.41 0.65
CA VAL A 19 -8.32 -1.55 1.13
C VAL A 19 -8.88 -0.35 1.88
N ARG A 20 -8.77 -0.43 3.22
CA ARG A 20 -9.21 0.61 4.18
C ARG A 20 -8.01 1.21 4.91
N GLU A 21 -8.15 2.40 5.48
CA GLU A 21 -7.16 3.01 6.37
C GLU A 21 -7.28 2.46 7.81
N GLN A 22 -6.15 2.36 8.52
CA GLN A 22 -6.11 1.99 9.95
C GLN A 22 -6.80 3.06 10.82
N GLY A 23 -7.77 2.64 11.63
CA GLY A 23 -8.51 3.49 12.57
C GLY A 23 -9.67 4.29 11.94
N SER A 24 -9.41 5.04 10.87
CA SER A 24 -10.39 5.84 10.13
C SER A 24 -11.51 4.98 9.51
N SER A 25 -12.73 5.52 9.48
CA SER A 25 -13.92 4.85 8.89
C SER A 25 -14.00 4.94 7.36
N ILE A 26 -13.20 5.82 6.74
CA ILE A 26 -13.12 6.00 5.27
C ILE A 26 -12.54 4.74 4.59
N VAL A 27 -12.86 4.54 3.30
CA VAL A 27 -12.34 3.45 2.45
C VAL A 27 -11.72 4.01 1.17
N LEU A 28 -10.65 3.38 0.68
CA LEU A 28 -9.91 3.84 -0.50
C LEU A 28 -10.48 3.18 -1.77
N ASP A 29 -10.59 1.85 -1.77
CA ASP A 29 -11.21 1.05 -2.83
C ASP A 29 -11.70 -0.31 -2.28
N SER A 30 -12.66 -0.95 -2.97
CA SER A 30 -13.12 -2.31 -2.67
C SER A 30 -13.65 -3.03 -3.92
N ASN A 31 -13.42 -4.34 -4.02
CA ASN A 31 -14.10 -5.19 -5.02
C ASN A 31 -15.25 -6.02 -4.43
N ILE A 32 -15.29 -6.19 -3.10
CA ILE A 32 -16.26 -7.01 -2.35
C ILE A 32 -17.71 -6.58 -2.65
N SER A 33 -17.99 -5.28 -2.62
CA SER A 33 -19.31 -4.71 -2.94
C SER A 33 -19.68 -4.84 -4.43
N LYS A 34 -18.69 -4.85 -5.33
CA LYS A 34 -18.85 -4.95 -6.79
C LYS A 34 -19.13 -6.39 -7.24
N GLU A 35 -18.12 -7.25 -7.20
CA GLU A 35 -18.11 -8.68 -7.60
C GLU A 35 -16.74 -9.32 -7.26
N PRO A 36 -16.66 -10.64 -6.99
CA PRO A 36 -15.41 -11.33 -6.65
C PRO A 36 -14.43 -11.44 -7.84
N LEU A 37 -13.20 -11.89 -7.56
CA LEU A 37 -12.12 -12.04 -8.53
C LEU A 37 -11.59 -13.48 -8.53
N GLU A 38 -11.87 -14.24 -9.59
CA GLU A 38 -11.30 -15.56 -9.87
C GLU A 38 -9.92 -15.48 -10.54
N PHE A 39 -9.01 -16.39 -10.15
CA PHE A 39 -7.76 -16.68 -10.84
C PHE A 39 -7.41 -18.18 -10.76
N ILE A 40 -6.47 -18.65 -11.60
CA ILE A 40 -5.97 -20.03 -11.57
C ILE A 40 -4.86 -20.18 -10.53
N ILE A 41 -4.87 -21.28 -9.77
CA ILE A 41 -3.83 -21.65 -8.79
C ILE A 41 -2.41 -21.50 -9.37
N GLY A 42 -1.67 -20.49 -8.89
CA GLY A 42 -0.31 -20.13 -9.32
C GLY A 42 -0.19 -18.71 -9.88
N THR A 43 -1.25 -18.14 -10.46
CA THR A 43 -1.26 -16.81 -11.10
C THR A 43 -1.49 -15.70 -10.08
N ASN A 44 -0.50 -15.40 -9.24
CA ASN A 44 -0.56 -14.31 -8.26
C ASN A 44 -0.33 -12.92 -8.90
N GLN A 45 -1.31 -12.43 -9.68
CA GLN A 45 -1.27 -11.09 -10.30
C GLN A 45 -1.46 -9.90 -9.31
N ILE A 46 -1.87 -10.21 -8.07
CA ILE A 46 -2.03 -9.28 -6.94
C ILE A 46 -0.68 -8.69 -6.44
N ILE A 47 -0.76 -7.68 -5.56
CA ILE A 47 0.40 -7.02 -4.92
C ILE A 47 1.26 -8.01 -4.11
N ALA A 48 2.57 -7.78 -4.05
CA ALA A 48 3.55 -8.68 -3.44
C ALA A 48 3.32 -8.91 -1.93
N GLY A 49 2.84 -7.90 -1.19
CA GLY A 49 2.47 -8.05 0.22
C GLY A 49 1.30 -9.01 0.46
N LEU A 50 0.32 -9.01 -0.45
CA LEU A 50 -0.84 -9.91 -0.42
C LEU A 50 -0.52 -11.31 -0.99
N GLU A 51 0.45 -11.42 -1.91
CA GLU A 51 0.96 -12.71 -2.43
C GLU A 51 1.50 -13.63 -1.31
N LYS A 52 2.26 -13.08 -0.35
CA LYS A 52 2.75 -13.84 0.82
C LYS A 52 1.65 -14.12 1.88
N ALA A 53 0.52 -13.42 1.81
CA ALA A 53 -0.64 -13.61 2.68
C ALA A 53 -1.61 -14.69 2.17
N VAL A 54 -1.99 -14.65 0.88
CA VAL A 54 -2.98 -15.54 0.27
C VAL A 54 -2.64 -17.03 0.40
N LEU A 55 -1.35 -17.40 0.42
CA LEU A 55 -0.89 -18.77 0.65
C LEU A 55 -1.12 -19.27 2.09
N LYS A 56 -1.28 -18.36 3.07
CA LYS A 56 -1.51 -18.66 4.49
C LYS A 56 -2.98 -18.62 4.91
N ALA A 57 -3.83 -17.89 4.16
CA ALA A 57 -5.28 -17.84 4.36
C ALA A 57 -6.00 -19.10 3.85
N GLN A 58 -6.81 -19.73 4.70
CA GLN A 58 -7.68 -20.86 4.33
C GLN A 58 -9.01 -20.39 3.70
N ILE A 59 -9.69 -21.31 3.01
CA ILE A 59 -11.06 -21.13 2.51
C ILE A 59 -12.04 -20.73 3.64
N GLY A 60 -12.87 -19.71 3.39
CA GLY A 60 -13.93 -19.27 4.30
C GLY A 60 -13.43 -18.48 5.52
N GLU A 61 -12.18 -18.03 5.55
CA GLU A 61 -11.54 -17.37 6.70
C GLU A 61 -11.03 -15.96 6.34
N TRP A 62 -11.65 -14.93 6.92
CA TRP A 62 -11.20 -13.53 6.82
C TRP A 62 -9.78 -13.34 7.36
N GLU A 63 -8.98 -12.51 6.69
CA GLU A 63 -7.63 -12.11 7.12
C GLU A 63 -7.36 -10.63 6.80
N GLU A 64 -6.63 -9.94 7.68
CA GLU A 64 -6.32 -8.51 7.56
C GLU A 64 -4.80 -8.29 7.63
N VAL A 65 -4.19 -7.87 6.52
CA VAL A 65 -2.75 -7.64 6.38
C VAL A 65 -2.47 -6.16 6.14
N VAL A 66 -1.91 -5.49 7.15
CA VAL A 66 -1.45 -4.09 7.05
C VAL A 66 -0.17 -4.05 6.21
N ILE A 67 -0.16 -3.20 5.18
CA ILE A 67 0.94 -3.03 4.21
C ILE A 67 1.36 -1.55 4.19
N ALA A 68 2.68 -1.31 4.13
CA ALA A 68 3.26 0.04 4.05
C ALA A 68 3.03 0.69 2.67
N PRO A 69 3.11 2.03 2.53
CA PRO A 69 2.80 2.72 1.27
C PRO A 69 3.81 2.36 0.15
N GLU A 70 5.09 2.24 0.52
CA GLU A 70 6.20 1.81 -0.34
C GLU A 70 6.14 0.33 -0.77
N GLU A 71 5.28 -0.47 -0.13
CA GLU A 71 5.08 -1.91 -0.38
C GLU A 71 3.77 -2.21 -1.16
N ALA A 72 2.99 -1.18 -1.49
CA ALA A 72 1.74 -1.26 -2.26
C ALA A 72 1.84 -0.53 -3.61
N TYR A 73 2.00 0.80 -3.60
CA TYR A 73 2.05 1.65 -4.81
C TYR A 73 3.26 2.59 -4.89
N GLY A 74 3.94 2.89 -3.77
CA GLY A 74 5.21 3.65 -3.74
C GLY A 74 5.16 5.09 -4.25
N VAL A 75 3.99 5.74 -4.21
CA VAL A 75 3.76 7.11 -4.74
C VAL A 75 4.59 8.17 -4.00
N TYR A 76 4.67 8.09 -2.67
CA TYR A 76 5.29 9.11 -1.80
C TYR A 76 6.17 8.44 -0.72
N GLU A 77 7.45 8.27 -1.03
CA GLU A 77 8.47 7.65 -0.16
C GLU A 77 8.68 8.41 1.17
N SER A 78 9.31 7.74 2.14
CA SER A 78 9.59 8.22 3.51
C SER A 78 11.10 8.41 3.78
N SER A 79 11.84 8.83 2.76
CA SER A 79 13.31 9.03 2.77
C SER A 79 13.66 10.47 2.36
N TYR A 80 14.08 11.29 3.34
CA TYR A 80 14.44 12.70 3.20
C TYR A 80 15.72 13.02 4.00
N LEU A 81 16.62 13.83 3.44
CA LEU A 81 17.84 14.24 4.14
C LEU A 81 17.56 15.41 5.12
N GLN A 82 18.34 15.47 6.20
CA GLN A 82 18.29 16.49 7.24
C GLN A 82 19.71 16.95 7.59
N GLU A 83 19.97 18.26 7.51
CA GLU A 83 21.22 18.88 7.96
C GLU A 83 21.28 18.95 9.49
N VAL A 84 22.28 18.28 10.09
CA VAL A 84 22.53 18.21 11.54
C VAL A 84 23.95 18.69 11.83
N PRO A 85 24.18 19.55 12.85
CA PRO A 85 25.52 20.01 13.21
C PRO A 85 26.36 18.89 13.85
N ARG A 86 27.67 18.85 13.56
CA ARG A 86 28.62 17.91 14.18
C ARG A 86 28.77 18.07 15.70
N ASP A 87 28.28 19.18 16.27
CA ASP A 87 28.12 19.39 17.71
C ASP A 87 27.30 18.29 18.41
N GLN A 88 26.32 17.68 17.72
CA GLN A 88 25.54 16.53 18.20
C GLN A 88 26.35 15.22 18.29
N PHE A 89 27.56 15.17 17.71
CA PHE A 89 28.36 13.97 17.46
C PHE A 89 29.83 14.12 17.90
N GLU A 90 30.16 15.11 18.73
CA GLU A 90 31.54 15.48 19.12
C GLU A 90 32.39 14.35 19.76
N GLY A 91 31.75 13.28 20.26
CA GLY A 91 32.39 12.12 20.90
C GLY A 91 32.11 10.76 20.23
N ILE A 92 31.45 10.74 19.07
CA ILE A 92 31.00 9.54 18.35
C ILE A 92 31.26 9.66 16.83
N GLU A 93 32.14 8.81 16.30
CA GLU A 93 32.52 8.80 14.88
C GLU A 93 31.37 8.36 13.94
N LEU A 94 31.42 8.82 12.69
CA LEU A 94 30.37 8.70 11.67
C LEU A 94 30.95 8.20 10.32
N GLU A 95 30.09 7.71 9.43
CA GLU A 95 30.44 7.24 8.07
C GLU A 95 29.22 7.32 7.14
N LYS A 96 29.40 7.28 5.81
CA LYS A 96 28.29 7.08 4.86
C LYS A 96 27.76 5.63 4.96
N GLY A 97 26.43 5.49 5.10
CA GLY A 97 25.75 4.19 5.06
C GLY A 97 25.79 3.37 6.36
N MET A 98 26.05 3.98 7.52
CA MET A 98 25.93 3.34 8.83
C MET A 98 24.59 3.64 9.52
N SER A 99 24.12 2.70 10.35
CA SER A 99 23.02 2.87 11.30
C SER A 99 23.46 3.74 12.49
N VAL A 100 22.95 4.97 12.57
CA VAL A 100 23.18 5.93 13.67
C VAL A 100 21.93 6.06 14.54
N PHE A 101 22.09 6.58 15.76
CA PHE A 101 21.02 6.76 16.75
C PHE A 101 20.95 8.23 17.22
N GLY A 102 19.77 8.66 17.68
CA GLY A 102 19.49 10.05 18.09
C GLY A 102 18.52 10.16 19.26
N GLN A 103 19.01 10.53 20.44
CA GLN A 103 18.21 10.68 21.67
C GLN A 103 17.32 11.94 21.61
N THR A 104 15.99 11.75 21.52
CA THR A 104 14.99 12.84 21.59
C THR A 104 14.70 13.27 23.03
N GLU A 105 14.18 14.49 23.21
CA GLU A 105 13.72 15.03 24.50
C GLU A 105 12.52 14.28 25.09
N ASP A 106 11.79 13.47 24.29
CA ASP A 106 10.68 12.61 24.71
C ASP A 106 11.14 11.32 25.46
N ASN A 107 12.35 11.32 26.03
CA ASN A 107 13.03 10.18 26.68
C ASN A 107 13.02 8.90 25.82
N GLN A 108 13.39 9.04 24.54
CA GLN A 108 13.50 7.95 23.55
C GLN A 108 14.70 8.16 22.61
N THR A 109 14.98 7.18 21.75
CA THR A 109 16.13 7.19 20.82
C THR A 109 15.72 6.59 19.46
N ILE A 110 15.60 7.42 18.42
CA ILE A 110 15.31 6.93 17.06
C ILE A 110 16.57 6.30 16.41
N GLN A 111 16.39 5.57 15.30
CA GLN A 111 17.46 4.95 14.51
C GLN A 111 17.33 5.34 13.03
N ALA A 112 18.45 5.66 12.38
CA ALA A 112 18.49 6.24 11.04
C ALA A 112 19.80 5.94 10.28
N ILE A 113 19.95 6.39 9.02
CA ILE A 113 21.12 6.11 8.17
C ILE A 113 21.74 7.41 7.62
N ILE A 114 23.04 7.59 7.85
CA ILE A 114 23.82 8.76 7.38
C ILE A 114 24.05 8.70 5.86
N LYS A 115 23.74 9.79 5.14
CA LYS A 115 23.87 9.91 3.66
C LYS A 115 25.14 10.63 3.23
N ASP A 116 25.60 11.64 3.99
CA ASP A 116 26.88 12.33 3.80
C ASP A 116 27.40 12.86 5.14
N PHE A 117 28.72 12.92 5.35
CA PHE A 117 29.34 13.45 6.58
C PHE A 117 30.59 14.29 6.27
N SER A 118 30.72 15.42 6.95
CA SER A 118 31.89 16.31 6.93
C SER A 118 32.20 16.79 8.36
N ALA A 119 33.37 17.41 8.55
CA ALA A 119 33.80 17.95 9.86
C ALA A 119 32.99 19.20 10.31
N THR A 120 32.33 19.88 9.38
CA THR A 120 31.44 21.04 9.64
C THR A 120 30.02 20.60 10.01
N HIS A 121 29.34 19.89 9.10
CA HIS A 121 27.97 19.37 9.24
C HIS A 121 27.86 17.93 8.73
N VAL A 122 26.76 17.26 9.07
CA VAL A 122 26.41 15.90 8.64
C VAL A 122 24.96 15.86 8.14
N MET A 123 24.69 14.98 7.17
CA MET A 123 23.44 14.86 6.41
C MET A 123 22.86 13.45 6.62
N VAL A 124 21.80 13.34 7.41
CA VAL A 124 21.22 12.06 7.85
C VAL A 124 19.83 11.88 7.23
N ASP A 125 19.53 10.69 6.69
CA ASP A 125 18.19 10.33 6.21
C ASP A 125 17.22 10.14 7.38
N TYR A 126 16.05 10.77 7.32
CA TYR A 126 14.92 10.55 8.23
C TYR A 126 13.59 10.47 7.47
N ASN A 127 12.55 9.96 8.11
CA ASN A 127 11.15 10.03 7.65
C ASN A 127 10.50 11.41 7.94
N HIS A 128 9.32 11.64 7.36
CA HIS A 128 8.52 12.86 7.55
C HIS A 128 7.02 12.55 7.39
N PRO A 129 6.11 13.18 8.15
CA PRO A 129 4.68 12.89 8.11
C PRO A 129 3.96 13.34 6.83
N LEU A 130 4.65 14.12 5.97
CA LEU A 130 4.18 14.51 4.63
C LEU A 130 4.19 13.34 3.61
N ALA A 131 4.90 12.26 3.92
CA ALA A 131 4.92 11.00 3.15
C ALA A 131 3.57 10.23 3.21
N GLY A 132 3.54 9.04 2.59
CA GLY A 132 2.46 8.06 2.79
C GLY A 132 2.36 7.51 4.23
N LYS A 133 1.35 6.66 4.46
CA LYS A 133 1.04 5.95 5.72
C LYS A 133 0.66 4.49 5.47
N THR A 134 0.59 3.67 6.51
CA THR A 134 0.16 2.26 6.45
C THR A 134 -1.35 2.12 6.14
N LEU A 135 -1.71 1.11 5.33
CA LEU A 135 -3.09 0.78 4.94
C LEU A 135 -3.41 -0.69 5.26
N ALA A 136 -4.66 -0.98 5.60
CA ALA A 136 -5.19 -2.30 5.90
C ALA A 136 -5.83 -2.94 4.66
N PHE A 137 -5.07 -3.80 3.95
CA PHE A 137 -5.60 -4.72 2.96
C PHE A 137 -6.27 -5.92 3.66
N ARG A 138 -7.60 -5.86 3.84
CA ARG A 138 -8.40 -7.01 4.30
C ARG A 138 -8.82 -7.86 3.10
N PHE A 139 -8.85 -9.19 3.25
CA PHE A 139 -9.31 -10.11 2.21
C PHE A 139 -9.90 -11.41 2.78
N LYS A 140 -10.51 -12.22 1.91
CA LYS A 140 -10.93 -13.60 2.19
C LYS A 140 -10.80 -14.48 0.94
N VAL A 141 -10.40 -15.73 1.14
CA VAL A 141 -10.46 -16.81 0.14
C VAL A 141 -11.87 -17.39 0.14
N LEU A 142 -12.69 -17.00 -0.84
CA LEU A 142 -14.06 -17.52 -1.02
C LEU A 142 -14.07 -19.02 -1.31
N GLY A 143 -13.07 -19.48 -2.07
CA GLY A 143 -12.78 -20.89 -2.36
C GLY A 143 -12.52 -21.16 -3.84
N PHE A 144 -11.98 -22.33 -4.13
CA PHE A 144 -11.75 -22.84 -5.47
C PHE A 144 -12.85 -23.79 -5.93
N ARG A 145 -13.15 -23.77 -7.23
CA ARG A 145 -14.13 -24.64 -7.91
C ARG A 145 -13.64 -25.06 -9.29
N GLU A 146 -14.01 -26.26 -9.72
CA GLU A 146 -13.79 -26.73 -11.10
C GLU A 146 -14.77 -26.04 -12.07
N VAL A 147 -14.27 -25.60 -13.22
CA VAL A 147 -15.02 -24.92 -14.29
C VAL A 147 -14.67 -25.51 -15.66
N SER A 148 -15.55 -25.29 -16.65
CA SER A 148 -15.43 -25.84 -18.02
C SER A 148 -15.74 -24.79 -19.08
N GLU A 149 -15.23 -24.99 -20.30
CA GLU A 149 -15.33 -24.06 -21.43
C GLU A 149 -16.58 -24.35 -22.30
N GLU A 150 -17.77 -24.36 -21.67
CA GLU A 150 -19.05 -24.71 -22.32
C GLU A 150 -20.17 -23.75 -21.85
N GLU A 151 -20.67 -23.89 -20.61
CA GLU A 151 -21.65 -22.99 -19.97
C GLU A 151 -21.10 -21.56 -19.72
N MET A 1 -5.91 -48.27 -23.61
CA MET A 1 -5.72 -47.34 -24.76
C MET A 1 -6.18 -45.93 -24.37
N GLN A 2 -5.35 -44.90 -24.64
CA GLN A 2 -5.57 -43.47 -24.34
C GLN A 2 -6.15 -43.21 -22.92
N ASN A 3 -5.54 -43.84 -21.90
CA ASN A 3 -6.03 -43.92 -20.52
C ASN A 3 -4.98 -43.48 -19.47
N HIS A 4 -4.00 -42.67 -19.88
CA HIS A 4 -2.95 -42.09 -19.03
C HIS A 4 -3.30 -40.64 -18.62
N ASP A 5 -4.31 -40.49 -17.77
CA ASP A 5 -4.72 -39.21 -17.17
C ASP A 5 -3.76 -38.76 -16.05
N LEU A 6 -3.61 -37.44 -15.84
CA LEU A 6 -2.72 -36.82 -14.85
C LEU A 6 -3.49 -35.95 -13.85
N GLU A 7 -3.01 -35.87 -12.61
CA GLU A 7 -3.55 -35.04 -11.52
C GLU A 7 -3.19 -33.53 -11.62
N SER A 8 -2.53 -33.11 -12.71
CA SER A 8 -2.16 -31.71 -13.02
C SER A 8 -3.35 -30.78 -13.35
N ILE A 9 -4.59 -31.24 -13.17
CA ILE A 9 -5.84 -30.49 -13.36
C ILE A 9 -5.86 -29.21 -12.51
N LYS A 10 -6.46 -28.14 -13.05
CA LYS A 10 -6.56 -26.80 -12.44
C LYS A 10 -8.01 -26.47 -12.05
N GLN A 11 -8.19 -25.40 -11.26
CA GLN A 11 -9.48 -24.94 -10.74
C GLN A 11 -9.54 -23.41 -10.62
N ALA A 12 -10.74 -22.84 -10.70
CA ALA A 12 -11.00 -21.41 -10.58
C ALA A 12 -11.05 -21.00 -9.09
N ALA A 13 -9.99 -20.39 -8.57
CA ALA A 13 -9.91 -19.86 -7.22
C ALA A 13 -10.50 -18.43 -7.14
N LEU A 14 -11.55 -18.25 -6.34
CA LEU A 14 -12.22 -16.96 -6.09
C LEU A 14 -11.72 -16.34 -4.76
N ILE A 15 -11.32 -15.07 -4.81
CA ILE A 15 -11.00 -14.26 -3.64
C ILE A 15 -11.74 -12.91 -3.65
N GLU A 16 -11.75 -12.24 -2.51
CA GLU A 16 -12.29 -10.89 -2.30
C GLU A 16 -11.36 -10.07 -1.39
N TYR A 17 -11.10 -8.80 -1.73
CA TYR A 17 -10.28 -7.88 -0.95
C TYR A 17 -10.86 -6.46 -0.84
N GLU A 18 -10.48 -5.77 0.23
CA GLU A 18 -10.92 -4.43 0.63
C GLU A 18 -9.73 -3.66 1.23
N VAL A 19 -9.38 -2.52 0.64
CA VAL A 19 -8.28 -1.66 1.11
C VAL A 19 -8.83 -0.43 1.83
N ARG A 20 -8.59 -0.39 3.14
CA ARG A 20 -8.93 0.73 4.03
C ARG A 20 -7.65 1.24 4.70
N GLU A 21 -7.44 2.55 4.77
CA GLU A 21 -6.41 3.11 5.66
C GLU A 21 -6.73 2.83 7.13
N GLN A 22 -5.71 2.76 7.99
CA GLN A 22 -5.96 2.71 9.44
C GLN A 22 -6.44 4.08 9.96
N GLY A 23 -7.22 4.08 11.04
CA GLY A 23 -7.77 5.28 11.68
C GLY A 23 -9.07 5.79 11.04
N SER A 24 -9.00 6.27 9.79
CA SER A 24 -10.15 6.86 9.08
C SER A 24 -11.28 5.85 8.80
N SER A 25 -12.53 6.31 8.93
CA SER A 25 -13.75 5.49 8.76
C SER A 25 -14.18 5.28 7.30
N ILE A 26 -13.67 6.09 6.36
CA ILE A 26 -13.89 5.91 4.91
C ILE A 26 -13.07 4.71 4.35
N VAL A 27 -13.24 4.38 3.07
CA VAL A 27 -12.50 3.30 2.37
C VAL A 27 -11.85 3.82 1.07
N LEU A 28 -10.65 3.32 0.75
CA LEU A 28 -9.91 3.68 -0.47
C LEU A 28 -10.51 2.99 -1.71
N ASP A 29 -10.59 1.66 -1.69
CA ASP A 29 -11.19 0.84 -2.76
C ASP A 29 -11.68 -0.53 -2.22
N SER A 30 -12.62 -1.16 -2.93
CA SER A 30 -13.14 -2.50 -2.61
C SER A 30 -13.71 -3.20 -3.86
N ASN A 31 -13.41 -4.51 -4.01
CA ASN A 31 -14.10 -5.38 -4.97
C ASN A 31 -15.23 -6.21 -4.33
N ILE A 32 -15.23 -6.36 -3.00
CA ILE A 32 -16.19 -7.18 -2.22
C ILE A 32 -17.65 -6.74 -2.48
N SER A 33 -17.89 -5.43 -2.50
CA SER A 33 -19.21 -4.81 -2.78
C SER A 33 -19.63 -4.91 -4.27
N LYS A 34 -18.73 -5.34 -5.16
CA LYS A 34 -18.87 -5.31 -6.63
C LYS A 34 -19.08 -6.73 -7.18
N GLU A 35 -18.04 -7.55 -7.19
CA GLU A 35 -18.00 -8.97 -7.61
C GLU A 35 -16.67 -9.62 -7.17
N PRO A 36 -16.60 -10.94 -6.92
CA PRO A 36 -15.37 -11.63 -6.57
C PRO A 36 -14.36 -11.69 -7.73
N LEU A 37 -13.09 -11.91 -7.42
CA LEU A 37 -11.97 -12.01 -8.37
C LEU A 37 -11.56 -13.48 -8.52
N GLU A 38 -11.87 -14.06 -9.69
CA GLU A 38 -11.49 -15.42 -10.07
C GLU A 38 -10.17 -15.45 -10.86
N PHE A 39 -9.25 -16.34 -10.46
CA PHE A 39 -8.05 -16.69 -11.25
C PHE A 39 -7.64 -18.15 -11.05
N ILE A 40 -6.81 -18.69 -11.95
CA ILE A 40 -6.18 -20.01 -11.80
C ILE A 40 -4.95 -19.87 -10.89
N ILE A 41 -4.75 -20.83 -9.97
CA ILE A 41 -3.59 -20.88 -9.05
C ILE A 41 -2.27 -20.90 -9.85
N GLY A 42 -1.57 -19.75 -9.88
CA GLY A 42 -0.28 -19.56 -10.56
C GLY A 42 -0.16 -18.30 -11.44
N THR A 43 -0.71 -17.16 -11.04
CA THR A 43 -0.69 -15.89 -11.82
C THR A 43 -0.05 -14.70 -11.08
N ASN A 44 -0.15 -14.62 -9.75
CA ASN A 44 0.51 -13.61 -8.89
C ASN A 44 0.16 -12.13 -9.24
N GLN A 45 -1.06 -11.86 -9.76
CA GLN A 45 -1.48 -10.51 -10.20
C GLN A 45 -1.67 -9.47 -9.08
N ILE A 46 -1.86 -9.92 -7.84
CA ILE A 46 -2.04 -9.06 -6.64
C ILE A 46 -0.71 -8.44 -6.16
N ILE A 47 -0.81 -7.47 -5.24
CA ILE A 47 0.34 -6.81 -4.58
C ILE A 47 1.21 -7.83 -3.82
N ALA A 48 2.53 -7.58 -3.75
CA ALA A 48 3.50 -8.47 -3.11
C ALA A 48 3.20 -8.73 -1.62
N GLY A 49 2.78 -7.70 -0.87
CA GLY A 49 2.40 -7.79 0.55
C GLY A 49 1.16 -8.65 0.82
N LEU A 50 0.29 -8.86 -0.18
CA LEU A 50 -0.87 -9.75 -0.14
C LEU A 50 -0.52 -11.15 -0.70
N GLU A 51 0.32 -11.25 -1.73
CA GLU A 51 0.85 -12.51 -2.26
C GLU A 51 1.57 -13.33 -1.17
N LYS A 52 2.40 -12.66 -0.36
CA LYS A 52 3.09 -13.26 0.81
C LYS A 52 2.17 -13.45 2.04
N ALA A 53 0.84 -13.32 1.89
CA ALA A 53 -0.19 -13.59 2.89
C ALA A 53 -1.19 -14.69 2.45
N VAL A 54 -1.69 -14.66 1.21
CA VAL A 54 -2.69 -15.62 0.69
C VAL A 54 -2.25 -17.09 0.79
N LEU A 55 -0.94 -17.38 0.77
CA LEU A 55 -0.39 -18.74 0.89
C LEU A 55 -0.69 -19.44 2.24
N LYS A 56 -1.09 -18.69 3.28
CA LYS A 56 -1.48 -19.21 4.60
C LYS A 56 -2.98 -19.08 4.91
N ALA A 57 -3.76 -18.42 4.04
CA ALA A 57 -5.19 -18.15 4.23
C ALA A 57 -6.06 -19.38 3.89
N GLN A 58 -6.73 -19.96 4.88
CA GLN A 58 -7.72 -21.03 4.68
C GLN A 58 -9.02 -20.53 4.01
N ILE A 59 -9.73 -21.45 3.38
CA ILE A 59 -11.07 -21.24 2.80
C ILE A 59 -12.09 -20.76 3.85
N GLY A 60 -12.90 -19.76 3.50
CA GLY A 60 -14.00 -19.25 4.32
C GLY A 60 -13.58 -18.48 5.57
N GLU A 61 -12.31 -18.04 5.66
CA GLU A 61 -11.71 -17.42 6.84
C GLU A 61 -11.17 -16.02 6.52
N TRP A 62 -11.80 -14.97 7.09
CA TRP A 62 -11.34 -13.58 6.96
C TRP A 62 -9.92 -13.39 7.50
N GLU A 63 -9.13 -12.54 6.83
CA GLU A 63 -7.78 -12.16 7.25
C GLU A 63 -7.50 -10.67 6.96
N GLU A 64 -6.80 -9.98 7.86
CA GLU A 64 -6.52 -8.55 7.81
C GLU A 64 -5.00 -8.29 7.91
N VAL A 65 -4.37 -7.94 6.79
CA VAL A 65 -2.92 -7.72 6.68
C VAL A 65 -2.62 -6.24 6.44
N VAL A 66 -2.10 -5.59 7.48
CA VAL A 66 -1.62 -4.19 7.44
C VAL A 66 -0.29 -4.12 6.67
N ILE A 67 -0.21 -3.22 5.70
CA ILE A 67 0.95 -3.02 4.81
C ILE A 67 1.40 -1.55 4.87
N ALA A 68 2.71 -1.31 4.75
CA ALA A 68 3.35 0.00 4.76
C ALA A 68 2.96 0.88 3.53
N PRO A 69 3.07 2.22 3.64
CA PRO A 69 2.66 3.16 2.59
C PRO A 69 3.44 3.10 1.26
N GLU A 70 4.48 2.26 1.14
CA GLU A 70 5.28 2.08 -0.08
C GLU A 70 5.17 0.67 -0.69
N GLU A 71 4.46 -0.26 -0.02
CA GLU A 71 4.30 -1.67 -0.43
C GLU A 71 2.86 -2.03 -0.87
N ALA A 72 1.91 -1.10 -0.72
CA ALA A 72 0.50 -1.26 -1.11
C ALA A 72 -0.04 0.02 -1.78
N TYR A 73 0.06 0.10 -3.12
CA TYR A 73 -0.37 1.23 -3.97
C TYR A 73 -0.04 2.61 -3.35
N GLY A 74 1.25 2.91 -3.24
CA GLY A 74 1.79 4.05 -2.51
C GLY A 74 1.38 5.41 -3.09
N VAL A 75 0.39 6.05 -2.47
CA VAL A 75 -0.11 7.40 -2.79
C VAL A 75 -0.10 8.31 -1.56
N TYR A 76 0.31 9.56 -1.75
CA TYR A 76 0.21 10.64 -0.77
C TYR A 76 -1.26 11.08 -0.56
N GLU A 77 -1.59 11.65 0.60
CA GLU A 77 -2.89 12.31 0.81
C GLU A 77 -3.02 13.53 -0.11
N SER A 78 -4.15 13.65 -0.83
CA SER A 78 -4.42 14.72 -1.80
C SER A 78 -4.43 16.14 -1.20
N SER A 79 -4.63 16.25 0.12
CA SER A 79 -4.74 17.50 0.89
C SER A 79 -4.11 17.35 2.29
N TYR A 80 -2.79 17.49 2.42
CA TYR A 80 -2.12 17.55 3.73
C TYR A 80 -2.28 18.93 4.39
N LEU A 81 -2.16 18.96 5.73
CA LEU A 81 -2.20 20.16 6.57
C LEU A 81 -0.80 20.47 7.13
N GLN A 82 -0.42 21.75 7.17
CA GLN A 82 0.85 22.22 7.73
C GLN A 82 0.64 23.46 8.63
N GLU A 83 0.88 23.31 9.93
CA GLU A 83 0.77 24.37 10.94
C GLU A 83 2.02 25.27 10.92
N VAL A 84 1.92 26.40 10.21
CA VAL A 84 2.97 27.41 10.03
C VAL A 84 2.80 28.54 11.08
N PRO A 85 3.88 29.03 11.71
CA PRO A 85 3.81 30.15 12.67
C PRO A 85 3.54 31.49 11.98
N ARG A 86 3.02 32.48 12.72
CA ARG A 86 2.78 33.85 12.24
C ARG A 86 4.09 34.66 12.16
N ASP A 87 4.99 34.23 11.27
CA ASP A 87 6.29 34.85 10.98
C ASP A 87 6.55 35.00 9.46
N GLN A 88 6.11 34.04 8.63
CA GLN A 88 6.15 34.16 7.16
C GLN A 88 5.08 35.12 6.60
N PHE A 89 4.11 35.53 7.42
CA PHE A 89 2.91 36.28 7.02
C PHE A 89 2.73 37.58 7.84
N GLU A 90 3.83 38.16 8.32
CA GLU A 90 3.85 39.39 9.14
C GLU A 90 3.53 40.69 8.36
N GLY A 91 3.52 40.64 7.01
CA GLY A 91 3.27 41.78 6.12
C GLY A 91 2.20 41.55 5.04
N ILE A 92 1.50 40.40 5.08
CA ILE A 92 0.48 39.97 4.11
C ILE A 92 -0.71 39.33 4.84
N GLU A 93 -1.91 39.87 4.65
CA GLU A 93 -3.16 39.37 5.26
C GLU A 93 -3.59 37.99 4.72
N LEU A 94 -4.36 37.25 5.54
CA LEU A 94 -4.77 35.85 5.32
C LEU A 94 -6.28 35.68 5.59
N GLU A 95 -6.88 34.62 5.05
CA GLU A 95 -8.29 34.24 5.27
C GLU A 95 -8.48 32.72 5.03
N LYS A 96 -9.59 32.12 5.47
CA LYS A 96 -9.97 30.75 5.06
C LYS A 96 -10.33 30.72 3.56
N GLY A 97 -9.79 29.76 2.82
CA GLY A 97 -10.13 29.50 1.42
C GLY A 97 -9.66 30.57 0.44
N MET A 98 -8.42 31.06 0.58
CA MET A 98 -7.73 31.93 -0.39
C MET A 98 -6.44 31.30 -0.92
N SER A 99 -6.13 31.56 -2.19
CA SER A 99 -4.87 31.20 -2.83
C SER A 99 -3.72 32.04 -2.27
N VAL A 100 -2.67 31.38 -1.76
CA VAL A 100 -1.49 32.00 -1.14
C VAL A 100 -0.19 31.38 -1.68
N PHE A 101 0.91 32.14 -1.62
CA PHE A 101 2.24 31.69 -2.01
C PHE A 101 3.01 31.08 -0.82
N GLY A 102 3.82 30.06 -1.08
CA GLY A 102 4.61 29.32 -0.08
C GLY A 102 6.09 29.28 -0.47
N GLN A 103 6.91 30.18 0.07
CA GLN A 103 8.36 30.18 -0.16
C GLN A 103 9.02 28.90 0.42
N THR A 104 10.04 28.38 -0.26
CA THR A 104 10.81 27.18 0.14
C THR A 104 12.32 27.46 0.21
N GLU A 105 13.02 26.67 1.04
CA GLU A 105 14.47 26.76 1.31
C GLU A 105 15.34 26.47 0.08
N ASP A 106 14.78 25.87 -0.97
CA ASP A 106 15.38 25.68 -2.31
C ASP A 106 15.41 26.97 -3.17
N ASN A 107 15.23 28.14 -2.56
CA ASN A 107 15.13 29.48 -3.20
C ASN A 107 14.04 29.52 -4.30
N GLN A 108 12.85 29.02 -3.97
CA GLN A 108 11.67 28.95 -4.86
C GLN A 108 10.35 29.22 -4.12
N THR A 109 9.22 29.18 -4.82
CA THR A 109 7.88 29.50 -4.27
C THR A 109 6.78 28.64 -4.90
N ILE A 110 5.96 27.98 -4.08
CA ILE A 110 4.80 27.18 -4.50
C ILE A 110 3.48 27.95 -4.38
N GLN A 111 2.38 27.38 -4.88
CA GLN A 111 1.02 27.94 -4.86
C GLN A 111 0.07 26.99 -4.12
N ALA A 112 -0.55 27.46 -3.03
CA ALA A 112 -1.37 26.68 -2.09
C ALA A 112 -2.66 27.42 -1.70
N ILE A 113 -3.52 26.80 -0.89
CA ILE A 113 -4.78 27.37 -0.38
C ILE A 113 -4.83 27.24 1.16
N ILE A 114 -5.16 28.32 1.86
CA ILE A 114 -5.27 28.36 3.33
C ILE A 114 -6.54 27.62 3.79
N LYS A 115 -6.41 26.69 4.75
CA LYS A 115 -7.53 25.92 5.33
C LYS A 115 -8.07 26.57 6.62
N ASP A 116 -7.19 27.03 7.50
CA ASP A 116 -7.54 27.78 8.72
C ASP A 116 -6.49 28.86 9.03
N PHE A 117 -6.86 29.95 9.71
CA PHE A 117 -5.96 31.06 10.07
C PHE A 117 -6.32 31.68 11.44
N SER A 118 -5.30 32.17 12.14
CA SER A 118 -5.39 32.90 13.42
C SER A 118 -4.21 33.87 13.58
N ALA A 119 -4.24 34.73 14.61
CA ALA A 119 -3.14 35.60 15.01
C ALA A 119 -1.92 34.83 15.57
N THR A 120 -2.13 33.62 16.12
CA THR A 120 -1.11 32.73 16.70
C THR A 120 -0.40 31.87 15.64
N HIS A 121 -1.15 31.02 14.93
CA HIS A 121 -0.71 30.10 13.87
C HIS A 121 -1.67 30.10 12.68
N VAL A 122 -1.23 29.53 11.55
CA VAL A 122 -2.02 29.38 10.32
C VAL A 122 -1.80 27.97 9.71
N MET A 123 -2.87 27.35 9.25
CA MET A 123 -2.93 25.99 8.71
C MET A 123 -3.18 26.05 7.19
N VAL A 124 -2.11 25.92 6.42
CA VAL A 124 -2.14 25.92 4.95
C VAL A 124 -2.14 24.50 4.38
N ASP A 125 -2.77 24.32 3.22
CA ASP A 125 -2.75 23.06 2.48
C ASP A 125 -1.39 22.81 1.81
N TYR A 126 -0.92 21.55 1.79
CA TYR A 126 0.24 21.09 1.03
C TYR A 126 -0.02 19.72 0.36
N ASN A 127 0.83 19.35 -0.59
CA ASN A 127 0.83 18.05 -1.26
C ASN A 127 2.27 17.62 -1.63
N HIS A 128 2.93 16.86 -0.74
CA HIS A 128 4.28 16.35 -0.95
C HIS A 128 4.23 15.00 -1.71
N PRO A 129 5.01 14.81 -2.80
CA PRO A 129 4.93 13.60 -3.64
C PRO A 129 5.45 12.32 -2.96
N LEU A 130 6.24 12.45 -1.89
CA LEU A 130 6.83 11.35 -1.11
C LEU A 130 6.17 11.27 0.28
N ALA A 131 4.95 10.72 0.36
CA ALA A 131 4.17 10.60 1.60
C ALA A 131 3.12 9.45 1.55
N GLY A 132 2.45 9.19 2.68
CA GLY A 132 1.41 8.18 2.88
C GLY A 132 1.28 7.71 4.34
N LYS A 133 0.35 6.78 4.61
CA LYS A 133 0.15 6.11 5.92
C LYS A 133 -0.15 4.61 5.79
N THR A 134 -0.08 3.85 6.87
CA THR A 134 -0.29 2.38 6.91
C THR A 134 -1.73 1.98 6.54
N LEU A 135 -1.86 0.92 5.73
CA LEU A 135 -3.12 0.50 5.09
C LEU A 135 -3.48 -0.95 5.45
N ALA A 136 -4.68 -1.18 5.98
CA ALA A 136 -5.27 -2.49 6.19
C ALA A 136 -5.86 -3.07 4.88
N PHE A 137 -5.09 -3.90 4.18
CA PHE A 137 -5.61 -4.79 3.14
C PHE A 137 -6.31 -6.00 3.81
N ARG A 138 -7.64 -5.94 3.93
CA ARG A 138 -8.46 -7.09 4.38
C ARG A 138 -8.83 -7.96 3.18
N PHE A 139 -8.87 -9.27 3.36
CA PHE A 139 -9.26 -10.22 2.32
C PHE A 139 -9.89 -11.52 2.88
N LYS A 140 -10.44 -12.33 1.98
CA LYS A 140 -10.90 -13.71 2.25
C LYS A 140 -10.75 -14.58 1.01
N VAL A 141 -10.27 -15.82 1.21
CA VAL A 141 -10.32 -16.90 0.21
C VAL A 141 -11.71 -17.53 0.26
N LEU A 142 -12.57 -17.20 -0.72
CA LEU A 142 -13.93 -17.76 -0.81
C LEU A 142 -13.92 -19.26 -1.10
N GLY A 143 -12.88 -19.72 -1.78
CA GLY A 143 -12.64 -21.11 -2.18
C GLY A 143 -12.37 -21.25 -3.68
N PHE A 144 -12.16 -22.48 -4.12
CA PHE A 144 -12.01 -22.83 -5.53
C PHE A 144 -13.15 -23.74 -6.02
N ARG A 145 -13.41 -23.68 -7.34
CA ARG A 145 -14.42 -24.48 -8.04
C ARG A 145 -13.84 -25.11 -9.31
N GLU A 146 -13.97 -26.43 -9.41
CA GLU A 146 -13.56 -27.23 -10.57
C GLU A 146 -14.53 -26.97 -11.75
N VAL A 147 -13.98 -26.61 -12.92
CA VAL A 147 -14.75 -26.27 -14.13
C VAL A 147 -14.67 -27.39 -15.17
N SER A 148 -15.83 -27.80 -15.70
CA SER A 148 -15.99 -28.90 -16.66
C SER A 148 -17.12 -28.64 -17.66
N GLU A 149 -17.08 -29.30 -18.82
CA GLU A 149 -18.12 -29.24 -19.87
C GLU A 149 -19.25 -30.28 -19.68
N GLU A 150 -19.09 -31.22 -18.76
CA GLU A 150 -20.00 -32.36 -18.53
C GLU A 150 -21.36 -31.91 -17.93
N GLU A 151 -21.32 -31.06 -16.90
CA GLU A 151 -22.51 -30.40 -16.29
C GLU A 151 -23.08 -29.26 -17.16
N MET A 1 -7.53 -28.63 10.78
CA MET A 1 -6.24 -28.07 11.26
C MET A 1 -5.03 -28.54 10.43
N GLN A 2 -5.21 -29.01 9.18
CA GLN A 2 -4.15 -29.44 8.25
C GLN A 2 -4.63 -29.31 6.79
N ASN A 3 -3.76 -29.57 5.81
CA ASN A 3 -4.11 -29.60 4.38
C ASN A 3 -5.17 -30.68 4.07
N HIS A 4 -6.03 -30.43 3.07
CA HIS A 4 -7.04 -31.38 2.59
C HIS A 4 -6.39 -32.50 1.75
N ASP A 5 -6.16 -32.26 0.45
CA ASP A 5 -5.54 -33.21 -0.49
C ASP A 5 -4.97 -32.47 -1.73
N LEU A 6 -4.12 -33.14 -2.52
CA LEU A 6 -3.69 -32.67 -3.84
C LEU A 6 -4.79 -32.89 -4.91
N GLU A 7 -4.79 -32.04 -5.95
CA GLU A 7 -5.63 -32.15 -7.15
C GLU A 7 -4.82 -31.77 -8.40
N SER A 8 -4.50 -32.75 -9.25
CA SER A 8 -3.71 -32.54 -10.49
C SER A 8 -4.47 -31.74 -11.57
N ILE A 9 -5.80 -31.81 -11.57
CA ILE A 9 -6.69 -31.02 -12.42
C ILE A 9 -6.75 -29.57 -11.89
N LYS A 10 -6.87 -28.57 -12.78
CA LYS A 10 -7.10 -27.17 -12.40
C LYS A 10 -8.45 -26.96 -11.68
N GLN A 11 -8.58 -25.85 -10.96
CA GLN A 11 -9.83 -25.35 -10.39
C GLN A 11 -9.83 -23.81 -10.38
N ALA A 12 -11.01 -23.21 -10.59
CA ALA A 12 -11.21 -21.76 -10.53
C ALA A 12 -11.26 -21.30 -9.07
N ALA A 13 -10.19 -20.68 -8.57
CA ALA A 13 -10.12 -20.05 -7.25
C ALA A 13 -10.67 -18.61 -7.30
N LEU A 14 -11.37 -18.17 -6.25
CA LEU A 14 -11.96 -16.84 -6.11
C LEU A 14 -11.48 -16.17 -4.81
N ILE A 15 -11.17 -14.86 -4.89
CA ILE A 15 -10.87 -14.02 -3.72
C ILE A 15 -11.70 -12.72 -3.75
N GLU A 16 -11.86 -12.10 -2.58
CA GLU A 16 -12.48 -10.77 -2.39
C GLU A 16 -11.58 -9.93 -1.48
N TYR A 17 -11.34 -8.66 -1.82
CA TYR A 17 -10.49 -7.73 -1.04
C TYR A 17 -11.05 -6.30 -0.93
N GLU A 18 -10.71 -5.62 0.16
CA GLU A 18 -11.08 -4.26 0.56
C GLU A 18 -9.82 -3.52 1.05
N VAL A 19 -9.55 -2.33 0.52
CA VAL A 19 -8.40 -1.49 0.90
C VAL A 19 -8.84 -0.27 1.72
N ARG A 20 -8.33 -0.19 2.96
CA ARG A 20 -8.77 0.75 4.00
C ARG A 20 -7.59 1.46 4.68
N GLU A 21 -7.81 2.70 5.09
CA GLU A 21 -6.88 3.52 5.86
C GLU A 21 -6.68 2.94 7.28
N GLN A 22 -5.43 2.88 7.77
CA GLN A 22 -5.12 2.38 9.12
C GLN A 22 -5.53 3.33 10.25
N GLY A 23 -6.83 3.34 10.56
CA GLY A 23 -7.45 4.04 11.69
C GLY A 23 -8.88 4.48 11.38
N SER A 24 -9.07 5.19 10.28
CA SER A 24 -10.37 5.69 9.80
C SER A 24 -11.29 4.55 9.33
N SER A 25 -12.60 4.71 9.51
CA SER A 25 -13.64 3.78 9.06
C SER A 25 -13.99 3.88 7.56
N ILE A 26 -13.44 4.88 6.85
CA ILE A 26 -13.62 5.10 5.41
C ILE A 26 -13.04 3.95 4.57
N VAL A 27 -13.45 3.84 3.31
CA VAL A 27 -13.03 2.79 2.36
C VAL A 27 -12.48 3.43 1.10
N LEU A 28 -11.15 3.36 0.90
CA LEU A 28 -10.44 3.96 -0.22
C LEU A 28 -10.81 3.32 -1.56
N ASP A 29 -10.85 1.98 -1.61
CA ASP A 29 -11.36 1.19 -2.74
C ASP A 29 -11.79 -0.21 -2.28
N SER A 30 -12.48 -0.95 -3.15
CA SER A 30 -12.91 -2.34 -2.90
C SER A 30 -13.13 -3.13 -4.17
N ASN A 31 -13.05 -4.46 -4.03
CA ASN A 31 -13.46 -5.44 -5.04
C ASN A 31 -14.57 -6.39 -4.52
N ILE A 32 -14.79 -6.46 -3.20
CA ILE A 32 -15.81 -7.32 -2.53
C ILE A 32 -17.22 -7.07 -3.08
N SER A 33 -17.71 -5.84 -2.95
CA SER A 33 -19.05 -5.41 -3.40
C SER A 33 -19.19 -5.40 -4.94
N LYS A 34 -18.06 -5.28 -5.66
CA LYS A 34 -17.99 -5.16 -7.12
C LYS A 34 -18.16 -6.52 -7.82
N GLU A 35 -17.13 -7.37 -7.76
CA GLU A 35 -17.06 -8.69 -8.42
C GLU A 35 -15.85 -9.50 -7.90
N PRO A 36 -16.00 -10.74 -7.39
CA PRO A 36 -14.87 -11.53 -6.90
C PRO A 36 -13.86 -11.87 -8.02
N LEU A 37 -12.57 -11.85 -7.68
CA LEU A 37 -11.46 -12.04 -8.61
C LEU A 37 -11.16 -13.53 -8.82
N GLU A 38 -11.62 -14.10 -9.93
CA GLU A 38 -11.44 -15.50 -10.31
C GLU A 38 -10.12 -15.72 -11.08
N PHE A 39 -9.31 -16.70 -10.68
CA PHE A 39 -8.08 -17.13 -11.37
C PHE A 39 -7.74 -18.61 -11.10
N ILE A 40 -6.78 -19.17 -11.84
CA ILE A 40 -6.18 -20.50 -11.56
C ILE A 40 -4.91 -20.31 -10.72
N ILE A 41 -4.68 -21.16 -9.72
CA ILE A 41 -3.55 -21.10 -8.77
C ILE A 41 -2.20 -20.91 -9.49
N GLY A 42 -1.58 -19.73 -9.31
CA GLY A 42 -0.29 -19.33 -9.88
C GLY A 42 -0.39 -18.21 -10.92
N THR A 43 -0.64 -16.97 -10.46
CA THR A 43 -0.77 -15.75 -11.30
C THR A 43 0.08 -14.56 -10.82
N ASN A 44 0.22 -14.35 -9.49
CA ASN A 44 1.13 -13.38 -8.87
C ASN A 44 0.91 -11.91 -9.34
N GLN A 45 -0.34 -11.50 -9.61
CA GLN A 45 -0.67 -10.14 -10.13
C GLN A 45 -1.16 -9.14 -9.07
N ILE A 46 -1.52 -9.60 -7.86
CA ILE A 46 -1.84 -8.76 -6.69
C ILE A 46 -0.59 -8.04 -6.15
N ILE A 47 -0.77 -7.05 -5.27
CA ILE A 47 0.35 -6.40 -4.54
C ILE A 47 1.17 -7.45 -3.77
N ALA A 48 2.50 -7.29 -3.72
CA ALA A 48 3.40 -8.29 -3.13
C ALA A 48 3.13 -8.52 -1.64
N GLY A 49 2.69 -7.50 -0.90
CA GLY A 49 2.24 -7.61 0.49
C GLY A 49 1.11 -8.64 0.68
N LEU A 50 0.11 -8.61 -0.20
CA LEU A 50 -1.00 -9.57 -0.23
C LEU A 50 -0.58 -10.93 -0.82
N GLU A 51 0.37 -10.97 -1.75
CA GLU A 51 0.98 -12.20 -2.28
C GLU A 51 1.66 -13.04 -1.18
N LYS A 52 2.48 -12.40 -0.32
CA LYS A 52 3.09 -13.04 0.86
C LYS A 52 2.08 -13.37 1.98
N ALA A 53 0.80 -12.97 1.85
CA ALA A 53 -0.29 -13.29 2.77
C ALA A 53 -1.18 -14.45 2.27
N VAL A 54 -1.68 -14.40 1.03
CA VAL A 54 -2.66 -15.35 0.46
C VAL A 54 -2.22 -16.82 0.55
N LEU A 55 -0.91 -17.11 0.45
CA LEU A 55 -0.35 -18.46 0.60
C LEU A 55 -0.58 -19.09 2.01
N LYS A 56 -0.91 -18.29 3.03
CA LYS A 56 -1.26 -18.69 4.40
C LYS A 56 -2.76 -18.59 4.73
N ALA A 57 -3.58 -18.00 3.86
CA ALA A 57 -5.02 -17.80 4.06
C ALA A 57 -5.85 -19.04 3.63
N GLN A 58 -6.58 -19.65 4.57
CA GLN A 58 -7.47 -20.79 4.30
C GLN A 58 -8.80 -20.34 3.64
N ILE A 59 -9.48 -21.31 3.00
CA ILE A 59 -10.85 -21.17 2.47
C ILE A 59 -11.83 -20.70 3.56
N GLY A 60 -12.61 -19.66 3.27
CA GLY A 60 -13.66 -19.12 4.15
C GLY A 60 -13.17 -18.26 5.33
N GLU A 61 -11.86 -18.05 5.49
CA GLU A 61 -11.27 -17.27 6.59
C GLU A 61 -10.97 -15.82 6.17
N TRP A 62 -11.69 -14.86 6.76
CA TRP A 62 -11.32 -13.44 6.74
C TRP A 62 -9.91 -13.23 7.30
N GLU A 63 -9.10 -12.42 6.62
CA GLU A 63 -7.73 -12.07 7.02
C GLU A 63 -7.46 -10.57 6.79
N GLU A 64 -7.27 -9.84 7.90
CA GLU A 64 -6.83 -8.44 7.90
C GLU A 64 -5.30 -8.34 7.96
N VAL A 65 -4.65 -8.15 6.81
CA VAL A 65 -3.21 -7.86 6.72
C VAL A 65 -2.98 -6.35 6.54
N VAL A 66 -1.83 -5.84 6.98
CA VAL A 66 -1.47 -4.41 6.95
C VAL A 66 -0.08 -4.23 6.35
N ILE A 67 0.01 -3.39 5.31
CA ILE A 67 1.18 -3.21 4.45
C ILE A 67 1.71 -1.78 4.56
N ALA A 68 3.03 -1.65 4.70
CA ALA A 68 3.75 -0.37 4.79
C ALA A 68 3.67 0.46 3.48
N PRO A 69 3.90 1.79 3.54
CA PRO A 69 3.88 2.69 2.37
C PRO A 69 5.13 2.57 1.47
N GLU A 70 5.47 1.35 1.08
CA GLU A 70 6.57 0.98 0.17
C GLU A 70 6.18 -0.12 -0.85
N GLU A 71 4.92 -0.58 -0.83
CA GLU A 71 4.39 -1.63 -1.72
C GLU A 71 2.89 -1.40 -2.03
N ALA A 72 2.04 -1.30 -0.99
CA ALA A 72 0.63 -0.95 -1.13
C ALA A 72 0.44 0.55 -1.45
N TYR A 73 0.73 0.93 -2.71
CA TYR A 73 0.75 2.29 -3.24
C TYR A 73 1.41 3.31 -2.30
N GLY A 74 2.73 3.20 -2.16
CA GLY A 74 3.58 4.02 -1.28
C GLY A 74 3.70 5.48 -1.72
N VAL A 75 2.67 6.28 -1.44
CA VAL A 75 2.50 7.68 -1.85
C VAL A 75 2.06 8.52 -0.65
N TYR A 76 2.74 9.66 -0.42
CA TYR A 76 2.41 10.62 0.63
C TYR A 76 1.05 11.31 0.40
N GLU A 77 0.51 12.01 1.42
CA GLU A 77 -0.68 12.86 1.29
C GLU A 77 -0.35 14.35 1.45
N SER A 78 -1.02 15.20 0.67
CA SER A 78 -0.87 16.67 0.68
C SER A 78 -1.49 17.35 1.91
N SER A 79 -2.05 16.58 2.84
CA SER A 79 -2.86 17.03 4.00
C SER A 79 -2.64 16.13 5.24
N TYR A 80 -1.38 15.94 5.63
CA TYR A 80 -0.99 15.31 6.89
C TYR A 80 -1.51 16.10 8.11
N LEU A 81 -1.52 15.46 9.29
CA LEU A 81 -1.76 16.09 10.59
C LEU A 81 -0.57 15.83 11.52
N GLN A 82 -0.27 16.81 12.39
CA GLN A 82 0.73 16.70 13.45
C GLN A 82 0.17 17.27 14.76
N GLU A 83 -0.14 16.39 15.71
CA GLU A 83 -0.44 16.79 17.10
C GLU A 83 0.85 17.25 17.80
N VAL A 84 0.86 18.49 18.29
CA VAL A 84 2.00 19.14 18.97
C VAL A 84 1.52 19.89 20.23
N PRO A 85 2.39 20.19 21.21
CA PRO A 85 2.02 21.01 22.37
C PRO A 85 1.92 22.50 22.01
N ARG A 86 1.30 23.28 22.90
CA ARG A 86 1.06 24.73 22.77
C ARG A 86 2.31 25.63 22.87
N ASP A 87 3.51 25.06 22.83
CA ASP A 87 4.80 25.79 22.76
C ASP A 87 4.94 26.65 21.50
N GLN A 88 4.55 26.13 20.33
CA GLN A 88 4.66 26.82 19.04
C GLN A 88 3.68 28.01 18.90
N PHE A 89 2.60 28.03 19.68
CA PHE A 89 1.52 29.02 19.64
C PHE A 89 1.17 29.54 21.04
N GLU A 90 2.19 29.95 21.79
CA GLU A 90 2.08 30.45 23.17
C GLU A 90 1.30 31.78 23.28
N GLY A 91 1.30 32.59 22.21
CA GLY A 91 0.67 33.92 22.12
C GLY A 91 0.08 34.24 20.74
N ILE A 92 -0.44 33.23 20.04
CA ILE A 92 -1.00 33.30 18.68
C ILE A 92 -2.42 32.70 18.69
N GLU A 93 -3.40 33.43 18.16
CA GLU A 93 -4.80 32.97 18.05
C GLU A 93 -4.93 31.77 17.10
N LEU A 94 -5.81 30.81 17.44
CA LEU A 94 -6.03 29.56 16.71
C LEU A 94 -7.54 29.34 16.46
N GLU A 95 -7.89 28.72 15.32
CA GLU A 95 -9.28 28.41 14.94
C GLU A 95 -9.34 27.26 13.93
N LYS A 96 -10.37 26.41 14.02
CA LYS A 96 -10.68 25.31 13.08
C LYS A 96 -11.07 25.87 11.71
N GLY A 97 -10.08 26.05 10.85
CA GLY A 97 -10.22 26.53 9.46
C GLY A 97 -9.37 27.75 9.07
N MET A 98 -8.62 28.38 9.99
CA MET A 98 -7.71 29.49 9.63
C MET A 98 -6.44 29.01 8.91
N SER A 99 -5.78 29.92 8.19
CA SER A 99 -4.41 29.74 7.68
C SER A 99 -3.37 30.14 8.75
N VAL A 100 -2.44 29.25 9.07
CA VAL A 100 -1.32 29.44 10.02
C VAL A 100 0.03 29.23 9.31
N PHE A 101 1.07 29.93 9.76
CA PHE A 101 2.42 29.86 9.20
C PHE A 101 3.34 28.91 9.99
N GLY A 102 4.39 28.39 9.32
CA GLY A 102 5.37 27.46 9.89
C GLY A 102 6.79 27.73 9.39
N GLN A 103 7.59 28.50 10.14
CA GLN A 103 8.99 28.77 9.82
C GLN A 103 9.86 27.50 9.95
N THR A 104 10.26 26.90 8.82
CA THR A 104 11.17 25.74 8.76
C THR A 104 12.63 26.12 9.04
N GLU A 105 13.42 25.15 9.53
CA GLU A 105 14.86 25.29 9.80
C GLU A 105 15.69 25.51 8.51
N ASP A 106 15.13 25.18 7.33
CA ASP A 106 15.65 25.51 5.99
C ASP A 106 15.56 27.02 5.62
N ASN A 107 15.31 27.90 6.60
CA ASN A 107 15.20 29.37 6.46
C ASN A 107 14.09 29.78 5.47
N GLN A 108 12.90 29.20 5.63
CA GLN A 108 11.69 29.46 4.85
C GLN A 108 10.43 29.31 5.73
N THR A 109 9.23 29.58 5.18
CA THR A 109 7.96 29.62 5.93
C THR A 109 6.81 28.99 5.13
N ILE A 110 6.37 27.78 5.52
CA ILE A 110 5.18 27.13 4.95
C ILE A 110 3.87 27.80 5.42
N GLN A 111 2.77 27.47 4.77
CA GLN A 111 1.40 27.85 5.12
C GLN A 111 0.49 26.61 5.20
N ALA A 112 -0.28 26.48 6.27
CA ALA A 112 -1.10 25.31 6.61
C ALA A 112 -2.43 25.69 7.28
N ILE A 113 -3.29 24.70 7.58
CA ILE A 113 -4.60 24.89 8.22
C ILE A 113 -4.62 24.20 9.60
N ILE A 114 -5.20 24.84 10.61
CA ILE A 114 -5.39 24.25 11.95
C ILE A 114 -6.62 23.32 11.91
N LYS A 115 -6.38 22.01 12.11
CA LYS A 115 -7.42 20.95 12.08
C LYS A 115 -8.15 20.80 13.42
N ASP A 116 -7.46 21.02 14.55
CA ASP A 116 -8.05 21.13 15.89
C ASP A 116 -7.14 21.93 16.85
N PHE A 117 -7.67 22.47 17.95
CA PHE A 117 -6.93 23.21 18.97
C PHE A 117 -7.54 23.05 20.38
N SER A 118 -6.70 23.15 21.42
CA SER A 118 -7.08 23.09 22.84
C SER A 118 -6.05 23.80 23.73
N ALA A 119 -6.24 23.77 25.05
CA ALA A 119 -5.29 24.23 26.06
C ALA A 119 -4.12 23.23 26.30
N THR A 120 -4.35 21.93 26.07
CA THR A 120 -3.37 20.85 26.24
C THR A 120 -2.46 20.70 25.01
N HIS A 121 -3.03 20.32 23.87
CA HIS A 121 -2.38 20.12 22.57
C HIS A 121 -3.15 20.81 21.43
N VAL A 122 -2.56 20.81 20.23
CA VAL A 122 -3.08 21.40 18.99
C VAL A 122 -2.70 20.51 17.81
N MET A 123 -3.53 20.48 16.76
CA MET A 123 -3.39 19.60 15.59
C MET A 123 -3.33 20.44 14.31
N VAL A 124 -2.12 20.65 13.80
CA VAL A 124 -1.83 21.43 12.59
C VAL A 124 -1.69 20.53 11.36
N ASP A 125 -2.21 20.97 10.22
CA ASP A 125 -1.96 20.37 8.92
C ASP A 125 -0.48 20.51 8.50
N TYR A 126 0.04 19.56 7.71
CA TYR A 126 1.34 19.62 7.05
C TYR A 126 1.32 18.92 5.68
N ASN A 127 2.40 19.09 4.91
CA ASN A 127 2.71 18.34 3.69
C ASN A 127 4.23 18.12 3.57
N HIS A 128 4.65 16.94 3.13
CA HIS A 128 6.07 16.60 2.91
C HIS A 128 6.20 15.52 1.80
N PRO A 129 7.07 15.72 0.77
CA PRO A 129 7.18 14.79 -0.35
C PRO A 129 7.89 13.47 0.00
N LEU A 130 8.66 13.45 1.09
CA LEU A 130 9.36 12.26 1.61
C LEU A 130 8.62 11.74 2.84
N ALA A 131 7.49 11.06 2.61
CA ALA A 131 6.58 10.49 3.62
C ALA A 131 5.70 9.36 3.03
N GLY A 132 4.85 8.75 3.87
CA GLY A 132 3.79 7.80 3.49
C GLY A 132 2.97 7.33 4.69
N LYS A 133 1.82 6.68 4.46
CA LYS A 133 0.91 6.15 5.51
C LYS A 133 0.54 4.68 5.26
N THR A 134 0.38 3.92 6.34
CA THR A 134 0.10 2.46 6.34
C THR A 134 -1.28 2.13 5.76
N LEU A 135 -1.41 1.01 5.05
CA LEU A 135 -2.62 0.56 4.35
C LEU A 135 -3.07 -0.83 4.83
N ALA A 136 -4.33 -0.96 5.27
CA ALA A 136 -4.96 -2.24 5.54
C ALA A 136 -5.55 -2.86 4.26
N PHE A 137 -5.39 -4.18 4.13
CA PHE A 137 -6.00 -5.03 3.11
C PHE A 137 -6.78 -6.15 3.81
N ARG A 138 -8.08 -5.93 4.00
CA ARG A 138 -9.02 -6.94 4.50
C ARG A 138 -9.45 -7.82 3.33
N PHE A 139 -9.07 -9.09 3.32
CA PHE A 139 -9.41 -10.03 2.23
C PHE A 139 -9.93 -11.38 2.75
N LYS A 140 -10.46 -12.19 1.85
CA LYS A 140 -10.88 -13.57 2.09
C LYS A 140 -10.68 -14.43 0.85
N VAL A 141 -10.21 -15.67 1.05
CA VAL A 141 -10.22 -16.72 0.03
C VAL A 141 -11.60 -17.37 0.05
N LEU A 142 -12.46 -17.01 -0.91
CA LEU A 142 -13.84 -17.53 -1.04
C LEU A 142 -13.87 -19.02 -1.39
N GLY A 143 -12.74 -19.56 -1.88
CA GLY A 143 -12.54 -20.97 -2.19
C GLY A 143 -12.32 -21.21 -3.67
N PHE A 144 -12.30 -22.48 -4.06
CA PHE A 144 -12.18 -22.92 -5.45
C PHE A 144 -13.31 -23.87 -5.87
N ARG A 145 -13.64 -23.85 -7.16
CA ARG A 145 -14.72 -24.62 -7.79
C ARG A 145 -14.21 -25.40 -9.01
N GLU A 146 -14.24 -26.72 -8.92
CA GLU A 146 -13.81 -27.67 -9.95
C GLU A 146 -14.89 -27.78 -11.05
N VAL A 147 -14.74 -26.97 -12.11
CA VAL A 147 -15.65 -26.91 -13.27
C VAL A 147 -15.38 -28.04 -14.29
N SER A 148 -16.33 -28.29 -15.20
CA SER A 148 -16.21 -29.28 -16.28
C SER A 148 -15.03 -28.97 -17.23
N GLU A 149 -14.52 -29.99 -17.93
CA GLU A 149 -13.41 -29.89 -18.90
C GLU A 149 -13.72 -28.97 -20.10
N GLU A 150 -15.00 -28.65 -20.34
CA GLU A 150 -15.48 -27.70 -21.36
C GLU A 150 -15.12 -26.22 -21.06
N GLU A 151 -14.74 -25.89 -19.82
CA GLU A 151 -14.50 -24.50 -19.32
C GLU A 151 -13.07 -24.25 -18.82
N MET A 1 7.81 -30.07 10.59
CA MET A 1 6.67 -30.80 9.97
C MET A 1 6.48 -30.40 8.51
N GLN A 2 6.27 -31.39 7.63
CA GLN A 2 5.91 -31.22 6.21
C GLN A 2 4.82 -32.24 5.80
N ASN A 3 4.16 -32.01 4.65
CA ASN A 3 3.20 -32.91 4.03
C ASN A 3 3.27 -32.86 2.49
N HIS A 4 2.51 -33.73 1.81
CA HIS A 4 2.33 -33.72 0.34
C HIS A 4 0.87 -34.02 -0.04
N ASP A 5 0.45 -33.58 -1.23
CA ASP A 5 -0.90 -33.75 -1.79
C ASP A 5 -0.86 -33.86 -3.33
N LEU A 6 -1.96 -34.31 -3.96
CA LEU A 6 -2.07 -34.59 -5.40
C LEU A 6 -3.26 -33.83 -6.02
N GLU A 7 -2.95 -32.81 -6.83
CA GLU A 7 -3.93 -31.99 -7.56
C GLU A 7 -3.74 -32.14 -9.08
N SER A 8 -4.32 -33.20 -9.64
CA SER A 8 -4.30 -33.53 -11.07
C SER A 8 -5.09 -32.52 -11.92
N ILE A 9 -6.40 -32.41 -11.67
CA ILE A 9 -7.31 -31.42 -12.27
C ILE A 9 -7.07 -30.02 -11.64
N LYS A 10 -7.39 -28.95 -12.38
CA LYS A 10 -7.35 -27.55 -11.90
C LYS A 10 -8.72 -27.05 -11.41
N GLN A 11 -8.71 -25.99 -10.61
CA GLN A 11 -9.90 -25.18 -10.28
C GLN A 11 -9.57 -23.68 -10.38
N ALA A 12 -10.59 -22.85 -10.58
CA ALA A 12 -10.51 -21.40 -10.37
C ALA A 12 -10.66 -21.10 -8.87
N ALA A 13 -9.61 -20.62 -8.21
CA ALA A 13 -9.66 -20.03 -6.88
C ALA A 13 -10.24 -18.61 -6.92
N LEU A 14 -11.05 -18.26 -5.93
CA LEU A 14 -11.81 -17.01 -5.80
C LEU A 14 -11.37 -16.26 -4.53
N ILE A 15 -11.07 -14.96 -4.65
CA ILE A 15 -10.78 -14.07 -3.51
C ILE A 15 -11.54 -12.73 -3.61
N GLU A 16 -11.69 -12.05 -2.47
CA GLU A 16 -12.31 -10.72 -2.33
C GLU A 16 -11.49 -9.87 -1.35
N TYR A 17 -11.23 -8.60 -1.69
CA TYR A 17 -10.42 -7.66 -0.89
C TYR A 17 -11.03 -6.24 -0.80
N GLU A 18 -10.72 -5.56 0.31
CA GLU A 18 -11.16 -4.22 0.68
C GLU A 18 -10.01 -3.46 1.35
N VAL A 19 -9.54 -2.37 0.73
CA VAL A 19 -8.44 -1.54 1.25
C VAL A 19 -8.98 -0.40 2.11
N ARG A 20 -8.84 -0.56 3.43
CA ARG A 20 -9.24 0.36 4.50
C ARG A 20 -8.01 1.10 5.05
N GLU A 21 -8.18 2.31 5.57
CA GLU A 21 -7.07 3.05 6.23
C GLU A 21 -6.82 2.51 7.66
N GLN A 22 -5.58 2.59 8.15
CA GLN A 22 -5.25 2.29 9.56
C GLN A 22 -5.81 3.35 10.53
N GLY A 23 -7.06 3.19 10.92
CA GLY A 23 -7.75 3.95 11.99
C GLY A 23 -9.04 4.65 11.54
N SER A 24 -9.02 5.31 10.38
CA SER A 24 -10.19 6.05 9.85
C SER A 24 -11.31 5.11 9.36
N SER A 25 -12.55 5.60 9.43
CA SER A 25 -13.77 4.87 9.02
C SER A 25 -14.02 4.87 7.50
N ILE A 26 -13.36 5.75 6.74
CA ILE A 26 -13.50 5.84 5.27
C ILE A 26 -12.86 4.63 4.57
N VAL A 27 -13.27 4.38 3.32
CA VAL A 27 -12.79 3.26 2.48
C VAL A 27 -12.13 3.81 1.21
N LEU A 28 -10.91 3.36 0.91
CA LEU A 28 -10.14 3.85 -0.24
C LEU A 28 -10.65 3.25 -1.56
N ASP A 29 -10.76 1.92 -1.63
CA ASP A 29 -11.29 1.14 -2.76
C ASP A 29 -11.73 -0.28 -2.30
N SER A 30 -12.53 -0.98 -3.11
CA SER A 30 -12.87 -2.40 -2.91
C SER A 30 -13.23 -3.11 -4.21
N ASN A 31 -13.16 -4.46 -4.23
CA ASN A 31 -13.75 -5.30 -5.29
C ASN A 31 -14.90 -6.19 -4.78
N ILE A 32 -15.07 -6.33 -3.47
CA ILE A 32 -16.04 -7.23 -2.81
C ILE A 32 -17.48 -6.98 -3.31
N SER A 33 -17.90 -5.72 -3.33
CA SER A 33 -19.23 -5.29 -3.79
C SER A 33 -19.41 -5.30 -5.33
N LYS A 34 -18.33 -5.55 -6.09
CA LYS A 34 -18.26 -5.44 -7.56
C LYS A 34 -18.20 -6.83 -8.21
N GLU A 35 -17.06 -7.51 -8.12
CA GLU A 35 -16.80 -8.85 -8.67
C GLU A 35 -15.54 -9.45 -8.01
N PRO A 36 -15.54 -10.70 -7.52
CA PRO A 36 -14.35 -11.36 -6.98
C PRO A 36 -13.25 -11.57 -8.04
N LEU A 37 -12.01 -11.77 -7.58
CA LEU A 37 -10.82 -11.99 -8.42
C LEU A 37 -10.57 -13.50 -8.58
N GLU A 38 -10.47 -13.95 -9.84
CA GLU A 38 -10.31 -15.35 -10.24
C GLU A 38 -8.88 -15.65 -10.70
N PHE A 39 -8.24 -16.69 -10.15
CA PHE A 39 -6.94 -17.21 -10.60
C PHE A 39 -6.82 -18.73 -10.38
N ILE A 40 -5.88 -19.41 -11.04
CA ILE A 40 -5.59 -20.85 -10.82
C ILE A 40 -4.57 -21.00 -9.68
N ILE A 41 -4.61 -22.09 -8.91
CA ILE A 41 -3.65 -22.40 -7.84
C ILE A 41 -2.20 -22.29 -8.35
N GLY A 42 -1.49 -21.23 -7.95
CA GLY A 42 -0.14 -20.87 -8.41
C GLY A 42 -0.11 -20.01 -9.68
N THR A 43 -0.73 -18.83 -9.65
CA THR A 43 -0.69 -17.83 -10.75
C THR A 43 0.05 -16.53 -10.37
N ASN A 44 0.06 -16.16 -9.08
CA ASN A 44 0.85 -15.06 -8.48
C ASN A 44 0.64 -13.67 -9.16
N GLN A 45 -0.57 -13.38 -9.67
CA GLN A 45 -0.89 -12.15 -10.40
C GLN A 45 -1.24 -10.93 -9.53
N ILE A 46 -1.59 -11.14 -8.25
CA ILE A 46 -2.00 -10.08 -7.30
C ILE A 46 -0.80 -9.26 -6.77
N ILE A 47 -1.06 -8.16 -6.04
CA ILE A 47 -0.03 -7.30 -5.43
C ILE A 47 0.88 -8.12 -4.48
N ALA A 48 2.19 -7.81 -4.45
CA ALA A 48 3.18 -8.62 -3.74
C ALA A 48 2.88 -8.80 -2.23
N GLY A 49 2.43 -7.73 -1.55
CA GLY A 49 2.05 -7.77 -0.14
C GLY A 49 0.85 -8.68 0.19
N LEU A 50 0.01 -8.99 -0.81
CA LEU A 50 -1.11 -9.92 -0.72
C LEU A 50 -0.72 -11.32 -1.23
N GLU A 51 0.12 -11.41 -2.27
CA GLU A 51 0.69 -12.65 -2.82
C GLU A 51 1.45 -13.46 -1.75
N LYS A 52 2.29 -12.79 -0.95
CA LYS A 52 3.06 -13.41 0.15
C LYS A 52 2.19 -13.72 1.40
N ALA A 53 0.90 -13.37 1.39
CA ALA A 53 -0.07 -13.64 2.46
C ALA A 53 -1.09 -14.74 2.08
N VAL A 54 -1.62 -14.74 0.85
CA VAL A 54 -2.66 -15.67 0.38
C VAL A 54 -2.26 -17.16 0.48
N LEU A 55 -0.96 -17.47 0.44
CA LEU A 55 -0.45 -18.84 0.64
C LEU A 55 -0.72 -19.39 2.07
N LYS A 56 -0.88 -18.51 3.08
CA LYS A 56 -1.30 -18.86 4.45
C LYS A 56 -2.82 -18.84 4.61
N ALA A 57 -3.51 -17.90 3.96
CA ALA A 57 -4.93 -17.60 4.14
C ALA A 57 -5.85 -18.83 3.90
N GLN A 58 -6.77 -19.07 4.83
CA GLN A 58 -7.67 -20.23 4.83
C GLN A 58 -9.00 -19.92 4.11
N ILE A 59 -9.63 -20.95 3.53
CA ILE A 59 -10.94 -20.85 2.88
C ILE A 59 -12.01 -20.53 3.94
N GLY A 60 -12.77 -19.45 3.72
CA GLY A 60 -13.90 -19.04 4.57
C GLY A 60 -13.52 -18.26 5.84
N GLU A 61 -12.26 -17.86 5.99
CA GLU A 61 -11.74 -17.10 7.15
C GLU A 61 -11.11 -15.77 6.72
N TRP A 62 -11.71 -14.66 7.16
CA TRP A 62 -11.18 -13.30 6.94
C TRP A 62 -9.76 -13.13 7.50
N GLU A 63 -8.93 -12.37 6.80
CA GLU A 63 -7.57 -11.99 7.20
C GLU A 63 -7.31 -10.51 6.89
N GLU A 64 -6.59 -9.80 7.75
CA GLU A 64 -6.49 -8.32 7.74
C GLU A 64 -5.02 -7.90 7.80
N VAL A 65 -4.36 -7.91 6.65
CA VAL A 65 -2.93 -7.61 6.48
C VAL A 65 -2.68 -6.12 6.29
N VAL A 66 -1.95 -5.50 7.22
CA VAL A 66 -1.47 -4.11 7.10
C VAL A 66 -0.28 -4.07 6.13
N ILE A 67 -0.43 -3.33 5.03
CA ILE A 67 0.55 -3.16 3.94
C ILE A 67 0.98 -1.68 3.90
N ALA A 68 2.29 -1.45 3.71
CA ALA A 68 2.87 -0.11 3.56
C ALA A 68 2.42 0.58 2.24
N PRO A 69 2.43 1.91 2.14
CA PRO A 69 1.87 2.63 0.99
C PRO A 69 2.65 2.36 -0.30
N GLU A 70 3.99 2.42 -0.23
CA GLU A 70 4.92 2.15 -1.35
C GLU A 70 4.88 0.69 -1.84
N GLU A 71 4.44 -0.25 -0.98
CA GLU A 71 4.26 -1.67 -1.30
C GLU A 71 2.93 -1.99 -2.03
N ALA A 72 2.03 -1.00 -2.16
CA ALA A 72 0.78 -1.11 -2.92
C ALA A 72 0.81 -0.23 -4.19
N TYR A 73 0.83 1.10 -4.03
CA TYR A 73 0.79 2.09 -5.13
C TYR A 73 1.73 3.31 -4.95
N GLY A 74 2.10 3.65 -3.71
CA GLY A 74 3.01 4.75 -3.37
C GLY A 74 2.37 6.15 -3.47
N VAL A 75 1.83 6.64 -2.36
CA VAL A 75 1.18 7.97 -2.23
C VAL A 75 1.64 8.73 -0.97
N TYR A 76 1.45 10.05 -0.97
CA TYR A 76 1.81 10.98 0.13
C TYR A 76 0.76 12.10 0.31
N GLU A 77 0.95 12.94 1.33
CA GLU A 77 0.10 14.12 1.64
C GLU A 77 0.94 15.38 1.95
N SER A 78 0.28 16.54 2.05
CA SER A 78 0.89 17.85 2.33
C SER A 78 0.50 18.41 3.72
N SER A 79 -0.12 17.58 4.59
CA SER A 79 -0.55 17.92 5.95
C SER A 79 -0.71 16.67 6.82
N TYR A 80 0.10 16.50 7.86
CA TYR A 80 0.05 15.36 8.79
C TYR A 80 0.51 15.73 10.22
N LEU A 81 0.07 14.94 11.21
CA LEU A 81 0.47 15.07 12.62
C LEU A 81 1.90 14.52 12.85
N GLN A 82 2.74 15.28 13.56
CA GLN A 82 4.12 14.92 13.89
C GLN A 82 4.36 15.02 15.40
N GLU A 83 4.74 13.90 16.04
CA GLU A 83 5.07 13.81 17.46
C GLU A 83 6.47 14.38 17.76
N VAL A 84 6.49 15.60 18.29
CA VAL A 84 7.70 16.35 18.69
C VAL A 84 7.89 16.23 20.21
N PRO A 85 9.12 16.00 20.73
CA PRO A 85 9.39 16.02 22.17
C PRO A 85 9.29 17.45 22.74
N ARG A 86 8.95 17.57 24.03
CA ARG A 86 8.88 18.85 24.77
C ARG A 86 10.28 19.38 25.15
N ASP A 87 11.12 19.58 24.14
CA ASP A 87 12.55 19.89 24.25
C ASP A 87 12.97 21.09 23.38
N GLN A 88 12.62 21.13 22.09
CA GLN A 88 12.84 22.31 21.23
C GLN A 88 12.00 23.53 21.64
N PHE A 89 10.98 23.32 22.46
CA PHE A 89 10.04 24.33 22.97
C PHE A 89 10.38 24.86 24.37
N GLU A 90 11.62 24.67 24.85
CA GLU A 90 12.10 25.18 26.14
C GLU A 90 11.97 26.73 26.21
N GLY A 91 11.09 27.22 27.07
CA GLY A 91 10.84 28.65 27.28
C GLY A 91 9.63 29.24 26.52
N ILE A 92 8.89 28.41 25.78
CA ILE A 92 7.60 28.78 25.14
C ILE A 92 6.48 27.82 25.55
N GLU A 93 5.36 28.40 25.98
CA GLU A 93 4.11 27.70 26.27
C GLU A 93 3.39 27.28 24.98
N LEU A 94 2.68 26.14 25.03
CA LEU A 94 1.99 25.51 23.91
C LEU A 94 0.52 25.24 24.28
N GLU A 95 -0.37 25.21 23.29
CA GLU A 95 -1.82 24.99 23.49
C GLU A 95 -2.49 24.41 22.23
N LYS A 96 -3.69 23.81 22.34
CA LYS A 96 -4.50 23.42 21.18
C LYS A 96 -4.98 24.65 20.40
N GLY A 97 -4.65 24.71 19.11
CA GLY A 97 -5.15 25.73 18.18
C GLY A 97 -4.41 27.07 18.27
N MET A 98 -3.10 27.06 18.54
CA MET A 98 -2.21 28.22 18.35
C MET A 98 -1.26 28.01 17.15
N SER A 99 -0.96 29.09 16.43
CA SER A 99 0.12 29.14 15.45
C SER A 99 1.49 29.09 16.13
N VAL A 100 2.41 28.30 15.58
CA VAL A 100 3.79 28.09 16.08
C VAL A 100 4.79 28.01 14.92
N PHE A 101 6.08 28.15 15.24
CA PHE A 101 7.19 28.10 14.29
C PHE A 101 8.06 26.86 14.48
N GLY A 102 8.65 26.36 13.39
CA GLY A 102 9.50 25.16 13.36
C GLY A 102 10.80 25.41 12.61
N GLN A 103 11.87 25.75 13.34
CA GLN A 103 13.20 25.97 12.78
C GLN A 103 13.82 24.65 12.27
N THR A 104 13.86 24.46 10.95
CA THR A 104 14.45 23.29 10.28
C THR A 104 15.98 23.37 10.22
N GLU A 105 16.65 22.22 10.07
CA GLU A 105 18.11 22.09 9.99
C GLU A 105 18.72 22.74 8.72
N ASP A 106 17.89 23.02 7.70
CA ASP A 106 18.22 23.79 6.49
C ASP A 106 18.39 25.31 6.72
N ASN A 107 18.52 25.75 7.99
CA ASN A 107 18.66 27.14 8.43
C ASN A 107 17.50 28.04 7.95
N GLN A 108 16.27 27.54 8.14
CA GLN A 108 14.99 28.14 7.74
C GLN A 108 13.92 27.83 8.82
N THR A 109 12.74 28.46 8.74
CA THR A 109 11.66 28.33 9.74
C THR A 109 10.29 28.17 9.06
N ILE A 110 9.64 27.01 9.26
CA ILE A 110 8.25 26.77 8.83
C ILE A 110 7.24 27.38 9.81
N GLN A 111 5.98 27.52 9.38
CA GLN A 111 4.84 27.94 10.20
C GLN A 111 3.74 26.86 10.21
N ALA A 112 3.22 26.54 11.39
CA ALA A 112 2.30 25.43 11.66
C ALA A 112 1.26 25.76 12.75
N ILE A 113 0.34 24.83 13.02
CA ILE A 113 -0.65 24.91 14.11
C ILE A 113 -0.52 23.66 15.00
N ILE A 114 -0.46 23.86 16.32
CA ILE A 114 -0.43 22.80 17.33
C ILE A 114 -1.84 22.19 17.47
N LYS A 115 -1.98 20.89 17.14
CA LYS A 115 -3.27 20.19 17.12
C LYS A 115 -3.59 19.49 18.45
N ASP A 116 -2.56 18.99 19.14
CA ASP A 116 -2.62 18.44 20.51
C ASP A 116 -1.29 18.70 21.25
N PHE A 117 -1.35 18.88 22.58
CA PHE A 117 -0.17 19.13 23.42
C PHE A 117 -0.26 18.44 24.79
N SER A 118 0.89 18.23 25.43
CA SER A 118 1.03 17.71 26.80
C SER A 118 2.39 18.11 27.41
N ALA A 119 2.61 17.77 28.68
CA ALA A 119 3.90 17.90 29.36
C ALA A 119 4.97 16.89 28.86
N THR A 120 4.54 15.75 28.34
CA THR A 120 5.40 14.66 27.83
C THR A 120 5.87 14.92 26.39
N HIS A 121 4.93 14.97 25.44
CA HIS A 121 5.11 15.22 24.01
C HIS A 121 4.06 16.21 23.48
N VAL A 122 4.25 16.70 22.26
CA VAL A 122 3.35 17.62 21.55
C VAL A 122 3.20 17.20 20.08
N MET A 123 2.05 17.49 19.47
CA MET A 123 1.57 16.98 18.18
C MET A 123 1.15 18.13 17.28
N VAL A 124 2.02 18.47 16.32
CA VAL A 124 1.92 19.66 15.45
C VAL A 124 1.63 19.23 14.00
N ASP A 125 0.83 20.01 13.28
CA ASP A 125 0.55 19.81 11.85
C ASP A 125 1.74 20.22 10.96
N TYR A 126 2.57 19.25 10.57
CA TYR A 126 3.69 19.43 9.62
C TYR A 126 3.29 19.08 8.18
N ASN A 127 4.16 19.43 7.23
CA ASN A 127 4.02 19.19 5.80
C ASN A 127 5.35 18.66 5.21
N HIS A 128 5.34 17.42 4.71
CA HIS A 128 6.53 16.77 4.12
C HIS A 128 6.14 15.78 3.01
N PRO A 129 6.82 15.77 1.85
CA PRO A 129 6.43 14.96 0.68
C PRO A 129 6.66 13.44 0.82
N LEU A 130 7.10 12.97 2.00
CA LEU A 130 7.46 11.58 2.31
C LEU A 130 6.49 10.93 3.34
N ALA A 131 5.33 11.57 3.61
CA ALA A 131 4.39 11.27 4.71
C ALA A 131 4.07 9.77 4.94
N GLY A 132 3.47 9.11 3.94
CA GLY A 132 3.28 7.65 3.85
C GLY A 132 2.48 6.99 5.00
N LYS A 133 1.14 7.04 4.96
CA LYS A 133 0.23 6.30 5.86
C LYS A 133 0.15 4.80 5.54
N THR A 134 -0.19 3.95 6.51
CA THR A 134 -0.38 2.50 6.35
C THR A 134 -1.84 2.11 6.02
N LEU A 135 -2.01 1.01 5.28
CA LEU A 135 -3.28 0.56 4.67
C LEU A 135 -3.61 -0.89 5.10
N ALA A 136 -4.76 -1.10 5.74
CA ALA A 136 -5.29 -2.41 6.09
C ALA A 136 -6.03 -3.06 4.89
N PHE A 137 -5.37 -3.99 4.20
CA PHE A 137 -6.02 -4.88 3.22
C PHE A 137 -6.75 -6.03 3.95
N ARG A 138 -8.04 -5.83 4.24
CA ARG A 138 -8.96 -6.91 4.64
C ARG A 138 -9.28 -7.75 3.40
N PHE A 139 -9.04 -9.06 3.46
CA PHE A 139 -9.40 -9.99 2.39
C PHE A 139 -9.85 -11.36 2.90
N LYS A 140 -10.39 -12.19 2.01
CA LYS A 140 -10.77 -13.59 2.28
C LYS A 140 -10.62 -14.47 1.05
N VAL A 141 -10.28 -15.75 1.27
CA VAL A 141 -10.35 -16.81 0.26
C VAL A 141 -11.76 -17.40 0.26
N LEU A 142 -12.53 -17.11 -0.78
CA LEU A 142 -13.92 -17.55 -0.95
C LEU A 142 -14.05 -19.04 -1.30
N GLY A 143 -12.93 -19.68 -1.67
CA GLY A 143 -12.84 -21.08 -2.06
C GLY A 143 -12.43 -21.23 -3.53
N PHE A 144 -12.88 -22.32 -4.16
CA PHE A 144 -12.66 -22.59 -5.59
C PHE A 144 -13.90 -23.18 -6.27
N ARG A 145 -13.91 -23.16 -7.62
CA ARG A 145 -14.97 -23.75 -8.47
C ARG A 145 -14.42 -24.34 -9.78
N GLU A 146 -15.16 -25.30 -10.33
CA GLU A 146 -14.81 -26.03 -11.56
C GLU A 146 -15.33 -25.29 -12.81
N VAL A 147 -14.51 -24.37 -13.34
CA VAL A 147 -14.79 -23.63 -14.59
C VAL A 147 -14.58 -24.49 -15.85
N SER A 148 -15.17 -24.06 -16.97
CA SER A 148 -15.07 -24.69 -18.30
C SER A 148 -14.97 -23.63 -19.42
N GLU A 149 -14.50 -24.05 -20.61
CA GLU A 149 -14.35 -23.18 -21.79
C GLU A 149 -15.65 -23.05 -22.60
N GLU A 150 -16.09 -24.09 -23.31
CA GLU A 150 -17.26 -24.08 -24.21
C GLU A 150 -18.29 -25.21 -23.96
N GLU A 151 -18.04 -26.09 -22.97
CA GLU A 151 -18.86 -27.24 -22.55
C GLU A 151 -19.44 -28.10 -23.70
N MET A 1 -8.22 -33.12 11.15
CA MET A 1 -8.85 -31.77 11.07
C MET A 1 -8.86 -31.26 9.62
N GLN A 2 -7.71 -30.90 9.06
CA GLN A 2 -7.55 -30.48 7.66
C GLN A 2 -7.99 -31.59 6.69
N ASN A 3 -8.49 -31.20 5.51
CA ASN A 3 -9.07 -32.11 4.51
C ASN A 3 -8.44 -31.89 3.11
N HIS A 4 -7.42 -32.68 2.79
CA HIS A 4 -6.72 -32.67 1.49
C HIS A 4 -6.83 -34.02 0.77
N ASP A 5 -6.94 -33.96 -0.55
CA ASP A 5 -7.08 -35.09 -1.50
C ASP A 5 -6.24 -34.83 -2.77
N LEU A 6 -6.39 -35.67 -3.80
CA LEU A 6 -5.79 -35.49 -5.12
C LEU A 6 -6.34 -34.23 -5.81
N GLU A 7 -5.53 -33.17 -5.88
CA GLU A 7 -5.86 -31.85 -6.44
C GLU A 7 -4.93 -31.48 -7.63
N SER A 8 -4.86 -32.37 -8.62
CA SER A 8 -4.03 -32.21 -9.83
C SER A 8 -4.70 -31.40 -10.95
N ILE A 9 -6.04 -31.38 -10.99
CA ILE A 9 -6.86 -30.67 -11.99
C ILE A 9 -6.95 -29.18 -11.63
N LYS A 10 -6.74 -28.28 -12.60
CA LYS A 10 -6.88 -26.82 -12.42
C LYS A 10 -8.31 -26.41 -12.01
N GLN A 11 -8.41 -25.36 -11.19
CA GLN A 11 -9.68 -24.82 -10.68
C GLN A 11 -9.60 -23.29 -10.53
N ALA A 12 -10.74 -22.61 -10.69
CA ALA A 12 -10.86 -21.17 -10.47
C ALA A 12 -10.95 -20.88 -8.96
N ALA A 13 -9.87 -20.38 -8.36
CA ALA A 13 -9.82 -19.84 -7.01
C ALA A 13 -10.56 -18.49 -6.94
N LEU A 14 -11.56 -18.39 -6.06
CA LEU A 14 -12.40 -17.22 -5.81
C LEU A 14 -11.91 -16.48 -4.56
N ILE A 15 -11.47 -15.23 -4.73
CA ILE A 15 -11.01 -14.35 -3.63
C ILE A 15 -11.59 -12.93 -3.76
N GLU A 16 -11.61 -12.17 -2.68
CA GLU A 16 -11.93 -10.72 -2.70
C GLU A 16 -11.10 -9.93 -1.68
N TYR A 17 -11.09 -8.59 -1.81
CA TYR A 17 -10.38 -7.66 -0.95
C TYR A 17 -11.09 -6.29 -0.79
N GLU A 18 -10.75 -5.62 0.30
CA GLU A 18 -11.06 -4.23 0.69
C GLU A 18 -9.77 -3.58 1.20
N VAL A 19 -9.37 -2.46 0.61
CA VAL A 19 -8.29 -1.60 1.09
C VAL A 19 -8.87 -0.41 1.85
N ARG A 20 -8.64 -0.38 3.16
CA ARG A 20 -9.13 0.64 4.10
C ARG A 20 -7.95 1.41 4.71
N GLU A 21 -8.11 2.71 4.93
CA GLU A 21 -7.11 3.51 5.65
C GLU A 21 -7.07 3.11 7.13
N GLN A 22 -5.89 2.90 7.70
CA GLN A 22 -5.70 2.61 9.14
C GLN A 22 -6.25 3.75 10.02
N GLY A 23 -7.17 3.40 10.93
CA GLY A 23 -7.78 4.31 11.93
C GLY A 23 -9.11 4.93 11.47
N SER A 24 -9.17 5.45 10.24
CA SER A 24 -10.36 6.12 9.67
C SER A 24 -11.48 5.14 9.29
N SER A 25 -12.73 5.63 9.26
CA SER A 25 -13.92 4.86 8.87
C SER A 25 -14.17 4.80 7.35
N ILE A 26 -13.51 5.67 6.55
CA ILE A 26 -13.62 5.69 5.09
C ILE A 26 -13.00 4.44 4.45
N VAL A 27 -13.34 4.18 3.17
CA VAL A 27 -12.84 3.05 2.37
C VAL A 27 -12.21 3.59 1.09
N LEU A 28 -10.92 3.26 0.87
CA LEU A 28 -10.15 3.70 -0.30
C LEU A 28 -10.63 2.99 -1.58
N ASP A 29 -10.72 1.65 -1.56
CA ASP A 29 -11.27 0.83 -2.64
C ASP A 29 -11.70 -0.58 -2.15
N SER A 30 -12.63 -1.21 -2.88
CA SER A 30 -13.10 -2.60 -2.65
C SER A 30 -13.53 -3.27 -3.96
N ASN A 31 -13.43 -4.60 -4.03
CA ASN A 31 -14.08 -5.42 -5.07
C ASN A 31 -15.12 -6.41 -4.52
N ILE A 32 -15.27 -6.54 -3.19
CA ILE A 32 -16.14 -7.50 -2.50
C ILE A 32 -17.59 -7.46 -3.03
N SER A 33 -18.23 -6.29 -2.96
CA SER A 33 -19.61 -6.06 -3.44
C SER A 33 -19.73 -6.00 -4.96
N LYS A 34 -18.63 -5.73 -5.67
CA LYS A 34 -18.54 -5.56 -7.13
C LYS A 34 -18.56 -6.92 -7.85
N GLU A 35 -17.45 -7.67 -7.75
CA GLU A 35 -17.22 -8.98 -8.34
C GLU A 35 -15.93 -9.60 -7.74
N PRO A 36 -15.96 -10.82 -7.17
CA PRO A 36 -14.76 -11.48 -6.67
C PRO A 36 -13.78 -11.81 -7.81
N LEU A 37 -12.48 -11.77 -7.52
CA LEU A 37 -11.42 -12.10 -8.47
C LEU A 37 -11.37 -13.63 -8.68
N GLU A 38 -11.08 -14.04 -9.93
CA GLU A 38 -10.96 -15.44 -10.35
C GLU A 38 -9.55 -15.68 -10.92
N PHE A 39 -8.74 -16.49 -10.23
CA PHE A 39 -7.38 -16.87 -10.67
C PHE A 39 -7.14 -18.38 -10.56
N ILE A 40 -6.03 -18.89 -11.12
CA ILE A 40 -5.62 -20.30 -11.04
C ILE A 40 -4.44 -20.41 -10.06
N ILE A 41 -4.44 -21.43 -9.21
CA ILE A 41 -3.40 -21.68 -8.18
C ILE A 41 -1.98 -21.54 -8.75
N GLY A 42 -1.28 -20.45 -8.41
CA GLY A 42 0.05 -20.09 -8.95
C GLY A 42 0.09 -18.91 -9.93
N THR A 43 -0.98 -18.08 -10.05
CA THR A 43 -1.00 -16.88 -10.91
C THR A 43 -0.16 -15.71 -10.33
N ASN A 44 -0.27 -15.44 -9.02
CA ASN A 44 0.52 -14.46 -8.23
C ASN A 44 0.47 -12.99 -8.73
N GLN A 45 -0.56 -12.57 -9.49
CA GLN A 45 -0.62 -11.24 -10.13
C GLN A 45 -0.94 -10.05 -9.19
N ILE A 46 -1.44 -10.31 -7.98
CA ILE A 46 -1.72 -9.31 -6.93
C ILE A 46 -0.44 -8.65 -6.38
N ILE A 47 -0.60 -7.56 -5.60
CA ILE A 47 0.52 -6.84 -4.94
C ILE A 47 1.36 -7.78 -4.06
N ALA A 48 2.68 -7.57 -4.01
CA ALA A 48 3.64 -8.47 -3.36
C ALA A 48 3.34 -8.72 -1.87
N GLY A 49 2.90 -7.70 -1.13
CA GLY A 49 2.50 -7.82 0.28
C GLY A 49 1.29 -8.75 0.51
N LEU A 50 0.35 -8.79 -0.45
CA LEU A 50 -0.83 -9.67 -0.44
C LEU A 50 -0.53 -11.06 -1.04
N GLU A 51 0.41 -11.14 -1.99
CA GLU A 51 0.93 -12.39 -2.58
C GLU A 51 1.55 -13.31 -1.51
N LYS A 52 2.36 -12.76 -0.58
CA LYS A 52 2.89 -13.51 0.57
C LYS A 52 1.83 -13.87 1.64
N ALA A 53 0.63 -13.27 1.58
CA ALA A 53 -0.49 -13.53 2.48
C ALA A 53 -1.43 -14.64 1.95
N VAL A 54 -1.84 -14.58 0.67
CA VAL A 54 -2.83 -15.50 0.08
C VAL A 54 -2.43 -16.99 0.16
N LEU A 55 -1.14 -17.30 0.19
CA LEU A 55 -0.63 -18.67 0.40
C LEU A 55 -0.94 -19.24 1.80
N LYS A 56 -1.14 -18.37 2.81
CA LYS A 56 -1.50 -18.72 4.20
C LYS A 56 -3.01 -18.63 4.46
N ALA A 57 -3.69 -17.65 3.86
CA ALA A 57 -5.11 -17.35 4.05
C ALA A 57 -6.03 -18.57 3.80
N GLN A 58 -6.66 -19.07 4.87
CA GLN A 58 -7.50 -20.28 4.82
C GLN A 58 -8.84 -20.02 4.11
N ILE A 59 -9.40 -21.06 3.50
CA ILE A 59 -10.75 -21.06 2.89
C ILE A 59 -11.82 -20.68 3.94
N GLY A 60 -12.65 -19.68 3.61
CA GLY A 60 -13.77 -19.21 4.42
C GLY A 60 -13.39 -18.35 5.63
N GLU A 61 -12.12 -17.94 5.76
CA GLU A 61 -11.59 -17.22 6.92
C GLU A 61 -10.99 -15.86 6.53
N TRP A 62 -11.55 -14.78 7.08
CA TRP A 62 -11.04 -13.40 6.88
C TRP A 62 -9.59 -13.24 7.35
N GLU A 63 -8.80 -12.46 6.62
CA GLU A 63 -7.43 -12.10 6.97
C GLU A 63 -7.19 -10.60 6.71
N GLU A 64 -6.48 -9.92 7.63
CA GLU A 64 -6.38 -8.46 7.67
C GLU A 64 -4.91 -8.03 7.78
N VAL A 65 -4.26 -7.85 6.63
CA VAL A 65 -2.82 -7.57 6.51
C VAL A 65 -2.55 -6.08 6.25
N VAL A 66 -1.84 -5.45 7.19
CA VAL A 66 -1.39 -4.05 7.08
C VAL A 66 -0.16 -3.97 6.17
N ILE A 67 -0.32 -3.37 5.00
CA ILE A 67 0.72 -3.20 3.97
C ILE A 67 1.35 -1.80 4.10
N ALA A 68 2.68 -1.74 4.07
CA ALA A 68 3.43 -0.48 4.04
C ALA A 68 3.21 0.30 2.71
N PRO A 69 3.34 1.64 2.68
CA PRO A 69 3.10 2.43 1.48
C PRO A 69 4.02 2.03 0.31
N GLU A 70 5.31 1.82 0.61
CA GLU A 70 6.34 1.36 -0.33
C GLU A 70 6.17 -0.11 -0.80
N GLU A 71 5.36 -0.92 -0.11
CA GLU A 71 5.05 -2.32 -0.47
C GLU A 71 3.71 -2.46 -1.20
N ALA A 72 2.76 -1.56 -0.96
CA ALA A 72 1.46 -1.49 -1.65
C ALA A 72 1.64 -0.96 -3.10
N TYR A 73 1.97 0.32 -3.26
CA TYR A 73 2.04 1.01 -4.56
C TYR A 73 3.23 1.97 -4.72
N GLY A 74 3.88 2.41 -3.63
CA GLY A 74 4.98 3.39 -3.64
C GLY A 74 4.57 4.83 -3.99
N VAL A 75 3.27 5.11 -4.12
CA VAL A 75 2.66 6.40 -4.51
C VAL A 75 1.44 6.70 -3.61
N TYR A 76 1.14 7.98 -3.38
CA TYR A 76 0.00 8.46 -2.60
C TYR A 76 -0.70 9.64 -3.29
N GLU A 77 -1.92 10.00 -2.85
CA GLU A 77 -2.72 11.09 -3.42
C GLU A 77 -2.09 12.48 -3.24
N SER A 78 -2.39 13.39 -4.17
CA SER A 78 -1.87 14.76 -4.25
C SER A 78 -2.61 15.79 -3.35
N SER A 79 -3.42 15.34 -2.39
CA SER A 79 -4.35 16.17 -1.61
C SER A 79 -3.89 16.36 -0.15
N TYR A 80 -2.94 17.27 0.08
CA TYR A 80 -2.57 17.81 1.40
C TYR A 80 -2.80 19.32 1.45
N LEU A 81 -2.77 19.90 2.66
CA LEU A 81 -2.87 21.34 2.92
C LEU A 81 -1.61 21.85 3.65
N GLN A 82 -1.22 23.09 3.39
CA GLN A 82 -0.07 23.76 4.01
C GLN A 82 -0.48 25.13 4.56
N GLU A 83 -0.41 25.31 5.87
CA GLU A 83 -0.45 26.63 6.52
C GLU A 83 0.80 27.44 6.15
N VAL A 84 0.62 28.55 5.44
CA VAL A 84 1.66 29.42 4.90
C VAL A 84 1.35 30.89 5.27
N PRO A 85 2.32 31.69 5.75
CA PRO A 85 2.07 33.08 6.13
C PRO A 85 1.84 33.97 4.89
N ARG A 86 1.14 35.09 5.08
CA ARG A 86 0.81 36.05 4.00
C ARG A 86 2.05 36.74 3.39
N ASP A 87 3.18 36.69 4.09
CA ASP A 87 4.50 37.20 3.72
C ASP A 87 5.00 36.74 2.33
N GLN A 88 4.75 35.49 1.94
CA GLN A 88 5.17 34.96 0.63
C GLN A 88 4.37 35.53 -0.55
N PHE A 89 3.21 36.14 -0.31
CA PHE A 89 2.26 36.61 -1.33
C PHE A 89 2.20 38.13 -1.43
N GLU A 90 2.11 38.82 -0.29
CA GLU A 90 2.08 40.28 -0.07
C GLU A 90 1.64 41.12 -1.29
N GLY A 91 0.36 40.98 -1.69
CA GLY A 91 -0.28 41.74 -2.77
C GLY A 91 -1.10 40.91 -3.77
N ILE A 92 -0.84 39.60 -3.90
CA ILE A 92 -1.67 38.68 -4.72
C ILE A 92 -3.10 38.63 -4.12
N GLU A 93 -4.11 38.75 -4.98
CA GLU A 93 -5.54 38.66 -4.63
C GLU A 93 -6.01 37.20 -4.44
N LEU A 94 -5.51 36.55 -3.36
CA LEU A 94 -5.83 35.17 -2.97
C LEU A 94 -7.36 34.96 -2.79
N GLU A 95 -7.86 33.75 -3.08
CA GLU A 95 -9.28 33.39 -3.01
C GLU A 95 -9.45 31.88 -2.70
N LYS A 96 -10.58 31.45 -2.13
CA LYS A 96 -10.85 30.06 -1.68
C LYS A 96 -11.06 29.01 -2.80
N GLY A 97 -10.57 29.28 -4.02
CA GLY A 97 -10.72 28.41 -5.18
C GLY A 97 -10.08 28.96 -6.46
N MET A 98 -8.79 29.30 -6.40
CA MET A 98 -7.98 29.77 -7.53
C MET A 98 -6.64 29.02 -7.61
N SER A 99 -6.10 28.91 -8.83
CA SER A 99 -4.72 28.48 -9.08
C SER A 99 -3.72 29.57 -8.65
N VAL A 100 -2.68 29.16 -7.92
CA VAL A 100 -1.57 30.02 -7.44
C VAL A 100 -0.22 29.34 -7.65
N PHE A 101 0.85 30.12 -7.72
CA PHE A 101 2.23 29.65 -7.85
C PHE A 101 2.93 29.55 -6.49
N GLY A 102 3.81 28.56 -6.33
CA GLY A 102 4.56 28.24 -5.11
C GLY A 102 6.06 28.12 -5.36
N GLN A 103 6.82 29.18 -5.15
CA GLN A 103 8.28 29.16 -5.28
C GLN A 103 8.92 28.24 -4.22
N THR A 104 9.91 27.44 -4.62
CA THR A 104 10.66 26.50 -3.76
C THR A 104 12.14 26.88 -3.68
N GLU A 105 12.81 26.48 -2.60
CA GLU A 105 14.24 26.69 -2.31
C GLU A 105 15.18 25.98 -3.32
N ASP A 106 14.66 25.04 -4.10
CA ASP A 106 15.33 24.38 -5.24
C ASP A 106 15.45 25.27 -6.50
N ASN A 107 15.24 26.58 -6.36
CA ASN A 107 15.23 27.61 -7.42
C ASN A 107 14.23 27.28 -8.55
N GLN A 108 13.00 26.92 -8.15
CA GLN A 108 11.89 26.50 -9.03
C GLN A 108 10.53 26.96 -8.48
N THR A 109 9.43 26.69 -9.21
CA THR A 109 8.07 27.16 -8.89
C THR A 109 7.01 26.13 -9.28
N ILE A 110 6.22 25.64 -8.31
CA ILE A 110 5.06 24.73 -8.54
C ILE A 110 3.75 25.52 -8.79
N GLN A 111 2.68 24.81 -9.15
CA GLN A 111 1.31 25.35 -9.26
C GLN A 111 0.30 24.46 -8.52
N ALA A 112 -0.60 25.07 -7.73
CA ALA A 112 -1.63 24.39 -6.93
C ALA A 112 -2.87 25.30 -6.70
N ILE A 113 -3.91 24.79 -6.04
CA ILE A 113 -5.18 25.51 -5.80
C ILE A 113 -5.29 25.92 -4.32
N ILE A 114 -5.64 27.18 -4.04
CA ILE A 114 -5.86 27.70 -2.68
C ILE A 114 -7.16 27.11 -2.08
N LYS A 115 -7.11 26.66 -0.82
CA LYS A 115 -8.28 26.16 -0.05
C LYS A 115 -8.91 27.25 0.81
N ASP A 116 -8.11 28.01 1.55
CA ASP A 116 -8.54 29.13 2.41
C ASP A 116 -7.48 30.25 2.45
N PHE A 117 -7.87 31.49 2.76
CA PHE A 117 -6.98 32.64 2.89
C PHE A 117 -7.47 33.64 3.97
N SER A 118 -6.51 34.30 4.64
CA SER A 118 -6.71 35.42 5.57
C SER A 118 -5.46 36.30 5.62
N ALA A 119 -5.57 37.48 6.24
CA ALA A 119 -4.46 38.42 6.41
C ALA A 119 -3.34 37.91 7.34
N THR A 120 -3.68 37.02 8.28
CA THR A 120 -2.77 36.33 9.23
C THR A 120 -2.06 35.14 8.57
N HIS A 121 -2.83 34.10 8.22
CA HIS A 121 -2.37 32.85 7.59
C HIS A 121 -3.24 32.48 6.38
N VAL A 122 -2.68 31.68 5.49
CA VAL A 122 -3.30 31.14 4.27
C VAL A 122 -3.13 29.62 4.27
N MET A 123 -4.06 28.88 3.66
CA MET A 123 -4.04 27.42 3.54
C MET A 123 -4.18 27.02 2.08
N VAL A 124 -3.05 26.69 1.45
CA VAL A 124 -2.98 26.24 0.05
C VAL A 124 -2.88 24.71 -0.04
N ASP A 125 -3.37 24.13 -1.13
CA ASP A 125 -3.19 22.70 -1.43
C ASP A 125 -1.73 22.40 -1.84
N TYR A 126 -1.23 21.19 -1.54
CA TYR A 126 0.07 20.68 -1.97
C TYR A 126 0.05 19.17 -2.25
N ASN A 127 0.94 18.73 -3.14
CA ASN A 127 1.19 17.31 -3.42
C ASN A 127 1.89 16.57 -2.26
N HIS A 128 2.69 17.28 -1.45
CA HIS A 128 3.52 16.79 -0.33
C HIS A 128 4.39 15.57 -0.71
N PRO A 129 5.58 15.74 -1.32
CA PRO A 129 6.36 14.63 -1.90
C PRO A 129 6.88 13.60 -0.88
N LEU A 130 6.86 13.91 0.41
CA LEU A 130 7.20 13.00 1.53
C LEU A 130 6.01 12.11 1.98
N ALA A 131 4.88 12.15 1.27
CA ALA A 131 3.65 11.38 1.55
C ALA A 131 3.82 9.84 1.53
N GLY A 132 2.81 9.15 2.04
CA GLY A 132 2.71 7.69 2.15
C GLY A 132 2.45 7.23 3.59
N LYS A 133 1.43 6.40 3.81
CA LYS A 133 1.05 5.81 5.10
C LYS A 133 0.61 4.34 4.99
N THR A 134 0.50 3.66 6.13
CA THR A 134 0.11 2.24 6.23
C THR A 134 -1.38 2.03 5.94
N LEU A 135 -1.70 0.99 5.17
CA LEU A 135 -3.03 0.66 4.63
C LEU A 135 -3.43 -0.78 5.00
N ALA A 136 -4.68 -0.99 5.43
CA ALA A 136 -5.22 -2.28 5.83
C ALA A 136 -5.93 -2.99 4.64
N PHE A 137 -5.28 -4.01 4.08
CA PHE A 137 -5.91 -4.94 3.13
C PHE A 137 -6.62 -6.06 3.91
N ARG A 138 -7.92 -5.86 4.18
CA ARG A 138 -8.84 -6.94 4.58
C ARG A 138 -9.19 -7.76 3.33
N PHE A 139 -8.92 -9.06 3.35
CA PHE A 139 -9.22 -9.96 2.23
C PHE A 139 -9.70 -11.34 2.70
N LYS A 140 -10.26 -12.15 1.79
CA LYS A 140 -10.69 -13.52 2.08
C LYS A 140 -10.64 -14.42 0.85
N VAL A 141 -10.31 -15.70 1.10
CA VAL A 141 -10.42 -16.80 0.15
C VAL A 141 -11.80 -17.45 0.31
N LEU A 142 -12.72 -17.16 -0.62
CA LEU A 142 -14.05 -17.80 -0.67
C LEU A 142 -13.94 -19.31 -0.96
N GLY A 143 -12.87 -19.72 -1.65
CA GLY A 143 -12.55 -21.10 -1.98
C GLY A 143 -12.21 -21.23 -3.46
N PHE A 144 -12.79 -22.22 -4.11
CA PHE A 144 -12.61 -22.53 -5.53
C PHE A 144 -13.86 -23.20 -6.13
N ARG A 145 -13.95 -23.19 -7.46
CA ARG A 145 -14.95 -23.92 -8.25
C ARG A 145 -14.29 -24.73 -9.38
N GLU A 146 -14.69 -25.99 -9.49
CA GLU A 146 -14.34 -26.86 -10.62
C GLU A 146 -15.11 -26.41 -11.88
N VAL A 147 -14.38 -26.26 -12.99
CA VAL A 147 -14.87 -25.84 -14.31
C VAL A 147 -14.35 -26.78 -15.41
N SER A 148 -14.86 -26.63 -16.64
CA SER A 148 -14.40 -27.42 -17.79
C SER A 148 -12.90 -27.19 -18.09
N GLU A 149 -12.22 -28.23 -18.56
CA GLU A 149 -10.78 -28.26 -18.83
C GLU A 149 -10.41 -28.56 -20.30
N GLU A 150 -11.42 -28.76 -21.15
CA GLU A 150 -11.27 -28.97 -22.60
C GLU A 150 -10.83 -27.69 -23.35
N GLU A 151 -11.30 -26.52 -22.89
CA GLU A 151 -11.08 -25.15 -23.42
C GLU A 151 -11.09 -25.05 -24.97
N MET A 1 -21.73 -44.33 -1.11
CA MET A 1 -21.36 -43.53 -2.32
C MET A 1 -20.07 -42.76 -2.05
N GLN A 2 -18.95 -43.16 -2.68
CA GLN A 2 -17.63 -42.51 -2.55
C GLN A 2 -16.91 -42.50 -3.92
N ASN A 3 -16.99 -41.37 -4.65
CA ASN A 3 -16.36 -41.16 -5.96
C ASN A 3 -15.73 -39.76 -6.07
N HIS A 4 -14.62 -39.65 -6.81
CA HIS A 4 -13.93 -38.41 -7.15
C HIS A 4 -13.39 -38.47 -8.60
N ASP A 5 -13.65 -37.44 -9.39
CA ASP A 5 -13.08 -37.26 -10.74
C ASP A 5 -11.59 -36.86 -10.69
N LEU A 6 -10.90 -36.92 -11.85
CA LEU A 6 -9.48 -36.59 -11.99
C LEU A 6 -9.23 -35.07 -11.83
N GLU A 7 -8.75 -34.66 -10.65
CA GLU A 7 -8.51 -33.26 -10.24
C GLU A 7 -7.23 -32.61 -10.80
N SER A 8 -6.53 -33.25 -11.75
CA SER A 8 -5.24 -32.75 -12.31
C SER A 8 -5.35 -31.43 -13.10
N ILE A 9 -6.55 -31.09 -13.60
CA ILE A 9 -6.84 -29.87 -14.37
C ILE A 9 -6.87 -28.64 -13.44
N LYS A 10 -6.56 -27.45 -13.99
CA LYS A 10 -6.63 -26.14 -13.34
C LYS A 10 -8.02 -25.83 -12.75
N GLN A 11 -8.08 -24.93 -11.78
CA GLN A 11 -9.31 -24.45 -11.13
C GLN A 11 -9.24 -22.95 -10.82
N ALA A 12 -10.38 -22.27 -10.80
CA ALA A 12 -10.51 -20.86 -10.48
C ALA A 12 -10.60 -20.63 -8.96
N ALA A 13 -9.58 -19.99 -8.39
CA ALA A 13 -9.55 -19.52 -7.00
C ALA A 13 -10.35 -18.21 -6.86
N LEU A 14 -11.58 -18.32 -6.34
CA LEU A 14 -12.50 -17.22 -6.06
C LEU A 14 -12.06 -16.49 -4.77
N ILE A 15 -11.58 -15.25 -4.89
CA ILE A 15 -11.19 -14.39 -3.76
C ILE A 15 -11.75 -12.96 -3.88
N GLU A 16 -11.85 -12.27 -2.75
CA GLU A 16 -12.34 -10.89 -2.64
C GLU A 16 -11.45 -10.09 -1.68
N TYR A 17 -11.13 -8.83 -2.01
CA TYR A 17 -10.28 -7.95 -1.20
C TYR A 17 -10.82 -6.50 -1.09
N GLU A 18 -10.31 -5.77 -0.10
CA GLU A 18 -10.52 -4.34 0.14
C GLU A 18 -9.26 -3.68 0.71
N VAL A 19 -9.18 -2.35 0.59
CA VAL A 19 -8.13 -1.50 1.16
C VAL A 19 -8.74 -0.31 1.90
N ARG A 20 -8.56 -0.32 3.23
CA ARG A 20 -9.03 0.69 4.19
C ARG A 20 -7.84 1.41 4.83
N GLU A 21 -8.06 2.63 5.29
CA GLU A 21 -7.15 3.40 6.15
C GLU A 21 -6.87 2.64 7.47
N GLN A 22 -5.68 2.80 8.06
CA GLN A 22 -5.38 2.36 9.44
C GLN A 22 -6.11 3.25 10.47
N GLY A 23 -7.30 2.82 10.89
CA GLY A 23 -8.07 3.36 12.02
C GLY A 23 -9.36 4.09 11.63
N SER A 24 -9.35 4.87 10.54
CA SER A 24 -10.55 5.55 10.03
C SER A 24 -11.53 4.56 9.34
N SER A 25 -12.82 4.85 9.39
CA SER A 25 -13.89 4.03 8.81
C SER A 25 -13.90 4.02 7.27
N ILE A 26 -13.32 5.03 6.63
CA ILE A 26 -13.37 5.22 5.16
C ILE A 26 -12.65 4.11 4.38
N VAL A 27 -13.07 3.89 3.13
CA VAL A 27 -12.58 2.82 2.23
C VAL A 27 -11.99 3.47 0.97
N LEU A 28 -10.77 3.11 0.60
CA LEU A 28 -10.10 3.65 -0.59
C LEU A 28 -10.57 2.92 -1.87
N ASP A 29 -10.51 1.58 -1.88
CA ASP A 29 -11.03 0.70 -2.94
C ASP A 29 -11.43 -0.68 -2.37
N SER A 30 -12.27 -1.42 -3.10
CA SER A 30 -12.65 -2.81 -2.81
C SER A 30 -13.26 -3.54 -4.01
N ASN A 31 -13.39 -4.87 -3.92
CA ASN A 31 -14.24 -5.68 -4.79
C ASN A 31 -15.16 -6.68 -4.05
N ILE A 32 -15.34 -6.52 -2.72
CA ILE A 32 -16.16 -7.40 -1.86
C ILE A 32 -17.60 -7.58 -2.39
N SER A 33 -18.35 -6.48 -2.52
CA SER A 33 -19.74 -6.50 -3.04
C SER A 33 -19.80 -6.60 -4.58
N LYS A 34 -18.68 -6.32 -5.27
CA LYS A 34 -18.49 -6.40 -6.73
C LYS A 34 -18.21 -7.84 -7.18
N GLU A 35 -17.88 -8.02 -8.46
CA GLU A 35 -17.39 -9.27 -9.03
C GLU A 35 -16.08 -9.74 -8.32
N PRO A 36 -16.01 -10.98 -7.79
CA PRO A 36 -14.78 -11.52 -7.20
C PRO A 36 -13.65 -11.69 -8.24
N LEU A 37 -12.42 -11.84 -7.77
CA LEU A 37 -11.29 -12.26 -8.59
C LEU A 37 -11.36 -13.78 -8.84
N GLU A 38 -10.88 -14.24 -10.00
CA GLU A 38 -10.95 -15.63 -10.47
C GLU A 38 -9.57 -16.14 -10.94
N PHE A 39 -8.53 -15.91 -10.13
CA PHE A 39 -7.15 -16.24 -10.49
C PHE A 39 -6.88 -17.76 -10.56
N ILE A 40 -5.77 -18.14 -11.21
CA ILE A 40 -5.32 -19.53 -11.37
C ILE A 40 -3.97 -19.71 -10.66
N ILE A 41 -3.80 -20.83 -9.96
CA ILE A 41 -2.59 -21.17 -9.17
C ILE A 41 -1.30 -21.02 -9.99
N GLY A 42 -0.53 -19.97 -9.68
CA GLY A 42 0.73 -19.60 -10.33
C GLY A 42 0.68 -18.25 -11.07
N THR A 43 -0.48 -17.81 -11.57
CA THR A 43 -0.62 -16.61 -12.44
C THR A 43 -0.12 -15.31 -11.79
N ASN A 44 -0.09 -15.27 -10.45
CA ASN A 44 0.35 -14.18 -9.58
C ASN A 44 -0.09 -12.77 -10.07
N GLN A 45 -1.40 -12.55 -10.17
CA GLN A 45 -1.99 -11.29 -10.68
C GLN A 45 -2.25 -10.22 -9.60
N ILE A 46 -2.28 -10.59 -8.32
CA ILE A 46 -2.44 -9.67 -7.17
C ILE A 46 -1.11 -8.97 -6.80
N ILE A 47 -1.14 -7.97 -5.92
CA ILE A 47 0.05 -7.29 -5.40
C ILE A 47 0.97 -8.24 -4.61
N ALA A 48 2.29 -8.03 -4.67
CA ALA A 48 3.29 -8.89 -4.03
C ALA A 48 3.18 -8.94 -2.48
N GLY A 49 2.63 -7.90 -1.85
CA GLY A 49 2.32 -7.88 -0.41
C GLY A 49 1.24 -8.91 -0.04
N LEU A 50 0.20 -9.04 -0.88
CA LEU A 50 -0.94 -9.95 -0.69
C LEU A 50 -0.63 -11.39 -1.14
N GLU A 51 0.33 -11.58 -2.07
CA GLU A 51 0.84 -12.88 -2.52
C GLU A 51 1.27 -13.79 -1.36
N LYS A 52 2.07 -13.25 -0.43
CA LYS A 52 2.54 -13.97 0.77
C LYS A 52 1.43 -14.30 1.79
N ALA A 53 0.25 -13.69 1.66
CA ALA A 53 -0.90 -13.92 2.53
C ALA A 53 -1.90 -14.94 1.95
N VAL A 54 -2.23 -14.87 0.64
CA VAL A 54 -3.23 -15.74 0.00
C VAL A 54 -2.87 -17.23 0.06
N LEU A 55 -1.56 -17.57 0.12
CA LEU A 55 -1.08 -18.95 0.31
C LEU A 55 -1.38 -19.52 1.72
N LYS A 56 -1.68 -18.67 2.72
CA LYS A 56 -1.98 -19.04 4.11
C LYS A 56 -3.48 -18.97 4.45
N ALA A 57 -4.19 -17.96 3.97
CA ALA A 57 -5.64 -17.79 4.19
C ALA A 57 -6.47 -18.98 3.69
N GLN A 58 -7.42 -19.46 4.51
CA GLN A 58 -8.26 -20.63 4.20
C GLN A 58 -9.63 -20.23 3.60
N ILE A 59 -10.30 -21.18 2.95
CA ILE A 59 -11.68 -21.03 2.47
C ILE A 59 -12.64 -20.60 3.59
N GLY A 60 -13.36 -19.49 3.38
CA GLY A 60 -14.32 -18.91 4.33
C GLY A 60 -13.71 -18.11 5.50
N GLU A 61 -12.38 -18.00 5.59
CA GLU A 61 -11.67 -17.30 6.68
C GLU A 61 -11.11 -15.95 6.21
N TRP A 62 -11.66 -14.85 6.74
CA TRP A 62 -11.10 -13.51 6.59
C TRP A 62 -9.65 -13.42 7.09
N GLU A 63 -8.84 -12.62 6.41
CA GLU A 63 -7.44 -12.32 6.75
C GLU A 63 -7.17 -10.81 6.54
N GLU A 64 -6.41 -10.20 7.45
CA GLU A 64 -6.14 -8.76 7.50
C GLU A 64 -4.63 -8.49 7.63
N VAL A 65 -4.02 -7.95 6.56
CA VAL A 65 -2.58 -7.65 6.47
C VAL A 65 -2.36 -6.16 6.26
N VAL A 66 -1.67 -5.52 7.21
CA VAL A 66 -1.24 -4.11 7.13
C VAL A 66 -0.04 -4.01 6.17
N ILE A 67 -0.16 -3.20 5.12
CA ILE A 67 0.82 -3.05 4.04
C ILE A 67 1.16 -1.56 3.86
N ALA A 68 2.46 -1.22 3.82
CA ALA A 68 2.95 0.13 3.53
C ALA A 68 2.66 0.50 2.05
N PRO A 69 2.36 1.77 1.71
CA PRO A 69 2.03 2.15 0.34
C PRO A 69 3.16 1.88 -0.65
N GLU A 70 4.43 1.99 -0.25
CA GLU A 70 5.60 1.66 -1.08
C GLU A 70 5.68 0.16 -1.49
N GLU A 71 5.01 -0.74 -0.78
CA GLU A 71 4.91 -2.18 -1.10
C GLU A 71 3.74 -2.51 -2.05
N ALA A 72 2.95 -1.50 -2.48
CA ALA A 72 1.82 -1.63 -3.40
C ALA A 72 1.86 -0.58 -4.52
N TYR A 73 1.67 0.70 -4.18
CA TYR A 73 1.67 1.88 -5.06
C TYR A 73 2.35 3.07 -4.36
N GLY A 74 3.67 3.18 -4.51
CA GLY A 74 4.51 4.19 -3.84
C GLY A 74 4.34 5.60 -4.44
N VAL A 75 3.42 6.38 -3.88
CA VAL A 75 3.17 7.79 -4.24
C VAL A 75 3.02 8.67 -2.97
N TYR A 76 3.42 9.94 -3.07
CA TYR A 76 3.32 10.96 -2.01
C TYR A 76 3.15 12.37 -2.59
N GLU A 77 2.76 13.34 -1.75
CA GLU A 77 2.60 14.75 -2.13
C GLU A 77 3.86 15.58 -1.84
N SER A 78 4.21 16.46 -2.77
CA SER A 78 5.34 17.42 -2.67
C SER A 78 5.01 18.73 -1.94
N SER A 79 3.78 18.87 -1.41
CA SER A 79 3.22 20.10 -0.86
C SER A 79 2.13 19.79 0.20
N TYR A 80 2.46 19.87 1.48
CA TYR A 80 1.52 19.66 2.59
C TYR A 80 1.85 20.49 3.85
N LEU A 81 0.87 20.67 4.75
CA LEU A 81 1.03 21.35 6.05
C LEU A 81 1.85 20.49 7.03
N GLN A 82 2.89 21.10 7.62
CA GLN A 82 3.71 20.50 8.70
C GLN A 82 3.63 21.39 9.96
N GLU A 83 3.11 20.83 11.06
CA GLU A 83 3.18 21.42 12.40
C GLU A 83 4.62 21.42 12.92
N VAL A 84 5.09 22.57 13.42
CA VAL A 84 6.46 22.81 13.92
C VAL A 84 6.38 23.61 15.24
N PRO A 85 7.15 23.26 16.28
CA PRO A 85 7.15 24.00 17.55
C PRO A 85 7.82 25.37 17.42
N ARG A 86 7.48 26.30 18.33
CA ARG A 86 8.01 27.69 18.39
C ARG A 86 9.45 27.72 18.95
N ASP A 87 10.38 27.15 18.19
CA ASP A 87 11.81 27.00 18.54
C ASP A 87 12.74 27.42 17.39
N GLN A 88 12.52 26.92 16.16
CA GLN A 88 13.28 27.34 14.96
C GLN A 88 13.03 28.81 14.55
N PHE A 89 12.02 29.46 15.14
CA PHE A 89 11.52 30.79 14.79
C PHE A 89 11.61 31.82 15.94
N GLU A 90 12.30 31.49 17.03
CA GLU A 90 12.38 32.28 18.27
C GLU A 90 12.87 33.73 18.07
N GLY A 91 13.68 33.98 17.03
CA GLY A 91 14.28 35.29 16.71
C GLY A 91 13.83 35.95 15.39
N ILE A 92 12.79 35.42 14.71
CA ILE A 92 12.30 35.90 13.40
C ILE A 92 10.77 36.04 13.34
N GLU A 93 10.29 37.19 12.85
CA GLU A 93 8.85 37.54 12.76
C GLU A 93 8.14 36.81 11.60
N LEU A 94 6.93 36.31 11.85
CA LEU A 94 6.13 35.50 10.92
C LEU A 94 4.75 36.14 10.58
N GLU A 95 4.08 35.66 9.53
CA GLU A 95 2.79 36.17 9.02
C GLU A 95 2.05 35.07 8.21
N LYS A 96 0.72 35.11 8.09
CA LYS A 96 -0.06 34.20 7.21
C LYS A 96 0.12 34.57 5.73
N GLY A 97 0.86 33.76 4.98
CA GLY A 97 1.03 33.91 3.53
C GLY A 97 2.29 34.69 3.10
N MET A 98 3.36 34.68 3.91
CA MET A 98 4.70 35.16 3.50
C MET A 98 5.64 34.02 3.12
N SER A 99 6.62 34.31 2.25
CA SER A 99 7.77 33.46 1.95
C SER A 99 8.74 33.40 3.14
N VAL A 100 8.88 32.23 3.75
CA VAL A 100 9.81 31.94 4.86
C VAL A 100 10.91 30.96 4.42
N PHE A 101 12.01 30.91 5.17
CA PHE A 101 13.20 30.11 4.91
C PHE A 101 13.54 29.17 6.08
N GLY A 102 14.24 28.06 5.80
CA GLY A 102 14.55 27.00 6.77
C GLY A 102 15.87 26.28 6.48
N GLN A 103 16.91 26.57 7.26
CA GLN A 103 18.24 25.97 7.15
C GLN A 103 18.25 24.49 7.63
N THR A 104 18.44 23.54 6.71
CA THR A 104 18.64 22.11 6.99
C THR A 104 20.09 21.80 7.41
N GLU A 105 20.30 20.66 8.08
CA GLU A 105 21.62 20.13 8.43
C GLU A 105 22.47 19.73 7.22
N ASP A 106 21.87 19.59 6.02
CA ASP A 106 22.55 19.35 4.74
C ASP A 106 23.29 20.58 4.17
N ASN A 107 23.58 21.59 5.01
CA ASN A 107 24.18 22.89 4.68
C ASN A 107 23.46 23.62 3.53
N GLN A 108 22.12 23.62 3.56
CA GLN A 108 21.22 24.26 2.60
C GLN A 108 20.02 24.91 3.29
N THR A 109 19.20 25.67 2.55
CA THR A 109 18.07 26.46 3.07
C THR A 109 16.88 26.41 2.10
N ILE A 110 15.82 25.69 2.46
CA ILE A 110 14.58 25.63 1.64
C ILE A 110 13.78 26.94 1.75
N GLN A 111 12.79 27.12 0.88
CA GLN A 111 11.84 28.24 0.90
C GLN A 111 10.39 27.76 0.72
N ALA A 112 9.46 28.30 1.52
CA ALA A 112 8.06 27.87 1.58
C ALA A 112 7.12 28.98 2.08
N ILE A 113 5.81 28.71 2.18
CA ILE A 113 4.77 29.65 2.62
C ILE A 113 4.16 29.20 3.95
N ILE A 114 4.04 30.14 4.90
CA ILE A 114 3.37 29.93 6.19
C ILE A 114 1.85 29.94 6.03
N LYS A 115 1.18 28.85 6.45
CA LYS A 115 -0.27 28.66 6.37
C LYS A 115 -1.00 29.16 7.63
N ASP A 116 -0.44 28.97 8.82
CA ASP A 116 -0.91 29.54 10.09
C ASP A 116 0.24 29.69 11.11
N PHE A 117 0.14 30.62 12.07
CA PHE A 117 1.14 30.85 13.12
C PHE A 117 0.53 31.29 14.47
N SER A 118 1.15 30.86 15.57
CA SER A 118 0.82 31.20 16.96
C SER A 118 2.07 31.21 17.85
N ALA A 119 1.94 31.64 19.12
CA ALA A 119 3.01 31.60 20.13
C ALA A 119 3.34 30.18 20.63
N THR A 120 2.41 29.22 20.50
CA THR A 120 2.53 27.82 20.90
C THR A 120 3.25 26.97 19.82
N HIS A 121 2.64 26.89 18.64
CA HIS A 121 3.13 26.19 17.44
C HIS A 121 2.92 27.06 16.18
N VAL A 122 3.51 26.62 15.06
CA VAL A 122 3.34 27.20 13.72
C VAL A 122 3.11 26.09 12.69
N MET A 123 2.45 26.41 11.57
CA MET A 123 2.07 25.47 10.51
C MET A 123 2.50 26.02 9.15
N VAL A 124 3.61 25.49 8.64
CA VAL A 124 4.26 25.93 7.39
C VAL A 124 4.07 24.84 6.32
N ASP A 125 3.97 25.24 5.05
CA ASP A 125 4.05 24.30 3.93
C ASP A 125 5.45 23.64 3.86
N TYR A 126 5.48 22.32 3.66
CA TYR A 126 6.72 21.52 3.53
C TYR A 126 6.54 20.38 2.51
N ASN A 127 7.65 19.68 2.23
CA ASN A 127 7.72 18.49 1.39
C ASN A 127 8.46 17.35 2.14
N HIS A 128 7.90 16.13 2.10
CA HIS A 128 8.48 14.96 2.77
C HIS A 128 8.00 13.64 2.11
N PRO A 129 8.90 12.71 1.72
CA PRO A 129 8.52 11.51 0.97
C PRO A 129 7.71 10.47 1.77
N LEU A 130 7.70 10.55 3.11
CA LEU A 130 6.99 9.61 4.00
C LEU A 130 5.52 10.05 4.30
N ALA A 131 4.97 11.01 3.57
CA ALA A 131 3.58 11.49 3.71
C ALA A 131 2.49 10.39 3.58
N GLY A 132 2.82 9.21 3.03
CA GLY A 132 1.96 8.03 2.93
C GLY A 132 2.12 7.06 4.13
N LYS A 133 1.24 7.14 5.13
CA LYS A 133 1.10 6.16 6.23
C LYS A 133 0.65 4.78 5.75
N THR A 134 0.74 3.76 6.60
CA THR A 134 0.30 2.35 6.37
C THR A 134 -1.21 2.21 6.21
N LEU A 135 -1.64 1.26 5.38
CA LEU A 135 -3.04 0.92 5.07
C LEU A 135 -3.33 -0.57 5.38
N ALA A 136 -4.61 -0.93 5.54
CA ALA A 136 -5.10 -2.27 5.85
C ALA A 136 -5.70 -2.94 4.60
N PHE A 137 -4.95 -3.87 3.99
CA PHE A 137 -5.48 -4.80 2.98
C PHE A 137 -6.16 -5.99 3.69
N ARG A 138 -7.49 -6.06 3.61
CA ARG A 138 -8.30 -7.18 4.13
C ARG A 138 -8.88 -7.99 2.98
N PHE A 139 -8.88 -9.32 3.10
CA PHE A 139 -9.37 -10.21 2.04
C PHE A 139 -9.92 -11.53 2.60
N LYS A 140 -10.59 -12.33 1.74
CA LYS A 140 -11.04 -13.70 2.03
C LYS A 140 -10.97 -14.58 0.78
N VAL A 141 -10.68 -15.86 1.00
CA VAL A 141 -10.84 -16.93 -0.01
C VAL A 141 -12.29 -17.42 0.02
N LEU A 142 -13.08 -17.03 -0.98
CA LEU A 142 -14.50 -17.39 -1.11
C LEU A 142 -14.70 -18.84 -1.57
N GLY A 143 -13.75 -19.42 -2.31
CA GLY A 143 -13.75 -20.83 -2.68
C GLY A 143 -12.93 -21.20 -3.92
N PHE A 144 -13.14 -22.41 -4.41
CA PHE A 144 -12.43 -23.01 -5.55
C PHE A 144 -13.44 -23.65 -6.52
N ARG A 145 -13.32 -23.35 -7.81
CA ARG A 145 -14.22 -23.83 -8.88
C ARG A 145 -13.46 -24.69 -9.88
N GLU A 146 -13.49 -25.99 -9.64
CA GLU A 146 -12.93 -27.05 -10.50
C GLU A 146 -13.65 -27.08 -11.86
N VAL A 147 -12.88 -26.93 -12.95
CA VAL A 147 -13.37 -26.84 -14.34
C VAL A 147 -12.52 -27.70 -15.30
N SER A 148 -13.04 -27.95 -16.50
CA SER A 148 -12.28 -28.55 -17.61
C SER A 148 -11.37 -27.50 -18.31
N GLU A 149 -10.44 -27.97 -19.14
CA GLU A 149 -9.56 -27.12 -19.98
C GLU A 149 -9.78 -27.30 -21.50
N GLU A 150 -10.66 -28.23 -21.91
CA GLU A 150 -11.02 -28.49 -23.31
C GLU A 150 -12.11 -27.50 -23.81
N GLU A 151 -13.29 -27.52 -23.18
CA GLU A 151 -14.44 -26.64 -23.47
C GLU A 151 -14.22 -25.17 -23.03
N MET A 1 4.14 -21.00 12.86
CA MET A 1 3.91 -20.61 11.45
C MET A 1 4.10 -21.81 10.54
N GLN A 2 3.04 -22.19 9.81
CA GLN A 2 3.00 -23.35 8.88
C GLN A 2 2.02 -23.14 7.71
N ASN A 3 2.12 -23.98 6.69
CA ASN A 3 1.23 -24.04 5.51
C ASN A 3 1.14 -25.49 4.96
N HIS A 4 0.30 -25.70 3.94
CA HIS A 4 0.14 -26.99 3.24
C HIS A 4 0.15 -26.83 1.71
N ASP A 5 0.63 -27.86 1.01
CA ASP A 5 0.64 -28.01 -0.45
C ASP A 5 -0.69 -28.55 -1.03
N LEU A 6 -0.84 -28.47 -2.35
CA LEU A 6 -1.99 -29.00 -3.11
C LEU A 6 -1.62 -30.31 -3.84
N GLU A 7 -2.64 -31.09 -4.21
CA GLU A 7 -2.53 -32.36 -4.96
C GLU A 7 -2.23 -32.17 -6.48
N SER A 8 -1.70 -31.01 -6.87
CA SER A 8 -1.38 -30.60 -8.27
C SER A 8 -2.61 -30.43 -9.18
N ILE A 9 -3.79 -30.22 -8.60
CA ILE A 9 -5.09 -30.07 -9.29
C ILE A 9 -5.36 -28.59 -9.66
N LYS A 10 -5.59 -28.32 -10.95
CA LYS A 10 -6.00 -27.00 -11.47
C LYS A 10 -7.46 -26.69 -11.13
N GLN A 11 -7.72 -25.49 -10.60
CA GLN A 11 -9.05 -25.01 -10.17
C GLN A 11 -9.09 -23.48 -10.07
N ALA A 12 -10.26 -22.88 -10.29
CA ALA A 12 -10.51 -21.44 -10.18
C ALA A 12 -10.75 -21.03 -8.73
N ALA A 13 -9.71 -20.51 -8.06
CA ALA A 13 -9.77 -19.93 -6.72
C ALA A 13 -10.38 -18.51 -6.74
N LEU A 14 -11.38 -18.26 -5.90
CA LEU A 14 -12.01 -16.95 -5.71
C LEU A 14 -11.49 -16.26 -4.44
N ILE A 15 -11.16 -14.97 -4.54
CA ILE A 15 -10.84 -14.09 -3.40
C ILE A 15 -11.67 -12.79 -3.41
N GLU A 16 -11.73 -12.12 -2.27
CA GLU A 16 -12.33 -10.80 -2.06
C GLU A 16 -11.43 -9.96 -1.14
N TYR A 17 -11.12 -8.71 -1.51
CA TYR A 17 -10.24 -7.80 -0.76
C TYR A 17 -10.77 -6.35 -0.67
N GLU A 18 -10.36 -5.64 0.38
CA GLU A 18 -10.73 -4.26 0.74
C GLU A 18 -9.52 -3.53 1.35
N VAL A 19 -9.24 -2.29 0.92
CA VAL A 19 -8.14 -1.46 1.46
C VAL A 19 -8.69 -0.32 2.34
N ARG A 20 -8.57 -0.51 3.65
CA ARG A 20 -9.06 0.37 4.72
C ARG A 20 -7.89 1.06 5.45
N GLU A 21 -8.10 2.28 5.92
CA GLU A 21 -7.11 3.01 6.74
C GLU A 21 -7.08 2.50 8.19
N GLN A 22 -5.90 2.41 8.79
CA GLN A 22 -5.73 2.11 10.23
C GLN A 22 -6.26 3.26 11.11
N GLY A 23 -7.52 3.15 11.52
CA GLY A 23 -8.21 4.05 12.48
C GLY A 23 -9.48 4.69 11.91
N SER A 24 -9.38 5.36 10.75
CA SER A 24 -10.50 6.09 10.14
C SER A 24 -11.63 5.19 9.62
N SER A 25 -12.84 5.75 9.55
CA SER A 25 -14.05 5.10 9.02
C SER A 25 -14.11 5.09 7.48
N ILE A 26 -13.36 5.98 6.80
CA ILE A 26 -13.32 6.06 5.33
C ILE A 26 -12.65 4.83 4.71
N VAL A 27 -12.98 4.53 3.45
CA VAL A 27 -12.40 3.42 2.65
C VAL A 27 -11.79 3.98 1.36
N LEU A 28 -10.55 3.58 1.05
CA LEU A 28 -9.84 4.00 -0.16
C LEU A 28 -10.40 3.34 -1.42
N ASP A 29 -10.45 2.01 -1.42
CA ASP A 29 -11.02 1.18 -2.50
C ASP A 29 -11.48 -0.20 -1.95
N SER A 30 -12.42 -0.84 -2.63
CA SER A 30 -12.97 -2.15 -2.23
C SER A 30 -13.39 -2.99 -3.45
N ASN A 31 -12.89 -4.22 -3.55
CA ASN A 31 -13.34 -5.19 -4.56
C ASN A 31 -14.54 -6.02 -4.07
N ILE A 32 -14.66 -6.26 -2.75
CA ILE A 32 -15.70 -7.09 -2.10
C ILE A 32 -17.13 -6.68 -2.52
N SER A 33 -17.43 -5.38 -2.41
CA SER A 33 -18.75 -4.81 -2.74
C SER A 33 -19.07 -4.81 -4.25
N LYS A 34 -18.07 -5.01 -5.11
CA LYS A 34 -18.18 -5.05 -6.58
C LYS A 34 -18.43 -6.48 -7.07
N GLU A 35 -17.41 -7.34 -7.01
CA GLU A 35 -17.43 -8.76 -7.38
C GLU A 35 -16.17 -9.51 -6.89
N PRO A 36 -16.22 -10.85 -6.66
CA PRO A 36 -15.03 -11.62 -6.34
C PRO A 36 -14.07 -11.72 -7.54
N LEU A 37 -12.77 -11.75 -7.26
CA LEU A 37 -11.71 -12.01 -8.24
C LEU A 37 -11.47 -13.53 -8.35
N GLU A 38 -11.45 -14.08 -9.57
CA GLU A 38 -11.07 -15.48 -9.83
C GLU A 38 -9.74 -15.61 -10.59
N PHE A 39 -8.91 -16.58 -10.19
CA PHE A 39 -7.66 -16.97 -10.86
C PHE A 39 -7.29 -18.44 -10.59
N ILE A 40 -6.40 -19.02 -11.40
CA ILE A 40 -5.86 -20.38 -11.18
C ILE A 40 -4.69 -20.31 -10.18
N ILE A 41 -4.58 -21.29 -9.28
CA ILE A 41 -3.50 -21.43 -8.30
C ILE A 41 -2.11 -21.25 -8.96
N GLY A 42 -1.44 -20.13 -8.65
CA GLY A 42 -0.10 -19.78 -9.14
C GLY A 42 -0.02 -18.63 -10.16
N THR A 43 -1.15 -18.08 -10.64
CA THR A 43 -1.21 -17.02 -11.68
C THR A 43 -0.41 -15.75 -11.31
N ASN A 44 -0.34 -15.40 -10.02
CA ASN A 44 0.34 -14.22 -9.47
C ASN A 44 0.00 -12.91 -10.23
N GLN A 45 -1.28 -12.51 -10.20
CA GLN A 45 -1.79 -11.28 -10.85
C GLN A 45 -2.09 -10.13 -9.86
N ILE A 46 -2.28 -10.45 -8.58
CA ILE A 46 -2.52 -9.50 -7.47
C ILE A 46 -1.24 -8.75 -7.04
N ILE A 47 -1.38 -7.74 -6.17
CA ILE A 47 -0.25 -6.98 -5.60
C ILE A 47 0.69 -7.90 -4.80
N ALA A 48 2.01 -7.61 -4.83
CA ALA A 48 3.03 -8.46 -4.23
C ALA A 48 2.89 -8.64 -2.70
N GLY A 49 2.42 -7.61 -1.99
CA GLY A 49 2.13 -7.69 -0.55
C GLY A 49 1.05 -8.72 -0.21
N LEU A 50 -0.01 -8.80 -1.04
CA LEU A 50 -1.11 -9.76 -0.90
C LEU A 50 -0.71 -11.17 -1.40
N GLU A 51 0.13 -11.27 -2.43
CA GLU A 51 0.68 -12.54 -2.93
C GLU A 51 1.44 -13.33 -1.85
N LYS A 52 2.19 -12.64 -0.98
CA LYS A 52 2.90 -13.26 0.15
C LYS A 52 2.00 -13.58 1.36
N ALA A 53 0.78 -13.03 1.41
CA ALA A 53 -0.24 -13.34 2.41
C ALA A 53 -1.12 -14.54 1.99
N VAL A 54 -1.60 -14.57 0.74
CA VAL A 54 -2.58 -15.57 0.24
C VAL A 54 -2.09 -17.02 0.33
N LEU A 55 -0.77 -17.26 0.30
CA LEU A 55 -0.17 -18.59 0.49
C LEU A 55 -0.38 -19.17 1.91
N LYS A 56 -0.67 -18.32 2.91
CA LYS A 56 -1.01 -18.69 4.30
C LYS A 56 -2.50 -18.55 4.62
N ALA A 57 -3.27 -17.89 3.75
CA ALA A 57 -4.68 -17.56 3.97
C ALA A 57 -5.57 -18.82 4.04
N GLN A 58 -6.43 -18.87 5.05
CA GLN A 58 -7.33 -20.00 5.31
C GLN A 58 -8.69 -19.80 4.62
N ILE A 59 -9.16 -20.81 3.89
CA ILE A 59 -10.47 -20.87 3.24
C ILE A 59 -11.61 -20.58 4.24
N GLY A 60 -12.46 -19.60 3.92
CA GLY A 60 -13.67 -19.27 4.69
C GLY A 60 -13.44 -18.42 5.95
N GLU A 61 -12.24 -17.88 6.17
CA GLU A 61 -11.90 -17.03 7.32
C GLU A 61 -11.36 -15.66 6.87
N TRP A 62 -12.04 -14.57 7.26
CA TRP A 62 -11.56 -13.19 7.07
C TRP A 62 -10.26 -12.95 7.86
N GLU A 63 -9.33 -12.22 7.25
CA GLU A 63 -8.09 -11.77 7.88
C GLU A 63 -7.68 -10.35 7.45
N GLU A 64 -6.83 -9.70 8.24
CA GLU A 64 -6.40 -8.31 8.08
C GLU A 64 -4.86 -8.23 8.07
N VAL A 65 -4.27 -7.97 6.89
CA VAL A 65 -2.83 -7.84 6.69
C VAL A 65 -2.48 -6.38 6.38
N VAL A 66 -1.70 -5.75 7.26
CA VAL A 66 -1.26 -4.35 7.10
C VAL A 66 -0.08 -4.30 6.12
N ILE A 67 -0.30 -3.74 4.94
CA ILE A 67 0.66 -3.66 3.83
C ILE A 67 1.24 -2.23 3.74
N ALA A 68 2.55 -2.12 3.48
CA ALA A 68 3.25 -0.86 3.30
C ALA A 68 2.72 -0.08 2.07
N PRO A 69 2.79 1.27 2.06
CA PRO A 69 2.34 2.11 0.94
C PRO A 69 3.10 1.78 -0.36
N GLU A 70 4.40 1.54 -0.25
CA GLU A 70 5.31 1.17 -1.35
C GLU A 70 5.04 -0.23 -1.95
N GLU A 71 4.17 -1.04 -1.33
CA GLU A 71 3.80 -2.40 -1.75
C GLU A 71 2.34 -2.52 -2.23
N ALA A 72 1.61 -1.40 -2.32
CA ALA A 72 0.21 -1.31 -2.74
C ALA A 72 0.00 -0.32 -3.89
N TYR A 73 0.18 0.98 -3.66
CA TYR A 73 -0.05 2.06 -4.64
C TYR A 73 1.17 2.99 -4.87
N GLY A 74 2.21 2.91 -4.04
CA GLY A 74 3.49 3.64 -4.24
C GLY A 74 3.40 5.16 -4.07
N VAL A 75 2.50 5.66 -3.23
CA VAL A 75 2.39 7.09 -2.87
C VAL A 75 3.62 7.59 -2.09
N TYR A 76 3.94 8.88 -2.21
CA TYR A 76 5.03 9.55 -1.50
C TYR A 76 4.72 11.04 -1.18
N GLU A 77 5.58 11.70 -0.40
CA GLU A 77 5.46 13.10 0.01
C GLU A 77 6.65 13.95 -0.49
N SER A 78 6.35 15.19 -0.90
CA SER A 78 7.29 16.17 -1.47
C SER A 78 7.99 17.08 -0.43
N SER A 79 7.96 16.69 0.85
CA SER A 79 8.36 17.47 2.04
C SER A 79 9.65 18.31 1.86
N TYR A 80 10.78 17.65 1.60
CA TYR A 80 12.11 18.23 1.35
C TYR A 80 12.67 19.14 2.46
N LEU A 81 12.04 19.23 3.64
CA LEU A 81 12.42 20.08 4.78
C LEU A 81 12.08 19.39 6.10
N GLN A 82 12.98 19.47 7.09
CA GLN A 82 12.71 19.06 8.47
C GLN A 82 13.41 19.97 9.49
N GLU A 83 12.64 20.48 10.45
CA GLU A 83 13.15 21.16 11.66
C GLU A 83 13.66 20.13 12.67
N VAL A 84 14.98 19.92 12.68
CA VAL A 84 15.73 19.07 13.63
C VAL A 84 16.26 19.90 14.82
N PRO A 85 16.55 19.28 15.98
CA PRO A 85 17.06 20.01 17.14
C PRO A 85 18.51 20.46 16.94
N ARG A 86 18.91 21.57 17.60
CA ARG A 86 20.30 22.08 17.59
C ARG A 86 21.30 21.09 18.20
N ASP A 87 20.84 20.17 19.05
CA ASP A 87 21.62 19.08 19.66
C ASP A 87 22.43 18.25 18.64
N GLN A 88 21.88 18.01 17.44
CA GLN A 88 22.53 17.27 16.35
C GLN A 88 23.77 17.99 15.77
N PHE A 89 23.88 19.31 15.99
CA PHE A 89 24.89 20.20 15.40
C PHE A 89 25.56 21.13 16.43
N GLU A 90 25.46 20.81 17.72
CA GLU A 90 25.80 21.67 18.87
C GLU A 90 27.25 22.20 18.86
N GLY A 91 28.18 21.48 18.20
CA GLY A 91 29.59 21.84 18.02
C GLY A 91 30.02 22.14 16.58
N ILE A 92 29.07 22.41 15.65
CA ILE A 92 29.30 22.52 14.20
C ILE A 92 28.83 23.88 13.67
N GLU A 93 29.73 24.63 13.02
CA GLU A 93 29.50 25.94 12.40
C GLU A 93 28.70 25.85 11.08
N LEU A 94 27.39 25.65 11.17
CA LEU A 94 26.48 25.60 10.02
C LEU A 94 26.38 26.95 9.27
N GLU A 95 26.06 26.90 7.97
CA GLU A 95 25.79 28.07 7.13
C GLU A 95 24.81 27.74 6.00
N LYS A 96 23.84 28.63 5.72
CA LYS A 96 22.90 28.51 4.59
C LYS A 96 23.65 28.44 3.26
N GLY A 97 23.57 27.30 2.57
CA GLY A 97 24.27 27.05 1.29
C GLY A 97 25.52 26.17 1.38
N MET A 98 25.68 25.36 2.44
CA MET A 98 26.72 24.32 2.55
C MET A 98 26.14 22.90 2.45
N SER A 99 26.98 21.91 2.16
CA SER A 99 26.64 20.47 2.23
C SER A 99 26.93 19.91 3.64
N VAL A 100 25.89 19.47 4.34
CA VAL A 100 25.95 18.79 5.65
C VAL A 100 25.65 17.29 5.51
N PHE A 101 26.05 16.49 6.49
CA PHE A 101 25.83 15.04 6.54
C PHE A 101 24.91 14.63 7.70
N GLY A 102 24.03 13.66 7.45
CA GLY A 102 23.01 13.17 8.40
C GLY A 102 23.09 11.65 8.59
N GLN A 103 23.82 11.20 9.61
CA GLN A 103 23.90 9.78 9.96
C GLN A 103 22.53 9.24 10.46
N THR A 104 22.23 7.97 10.18
CA THR A 104 20.99 7.27 10.58
C THR A 104 21.28 5.91 11.23
N GLU A 105 20.32 5.41 12.02
CA GLU A 105 20.37 4.14 12.77
C GLU A 105 20.43 2.89 11.86
N ASP A 106 20.12 3.03 10.56
CA ASP A 106 20.31 2.02 9.52
C ASP A 106 21.79 1.84 9.08
N ASN A 107 22.75 2.35 9.86
CA ASN A 107 24.20 2.36 9.58
C ASN A 107 24.54 3.01 8.23
N GLN A 108 23.94 4.17 7.95
CA GLN A 108 24.11 4.96 6.72
C GLN A 108 24.14 6.47 7.02
N THR A 109 24.43 7.28 5.99
CA THR A 109 24.62 8.74 6.08
C THR A 109 24.09 9.46 4.84
N ILE A 110 23.02 10.25 4.98
CA ILE A 110 22.52 11.12 3.90
C ILE A 110 23.39 12.39 3.73
N GLN A 111 23.24 13.09 2.62
CA GLN A 111 23.81 14.42 2.36
C GLN A 111 22.71 15.43 2.03
N ALA A 112 22.82 16.66 2.54
CA ALA A 112 21.77 17.67 2.50
C ALA A 112 22.32 19.11 2.55
N ILE A 113 21.44 20.11 2.37
CA ILE A 113 21.76 21.54 2.43
C ILE A 113 21.03 22.20 3.61
N ILE A 114 21.74 23.04 4.37
CA ILE A 114 21.18 23.92 5.41
C ILE A 114 20.28 24.99 4.77
N LYS A 115 18.98 24.98 5.10
CA LYS A 115 17.96 25.88 4.54
C LYS A 115 17.63 27.05 5.48
N ASP A 116 17.63 26.81 6.79
CA ASP A 116 17.61 27.83 7.85
C ASP A 116 18.26 27.31 9.15
N PHE A 117 18.61 28.22 10.06
CA PHE A 117 19.08 27.89 11.42
C PHE A 117 18.57 28.91 12.46
N SER A 118 18.55 28.49 13.73
CA SER A 118 18.07 29.25 14.89
C SER A 118 18.91 28.96 16.14
N ALA A 119 18.64 29.66 17.24
CA ALA A 119 19.32 29.51 18.52
C ALA A 119 19.13 28.13 19.18
N THR A 120 18.02 27.44 18.90
CA THR A 120 17.61 26.16 19.54
C THR A 120 17.21 25.05 18.55
N HIS A 121 17.06 25.36 17.26
CA HIS A 121 16.64 24.45 16.19
C HIS A 121 17.36 24.73 14.86
N VAL A 122 17.30 23.80 13.90
CA VAL A 122 17.89 23.92 12.56
C VAL A 122 16.93 23.31 11.52
N MET A 123 16.83 23.91 10.33
CA MET A 123 16.04 23.42 9.20
C MET A 123 16.94 23.01 8.03
N VAL A 124 16.96 21.71 7.72
CA VAL A 124 17.82 21.09 6.72
C VAL A 124 16.96 20.39 5.65
N ASP A 125 17.49 20.27 4.43
CA ASP A 125 16.88 19.52 3.33
C ASP A 125 16.69 18.03 3.67
N TYR A 126 15.45 17.59 3.90
CA TYR A 126 15.10 16.21 4.24
C TYR A 126 13.87 15.73 3.45
N ASN A 127 14.10 14.89 2.43
CA ASN A 127 13.04 14.09 1.79
C ASN A 127 12.35 13.16 2.82
N HIS A 128 11.04 12.95 2.68
CA HIS A 128 10.22 12.14 3.60
C HIS A 128 10.61 10.65 3.53
N PRO A 129 11.27 10.06 4.55
CA PRO A 129 11.92 8.76 4.42
C PRO A 129 10.92 7.59 4.31
N LEU A 130 9.86 7.62 5.11
CA LEU A 130 8.69 6.75 4.99
C LEU A 130 7.74 7.35 3.94
N ALA A 131 7.86 6.91 2.69
CA ALA A 131 7.02 7.36 1.57
C ALA A 131 5.56 6.90 1.75
N GLY A 132 4.69 7.77 2.30
CA GLY A 132 3.28 7.44 2.61
C GLY A 132 3.07 6.87 4.02
N LYS A 133 1.88 6.30 4.27
CA LYS A 133 1.46 5.63 5.52
C LYS A 133 0.99 4.19 5.28
N THR A 134 0.98 3.34 6.32
CA THR A 134 0.55 1.93 6.25
C THR A 134 -0.98 1.78 6.13
N LEU A 135 -1.45 0.81 5.35
CA LEU A 135 -2.88 0.52 5.10
C LEU A 135 -3.24 -0.94 5.40
N ALA A 136 -4.46 -1.18 5.89
CA ALA A 136 -5.02 -2.50 6.20
C ALA A 136 -5.73 -3.11 4.99
N PHE A 137 -5.08 -4.08 4.34
CA PHE A 137 -5.72 -4.95 3.33
C PHE A 137 -6.43 -6.11 4.03
N ARG A 138 -7.75 -5.98 4.20
CA ARG A 138 -8.65 -7.00 4.72
C ARG A 138 -9.14 -7.88 3.58
N PHE A 139 -8.93 -9.20 3.65
CA PHE A 139 -9.30 -10.14 2.58
C PHE A 139 -9.72 -11.53 3.07
N LYS A 140 -10.22 -12.37 2.16
CA LYS A 140 -10.56 -13.79 2.36
C LYS A 140 -10.44 -14.59 1.07
N VAL A 141 -10.12 -15.88 1.20
CA VAL A 141 -10.26 -16.91 0.15
C VAL A 141 -11.63 -17.57 0.30
N LEU A 142 -12.52 -17.36 -0.67
CA LEU A 142 -13.88 -17.92 -0.66
C LEU A 142 -13.86 -19.45 -0.80
N GLY A 143 -12.88 -19.95 -1.55
CA GLY A 143 -12.76 -21.34 -1.99
C GLY A 143 -12.45 -21.41 -3.47
N PHE A 144 -12.53 -22.61 -4.03
CA PHE A 144 -12.19 -22.92 -5.43
C PHE A 144 -13.23 -23.81 -6.10
N ARG A 145 -13.34 -23.71 -7.43
CA ARG A 145 -14.21 -24.54 -8.27
C ARG A 145 -13.40 -25.23 -9.37
N GLU A 146 -13.57 -26.56 -9.51
CA GLU A 146 -13.00 -27.35 -10.60
C GLU A 146 -13.75 -27.04 -11.92
N VAL A 147 -13.21 -26.14 -12.73
CA VAL A 147 -13.78 -25.68 -14.02
C VAL A 147 -12.75 -25.80 -15.15
N SER A 148 -13.25 -25.73 -16.39
CA SER A 148 -12.44 -25.78 -17.63
C SER A 148 -12.96 -24.79 -18.68
N GLU A 149 -12.11 -24.45 -19.65
CA GLU A 149 -12.39 -23.54 -20.77
C GLU A 149 -12.16 -24.23 -22.14
N GLU A 150 -12.27 -25.57 -22.16
CA GLU A 150 -12.08 -26.46 -23.32
C GLU A 150 -10.65 -26.41 -23.93
N GLU A 151 -9.66 -26.01 -23.12
CA GLU A 151 -8.22 -25.92 -23.46
C GLU A 151 -7.58 -27.25 -23.89
N MET A 1 5.35 -44.96 3.34
CA MET A 1 5.58 -44.84 1.88
C MET A 1 4.42 -45.49 1.08
N GLN A 2 3.18 -45.04 1.29
CA GLN A 2 2.00 -45.51 0.55
C GLN A 2 1.77 -44.71 -0.75
N ASN A 3 0.94 -45.25 -1.65
CA ASN A 3 0.49 -44.62 -2.90
C ASN A 3 -1.04 -44.64 -2.98
N HIS A 4 -1.64 -43.47 -3.25
CA HIS A 4 -3.08 -43.28 -3.48
C HIS A 4 -3.32 -42.19 -4.53
N ASP A 5 -4.47 -42.21 -5.21
CA ASP A 5 -4.91 -41.14 -6.11
C ASP A 5 -5.21 -39.83 -5.33
N LEU A 6 -5.12 -38.69 -6.01
CA LEU A 6 -5.40 -37.35 -5.47
C LEU A 6 -6.20 -36.45 -6.43
N GLU A 7 -6.70 -35.33 -5.93
CA GLU A 7 -7.55 -34.36 -6.65
C GLU A 7 -6.75 -33.12 -7.10
N SER A 8 -5.64 -33.33 -7.79
CA SER A 8 -4.76 -32.30 -8.39
C SER A 8 -5.38 -31.55 -9.60
N ILE A 9 -6.62 -31.85 -9.96
CA ILE A 9 -7.39 -31.30 -11.10
C ILE A 9 -7.47 -29.76 -11.03
N LYS A 10 -7.36 -29.10 -12.18
CA LYS A 10 -7.43 -27.63 -12.33
C LYS A 10 -8.84 -27.10 -11.98
N GLN A 11 -8.88 -25.98 -11.26
CA GLN A 11 -10.09 -25.30 -10.77
C GLN A 11 -9.89 -23.77 -10.73
N ALA A 12 -10.96 -23.02 -10.49
CA ALA A 12 -10.92 -21.57 -10.33
C ALA A 12 -11.02 -21.18 -8.84
N ALA A 13 -9.99 -20.51 -8.32
CA ALA A 13 -9.92 -19.94 -6.98
C ALA A 13 -10.63 -18.58 -6.92
N LEU A 14 -11.68 -18.45 -6.09
CA LEU A 14 -12.32 -17.17 -5.76
C LEU A 14 -11.71 -16.55 -4.50
N ILE A 15 -11.35 -15.27 -4.56
CA ILE A 15 -10.97 -14.44 -3.39
C ILE A 15 -11.72 -13.10 -3.36
N GLU A 16 -11.62 -12.40 -2.23
CA GLU A 16 -12.16 -11.06 -1.98
C GLU A 16 -11.16 -10.21 -1.19
N TYR A 17 -10.92 -8.96 -1.60
CA TYR A 17 -10.02 -8.01 -0.90
C TYR A 17 -10.56 -6.57 -0.84
N GLU A 18 -10.17 -5.86 0.22
CA GLU A 18 -10.59 -4.50 0.56
C GLU A 18 -9.41 -3.74 1.19
N VAL A 19 -9.21 -2.48 0.80
CA VAL A 19 -8.10 -1.62 1.26
C VAL A 19 -8.64 -0.37 1.95
N ARG A 20 -8.53 -0.36 3.29
CA ARG A 20 -8.99 0.70 4.19
C ARG A 20 -7.79 1.39 4.87
N GLU A 21 -7.91 2.68 5.15
CA GLU A 21 -6.91 3.42 5.93
C GLU A 21 -6.91 2.98 7.41
N GLN A 22 -5.74 2.87 8.04
CA GLN A 22 -5.61 2.56 9.48
C GLN A 22 -6.15 3.66 10.41
N GLY A 23 -5.98 4.94 10.02
CA GLY A 23 -6.24 6.13 10.85
C GLY A 23 -7.58 6.83 10.60
N SER A 24 -8.39 6.34 9.65
CA SER A 24 -9.74 6.86 9.36
C SER A 24 -10.68 5.74 8.92
N SER A 25 -11.95 5.82 9.30
CA SER A 25 -12.96 4.76 9.05
C SER A 25 -13.42 4.65 7.59
N ILE A 26 -13.10 5.62 6.73
CA ILE A 26 -13.38 5.58 5.28
C ILE A 26 -12.57 4.48 4.57
N VAL A 27 -13.04 4.06 3.38
CA VAL A 27 -12.38 3.06 2.52
C VAL A 27 -11.78 3.72 1.27
N LEU A 28 -10.65 3.21 0.80
CA LEU A 28 -9.93 3.72 -0.39
C LEU A 28 -10.29 2.93 -1.65
N ASP A 29 -10.35 1.59 -1.57
CA ASP A 29 -10.88 0.72 -2.64
C ASP A 29 -11.40 -0.63 -2.08
N SER A 30 -12.29 -1.28 -2.84
CA SER A 30 -12.85 -2.60 -2.52
C SER A 30 -13.45 -3.27 -3.75
N ASN A 31 -13.06 -4.51 -4.05
CA ASN A 31 -13.76 -5.34 -5.04
C ASN A 31 -14.97 -6.09 -4.44
N ILE A 32 -15.05 -6.20 -3.10
CA ILE A 32 -16.02 -7.06 -2.38
C ILE A 32 -17.47 -6.60 -2.62
N SER A 33 -17.70 -5.28 -2.64
CA SER A 33 -18.98 -4.66 -2.97
C SER A 33 -19.35 -4.77 -4.47
N LYS A 34 -18.42 -5.22 -5.33
CA LYS A 34 -18.53 -5.26 -6.80
C LYS A 34 -18.79 -6.68 -7.29
N GLU A 35 -17.77 -7.53 -7.30
CA GLU A 35 -17.76 -8.95 -7.68
C GLU A 35 -16.45 -9.64 -7.26
N PRO A 36 -16.44 -10.95 -6.93
CA PRO A 36 -15.23 -11.66 -6.52
C PRO A 36 -14.21 -11.82 -7.64
N LEU A 37 -12.92 -11.86 -7.29
CA LEU A 37 -11.82 -12.15 -8.20
C LEU A 37 -11.70 -13.67 -8.38
N GLU A 38 -11.76 -14.15 -9.63
CA GLU A 38 -11.56 -15.57 -9.98
C GLU A 38 -10.36 -15.78 -10.92
N PHE A 39 -9.48 -16.74 -10.60
CA PHE A 39 -8.29 -17.07 -11.37
C PHE A 39 -7.86 -18.54 -11.22
N ILE A 40 -6.98 -19.02 -12.11
CA ILE A 40 -6.35 -20.35 -12.05
C ILE A 40 -4.97 -20.22 -11.38
N ILE A 41 -4.57 -21.22 -10.58
CA ILE A 41 -3.29 -21.28 -9.85
C ILE A 41 -2.10 -20.94 -10.77
N GLY A 42 -1.44 -19.80 -10.50
CA GLY A 42 -0.35 -19.22 -11.30
C GLY A 42 -0.80 -18.00 -12.12
N THR A 43 -1.21 -16.93 -11.43
CA THR A 43 -1.62 -15.63 -12.03
C THR A 43 -1.00 -14.43 -11.28
N ASN A 44 -1.11 -14.41 -9.94
CA ASN A 44 -0.38 -13.51 -9.02
C ASN A 44 -0.61 -11.99 -9.27
N GLN A 45 -1.79 -11.61 -9.78
CA GLN A 45 -2.13 -10.23 -10.18
C GLN A 45 -2.31 -9.23 -9.01
N ILE A 46 -2.56 -9.72 -7.78
CA ILE A 46 -2.65 -8.92 -6.54
C ILE A 46 -1.29 -8.34 -6.10
N ILE A 47 -1.30 -7.40 -5.15
CA ILE A 47 -0.08 -6.71 -4.65
C ILE A 47 0.92 -7.67 -3.98
N ALA A 48 2.19 -7.25 -3.92
CA ALA A 48 3.30 -8.02 -3.33
C ALA A 48 3.09 -8.36 -1.85
N GLY A 49 2.54 -7.44 -1.06
CA GLY A 49 2.21 -7.65 0.37
C GLY A 49 1.18 -8.78 0.58
N LEU A 50 0.10 -8.77 -0.20
CA LEU A 50 -0.98 -9.76 -0.17
C LEU A 50 -0.51 -11.13 -0.70
N GLU A 51 0.38 -11.15 -1.70
CA GLU A 51 1.05 -12.35 -2.20
C GLU A 51 1.81 -13.14 -1.11
N LYS A 52 2.42 -12.45 -0.13
CA LYS A 52 3.10 -13.07 1.03
C LYS A 52 2.14 -13.52 2.15
N ALA A 53 0.82 -13.38 1.95
CA ALA A 53 -0.22 -13.85 2.88
C ALA A 53 -1.18 -14.86 2.23
N VAL A 54 -1.49 -14.76 0.93
CA VAL A 54 -2.45 -15.64 0.23
C VAL A 54 -2.09 -17.14 0.28
N LEU A 55 -0.80 -17.48 0.39
CA LEU A 55 -0.32 -18.87 0.59
C LEU A 55 -0.60 -19.44 2.00
N LYS A 56 -0.79 -18.58 3.00
CA LYS A 56 -1.17 -18.92 4.40
C LYS A 56 -2.68 -18.83 4.62
N ALA A 57 -3.37 -17.97 3.86
CA ALA A 57 -4.78 -17.61 3.99
C ALA A 57 -5.72 -18.83 3.98
N GLN A 58 -6.46 -19.03 5.08
CA GLN A 58 -7.39 -20.16 5.23
C GLN A 58 -8.72 -19.89 4.50
N ILE A 59 -9.34 -20.93 3.95
CA ILE A 59 -10.69 -20.89 3.37
C ILE A 59 -11.73 -20.52 4.43
N GLY A 60 -12.62 -19.57 4.13
CA GLY A 60 -13.77 -19.21 4.97
C GLY A 60 -13.45 -18.33 6.19
N GLU A 61 -12.22 -17.85 6.34
CA GLU A 61 -11.74 -17.00 7.46
C GLU A 61 -11.27 -15.62 6.95
N TRP A 62 -11.97 -14.55 7.32
CA TRP A 62 -11.49 -13.17 7.12
C TRP A 62 -10.19 -12.90 7.89
N GLU A 63 -9.27 -12.16 7.27
CA GLU A 63 -8.02 -11.71 7.90
C GLU A 63 -7.62 -10.29 7.46
N GLU A 64 -6.74 -9.65 8.23
CA GLU A 64 -6.28 -8.26 8.05
C GLU A 64 -4.75 -8.21 8.09
N VAL A 65 -4.14 -7.89 6.96
CA VAL A 65 -2.68 -7.80 6.77
C VAL A 65 -2.29 -6.35 6.44
N VAL A 66 -1.73 -5.65 7.42
CA VAL A 66 -1.29 -4.25 7.29
C VAL A 66 0.00 -4.18 6.46
N ILE A 67 -0.05 -3.47 5.33
CA ILE A 67 1.03 -3.35 4.36
C ILE A 67 1.70 -1.96 4.47
N ALA A 68 3.03 -1.92 4.30
CA ALA A 68 3.83 -0.70 4.33
C ALA A 68 3.52 0.24 3.15
N PRO A 69 3.80 1.56 3.27
CA PRO A 69 3.60 2.54 2.18
C PRO A 69 4.46 2.30 0.92
N GLU A 70 5.47 1.42 0.98
CA GLU A 70 6.33 1.04 -0.15
C GLU A 70 6.04 -0.38 -0.70
N GLU A 71 5.21 -1.18 -0.03
CA GLU A 71 4.89 -2.58 -0.39
C GLU A 71 3.46 -2.75 -0.93
N ALA A 72 2.58 -1.78 -0.66
CA ALA A 72 1.25 -1.63 -1.24
C ALA A 72 1.30 -0.94 -2.63
N TYR A 73 0.14 -0.52 -3.17
CA TYR A 73 0.05 0.33 -4.36
C TYR A 73 0.82 1.67 -4.25
N GLY A 74 1.09 2.14 -3.03
CA GLY A 74 2.02 3.24 -2.72
C GLY A 74 1.41 4.63 -2.89
N VAL A 75 0.51 5.02 -1.98
CA VAL A 75 -0.19 6.32 -1.98
C VAL A 75 0.67 7.47 -1.41
N TYR A 76 1.77 7.80 -2.09
CA TYR A 76 2.59 8.99 -1.80
C TYR A 76 1.87 10.31 -2.16
N GLU A 77 2.43 11.45 -1.72
CA GLU A 77 1.88 12.79 -1.91
C GLU A 77 2.95 13.84 -2.27
N SER A 78 2.55 14.91 -2.96
CA SER A 78 3.45 15.93 -3.52
C SER A 78 3.85 17.04 -2.52
N SER A 79 3.27 17.06 -1.33
CA SER A 79 3.53 18.06 -0.26
C SER A 79 3.24 17.49 1.14
N TYR A 80 4.23 17.52 2.03
CA TYR A 80 4.12 17.09 3.43
C TYR A 80 5.09 17.85 4.36
N LEU A 81 4.82 17.90 5.67
CA LEU A 81 5.70 18.51 6.68
C LEU A 81 6.87 17.56 7.01
N GLN A 82 8.08 17.91 6.54
CA GLN A 82 9.34 17.24 6.89
C GLN A 82 9.92 17.83 8.19
N GLU A 83 10.31 16.96 9.12
CA GLU A 83 11.04 17.29 10.36
C GLU A 83 12.55 17.37 10.08
N VAL A 84 13.08 18.59 9.94
CA VAL A 84 14.52 18.86 9.68
C VAL A 84 15.21 19.23 11.01
N PRO A 85 16.43 18.72 11.31
CA PRO A 85 17.15 19.05 12.54
C PRO A 85 17.72 20.48 12.52
N ARG A 86 17.98 21.04 13.71
CA ARG A 86 18.62 22.37 13.88
C ARG A 86 20.13 22.30 13.60
N ASP A 87 20.48 22.17 12.32
CA ASP A 87 21.84 22.17 11.78
C ASP A 87 21.97 23.10 10.56
N GLN A 88 21.06 22.97 9.57
CA GLN A 88 20.97 23.87 8.41
C GLN A 88 20.58 25.32 8.75
N PHE A 89 20.10 25.58 9.97
CA PHE A 89 19.41 26.81 10.38
C PHE A 89 19.94 27.45 11.67
N GLU A 90 21.16 27.10 12.10
CA GLU A 90 21.80 27.64 13.32
C GLU A 90 22.21 29.12 13.23
N GLY A 91 22.45 29.65 12.03
CA GLY A 91 22.99 31.00 11.79
C GLY A 91 21.99 32.02 11.22
N ILE A 92 20.70 31.67 11.17
CA ILE A 92 19.61 32.46 10.54
C ILE A 92 18.39 32.52 11.45
N GLU A 93 17.87 33.73 11.67
CA GLU A 93 16.66 34.04 12.44
C GLU A 93 15.36 33.74 11.65
N LEU A 94 15.21 32.48 11.23
CA LEU A 94 14.02 31.97 10.51
C LEU A 94 12.72 32.08 11.34
N GLU A 95 11.57 32.10 10.66
CA GLU A 95 10.25 32.28 11.30
C GLU A 95 9.11 31.64 10.49
N LYS A 96 8.00 31.29 11.15
CA LYS A 96 6.76 30.77 10.53
C LYS A 96 6.18 31.80 9.54
N GLY A 97 6.18 31.47 8.25
CA GLY A 97 5.56 32.29 7.18
C GLY A 97 6.52 32.94 6.17
N MET A 98 7.83 32.69 6.21
CA MET A 98 8.79 33.12 5.18
C MET A 98 9.19 31.99 4.21
N SER A 99 9.58 32.38 3.00
CA SER A 99 10.15 31.51 1.95
C SER A 99 11.58 31.07 2.30
N VAL A 100 11.71 29.88 2.90
CA VAL A 100 12.98 29.23 3.23
C VAL A 100 13.56 28.48 2.02
N PHE A 101 14.87 28.26 2.02
CA PHE A 101 15.63 27.52 1.01
C PHE A 101 16.37 26.34 1.65
N GLY A 102 16.46 25.22 0.94
CA GLY A 102 17.02 23.95 1.43
C GLY A 102 17.98 23.32 0.43
N GLN A 103 19.29 23.51 0.61
CA GLN A 103 20.32 22.93 -0.24
C GLN A 103 20.36 21.39 -0.11
N THR A 104 20.62 20.69 -1.21
CA THR A 104 20.75 19.22 -1.28
C THR A 104 22.10 18.81 -1.87
N GLU A 105 22.58 17.61 -1.53
CA GLU A 105 23.89 17.07 -1.92
C GLU A 105 24.03 16.86 -3.44
N ASP A 106 22.91 16.78 -4.17
CA ASP A 106 22.80 16.74 -5.64
C ASP A 106 23.12 18.09 -6.33
N ASN A 107 23.82 19.00 -5.65
CA ASN A 107 24.18 20.36 -6.09
C ASN A 107 22.96 21.19 -6.56
N GLN A 108 21.89 21.18 -5.76
CA GLN A 108 20.62 21.89 -5.99
C GLN A 108 20.05 22.50 -4.69
N THR A 109 18.99 23.31 -4.81
CA THR A 109 18.34 24.02 -3.68
C THR A 109 16.82 24.07 -3.87
N ILE A 110 16.05 23.48 -2.96
CA ILE A 110 14.58 23.59 -2.92
C ILE A 110 14.13 24.95 -2.36
N GLN A 111 12.88 25.34 -2.62
CA GLN A 111 12.23 26.53 -2.07
C GLN A 111 10.81 26.21 -1.55
N ALA A 112 10.52 26.60 -0.30
CA ALA A 112 9.26 26.29 0.41
C ALA A 112 8.96 27.31 1.53
N ILE A 113 7.89 27.09 2.31
CA ILE A 113 7.46 27.96 3.43
C ILE A 113 7.54 27.19 4.76
N ILE A 114 8.07 27.83 5.81
CA ILE A 114 8.16 27.29 7.18
C ILE A 114 6.76 27.13 7.82
N LYS A 115 6.50 25.98 8.43
CA LYS A 115 5.20 25.61 9.03
C LYS A 115 5.23 25.60 10.57
N ASP A 116 6.32 25.15 11.18
CA ASP A 116 6.61 25.34 12.61
C ASP A 116 8.13 25.38 12.88
N PHE A 117 8.57 25.98 13.98
CA PHE A 117 10.00 26.02 14.37
C PHE A 117 10.21 26.01 15.90
N SER A 118 11.27 25.33 16.32
CA SER A 118 11.76 25.24 17.71
C SER A 118 13.30 25.27 17.73
N ALA A 119 13.90 25.43 18.92
CA ALA A 119 15.35 25.35 19.10
C ALA A 119 15.91 23.93 18.84
N THR A 120 15.09 22.88 19.02
CA THR A 120 15.41 21.46 18.81
C THR A 120 15.34 21.03 17.34
N HIS A 121 14.16 21.17 16.72
CA HIS A 121 13.83 20.79 15.33
C HIS A 121 12.93 21.83 14.65
N VAL A 122 12.74 21.72 13.33
CA VAL A 122 11.95 22.64 12.49
C VAL A 122 11.13 21.89 11.43
N MET A 123 9.85 22.24 11.31
CA MET A 123 8.86 21.62 10.42
C MET A 123 8.63 22.48 9.18
N VAL A 124 9.00 21.95 8.01
CA VAL A 124 8.98 22.64 6.71
C VAL A 124 8.26 21.80 5.66
N ASP A 125 7.42 22.44 4.84
CA ASP A 125 6.69 21.77 3.76
C ASP A 125 7.63 21.36 2.61
N TYR A 126 7.82 20.05 2.43
CA TYR A 126 8.75 19.42 1.48
C TYR A 126 8.01 18.45 0.53
N ASN A 127 8.74 17.96 -0.47
CA ASN A 127 8.27 16.97 -1.46
C ASN A 127 9.32 15.85 -1.61
N HIS A 128 8.89 14.59 -1.48
CA HIS A 128 9.71 13.39 -1.69
C HIS A 128 8.84 12.24 -2.23
N PRO A 129 9.36 11.37 -3.14
CA PRO A 129 8.61 10.24 -3.68
C PRO A 129 8.39 9.09 -2.66
N LEU A 130 9.11 9.12 -1.53
CA LEU A 130 9.09 8.10 -0.47
C LEU A 130 8.01 8.37 0.61
N ALA A 131 7.06 9.26 0.34
CA ALA A 131 5.95 9.62 1.23
C ALA A 131 4.81 8.57 1.25
N GLY A 132 3.77 8.82 2.08
CA GLY A 132 2.62 7.93 2.29
C GLY A 132 2.56 7.33 3.72
N LYS A 133 1.55 6.49 3.98
CA LYS A 133 1.30 5.83 5.28
C LYS A 133 0.86 4.36 5.13
N THR A 134 0.83 3.63 6.25
CA THR A 134 0.42 2.21 6.32
C THR A 134 -1.07 1.99 5.96
N LEU A 135 -1.37 0.85 5.34
CA LEU A 135 -2.65 0.50 4.73
C LEU A 135 -3.14 -0.89 5.17
N ALA A 136 -4.41 -1.00 5.59
CA ALA A 136 -5.02 -2.27 6.01
C ALA A 136 -5.68 -3.00 4.82
N PHE A 137 -4.98 -3.98 4.24
CA PHE A 137 -5.57 -4.95 3.30
C PHE A 137 -6.30 -6.07 4.07
N ARG A 138 -7.63 -5.99 4.10
CA ARG A 138 -8.56 -6.98 4.65
C ARG A 138 -9.03 -7.91 3.53
N PHE A 139 -8.85 -9.22 3.66
CA PHE A 139 -9.16 -10.18 2.59
C PHE A 139 -9.61 -11.56 3.10
N LYS A 140 -10.10 -12.42 2.18
CA LYS A 140 -10.47 -13.83 2.42
C LYS A 140 -10.37 -14.67 1.16
N VAL A 141 -10.03 -15.95 1.31
CA VAL A 141 -10.21 -17.02 0.31
C VAL A 141 -11.64 -17.55 0.41
N LEU A 142 -12.51 -17.24 -0.56
CA LEU A 142 -13.87 -17.77 -0.60
C LEU A 142 -13.88 -19.30 -0.82
N GLY A 143 -12.98 -19.77 -1.68
CA GLY A 143 -12.76 -21.19 -1.99
C GLY A 143 -12.56 -21.47 -3.47
N PHE A 144 -12.38 -22.74 -3.80
CA PHE A 144 -12.20 -23.23 -5.16
C PHE A 144 -13.53 -23.74 -5.74
N ARG A 145 -13.74 -23.60 -7.05
CA ARG A 145 -14.89 -24.17 -7.80
C ARG A 145 -14.46 -24.96 -9.03
N GLU A 146 -15.19 -26.03 -9.32
CA GLU A 146 -14.97 -26.92 -10.46
C GLU A 146 -15.81 -26.47 -11.67
N VAL A 147 -15.20 -25.64 -12.53
CA VAL A 147 -15.81 -25.21 -13.82
C VAL A 147 -16.03 -26.41 -14.76
N SER A 148 -16.97 -26.27 -15.70
CA SER A 148 -17.20 -27.26 -16.77
C SER A 148 -16.06 -27.25 -17.81
N GLU A 149 -15.93 -28.36 -18.56
CA GLU A 149 -14.91 -28.57 -19.61
C GLU A 149 -15.55 -28.96 -20.96
N GLU A 150 -16.80 -28.54 -21.19
CA GLU A 150 -17.65 -28.88 -22.36
C GLU A 150 -17.98 -30.39 -22.49
N GLU A 151 -17.93 -31.13 -21.36
CA GLU A 151 -18.26 -32.56 -21.25
C GLU A 151 -19.67 -32.93 -21.73
N MET A 1 4.01 -41.76 3.51
CA MET A 1 4.92 -41.29 4.59
C MET A 1 5.88 -40.18 4.09
N GLN A 2 5.37 -39.16 3.40
CA GLN A 2 6.14 -38.06 2.78
C GLN A 2 5.37 -36.73 2.92
N ASN A 3 6.08 -35.61 2.74
CA ASN A 3 5.53 -34.24 2.79
C ASN A 3 5.05 -33.68 1.43
N HIS A 4 5.22 -34.44 0.34
CA HIS A 4 4.80 -34.09 -1.02
C HIS A 4 3.27 -34.21 -1.25
N ASP A 5 2.81 -33.81 -2.43
CA ASP A 5 1.41 -33.90 -2.91
C ASP A 5 1.30 -34.46 -4.33
N LEU A 6 0.07 -34.72 -4.80
CA LEU A 6 -0.24 -35.32 -6.11
C LEU A 6 -1.47 -34.64 -6.76
N GLU A 7 -1.56 -33.31 -6.71
CA GLU A 7 -2.71 -32.50 -7.17
C GLU A 7 -2.32 -31.36 -8.13
N SER A 8 -1.75 -31.72 -9.28
CA SER A 8 -1.38 -30.81 -10.38
C SER A 8 -2.58 -30.17 -11.13
N ILE A 9 -3.81 -30.62 -10.84
CA ILE A 9 -5.07 -30.19 -11.46
C ILE A 9 -5.37 -28.71 -11.13
N LYS A 10 -5.50 -27.87 -12.15
CA LYS A 10 -5.86 -26.44 -12.00
C LYS A 10 -7.34 -26.24 -11.64
N GLN A 11 -7.64 -25.14 -10.96
CA GLN A 11 -8.98 -24.72 -10.51
C GLN A 11 -9.07 -23.19 -10.38
N ALA A 12 -10.28 -22.63 -10.49
CA ALA A 12 -10.54 -21.20 -10.30
C ALA A 12 -10.63 -20.85 -8.81
N ALA A 13 -9.57 -20.24 -8.29
CA ALA A 13 -9.53 -19.60 -6.97
C ALA A 13 -10.34 -18.30 -6.97
N LEU A 14 -11.36 -18.19 -6.12
CA LEU A 14 -12.14 -16.97 -5.87
C LEU A 14 -11.69 -16.32 -4.55
N ILE A 15 -11.30 -15.05 -4.62
CA ILE A 15 -10.95 -14.22 -3.45
C ILE A 15 -11.64 -12.85 -3.48
N GLU A 16 -11.65 -12.18 -2.32
CA GLU A 16 -12.27 -10.87 -2.07
C GLU A 16 -11.33 -10.00 -1.24
N TYR A 17 -11.20 -8.70 -1.54
CA TYR A 17 -10.36 -7.74 -0.82
C TYR A 17 -10.99 -6.34 -0.65
N GLU A 18 -10.59 -5.65 0.42
CA GLU A 18 -11.08 -4.35 0.87
C GLU A 18 -9.94 -3.55 1.54
N VAL A 19 -9.62 -2.37 1.01
CA VAL A 19 -8.52 -1.50 1.45
C VAL A 19 -9.04 -0.37 2.33
N ARG A 20 -8.71 -0.43 3.63
CA ARG A 20 -9.08 0.55 4.67
C ARG A 20 -7.83 1.27 5.19
N GLU A 21 -7.95 2.55 5.53
CA GLU A 21 -6.87 3.30 6.19
C GLU A 21 -6.69 2.79 7.63
N GLN A 22 -5.52 2.24 7.96
CA GLN A 22 -5.20 1.73 9.30
C GLN A 22 -5.25 2.87 10.34
N GLY A 23 -6.31 2.88 11.15
CA GLY A 23 -6.64 3.92 12.13
C GLY A 23 -7.91 4.73 11.84
N SER A 24 -8.64 4.45 10.75
CA SER A 24 -9.88 5.13 10.35
C SER A 24 -10.97 4.17 9.84
N SER A 25 -12.21 4.67 9.74
CA SER A 25 -13.42 3.94 9.34
C SER A 25 -13.70 3.94 7.83
N ILE A 26 -13.02 4.79 7.05
CA ILE A 26 -13.23 4.98 5.61
C ILE A 26 -12.87 3.75 4.76
N VAL A 27 -13.08 3.84 3.44
CA VAL A 27 -12.59 2.86 2.44
C VAL A 27 -11.94 3.60 1.26
N LEU A 28 -10.89 3.01 0.67
CA LEU A 28 -10.16 3.57 -0.47
C LEU A 28 -10.48 2.82 -1.78
N ASP A 29 -10.31 1.48 -1.76
CA ASP A 29 -10.57 0.59 -2.90
C ASP A 29 -11.08 -0.76 -2.40
N SER A 30 -11.90 -1.47 -3.18
CA SER A 30 -12.35 -2.84 -2.89
C SER A 30 -12.93 -3.52 -4.13
N ASN A 31 -13.18 -4.83 -4.04
CA ASN A 31 -14.01 -5.57 -4.99
C ASN A 31 -15.19 -6.31 -4.33
N ILE A 32 -15.23 -6.43 -3.00
CA ILE A 32 -16.27 -7.17 -2.25
C ILE A 32 -17.68 -6.57 -2.46
N SER A 33 -17.75 -5.24 -2.55
CA SER A 33 -18.99 -4.50 -2.86
C SER A 33 -19.42 -4.60 -4.34
N LYS A 34 -18.60 -5.24 -5.19
CA LYS A 34 -18.73 -5.30 -6.66
C LYS A 34 -18.94 -6.75 -7.13
N GLU A 35 -17.86 -7.51 -7.38
CA GLU A 35 -17.83 -8.95 -7.68
C GLU A 35 -16.48 -9.58 -7.27
N PRO A 36 -16.43 -10.91 -6.97
CA PRO A 36 -15.19 -11.60 -6.59
C PRO A 36 -14.16 -11.66 -7.72
N LEU A 37 -12.89 -11.70 -7.34
CA LEU A 37 -11.73 -11.87 -8.23
C LEU A 37 -11.46 -13.36 -8.45
N GLU A 38 -11.44 -13.82 -9.70
CA GLU A 38 -11.14 -15.20 -10.09
C GLU A 38 -9.75 -15.31 -10.75
N PHE A 39 -8.96 -16.31 -10.36
CA PHE A 39 -7.64 -16.61 -10.94
C PHE A 39 -7.28 -18.11 -10.88
N ILE A 40 -6.18 -18.50 -11.52
CA ILE A 40 -5.60 -19.86 -11.48
C ILE A 40 -4.33 -19.83 -10.61
N ILE A 41 -4.00 -20.97 -9.96
CA ILE A 41 -2.80 -21.12 -9.12
C ILE A 41 -1.53 -20.74 -9.89
N GLY A 42 -0.91 -19.61 -9.54
CA GLY A 42 0.35 -19.11 -10.13
C GLY A 42 0.22 -17.93 -11.12
N THR A 43 -0.82 -17.09 -11.00
CA THR A 43 -1.06 -15.93 -11.91
C THR A 43 -0.56 -14.58 -11.36
N ASN A 44 -0.41 -14.42 -10.03
CA ASN A 44 0.05 -13.20 -9.33
C ASN A 44 -0.59 -11.88 -9.82
N GLN A 45 -1.91 -11.89 -10.04
CA GLN A 45 -2.74 -10.75 -10.44
C GLN A 45 -2.96 -9.72 -9.32
N ILE A 46 -2.99 -10.16 -8.05
CA ILE A 46 -2.98 -9.29 -6.86
C ILE A 46 -1.61 -8.65 -6.63
N ILE A 47 -1.54 -7.64 -5.76
CA ILE A 47 -0.27 -7.03 -5.33
C ILE A 47 0.61 -8.06 -4.59
N ALA A 48 1.94 -7.95 -4.74
CA ALA A 48 2.91 -8.89 -4.18
C ALA A 48 2.82 -9.01 -2.64
N GLY A 49 2.56 -7.91 -1.94
CA GLY A 49 2.36 -7.88 -0.49
C GLY A 49 1.19 -8.75 0.00
N LEU A 50 0.15 -8.91 -0.83
CA LEU A 50 -1.02 -9.76 -0.56
C LEU A 50 -0.78 -11.23 -0.96
N GLU A 51 0.05 -11.49 -1.98
CA GLU A 51 0.47 -12.86 -2.34
C GLU A 51 1.21 -13.56 -1.17
N LYS A 52 2.05 -12.82 -0.42
CA LYS A 52 2.71 -13.30 0.81
C LYS A 52 1.75 -13.56 1.99
N ALA A 53 0.44 -13.34 1.82
CA ALA A 53 -0.61 -13.64 2.79
C ALA A 53 -1.60 -14.73 2.30
N VAL A 54 -2.02 -14.71 1.03
CA VAL A 54 -3.02 -15.64 0.48
C VAL A 54 -2.62 -17.12 0.59
N LEU A 55 -1.31 -17.42 0.57
CA LEU A 55 -0.77 -18.78 0.77
C LEU A 55 -0.94 -19.34 2.20
N LYS A 56 -1.35 -18.53 3.18
CA LYS A 56 -1.55 -18.89 4.60
C LYS A 56 -2.99 -18.71 5.11
N ALA A 57 -3.83 -17.92 4.42
CA ALA A 57 -5.25 -17.78 4.75
C ALA A 57 -6.07 -19.04 4.40
N GLN A 58 -7.04 -19.38 5.25
CA GLN A 58 -7.96 -20.52 5.05
C GLN A 58 -9.23 -20.10 4.29
N ILE A 59 -9.91 -21.07 3.68
CA ILE A 59 -11.24 -20.90 3.08
C ILE A 59 -12.27 -20.44 4.14
N GLY A 60 -13.01 -19.38 3.82
CA GLY A 60 -14.09 -18.83 4.66
C GLY A 60 -13.61 -18.01 5.87
N GLU A 61 -12.31 -17.77 6.04
CA GLU A 61 -11.72 -17.04 7.17
C GLU A 61 -11.23 -15.64 6.74
N TRP A 62 -11.90 -14.60 7.24
CA TRP A 62 -11.44 -13.21 7.10
C TRP A 62 -10.02 -13.01 7.65
N GLU A 63 -9.21 -12.22 6.95
CA GLU A 63 -7.84 -11.86 7.31
C GLU A 63 -7.61 -10.37 7.06
N GLU A 64 -6.74 -9.74 7.86
CA GLU A 64 -6.37 -8.32 7.74
C GLU A 64 -4.86 -8.14 7.84
N VAL A 65 -4.21 -7.90 6.71
CA VAL A 65 -2.76 -7.70 6.58
C VAL A 65 -2.45 -6.25 6.23
N VAL A 66 -1.70 -5.57 7.10
CA VAL A 66 -1.26 -4.19 6.88
C VAL A 66 -0.09 -4.18 5.89
N ILE A 67 -0.25 -3.46 4.77
CA ILE A 67 0.69 -3.41 3.64
C ILE A 67 1.19 -1.95 3.45
N ALA A 68 2.46 -1.79 3.07
CA ALA A 68 3.09 -0.51 2.77
C ALA A 68 2.48 0.19 1.54
N PRO A 69 2.49 1.53 1.46
CA PRO A 69 1.93 2.27 0.32
C PRO A 69 2.69 1.99 -0.98
N GLU A 70 4.02 1.78 -0.90
CA GLU A 70 4.86 1.43 -2.06
C GLU A 70 4.52 0.05 -2.65
N GLU A 71 4.08 -0.90 -1.82
CA GLU A 71 3.66 -2.26 -2.22
C GLU A 71 2.21 -2.31 -2.77
N ALA A 72 1.39 -1.29 -2.49
CA ALA A 72 -0.02 -1.22 -2.90
C ALA A 72 -0.25 -0.28 -4.10
N TYR A 73 0.40 0.89 -4.13
CA TYR A 73 0.18 1.98 -5.10
C TYR A 73 1.47 2.60 -5.67
N GLY A 74 2.58 2.58 -4.93
CA GLY A 74 3.81 3.29 -5.31
C GLY A 74 3.82 4.74 -4.80
N VAL A 75 4.40 5.65 -5.59
CA VAL A 75 4.52 7.11 -5.35
C VAL A 75 3.19 7.78 -5.00
N TYR A 76 2.94 7.95 -3.69
CA TYR A 76 1.73 8.59 -3.14
C TYR A 76 1.71 10.12 -3.38
N GLU A 77 0.55 10.78 -3.25
CA GLU A 77 0.42 12.23 -3.41
C GLU A 77 1.23 13.07 -2.39
N SER A 78 1.58 12.47 -1.25
CA SER A 78 2.43 13.04 -0.19
C SER A 78 3.93 13.07 -0.53
N SER A 79 4.33 12.59 -1.71
CA SER A 79 5.72 12.57 -2.19
C SER A 79 6.25 13.99 -2.50
N TYR A 80 7.46 14.06 -3.05
CA TYR A 80 8.17 15.29 -3.45
C TYR A 80 8.63 16.14 -2.26
N LEU A 81 8.63 15.57 -1.04
CA LEU A 81 9.25 16.05 0.20
C LEU A 81 9.71 14.87 1.04
N GLN A 82 10.82 15.03 1.78
CA GLN A 82 11.30 14.09 2.79
C GLN A 82 11.95 14.85 3.96
N GLU A 83 11.39 14.72 5.16
CA GLU A 83 11.98 15.22 6.41
C GLU A 83 13.20 14.37 6.83
N VAL A 84 14.37 14.99 6.89
CA VAL A 84 15.67 14.42 7.28
C VAL A 84 16.34 15.24 8.40
N PRO A 85 17.27 14.67 9.17
CA PRO A 85 18.06 15.43 10.14
C PRO A 85 19.04 16.39 9.44
N ARG A 86 19.33 17.53 10.07
CA ARG A 86 20.33 18.51 9.56
C ARG A 86 21.75 17.92 9.48
N ASP A 87 22.02 16.85 10.23
CA ASP A 87 23.28 16.09 10.20
C ASP A 87 23.71 15.65 8.80
N GLN A 88 22.77 15.38 7.89
CA GLN A 88 23.03 15.02 6.49
C GLN A 88 23.67 16.18 5.67
N PHE A 89 23.59 17.41 6.17
CA PHE A 89 24.05 18.66 5.54
C PHE A 89 24.94 19.50 6.47
N GLU A 90 25.50 18.90 7.52
CA GLU A 90 26.36 19.56 8.52
C GLU A 90 27.54 20.32 7.87
N GLY A 91 27.49 21.66 7.90
CA GLY A 91 28.48 22.58 7.32
C GLY A 91 28.04 23.31 6.04
N ILE A 92 26.86 23.01 5.49
CA ILE A 92 26.32 23.58 4.24
C ILE A 92 25.27 24.67 4.56
N GLU A 93 25.39 25.84 3.94
CA GLU A 93 24.38 26.92 3.98
C GLU A 93 23.14 26.57 3.13
N LEU A 94 22.16 25.91 3.74
CA LEU A 94 20.86 25.61 3.12
C LEU A 94 20.00 26.88 2.93
N GLU A 95 19.03 26.85 2.01
CA GLU A 95 18.09 27.95 1.74
C GLU A 95 16.78 27.42 1.12
N LYS A 96 15.63 28.05 1.42
CA LYS A 96 14.32 27.69 0.83
C LYS A 96 14.22 28.16 -0.63
N GLY A 97 14.75 27.35 -1.55
CA GLY A 97 14.80 27.62 -2.99
C GLY A 97 16.21 27.62 -3.58
N MET A 98 17.02 26.61 -3.23
CA MET A 98 18.35 26.35 -3.79
C MET A 98 18.49 24.90 -4.27
N SER A 99 19.29 24.70 -5.31
CA SER A 99 19.62 23.39 -5.90
C SER A 99 20.64 22.63 -5.04
N VAL A 100 20.18 21.57 -4.37
CA VAL A 100 20.98 20.65 -3.53
C VAL A 100 21.12 19.29 -4.21
N PHE A 101 22.16 18.54 -3.86
CA PHE A 101 22.45 17.20 -4.38
C PHE A 101 22.50 16.16 -3.25
N GLY A 102 22.23 14.89 -3.56
CA GLY A 102 22.11 13.80 -2.58
C GLY A 102 22.67 12.46 -3.08
N GLN A 103 23.83 12.05 -2.56
CA GLN A 103 24.52 10.82 -2.95
C GLN A 103 23.84 9.57 -2.37
N THR A 104 23.28 8.72 -3.24
CA THR A 104 22.69 7.41 -2.87
C THR A 104 23.76 6.30 -2.83
N GLU A 105 23.45 5.20 -2.12
CA GLU A 105 24.28 3.98 -2.03
C GLU A 105 24.44 3.26 -3.39
N ASP A 106 23.58 3.55 -4.37
CA ASP A 106 23.66 3.07 -5.76
C ASP A 106 24.84 3.69 -6.57
N ASN A 107 25.77 4.38 -5.90
CA ASN A 107 26.90 5.12 -6.47
C ASN A 107 26.46 6.15 -7.53
N GLN A 108 25.43 6.92 -7.18
CA GLN A 108 24.84 8.02 -7.96
C GLN A 108 24.43 9.19 -7.05
N THR A 109 24.06 10.33 -7.64
CA THR A 109 23.74 11.57 -6.92
C THR A 109 22.54 12.27 -7.57
N ILE A 110 21.36 12.26 -6.92
CA ILE A 110 20.17 12.98 -7.41
C ILE A 110 20.32 14.50 -7.23
N GLN A 111 19.46 15.29 -7.89
CA GLN A 111 19.43 16.76 -7.81
C GLN A 111 18.01 17.26 -7.50
N ALA A 112 17.86 18.16 -6.52
CA ALA A 112 16.58 18.58 -5.96
C ALA A 112 16.59 20.03 -5.42
N ILE A 113 15.45 20.51 -4.92
CA ILE A 113 15.26 21.82 -4.28
C ILE A 113 14.87 21.63 -2.81
N ILE A 114 15.49 22.41 -1.92
CA ILE A 114 15.15 22.45 -0.48
C ILE A 114 13.86 23.25 -0.27
N LYS A 115 12.84 22.60 0.32
CA LYS A 115 11.52 23.21 0.62
C LYS A 115 11.49 23.90 1.98
N ASP A 116 12.15 23.34 2.99
CA ASP A 116 12.32 23.94 4.32
C ASP A 116 13.66 23.53 4.97
N PHE A 117 14.22 24.36 5.86
CA PHE A 117 15.43 24.03 6.63
C PHE A 117 15.40 24.66 8.04
N SER A 118 15.92 23.92 9.02
CA SER A 118 16.18 24.34 10.41
C SER A 118 17.31 23.49 11.02
N ALA A 119 17.82 23.88 12.19
CA ALA A 119 18.87 23.14 12.91
C ALA A 119 18.41 21.76 13.42
N THR A 120 17.11 21.59 13.71
CA THR A 120 16.48 20.35 14.15
C THR A 120 16.21 19.39 12.99
N HIS A 121 15.40 19.82 12.01
CA HIS A 121 15.00 19.06 10.82
C HIS A 121 15.10 19.90 9.53
N VAL A 122 15.22 19.22 8.39
CA VAL A 122 15.28 19.77 7.04
C VAL A 122 14.29 19.01 6.15
N MET A 123 13.61 19.68 5.23
CA MET A 123 12.65 19.10 4.28
C MET A 123 13.08 19.40 2.85
N VAL A 124 13.73 18.42 2.21
CA VAL A 124 14.20 18.50 0.82
C VAL A 124 13.21 17.77 -0.10
N ASP A 125 13.07 18.23 -1.35
CA ASP A 125 12.29 17.55 -2.37
C ASP A 125 12.89 16.16 -2.71
N TYR A 126 12.18 15.09 -2.32
CA TYR A 126 12.49 13.71 -2.70
C TYR A 126 11.20 13.03 -3.20
N ASN A 127 11.20 12.59 -4.46
CA ASN A 127 10.15 11.78 -5.11
C ASN A 127 10.10 10.31 -4.59
N HIS A 128 10.33 10.11 -3.29
CA HIS A 128 10.46 8.79 -2.66
C HIS A 128 9.13 7.99 -2.69
N PRO A 129 9.17 6.66 -2.92
CA PRO A 129 7.95 5.86 -3.03
C PRO A 129 7.24 5.61 -1.69
N LEU A 130 7.95 5.58 -0.56
CA LEU A 130 7.40 5.46 0.80
C LEU A 130 6.84 6.81 1.32
N ALA A 131 6.07 7.49 0.47
CA ALA A 131 5.51 8.82 0.72
C ALA A 131 4.28 8.82 1.66
N GLY A 132 3.38 7.86 1.49
CA GLY A 132 2.17 7.68 2.30
C GLY A 132 2.44 6.96 3.63
N LYS A 133 1.36 6.48 4.28
CA LYS A 133 1.40 5.54 5.42
C LYS A 133 0.86 4.16 5.04
N THR A 134 1.08 3.18 5.91
CA THR A 134 0.57 1.81 5.83
C THR A 134 -0.96 1.74 5.79
N LEU A 135 -1.50 0.74 5.08
CA LEU A 135 -2.94 0.55 4.83
C LEU A 135 -3.37 -0.89 5.18
N ALA A 136 -4.55 -1.04 5.77
CA ALA A 136 -5.15 -2.32 6.13
C ALA A 136 -5.81 -2.98 4.90
N PHE A 137 -5.06 -3.86 4.23
CA PHE A 137 -5.58 -4.78 3.21
C PHE A 137 -6.33 -5.94 3.88
N ARG A 138 -7.64 -5.80 4.06
CA ARG A 138 -8.52 -6.92 4.44
C ARG A 138 -8.76 -7.82 3.22
N PHE A 139 -8.76 -9.14 3.41
CA PHE A 139 -9.13 -10.09 2.37
C PHE A 139 -9.74 -11.39 2.94
N LYS A 140 -10.29 -12.23 2.06
CA LYS A 140 -10.75 -13.60 2.37
C LYS A 140 -10.63 -14.53 1.16
N VAL A 141 -10.32 -15.81 1.41
CA VAL A 141 -10.41 -16.89 0.42
C VAL A 141 -11.83 -17.44 0.41
N LEU A 142 -12.63 -17.10 -0.60
CA LEU A 142 -14.02 -17.54 -0.75
C LEU A 142 -14.13 -19.01 -1.17
N GLY A 143 -13.09 -19.54 -1.83
CA GLY A 143 -12.95 -20.96 -2.17
C GLY A 143 -12.37 -21.21 -3.56
N PHE A 144 -12.47 -22.46 -4.00
CA PHE A 144 -12.04 -22.92 -5.33
C PHE A 144 -13.19 -23.63 -6.06
N ARG A 145 -13.27 -23.49 -7.38
CA ARG A 145 -14.27 -24.19 -8.23
C ARG A 145 -13.67 -24.80 -9.50
N GLU A 146 -14.29 -25.87 -9.98
CA GLU A 146 -13.96 -26.53 -11.25
C GLU A 146 -14.57 -25.77 -12.43
N VAL A 147 -13.71 -25.12 -13.23
CA VAL A 147 -14.11 -24.49 -14.51
C VAL A 147 -14.53 -25.55 -15.55
N SER A 148 -15.39 -25.16 -16.49
CA SER A 148 -15.65 -25.91 -17.73
C SER A 148 -14.53 -25.70 -18.77
N GLU A 149 -14.56 -26.48 -19.84
CA GLU A 149 -13.65 -26.39 -21.00
C GLU A 149 -14.38 -26.28 -22.36
N GLU A 150 -15.71 -26.11 -22.32
CA GLU A 150 -16.59 -26.06 -23.49
C GLU A 150 -16.40 -24.79 -24.34
N GLU A 151 -16.43 -23.61 -23.71
CA GLU A 151 -16.24 -22.27 -24.31
C GLU A 151 -15.43 -21.33 -23.39
N MET A 1 9.04 -16.72 -6.73
CA MET A 1 8.94 -17.75 -7.80
C MET A 1 8.50 -19.08 -7.20
N GLN A 2 7.95 -19.98 -8.02
CA GLN A 2 7.58 -21.35 -7.65
C GLN A 2 8.14 -22.39 -8.65
N ASN A 3 8.10 -23.67 -8.25
CA ASN A 3 8.35 -24.83 -9.11
C ASN A 3 7.27 -25.01 -10.20
N HIS A 4 7.51 -25.96 -11.12
CA HIS A 4 6.54 -26.43 -12.11
C HIS A 4 6.30 -27.95 -11.99
N ASP A 5 5.13 -28.41 -12.41
CA ASP A 5 4.72 -29.82 -12.48
C ASP A 5 3.62 -30.01 -13.56
N LEU A 6 3.26 -31.25 -13.88
CA LEU A 6 2.24 -31.62 -14.86
C LEU A 6 0.81 -31.27 -14.39
N GLU A 7 0.28 -30.13 -14.84
CA GLU A 7 -1.06 -29.62 -14.51
C GLU A 7 -2.02 -29.81 -15.71
N SER A 8 -2.58 -31.01 -15.86
CA SER A 8 -3.58 -31.34 -16.89
C SER A 8 -4.94 -30.67 -16.63
N ILE A 9 -5.42 -30.74 -15.39
CA ILE A 9 -6.67 -30.15 -14.89
C ILE A 9 -6.35 -29.06 -13.86
N LYS A 10 -7.10 -27.95 -13.89
CA LYS A 10 -7.00 -26.81 -12.97
C LYS A 10 -8.38 -26.39 -12.44
N GLN A 11 -8.40 -25.46 -11.48
CA GLN A 11 -9.60 -24.96 -10.81
C GLN A 11 -9.61 -23.43 -10.76
N ALA A 12 -10.80 -22.84 -10.88
CA ALA A 12 -11.03 -21.41 -10.74
C ALA A 12 -11.01 -21.04 -9.25
N ALA A 13 -9.94 -20.41 -8.78
CA ALA A 13 -9.85 -19.79 -7.46
C ALA A 13 -10.54 -18.41 -7.47
N LEU A 14 -11.24 -18.07 -6.38
CA LEU A 14 -11.93 -16.79 -6.17
C LEU A 14 -11.54 -16.19 -4.81
N ILE A 15 -11.22 -14.89 -4.81
CA ILE A 15 -10.95 -14.09 -3.60
C ILE A 15 -11.67 -12.73 -3.66
N GLU A 16 -11.78 -12.07 -2.51
CA GLU A 16 -12.40 -10.73 -2.36
C GLU A 16 -11.55 -9.88 -1.41
N TYR A 17 -11.31 -8.61 -1.75
CA TYR A 17 -10.53 -7.65 -0.94
C TYR A 17 -11.18 -6.26 -0.79
N GLU A 18 -10.75 -5.55 0.24
CA GLU A 18 -11.12 -4.21 0.66
C GLU A 18 -9.85 -3.48 1.15
N VAL A 19 -9.49 -2.35 0.53
CA VAL A 19 -8.39 -1.49 0.97
C VAL A 19 -8.93 -0.28 1.73
N ARG A 20 -8.76 -0.33 3.05
CA ARG A 20 -9.21 0.65 4.04
C ARG A 20 -8.00 1.25 4.78
N GLU A 21 -8.13 2.47 5.28
CA GLU A 21 -7.06 3.08 6.07
C GLU A 21 -6.93 2.39 7.44
N GLN A 22 -5.72 2.29 8.00
CA GLN A 22 -5.51 1.71 9.34
C GLN A 22 -6.04 2.62 10.46
N GLY A 23 -5.99 3.95 10.30
CA GLY A 23 -6.42 4.94 11.30
C GLY A 23 -7.89 5.36 11.20
N SER A 24 -8.45 5.45 9.98
CA SER A 24 -9.80 5.92 9.70
C SER A 24 -10.69 4.84 9.07
N SER A 25 -12.00 4.91 9.30
CA SER A 25 -13.00 3.95 8.80
C SER A 25 -13.28 4.05 7.29
N ILE A 26 -12.75 5.08 6.60
CA ILE A 26 -12.93 5.30 5.16
C ILE A 26 -12.35 4.15 4.32
N VAL A 27 -12.93 3.93 3.14
CA VAL A 27 -12.53 2.90 2.16
C VAL A 27 -11.98 3.56 0.90
N LEU A 28 -10.78 3.18 0.49
CA LEU A 28 -10.10 3.74 -0.69
C LEU A 28 -10.56 3.03 -1.97
N ASP A 29 -10.66 1.70 -1.92
CA ASP A 29 -11.24 0.84 -2.97
C ASP A 29 -11.69 -0.51 -2.38
N SER A 30 -12.51 -1.27 -3.10
CA SER A 30 -13.06 -2.57 -2.67
C SER A 30 -13.72 -3.32 -3.84
N ASN A 31 -13.69 -4.67 -3.79
CA ASN A 31 -14.45 -5.53 -4.70
C ASN A 31 -15.40 -6.54 -4.00
N ILE A 32 -15.53 -6.50 -2.66
CA ILE A 32 -16.33 -7.46 -1.86
C ILE A 32 -17.74 -7.66 -2.45
N SER A 33 -18.56 -6.60 -2.47
CA SER A 33 -19.95 -6.64 -2.97
C SER A 33 -20.04 -6.57 -4.51
N LYS A 34 -19.02 -6.02 -5.18
CA LYS A 34 -18.96 -5.75 -6.62
C LYS A 34 -18.88 -7.04 -7.45
N GLU A 35 -17.74 -7.72 -7.42
CA GLU A 35 -17.48 -9.03 -8.04
C GLU A 35 -16.19 -9.66 -7.50
N PRO A 36 -16.13 -10.98 -7.25
CA PRO A 36 -14.91 -11.65 -6.80
C PRO A 36 -13.82 -11.69 -7.89
N LEU A 37 -12.56 -11.74 -7.46
CA LEU A 37 -11.37 -11.87 -8.30
C LEU A 37 -11.12 -13.34 -8.65
N GLU A 38 -11.56 -13.76 -9.84
CA GLU A 38 -11.27 -15.06 -10.44
C GLU A 38 -9.82 -15.17 -10.96
N PHE A 39 -9.10 -16.23 -10.58
CA PHE A 39 -7.80 -16.61 -11.16
C PHE A 39 -7.56 -18.14 -11.15
N ILE A 40 -6.44 -18.59 -11.72
CA ILE A 40 -5.96 -19.98 -11.70
C ILE A 40 -4.69 -20.08 -10.85
N ILE A 41 -4.61 -21.09 -9.97
CA ILE A 41 -3.46 -21.36 -9.08
C ILE A 41 -2.14 -21.36 -9.87
N GLY A 42 -1.25 -20.41 -9.54
CA GLY A 42 -0.03 -20.10 -10.29
C GLY A 42 -0.24 -18.94 -11.26
N THR A 43 -0.37 -17.72 -10.73
CA THR A 43 -0.57 -16.47 -11.51
C THR A 43 0.32 -15.31 -11.02
N ASN A 44 0.44 -15.11 -9.71
CA ASN A 44 1.23 -14.06 -9.04
C ASN A 44 0.92 -12.60 -9.51
N GLN A 45 -0.27 -12.36 -10.10
CA GLN A 45 -0.71 -11.05 -10.60
C GLN A 45 -1.01 -10.02 -9.50
N ILE A 46 -1.35 -10.47 -8.28
CA ILE A 46 -1.64 -9.62 -7.11
C ILE A 46 -0.36 -8.96 -6.54
N ILE A 47 -0.54 -7.95 -5.68
CA ILE A 47 0.55 -7.25 -4.98
C ILE A 47 1.38 -8.22 -4.11
N ALA A 48 2.70 -8.02 -4.05
CA ALA A 48 3.62 -8.94 -3.36
C ALA A 48 3.31 -9.08 -1.84
N GLY A 49 2.92 -8.00 -1.17
CA GLY A 49 2.51 -8.03 0.24
C GLY A 49 1.28 -8.92 0.52
N LEU A 50 0.38 -9.08 -0.47
CA LEU A 50 -0.77 -9.98 -0.43
C LEU A 50 -0.39 -11.40 -0.90
N GLU A 51 0.50 -11.55 -1.89
CA GLU A 51 1.08 -12.83 -2.31
C GLU A 51 1.70 -13.60 -1.12
N LYS A 52 2.48 -12.89 -0.28
CA LYS A 52 3.07 -13.42 0.96
C LYS A 52 2.07 -13.51 2.14
N ALA A 53 0.76 -13.39 1.90
CA ALA A 53 -0.31 -13.55 2.88
C ALA A 53 -1.36 -14.60 2.48
N VAL A 54 -1.75 -14.69 1.20
CA VAL A 54 -2.76 -15.67 0.71
C VAL A 54 -2.40 -17.12 1.02
N LEU A 55 -1.11 -17.47 1.11
CA LEU A 55 -0.62 -18.81 1.46
C LEU A 55 -0.92 -19.25 2.91
N LYS A 56 -1.31 -18.32 3.80
CA LYS A 56 -1.69 -18.59 5.21
C LYS A 56 -3.13 -18.21 5.55
N ALA A 57 -3.85 -17.52 4.65
CA ALA A 57 -5.26 -17.15 4.80
C ALA A 57 -6.18 -18.38 4.67
N GLN A 58 -6.87 -18.75 5.76
CA GLN A 58 -7.81 -19.90 5.79
C GLN A 58 -9.00 -19.68 4.84
N ILE A 59 -9.48 -20.78 4.23
CA ILE A 59 -10.62 -20.76 3.31
C ILE A 59 -11.91 -20.34 4.05
N GLY A 60 -12.68 -19.43 3.47
CA GLY A 60 -13.93 -18.91 4.04
C GLY A 60 -13.78 -18.06 5.31
N GLU A 61 -12.55 -17.67 5.70
CA GLU A 61 -12.25 -16.87 6.90
C GLU A 61 -11.58 -15.55 6.52
N TRP A 62 -12.12 -14.44 7.04
CA TRP A 62 -11.57 -13.10 6.87
C TRP A 62 -10.12 -12.99 7.40
N GLU A 63 -9.29 -12.25 6.67
CA GLU A 63 -7.87 -12.02 6.95
C GLU A 63 -7.56 -10.52 6.78
N GLU A 64 -6.70 -9.96 7.65
CA GLU A 64 -6.45 -8.52 7.73
C GLU A 64 -4.94 -8.25 7.84
N VAL A 65 -4.34 -7.75 6.76
CA VAL A 65 -2.89 -7.49 6.64
C VAL A 65 -2.60 -6.00 6.42
N VAL A 66 -1.96 -5.37 7.40
CA VAL A 66 -1.46 -3.99 7.32
C VAL A 66 -0.20 -3.95 6.47
N ILE A 67 -0.19 -3.15 5.41
CA ILE A 67 0.93 -2.99 4.48
C ILE A 67 1.27 -1.49 4.31
N ALA A 68 2.56 -1.17 4.34
CA ALA A 68 3.12 0.17 4.12
C ALA A 68 2.91 0.66 2.66
N PRO A 69 3.02 1.97 2.38
CA PRO A 69 2.79 2.59 1.06
C PRO A 69 3.93 2.33 0.05
N GLU A 70 4.46 1.11 0.00
CA GLU A 70 5.60 0.66 -0.81
C GLU A 70 5.29 -0.60 -1.64
N GLU A 71 4.49 -1.53 -1.12
CA GLU A 71 4.03 -2.74 -1.85
C GLU A 71 2.52 -2.72 -2.16
N ALA A 72 1.73 -1.85 -1.51
CA ALA A 72 0.27 -1.83 -1.56
C ALA A 72 -0.25 -0.42 -1.93
N TYR A 73 -0.61 -0.23 -3.20
CA TYR A 73 -0.80 1.09 -3.85
C TYR A 73 0.29 2.11 -3.47
N GLY A 74 1.55 1.65 -3.57
CA GLY A 74 2.76 2.40 -3.25
C GLY A 74 3.27 3.29 -4.38
N VAL A 75 4.55 3.68 -4.31
CA VAL A 75 5.23 4.60 -5.26
C VAL A 75 4.56 5.99 -5.24
N TYR A 76 4.09 6.41 -4.05
CA TYR A 76 3.35 7.66 -3.81
C TYR A 76 4.20 8.91 -4.08
N GLU A 77 3.58 10.02 -4.50
CA GLU A 77 4.25 11.27 -4.88
C GLU A 77 3.61 12.54 -4.26
N SER A 78 4.31 13.13 -3.28
CA SER A 78 3.99 14.44 -2.65
C SER A 78 4.75 15.61 -3.30
N SER A 79 5.23 15.45 -4.54
CA SER A 79 5.96 16.44 -5.35
C SER A 79 7.22 17.00 -4.68
N TYR A 80 8.20 16.14 -4.40
CA TYR A 80 9.53 16.50 -3.91
C TYR A 80 10.50 16.86 -5.05
N LEU A 81 11.73 17.26 -4.71
CA LEU A 81 12.85 17.49 -5.64
C LEU A 81 14.20 17.10 -5.02
N GLN A 82 15.25 17.01 -5.84
CA GLN A 82 16.62 16.73 -5.42
C GLN A 82 17.64 17.50 -6.29
N GLU A 83 18.59 18.18 -5.66
CA GLU A 83 19.77 18.77 -6.32
C GLU A 83 20.73 17.67 -6.80
N VAL A 84 21.11 17.73 -8.08
CA VAL A 84 21.99 16.77 -8.77
C VAL A 84 22.96 17.52 -9.71
N PRO A 85 24.25 17.16 -9.77
CA PRO A 85 25.23 17.84 -10.63
C PRO A 85 25.06 17.51 -12.12
N ARG A 86 25.82 18.21 -12.97
CA ARG A 86 25.96 17.98 -14.43
C ARG A 86 26.72 16.67 -14.73
N ASP A 87 26.06 15.54 -14.45
CA ASP A 87 26.56 14.18 -14.64
C ASP A 87 25.54 13.33 -15.42
N GLN A 88 24.35 13.11 -14.83
CA GLN A 88 23.23 12.38 -15.45
C GLN A 88 22.65 13.09 -16.68
N PHE A 89 22.96 14.39 -16.87
CA PHE A 89 22.39 15.28 -17.89
C PHE A 89 23.46 16.07 -18.66
N GLU A 90 24.74 15.70 -18.57
CA GLU A 90 25.85 16.44 -19.21
C GLU A 90 25.71 16.54 -20.75
N GLY A 91 25.04 15.57 -21.38
CA GLY A 91 24.72 15.54 -22.82
C GLY A 91 23.25 15.89 -23.15
N ILE A 92 22.47 16.43 -22.21
CA ILE A 92 21.02 16.64 -22.31
C ILE A 92 20.66 18.09 -21.93
N GLU A 93 20.14 18.87 -22.89
CA GLU A 93 19.64 20.23 -22.65
C GLU A 93 18.34 20.22 -21.83
N LEU A 94 18.41 20.65 -20.56
CA LEU A 94 17.27 20.80 -19.65
C LEU A 94 16.83 22.27 -19.51
N GLU A 95 15.57 22.48 -19.13
CA GLU A 95 14.94 23.79 -18.91
C GLU A 95 13.74 23.64 -17.97
N LYS A 96 13.45 24.64 -17.11
CA LYS A 96 12.25 24.66 -16.25
C LYS A 96 10.96 24.45 -17.06
N GLY A 97 10.13 23.49 -16.63
CA GLY A 97 8.84 23.17 -17.25
C GLY A 97 8.95 22.30 -18.52
N MET A 98 9.58 21.13 -18.38
CA MET A 98 9.56 20.02 -19.35
C MET A 98 9.28 18.68 -18.64
N SER A 99 9.07 17.60 -19.40
CA SER A 99 9.01 16.23 -18.88
C SER A 99 10.34 15.49 -19.16
N VAL A 100 11.18 15.34 -18.13
CA VAL A 100 12.42 14.56 -18.16
C VAL A 100 12.17 13.12 -17.67
N PHE A 101 12.98 12.16 -18.11
CA PHE A 101 12.85 10.74 -17.76
C PHE A 101 14.10 10.21 -17.04
N GLY A 102 13.94 9.15 -16.21
CA GLY A 102 14.99 8.58 -15.37
C GLY A 102 14.93 7.06 -15.33
N GLN A 103 15.76 6.38 -16.14
CA GLN A 103 15.85 4.92 -16.14
C GLN A 103 16.41 4.39 -14.80
N THR A 104 15.89 3.25 -14.33
CA THR A 104 16.31 2.55 -13.10
C THR A 104 16.67 1.09 -13.38
N GLU A 105 17.48 0.51 -12.49
CA GLU A 105 18.03 -0.86 -12.57
C GLU A 105 16.94 -1.95 -12.49
N ASP A 106 15.73 -1.61 -12.05
CA ASP A 106 14.52 -2.45 -12.01
C ASP A 106 13.85 -2.65 -13.39
N ASN A 107 14.54 -2.33 -14.50
CA ASN A 107 14.06 -2.35 -15.89
C ASN A 107 12.80 -1.47 -16.11
N GLN A 108 12.79 -0.29 -15.47
CA GLN A 108 11.72 0.73 -15.54
C GLN A 108 12.31 2.14 -15.75
N THR A 109 11.46 3.13 -15.99
CA THR A 109 11.82 4.53 -16.24
C THR A 109 10.81 5.48 -15.58
N ILE A 110 11.25 6.27 -14.58
CA ILE A 110 10.40 7.32 -13.97
C ILE A 110 10.22 8.51 -14.92
N GLN A 111 9.24 9.37 -14.64
CA GLN A 111 8.97 10.62 -15.37
C GLN A 111 8.74 11.78 -14.39
N ALA A 112 9.38 12.92 -14.65
CA ALA A 112 9.54 14.04 -13.73
C ALA A 112 9.60 15.40 -14.45
N ILE A 113 9.65 16.50 -13.68
CA ILE A 113 9.71 17.88 -14.17
C ILE A 113 10.96 18.59 -13.63
N ILE A 114 11.59 19.44 -14.44
CA ILE A 114 12.71 20.32 -14.04
C ILE A 114 12.17 21.49 -13.21
N LYS A 115 12.54 21.54 -11.92
CA LYS A 115 12.08 22.55 -10.95
C LYS A 115 13.01 23.76 -10.84
N ASP A 116 14.31 23.58 -11.06
CA ASP A 116 15.31 24.64 -11.27
C ASP A 116 16.51 24.10 -12.07
N PHE A 117 17.26 24.96 -12.77
CA PHE A 117 18.47 24.57 -13.51
C PHE A 117 19.55 25.67 -13.55
N SER A 118 20.82 25.25 -13.58
CA SER A 118 22.01 26.10 -13.71
C SER A 118 23.17 25.30 -14.35
N ALA A 119 24.27 25.99 -14.69
CA ALA A 119 25.50 25.37 -15.20
C ALA A 119 26.31 24.62 -14.10
N THR A 120 26.10 24.94 -12.82
CA THR A 120 26.73 24.29 -11.66
C THR A 120 25.99 23.00 -11.26
N HIS A 121 24.73 23.13 -10.85
CA HIS A 121 23.81 22.05 -10.47
C HIS A 121 22.41 22.26 -11.09
N VAL A 122 21.58 21.22 -11.07
CA VAL A 122 20.18 21.22 -11.54
C VAL A 122 19.29 20.52 -10.49
N MET A 123 17.99 20.86 -10.44
CA MET A 123 17.03 20.37 -9.45
C MET A 123 15.81 19.75 -10.14
N VAL A 124 15.77 18.43 -10.15
CA VAL A 124 14.72 17.62 -10.79
C VAL A 124 13.69 17.16 -9.75
N ASP A 125 12.41 17.14 -10.12
CA ASP A 125 11.31 16.59 -9.31
C ASP A 125 11.50 15.08 -9.06
N TYR A 126 11.19 14.61 -7.85
CA TYR A 126 11.22 13.20 -7.48
C TYR A 126 10.08 12.83 -6.51
N ASN A 127 9.96 11.54 -6.22
CA ASN A 127 9.01 10.96 -5.28
C ASN A 127 9.72 10.17 -4.16
N HIS A 128 8.97 9.65 -3.19
CA HIS A 128 9.48 8.89 -2.04
C HIS A 128 8.48 7.79 -1.63
N PRO A 129 8.91 6.54 -1.38
CA PRO A 129 7.99 5.46 -1.03
C PRO A 129 7.29 5.70 0.32
N LEU A 130 7.98 6.31 1.28
CA LEU A 130 7.44 6.68 2.60
C LEU A 130 6.52 7.93 2.62
N ALA A 131 6.20 8.52 1.47
CA ALA A 131 5.37 9.73 1.36
C ALA A 131 3.88 9.51 1.74
N GLY A 132 3.35 8.29 1.58
CA GLY A 132 1.99 7.89 1.97
C GLY A 132 1.87 7.48 3.44
N LYS A 133 0.81 6.74 3.78
CA LYS A 133 0.61 6.08 5.09
C LYS A 133 0.17 4.61 4.96
N THR A 134 0.25 3.85 6.05
CA THR A 134 -0.11 2.42 6.13
C THR A 134 -1.60 2.17 5.86
N LEU A 135 -1.89 1.09 5.12
CA LEU A 135 -3.25 0.69 4.75
C LEU A 135 -3.53 -0.76 5.20
N ALA A 136 -4.79 -1.03 5.54
CA ALA A 136 -5.33 -2.32 5.97
C ALA A 136 -6.01 -3.03 4.78
N PHE A 137 -5.33 -4.02 4.19
CA PHE A 137 -5.92 -4.95 3.23
C PHE A 137 -6.72 -6.04 3.97
N ARG A 138 -8.02 -5.81 4.11
CA ARG A 138 -9.01 -6.77 4.61
C ARG A 138 -9.50 -7.63 3.45
N PHE A 139 -9.19 -8.92 3.44
CA PHE A 139 -9.53 -9.84 2.35
C PHE A 139 -10.06 -11.19 2.85
N LYS A 140 -10.58 -12.01 1.94
CA LYS A 140 -11.05 -13.37 2.21
C LYS A 140 -10.83 -14.28 1.00
N VAL A 141 -10.36 -15.50 1.26
CA VAL A 141 -10.23 -16.56 0.24
C VAL A 141 -11.56 -17.32 0.17
N LEU A 142 -12.43 -16.92 -0.76
CA LEU A 142 -13.79 -17.47 -0.93
C LEU A 142 -13.80 -18.97 -1.27
N GLY A 143 -12.73 -19.44 -1.93
CA GLY A 143 -12.50 -20.83 -2.29
C GLY A 143 -12.19 -21.02 -3.77
N PHE A 144 -11.92 -22.25 -4.18
CA PHE A 144 -11.83 -22.65 -5.58
C PHE A 144 -12.97 -23.60 -5.98
N ARG A 145 -13.29 -23.63 -7.28
CA ARG A 145 -14.32 -24.46 -7.89
C ARG A 145 -13.82 -25.13 -9.17
N GLU A 146 -14.03 -26.44 -9.27
CA GLU A 146 -13.81 -27.20 -10.50
C GLU A 146 -14.92 -26.88 -11.52
N VAL A 147 -14.54 -26.31 -12.66
CA VAL A 147 -15.43 -26.03 -13.80
C VAL A 147 -15.11 -26.95 -14.99
N SER A 148 -15.96 -26.94 -16.02
CA SER A 148 -15.75 -27.68 -17.27
C SER A 148 -15.95 -26.81 -18.52
N GLU A 149 -15.33 -27.24 -19.62
CA GLU A 149 -15.32 -26.54 -20.92
C GLU A 149 -15.59 -27.48 -22.11
N GLU A 150 -15.99 -28.73 -21.83
CA GLU A 150 -16.30 -29.77 -22.82
C GLU A 150 -17.64 -29.53 -23.55
N GLU A 151 -18.69 -29.15 -22.81
CA GLU A 151 -20.06 -28.90 -23.31
C GLU A 151 -20.24 -27.53 -23.98
N MET A 1 2.29 -41.05 5.58
CA MET A 1 1.21 -41.76 6.32
C MET A 1 -0.14 -41.61 5.60
N GLN A 2 -0.68 -40.39 5.50
CA GLN A 2 -1.92 -40.08 4.77
C GLN A 2 -1.79 -40.38 3.26
N ASN A 3 -2.93 -40.61 2.60
CA ASN A 3 -3.04 -40.77 1.14
C ASN A 3 -3.14 -39.42 0.39
N HIS A 4 -3.15 -39.46 -0.96
CA HIS A 4 -3.40 -38.33 -1.84
C HIS A 4 -4.43 -38.69 -2.94
N ASP A 5 -5.29 -37.73 -3.29
CA ASP A 5 -6.26 -37.83 -4.40
C ASP A 5 -5.65 -37.43 -5.76
N LEU A 6 -6.37 -37.70 -6.86
CA LEU A 6 -6.09 -37.16 -8.19
C LEU A 6 -6.47 -35.67 -8.26
N GLU A 7 -5.47 -34.79 -8.40
CA GLU A 7 -5.61 -33.32 -8.41
C GLU A 7 -4.91 -32.64 -9.62
N SER A 8 -4.78 -33.38 -10.73
CA SER A 8 -4.14 -32.92 -11.98
C SER A 8 -4.89 -31.78 -12.70
N ILE A 9 -6.23 -31.77 -12.65
CA ILE A 9 -7.11 -30.80 -13.32
C ILE A 9 -7.07 -29.44 -12.59
N LYS A 10 -6.90 -28.34 -13.34
CA LYS A 10 -6.92 -26.95 -12.83
C LYS A 10 -8.26 -26.54 -12.18
N GLN A 11 -8.25 -25.52 -11.33
CA GLN A 11 -9.45 -24.87 -10.76
C GLN A 11 -9.31 -23.33 -10.78
N ALA A 12 -10.43 -22.61 -10.76
CA ALA A 12 -10.47 -21.18 -10.46
C ALA A 12 -10.53 -20.96 -8.94
N ALA A 13 -9.50 -20.36 -8.38
CA ALA A 13 -9.51 -19.73 -7.06
C ALA A 13 -10.30 -18.42 -7.11
N LEU A 14 -11.43 -18.36 -6.41
CA LEU A 14 -12.25 -17.15 -6.22
C LEU A 14 -11.83 -16.45 -4.91
N ILE A 15 -11.37 -15.20 -4.98
CA ILE A 15 -11.00 -14.39 -3.81
C ILE A 15 -11.61 -12.97 -3.89
N GLU A 16 -11.64 -12.27 -2.76
CA GLU A 16 -12.18 -10.92 -2.61
C GLU A 16 -11.34 -10.11 -1.61
N TYR A 17 -11.10 -8.81 -1.89
CA TYR A 17 -10.28 -7.91 -1.08
C TYR A 17 -10.89 -6.50 -0.89
N GLU A 18 -10.45 -5.81 0.16
CA GLU A 18 -10.89 -4.48 0.59
C GLU A 18 -9.70 -3.68 1.17
N VAL A 19 -9.23 -2.67 0.42
CA VAL A 19 -8.13 -1.78 0.84
C VAL A 19 -8.66 -0.59 1.64
N ARG A 20 -8.23 -0.49 2.90
CA ARG A 20 -8.69 0.49 3.89
C ARG A 20 -7.50 1.15 4.59
N GLU A 21 -7.69 2.35 5.14
CA GLU A 21 -6.69 2.97 6.02
C GLU A 21 -6.71 2.30 7.42
N GLN A 22 -5.54 2.21 8.06
CA GLN A 22 -5.41 1.82 9.47
C GLN A 22 -5.97 2.91 10.39
N GLY A 23 -6.76 2.52 11.39
CA GLY A 23 -7.36 3.42 12.40
C GLY A 23 -8.56 4.22 11.89
N SER A 24 -8.39 5.00 10.81
CA SER A 24 -9.45 5.80 10.19
C SER A 24 -10.58 4.92 9.61
N SER A 25 -11.81 5.45 9.63
CA SER A 25 -13.02 4.76 9.15
C SER A 25 -13.25 4.86 7.63
N ILE A 26 -12.47 5.67 6.91
CA ILE A 26 -12.56 5.80 5.44
C ILE A 26 -12.13 4.51 4.73
N VAL A 27 -12.52 4.36 3.45
CA VAL A 27 -12.20 3.21 2.60
C VAL A 27 -11.65 3.70 1.26
N LEU A 28 -10.44 3.24 0.87
CA LEU A 28 -9.82 3.61 -0.40
C LEU A 28 -10.53 2.96 -1.60
N ASP A 29 -10.70 1.63 -1.58
CA ASP A 29 -11.37 0.85 -2.64
C ASP A 29 -11.87 -0.51 -2.11
N SER A 30 -12.80 -1.15 -2.81
CA SER A 30 -13.45 -2.40 -2.42
C SER A 30 -13.97 -3.20 -3.62
N ASN A 31 -13.65 -4.51 -3.70
CA ASN A 31 -14.27 -5.45 -4.65
C ASN A 31 -15.23 -6.47 -4.00
N ILE A 32 -15.39 -6.44 -2.67
CA ILE A 32 -16.28 -7.33 -1.88
C ILE A 32 -17.72 -7.32 -2.43
N SER A 33 -18.31 -6.13 -2.60
CA SER A 33 -19.67 -5.95 -3.14
C SER A 33 -19.76 -5.99 -4.67
N LYS A 34 -18.62 -6.05 -5.37
CA LYS A 34 -18.49 -6.19 -6.83
C LYS A 34 -18.37 -7.67 -7.22
N GLU A 35 -18.09 -7.95 -8.49
CA GLU A 35 -17.73 -9.29 -8.97
C GLU A 35 -16.40 -9.77 -8.33
N PRO A 36 -16.29 -11.05 -7.90
CA PRO A 36 -15.07 -11.58 -7.26
C PRO A 36 -13.89 -11.70 -8.24
N LEU A 37 -12.68 -11.85 -7.69
CA LEU A 37 -11.43 -11.96 -8.45
C LEU A 37 -11.08 -13.45 -8.70
N GLU A 38 -11.18 -13.87 -9.96
CA GLU A 38 -10.84 -15.22 -10.44
C GLU A 38 -9.37 -15.31 -10.85
N PHE A 39 -8.64 -16.33 -10.38
CA PHE A 39 -7.34 -16.75 -10.91
C PHE A 39 -7.18 -18.28 -10.90
N ILE A 40 -6.31 -18.85 -11.74
CA ILE A 40 -5.98 -20.29 -11.72
C ILE A 40 -4.81 -20.55 -10.76
N ILE A 41 -4.76 -21.72 -10.12
CA ILE A 41 -3.68 -22.16 -9.22
C ILE A 41 -2.29 -21.92 -9.85
N GLY A 42 -1.57 -20.89 -9.38
CA GLY A 42 -0.23 -20.50 -9.87
C GLY A 42 -0.18 -19.35 -10.89
N THR A 43 -1.29 -18.60 -11.12
CA THR A 43 -1.33 -17.46 -12.07
C THR A 43 -0.53 -16.23 -11.60
N ASN A 44 -0.49 -15.98 -10.28
CA ASN A 44 0.21 -14.87 -9.63
C ASN A 44 -0.18 -13.45 -10.11
N GLN A 45 -1.48 -13.22 -10.39
CA GLN A 45 -1.99 -11.93 -10.92
C GLN A 45 -2.19 -10.80 -9.88
N ILE A 46 -2.36 -11.13 -8.58
CA ILE A 46 -2.52 -10.14 -7.50
C ILE A 46 -1.22 -9.41 -7.15
N ILE A 47 -1.30 -8.33 -6.35
CA ILE A 47 -0.15 -7.60 -5.82
C ILE A 47 0.76 -8.52 -4.97
N ALA A 48 2.07 -8.42 -5.15
CA ALA A 48 3.04 -9.23 -4.41
C ALA A 48 2.99 -8.99 -2.89
N GLY A 49 2.61 -7.77 -2.48
CA GLY A 49 2.36 -7.37 -1.09
C GLY A 49 1.18 -8.07 -0.42
N LEU A 50 0.30 -8.74 -1.17
CA LEU A 50 -0.83 -9.56 -0.69
C LEU A 50 -0.53 -11.06 -0.84
N GLU A 51 0.14 -11.46 -1.93
CA GLU A 51 0.43 -12.86 -2.24
C GLU A 51 1.21 -13.61 -1.14
N LYS A 52 2.09 -12.92 -0.40
CA LYS A 52 2.81 -13.48 0.76
C LYS A 52 1.91 -13.96 1.93
N ALA A 53 0.60 -13.77 1.83
CA ALA A 53 -0.41 -14.19 2.80
C ALA A 53 -1.48 -15.14 2.22
N VAL A 54 -1.81 -15.06 0.92
CA VAL A 54 -2.87 -15.93 0.32
C VAL A 54 -2.52 -17.42 0.37
N LEU A 55 -1.22 -17.77 0.44
CA LEU A 55 -0.73 -19.15 0.63
C LEU A 55 -1.07 -19.76 2.00
N LYS A 56 -1.50 -18.95 2.99
CA LYS A 56 -1.94 -19.39 4.34
C LYS A 56 -3.41 -19.11 4.64
N ALA A 57 -4.05 -18.17 3.93
CA ALA A 57 -5.48 -17.86 4.06
C ALA A 57 -6.38 -19.04 3.65
N GLN A 58 -7.08 -19.65 4.61
CA GLN A 58 -8.03 -20.74 4.36
C GLN A 58 -9.33 -20.28 3.67
N ILE A 59 -10.02 -21.24 3.04
CA ILE A 59 -11.38 -21.07 2.49
C ILE A 59 -12.37 -20.61 3.56
N GLY A 60 -13.17 -19.58 3.25
CA GLY A 60 -14.21 -19.02 4.12
C GLY A 60 -13.68 -18.21 5.31
N GLU A 61 -12.37 -17.93 5.38
CA GLU A 61 -11.70 -17.31 6.52
C GLU A 61 -11.23 -15.88 6.19
N TRP A 62 -11.83 -14.88 6.83
CA TRP A 62 -11.38 -13.48 6.76
C TRP A 62 -9.93 -13.33 7.27
N GLU A 63 -9.11 -12.60 6.52
CA GLU A 63 -7.68 -12.39 6.75
C GLU A 63 -7.35 -10.89 6.65
N GLU A 64 -6.96 -10.28 7.77
CA GLU A 64 -6.59 -8.86 7.87
C GLU A 64 -5.07 -8.70 7.92
N VAL A 65 -4.45 -8.51 6.74
CA VAL A 65 -3.03 -8.13 6.63
C VAL A 65 -2.86 -6.62 6.39
N VAL A 66 -1.64 -6.12 6.57
CA VAL A 66 -1.26 -4.72 6.40
C VAL A 66 -0.07 -4.65 5.44
N ILE A 67 -0.18 -3.79 4.42
CA ILE A 67 0.66 -3.75 3.21
C ILE A 67 1.21 -2.33 3.02
N ALA A 68 2.53 -2.20 2.81
CA ALA A 68 3.18 -0.93 2.51
C ALA A 68 2.62 -0.32 1.19
N PRO A 69 2.56 1.03 1.07
CA PRO A 69 1.78 1.68 0.01
C PRO A 69 2.36 1.41 -1.38
N GLU A 70 3.69 1.48 -1.52
CA GLU A 70 4.44 1.14 -2.72
C GLU A 70 4.40 -0.34 -3.11
N GLU A 71 4.10 -1.24 -2.14
CA GLU A 71 3.92 -2.68 -2.36
C GLU A 71 2.51 -3.03 -2.89
N ALA A 72 1.57 -2.07 -2.81
CA ALA A 72 0.23 -2.14 -3.38
C ALA A 72 0.14 -1.38 -4.72
N TYR A 73 0.14 -0.04 -4.67
CA TYR A 73 -0.09 0.84 -5.84
C TYR A 73 0.77 2.12 -5.90
N GLY A 74 1.46 2.49 -4.80
CA GLY A 74 2.29 3.70 -4.72
C GLY A 74 1.48 4.99 -4.51
N VAL A 75 1.05 5.22 -3.27
CA VAL A 75 0.37 6.44 -2.81
C VAL A 75 1.08 7.03 -1.59
N TYR A 76 1.33 8.34 -1.61
CA TYR A 76 1.97 9.09 -0.52
C TYR A 76 1.22 10.40 -0.21
N GLU A 77 1.61 11.09 0.86
CA GLU A 77 1.07 12.39 1.27
C GLU A 77 2.18 13.36 1.73
N SER A 78 1.84 14.64 1.85
CA SER A 78 2.77 15.74 2.15
C SER A 78 2.37 16.55 3.41
N SER A 79 1.38 16.06 4.16
CA SER A 79 0.69 16.72 5.28
C SER A 79 0.74 15.90 6.57
N TYR A 80 1.72 16.19 7.42
CA TYR A 80 2.01 15.56 8.71
C TYR A 80 1.95 16.62 9.83
N LEU A 81 2.16 16.21 11.09
CA LEU A 81 2.25 17.14 12.23
C LEU A 81 3.56 16.91 13.00
N GLN A 82 4.16 17.99 13.52
CA GLN A 82 5.42 17.98 14.26
C GLN A 82 5.26 18.66 15.62
N GLU A 83 5.61 17.96 16.70
CA GLU A 83 5.52 18.46 18.08
C GLU A 83 6.77 19.28 18.45
N VAL A 84 6.80 20.52 17.99
CA VAL A 84 7.88 21.51 18.21
C VAL A 84 7.74 22.12 19.62
N PRO A 85 8.83 22.30 20.40
CA PRO A 85 8.74 22.85 21.77
C PRO A 85 8.39 24.35 21.78
N ARG A 86 7.88 24.85 22.91
CA ARG A 86 7.53 26.29 23.10
C ARG A 86 8.72 27.25 22.94
N ASP A 87 9.96 26.73 23.03
CA ASP A 87 11.21 27.46 22.81
C ASP A 87 11.29 28.15 21.43
N GLN A 88 10.67 27.58 20.39
CA GLN A 88 10.56 28.18 19.05
C GLN A 88 9.45 29.24 18.93
N PHE A 89 8.62 29.41 19.97
CA PHE A 89 7.41 30.23 20.02
C PHE A 89 7.38 31.11 21.29
N GLU A 90 8.50 31.75 21.62
CA GLU A 90 8.66 32.61 22.79
C GLU A 90 8.15 34.04 22.50
N GLY A 91 7.05 34.45 23.15
CA GLY A 91 6.51 35.82 23.08
C GLY A 91 5.74 36.15 21.79
N ILE A 92 4.72 35.32 21.49
CA ILE A 92 3.84 35.37 20.31
C ILE A 92 2.37 35.13 20.68
N GLU A 93 1.47 35.14 19.69
CA GLU A 93 0.04 34.78 19.82
C GLU A 93 -0.37 33.81 18.70
N LEU A 94 -0.21 32.49 18.93
CA LEU A 94 -0.63 31.44 17.99
C LEU A 94 -2.16 31.25 18.00
N GLU A 95 -2.74 30.81 16.88
CA GLU A 95 -4.16 30.48 16.76
C GLU A 95 -4.40 29.36 15.75
N LYS A 96 -5.23 28.38 16.09
CA LYS A 96 -5.62 27.24 15.23
C LYS A 96 -6.37 27.74 13.98
N GLY A 97 -5.66 27.76 12.85
CA GLY A 97 -6.16 28.30 11.56
C GLY A 97 -5.44 29.55 11.04
N MET A 98 -4.21 29.83 11.49
CA MET A 98 -3.35 30.92 10.96
C MET A 98 -2.10 30.38 10.24
N SER A 99 -1.51 31.19 9.34
CA SER A 99 -0.20 30.96 8.71
C SER A 99 0.96 31.40 9.63
N VAL A 100 1.56 30.45 10.36
CA VAL A 100 2.80 30.66 11.13
C VAL A 100 4.04 30.52 10.23
N PHE A 101 5.19 31.03 10.68
CA PHE A 101 6.49 30.90 10.03
C PHE A 101 7.54 30.27 10.97
N GLY A 102 8.54 29.60 10.41
CA GLY A 102 9.57 28.87 11.16
C GLY A 102 10.95 28.94 10.51
N GLN A 103 11.88 29.70 11.10
CA GLN A 103 13.25 29.80 10.60
C GLN A 103 14.00 28.47 10.75
N THR A 104 14.90 28.17 9.81
CA THR A 104 15.78 26.99 9.78
C THR A 104 17.26 27.38 9.65
N GLU A 105 18.15 26.49 10.09
CA GLU A 105 19.62 26.67 10.09
C GLU A 105 20.23 26.82 8.68
N ASP A 106 19.48 26.48 7.62
CA ASP A 106 19.82 26.67 6.20
C ASP A 106 19.68 28.15 5.72
N ASN A 107 19.53 29.10 6.65
CA ASN A 107 19.23 30.52 6.41
C ASN A 107 17.96 30.71 5.55
N GLN A 108 16.89 30.01 5.94
CA GLN A 108 15.56 30.03 5.30
C GLN A 108 14.42 30.01 6.34
N THR A 109 13.17 30.16 5.88
CA THR A 109 11.97 30.24 6.74
C THR A 109 10.78 29.57 6.05
N ILE A 110 10.31 28.42 6.55
CA ILE A 110 9.11 27.75 6.01
C ILE A 110 7.81 28.45 6.45
N GLN A 111 6.69 28.10 5.83
CA GLN A 111 5.33 28.54 6.20
C GLN A 111 4.43 27.33 6.49
N ALA A 112 3.59 27.43 7.53
CA ALA A 112 2.85 26.31 8.11
C ALA A 112 1.54 26.75 8.79
N ILE A 113 0.71 25.81 9.24
CA ILE A 113 -0.58 26.07 9.93
C ILE A 113 -0.59 25.42 11.32
N ILE A 114 -0.92 26.20 12.35
CA ILE A 114 -1.14 25.75 13.74
C ILE A 114 -2.33 24.78 13.81
N LYS A 115 -2.12 23.57 14.36
CA LYS A 115 -3.13 22.51 14.47
C LYS A 115 -3.56 22.24 15.91
N ASP A 116 -2.66 22.34 16.87
CA ASP A 116 -2.97 22.42 18.31
C ASP A 116 -1.83 23.07 19.13
N PHE A 117 -2.08 23.43 20.39
CA PHE A 117 -1.08 23.93 21.32
C PHE A 117 -1.29 23.42 22.75
N SER A 118 -0.19 23.09 23.42
CA SER A 118 -0.10 22.62 24.81
C SER A 118 0.60 23.68 25.69
N ALA A 119 0.64 23.45 27.02
CA ALA A 119 1.30 24.37 27.95
C ALA A 119 2.82 24.53 27.73
N THR A 120 3.47 23.51 27.15
CA THR A 120 4.94 23.40 26.98
C THR A 120 5.41 23.05 25.56
N HIS A 121 4.49 22.73 24.64
CA HIS A 121 4.75 22.29 23.26
C HIS A 121 3.68 22.82 22.30
N VAL A 122 3.94 22.76 20.99
CA VAL A 122 3.02 23.18 19.91
C VAL A 122 3.00 22.11 18.81
N MET A 123 1.84 21.91 18.19
CA MET A 123 1.60 20.96 17.09
C MET A 123 1.19 21.71 15.82
N VAL A 124 2.11 21.74 14.84
CA VAL A 124 1.97 22.47 13.58
C VAL A 124 2.04 21.50 12.39
N ASP A 125 1.33 21.83 11.31
CA ASP A 125 1.36 21.10 10.04
C ASP A 125 2.72 21.23 9.32
N TYR A 126 3.40 20.10 9.07
CA TYR A 126 4.72 20.03 8.42
C TYR A 126 4.76 18.92 7.34
N ASN A 127 5.77 18.95 6.47
CA ASN A 127 6.11 17.85 5.56
C ASN A 127 6.99 16.78 6.26
N HIS A 128 7.22 15.64 5.58
CA HIS A 128 8.13 14.57 6.03
C HIS A 128 8.82 13.90 4.83
N PRO A 129 10.16 13.70 4.84
CA PRO A 129 10.89 13.17 3.69
C PRO A 129 10.62 11.67 3.44
N LEU A 130 10.53 10.87 4.51
CA LEU A 130 10.05 9.48 4.47
C LEU A 130 8.51 9.50 4.45
N ALA A 131 7.93 9.76 3.28
CA ALA A 131 6.50 9.77 3.05
C ALA A 131 5.92 8.35 2.80
N GLY A 132 4.60 8.18 2.93
CA GLY A 132 3.87 6.95 2.64
C GLY A 132 3.55 6.10 3.89
N LYS A 133 2.29 6.17 4.35
CA LYS A 133 1.72 5.34 5.44
C LYS A 133 1.37 3.92 4.98
N THR A 134 1.33 2.96 5.91
CA THR A 134 0.88 1.57 5.68
C THR A 134 -0.65 1.49 5.56
N LEU A 135 -1.18 0.61 4.69
CA LEU A 135 -2.63 0.42 4.47
C LEU A 135 -3.07 -1.02 4.80
N ALA A 136 -4.26 -1.18 5.34
CA ALA A 136 -4.88 -2.49 5.58
C ALA A 136 -5.46 -3.08 4.28
N PHE A 137 -5.36 -4.40 4.12
CA PHE A 137 -6.00 -5.20 3.08
C PHE A 137 -6.76 -6.35 3.74
N ARG A 138 -8.05 -6.13 4.03
CA ARG A 138 -8.99 -7.14 4.55
C ARG A 138 -9.46 -7.99 3.37
N PHE A 139 -9.06 -9.25 3.32
CA PHE A 139 -9.38 -10.17 2.21
C PHE A 139 -9.91 -11.52 2.69
N LYS A 140 -10.49 -12.31 1.78
CA LYS A 140 -10.97 -13.68 2.03
C LYS A 140 -10.88 -14.55 0.77
N VAL A 141 -10.53 -15.82 0.97
CA VAL A 141 -10.61 -16.89 -0.05
C VAL A 141 -12.02 -17.47 -0.05
N LEU A 142 -12.81 -17.16 -1.07
CA LEU A 142 -14.20 -17.59 -1.21
C LEU A 142 -14.30 -19.10 -1.48
N GLY A 143 -13.38 -19.63 -2.29
CA GLY A 143 -13.12 -21.06 -2.48
C GLY A 143 -12.82 -21.49 -3.91
N PHE A 144 -12.18 -22.63 -4.05
CA PHE A 144 -11.70 -23.22 -5.31
C PHE A 144 -12.83 -23.97 -6.04
N ARG A 145 -13.08 -23.62 -7.31
CA ARG A 145 -14.11 -24.22 -8.16
C ARG A 145 -13.63 -24.32 -9.61
N GLU A 146 -13.57 -25.53 -10.16
CA GLU A 146 -13.31 -25.72 -11.60
C GLU A 146 -14.52 -25.30 -12.46
N VAL A 147 -14.25 -24.76 -13.65
CA VAL A 147 -15.26 -24.33 -14.64
C VAL A 147 -14.80 -24.70 -16.07
N SER A 148 -15.76 -25.01 -16.94
CA SER A 148 -15.51 -25.34 -18.35
C SER A 148 -15.08 -24.09 -19.16
N GLU A 149 -13.95 -24.18 -19.85
CA GLU A 149 -13.36 -23.10 -20.67
C GLU A 149 -13.56 -23.29 -22.19
N GLU A 150 -14.26 -24.36 -22.59
CA GLU A 150 -14.58 -24.72 -23.99
C GLU A 150 -15.83 -23.99 -24.54
N GLU A 151 -16.99 -24.18 -23.89
CA GLU A 151 -18.30 -23.61 -24.30
C GLU A 151 -18.41 -22.09 -24.08
N MET A 1 -15.00 -26.81 14.69
CA MET A 1 -13.82 -27.64 14.30
C MET A 1 -13.15 -27.08 13.05
N GLN A 2 -11.91 -27.49 12.78
CA GLN A 2 -11.11 -27.04 11.62
C GLN A 2 -10.52 -28.25 10.88
N ASN A 3 -10.78 -28.33 9.57
CA ASN A 3 -10.29 -29.36 8.64
C ASN A 3 -9.85 -28.74 7.30
N HIS A 4 -9.22 -29.53 6.42
CA HIS A 4 -8.87 -29.15 5.04
C HIS A 4 -8.96 -30.34 4.08
N ASP A 5 -8.82 -30.09 2.77
CA ASP A 5 -8.88 -31.09 1.69
C ASP A 5 -7.62 -31.05 0.79
N LEU A 6 -7.49 -32.02 -0.11
CA LEU A 6 -6.30 -32.25 -0.95
C LEU A 6 -6.67 -32.14 -2.44
N GLU A 7 -6.24 -31.05 -3.08
CA GLU A 7 -6.48 -30.74 -4.50
C GLU A 7 -5.19 -30.28 -5.21
N SER A 8 -4.39 -31.24 -5.69
CA SER A 8 -3.12 -31.00 -6.41
C SER A 8 -3.30 -30.50 -7.86
N ILE A 9 -4.52 -30.57 -8.40
CA ILE A 9 -4.91 -30.15 -9.75
C ILE A 9 -5.09 -28.61 -9.82
N LYS A 10 -5.24 -28.03 -11.02
CA LYS A 10 -5.73 -26.66 -11.23
C LYS A 10 -7.25 -26.54 -10.96
N GLN A 11 -7.65 -25.38 -10.43
CA GLN A 11 -9.04 -24.91 -10.30
C GLN A 11 -9.05 -23.38 -10.13
N ALA A 12 -10.18 -22.73 -10.41
CA ALA A 12 -10.35 -21.29 -10.19
C ALA A 12 -10.49 -20.99 -8.69
N ALA A 13 -9.46 -20.38 -8.10
CA ALA A 13 -9.47 -19.73 -6.80
C ALA A 13 -10.31 -18.45 -6.84
N LEU A 14 -11.35 -18.39 -6.01
CA LEU A 14 -12.28 -17.28 -5.83
C LEU A 14 -11.94 -16.55 -4.51
N ILE A 15 -11.47 -15.30 -4.60
CA ILE A 15 -11.09 -14.47 -3.44
C ILE A 15 -11.76 -13.09 -3.46
N GLU A 16 -11.85 -12.44 -2.31
CA GLU A 16 -12.40 -11.07 -2.14
C GLU A 16 -11.50 -10.23 -1.24
N TYR A 17 -11.12 -9.02 -1.67
CA TYR A 17 -10.29 -8.08 -0.91
C TYR A 17 -10.81 -6.64 -0.96
N GLU A 18 -10.47 -5.84 0.05
CA GLU A 18 -10.67 -4.39 0.12
C GLU A 18 -9.47 -3.69 0.77
N VAL A 19 -9.38 -2.36 0.63
CA VAL A 19 -8.34 -1.52 1.23
C VAL A 19 -8.95 -0.28 1.92
N ARG A 20 -9.05 -0.36 3.25
CA ARG A 20 -9.42 0.77 4.12
C ARG A 20 -8.15 1.51 4.59
N GLU A 21 -8.28 2.79 4.93
CA GLU A 21 -7.26 3.47 5.73
C GLU A 21 -7.15 2.79 7.11
N GLN A 22 -5.92 2.53 7.61
CA GLN A 22 -5.71 1.97 8.95
C GLN A 22 -6.05 3.01 10.04
N GLY A 23 -7.30 3.00 10.50
CA GLY A 23 -7.84 3.89 11.53
C GLY A 23 -9.18 4.51 11.12
N SER A 24 -9.15 5.41 10.13
CA SER A 24 -10.33 6.12 9.62
C SER A 24 -11.35 5.22 8.91
N SER A 25 -12.60 5.68 8.82
CA SER A 25 -13.73 4.92 8.24
C SER A 25 -13.76 4.92 6.71
N ILE A 26 -12.99 5.78 6.02
CA ILE A 26 -12.98 5.88 4.56
C ILE A 26 -12.35 4.64 3.90
N VAL A 27 -12.78 4.33 2.67
CA VAL A 27 -12.35 3.16 1.89
C VAL A 27 -11.73 3.64 0.57
N LEU A 28 -10.44 3.38 0.40
CA LEU A 28 -9.65 3.82 -0.77
C LEU A 28 -10.08 3.09 -2.05
N ASP A 29 -10.19 1.76 -1.97
CA ASP A 29 -10.67 0.88 -3.04
C ASP A 29 -11.27 -0.42 -2.45
N SER A 30 -12.12 -1.11 -3.20
CA SER A 30 -12.76 -2.36 -2.79
C SER A 30 -13.09 -3.25 -4.00
N ASN A 31 -12.62 -4.50 -3.98
CA ASN A 31 -13.01 -5.52 -4.95
C ASN A 31 -14.25 -6.32 -4.47
N ILE A 32 -14.43 -6.50 -3.15
CA ILE A 32 -15.55 -7.23 -2.52
C ILE A 32 -16.91 -6.74 -3.05
N SER A 33 -17.13 -5.42 -3.02
CA SER A 33 -18.37 -4.76 -3.45
C SER A 33 -18.63 -4.79 -4.96
N LYS A 34 -17.68 -5.28 -5.77
CA LYS A 34 -17.77 -5.44 -7.23
C LYS A 34 -18.11 -6.90 -7.59
N GLU A 35 -17.09 -7.76 -7.65
CA GLU A 35 -17.18 -9.23 -7.79
C GLU A 35 -15.90 -9.90 -7.24
N PRO A 36 -15.94 -11.18 -6.83
CA PRO A 36 -14.75 -11.92 -6.42
C PRO A 36 -13.76 -12.08 -7.59
N LEU A 37 -12.46 -11.97 -7.29
CA LEU A 37 -11.36 -12.20 -8.23
C LEU A 37 -11.20 -13.71 -8.51
N GLU A 38 -10.99 -14.09 -9.77
CA GLU A 38 -10.87 -15.49 -10.21
C GLU A 38 -9.50 -15.74 -10.86
N PHE A 39 -8.70 -16.67 -10.32
CA PHE A 39 -7.37 -17.01 -10.83
C PHE A 39 -6.97 -18.48 -10.61
N ILE A 40 -5.84 -18.93 -11.17
CA ILE A 40 -5.28 -20.28 -11.01
C ILE A 40 -3.99 -20.20 -10.17
N ILE A 41 -3.74 -21.18 -9.30
CA ILE A 41 -2.57 -21.27 -8.40
C ILE A 41 -1.26 -21.00 -9.15
N GLY A 42 -0.56 -19.91 -8.78
CA GLY A 42 0.67 -19.44 -9.40
C GLY A 42 0.44 -18.54 -10.63
N THR A 43 -0.18 -17.36 -10.41
CA THR A 43 -0.51 -16.37 -11.47
C THR A 43 0.24 -15.03 -11.33
N ASN A 44 0.71 -14.69 -10.12
CA ASN A 44 1.46 -13.48 -9.76
C ASN A 44 0.81 -12.12 -10.18
N GLN A 45 -0.53 -12.05 -10.28
CA GLN A 45 -1.24 -10.88 -10.83
C GLN A 45 -1.55 -9.76 -9.81
N ILE A 46 -1.80 -10.09 -8.54
CA ILE A 46 -2.10 -9.16 -7.45
C ILE A 46 -0.83 -8.50 -6.87
N ILE A 47 -0.99 -7.49 -6.01
CA ILE A 47 0.12 -6.81 -5.31
C ILE A 47 0.92 -7.78 -4.44
N ALA A 48 2.25 -7.63 -4.42
CA ALA A 48 3.17 -8.55 -3.74
C ALA A 48 2.88 -8.71 -2.24
N GLY A 49 2.54 -7.61 -1.54
CA GLY A 49 2.19 -7.61 -0.13
C GLY A 49 0.93 -8.44 0.22
N LEU A 50 -0.01 -8.58 -0.72
CA LEU A 50 -1.18 -9.45 -0.60
C LEU A 50 -0.89 -10.86 -1.13
N GLU A 51 -0.13 -11.00 -2.21
CA GLU A 51 0.30 -12.28 -2.80
C GLU A 51 0.97 -13.20 -1.78
N LYS A 52 1.90 -12.66 -0.98
CA LYS A 52 2.57 -13.32 0.15
C LYS A 52 1.67 -13.60 1.37
N ALA A 53 0.37 -13.28 1.30
CA ALA A 53 -0.64 -13.59 2.30
C ALA A 53 -1.72 -14.58 1.80
N VAL A 54 -2.14 -14.54 0.52
CA VAL A 54 -3.19 -15.44 -0.01
C VAL A 54 -2.83 -16.92 0.18
N LEU A 55 -1.57 -17.31 -0.04
CA LEU A 55 -1.09 -18.68 0.19
C LEU A 55 -1.09 -19.15 1.66
N LYS A 56 -1.32 -18.23 2.63
CA LYS A 56 -1.37 -18.49 4.07
C LYS A 56 -2.78 -18.30 4.69
N ALA A 57 -3.74 -17.76 3.94
CA ALA A 57 -5.16 -17.68 4.32
C ALA A 57 -5.91 -18.98 4.00
N GLN A 58 -6.88 -19.35 4.83
CA GLN A 58 -7.72 -20.55 4.68
C GLN A 58 -9.08 -20.23 4.03
N ILE A 59 -9.70 -21.24 3.43
CA ILE A 59 -11.06 -21.16 2.86
C ILE A 59 -12.09 -20.73 3.93
N GLY A 60 -12.90 -19.73 3.61
CA GLY A 60 -14.01 -19.23 4.44
C GLY A 60 -13.59 -18.45 5.69
N GLU A 61 -12.31 -18.07 5.83
CA GLU A 61 -11.74 -17.42 7.03
C GLU A 61 -11.12 -16.06 6.70
N TRP A 62 -11.71 -14.98 7.22
CA TRP A 62 -11.22 -13.60 7.06
C TRP A 62 -9.76 -13.43 7.53
N GLU A 63 -9.01 -12.61 6.80
CA GLU A 63 -7.58 -12.34 7.02
C GLU A 63 -7.28 -10.83 6.86
N GLU A 64 -6.84 -10.18 7.94
CA GLU A 64 -6.46 -8.77 7.97
C GLU A 64 -4.94 -8.61 7.92
N VAL A 65 -4.40 -8.16 6.78
CA VAL A 65 -2.97 -7.88 6.58
C VAL A 65 -2.74 -6.39 6.31
N VAL A 66 -2.12 -5.70 7.27
CA VAL A 66 -1.70 -4.30 7.11
C VAL A 66 -0.46 -4.24 6.20
N ILE A 67 -0.49 -3.37 5.18
CA ILE A 67 0.58 -3.21 4.17
C ILE A 67 1.09 -1.76 4.18
N ALA A 68 2.40 -1.59 4.02
CA ALA A 68 3.08 -0.29 3.93
C ALA A 68 2.66 0.52 2.67
N PRO A 69 2.77 1.87 2.70
CA PRO A 69 2.39 2.73 1.57
C PRO A 69 3.22 2.50 0.29
N GLU A 70 4.39 1.87 0.39
CA GLU A 70 5.30 1.57 -0.72
C GLU A 70 5.28 0.10 -1.16
N GLU A 71 4.57 -0.78 -0.43
CA GLU A 71 4.44 -2.22 -0.73
C GLU A 71 3.05 -2.60 -1.27
N ALA A 72 2.04 -1.77 -1.01
CA ALA A 72 0.67 -1.89 -1.55
C ALA A 72 0.55 -1.37 -3.01
N TYR A 73 -0.68 -1.21 -3.51
CA TYR A 73 -0.97 -0.44 -4.74
C TYR A 73 -0.43 1.01 -4.72
N GLY A 74 -0.16 1.56 -3.53
CA GLY A 74 0.56 2.83 -3.33
C GLY A 74 -0.29 4.07 -3.64
N VAL A 75 -1.25 4.35 -2.75
CA VAL A 75 -2.17 5.48 -2.81
C VAL A 75 -2.37 6.12 -1.42
N TYR A 76 -2.72 7.41 -1.38
CA TYR A 76 -3.17 8.10 -0.17
C TYR A 76 -4.37 9.01 -0.48
N GLU A 77 -5.31 9.14 0.48
CA GLU A 77 -6.37 10.14 0.49
C GLU A 77 -6.57 10.68 1.92
N SER A 78 -5.73 11.63 2.32
CA SER A 78 -5.90 12.43 3.54
C SER A 78 -7.19 13.26 3.52
N SER A 79 -7.57 13.80 2.35
CA SER A 79 -8.75 14.64 2.14
C SER A 79 -8.89 15.74 3.20
N TYR A 80 -7.79 16.45 3.44
CA TYR A 80 -7.64 17.57 4.39
C TYR A 80 -7.64 17.15 5.87
N LEU A 81 -7.47 15.86 6.19
CA LEU A 81 -7.43 15.28 7.55
C LEU A 81 -6.40 14.15 7.70
N GLN A 82 -6.01 13.84 8.93
CA GLN A 82 -5.34 12.60 9.33
C GLN A 82 -5.58 12.29 10.81
N GLU A 83 -5.93 11.03 11.11
CA GLU A 83 -5.95 10.48 12.48
C GLU A 83 -4.51 10.12 12.92
N VAL A 84 -3.88 11.00 13.72
CA VAL A 84 -2.53 10.83 14.29
C VAL A 84 -2.65 10.29 15.73
N PRO A 85 -1.84 9.30 16.15
CA PRO A 85 -1.87 8.76 17.52
C PRO A 85 -1.30 9.73 18.56
N ARG A 86 -1.73 9.57 19.82
CA ARG A 86 -1.24 10.29 21.01
C ARG A 86 0.14 9.77 21.48
N ASP A 87 1.14 9.87 20.60
CA ASP A 87 2.53 9.47 20.82
C ASP A 87 3.49 10.66 20.60
N GLN A 88 3.41 11.31 19.44
CA GLN A 88 4.14 12.56 19.14
C GLN A 88 3.74 13.76 20.03
N PHE A 89 2.58 13.66 20.69
CA PHE A 89 1.92 14.75 21.43
C PHE A 89 1.58 14.40 22.89
N GLU A 90 2.11 13.30 23.42
CA GLU A 90 1.78 12.77 24.77
C GLU A 90 2.04 13.79 25.90
N GLY A 91 2.99 14.72 25.71
CA GLY A 91 3.37 15.79 26.63
C GLY A 91 2.88 17.20 26.24
N ILE A 92 1.96 17.33 25.28
CA ILE A 92 1.49 18.61 24.70
C ILE A 92 -0.03 18.76 24.87
N GLU A 93 -0.46 19.87 25.46
CA GLU A 93 -1.87 20.28 25.59
C GLU A 93 -2.49 20.71 24.24
N LEU A 94 -2.85 19.73 23.40
CA LEU A 94 -3.55 19.96 22.12
C LEU A 94 -4.94 20.61 22.32
N GLU A 95 -5.42 21.29 21.28
CA GLU A 95 -6.67 22.05 21.25
C GLU A 95 -7.23 22.09 19.80
N LYS A 96 -8.51 22.42 19.60
CA LYS A 96 -9.04 22.77 18.28
C LYS A 96 -8.53 24.13 17.82
N GLY A 97 -8.11 24.24 16.56
CA GLY A 97 -7.77 25.51 15.92
C GLY A 97 -6.38 26.09 16.27
N MET A 98 -5.46 25.28 16.79
CA MET A 98 -4.04 25.64 16.98
C MET A 98 -3.15 25.05 15.87
N SER A 99 -2.07 25.77 15.53
CA SER A 99 -1.00 25.27 14.66
C SER A 99 -0.19 24.15 15.33
N VAL A 100 0.23 23.16 14.55
CA VAL A 100 0.99 21.97 14.99
C VAL A 100 1.94 21.47 13.90
N PHE A 101 2.91 20.64 14.28
CA PHE A 101 3.93 20.04 13.43
C PHE A 101 3.93 18.50 13.55
N GLY A 102 4.46 17.79 12.55
CA GLY A 102 4.43 16.32 12.48
C GLY A 102 5.62 15.73 11.71
N GLN A 103 6.61 15.20 12.44
CA GLN A 103 7.81 14.56 11.87
C GLN A 103 7.46 13.18 11.25
N THR A 104 7.54 13.08 9.91
CA THR A 104 7.42 11.81 9.17
C THR A 104 8.76 11.04 9.16
N GLU A 105 8.70 9.71 9.00
CA GLU A 105 9.87 8.84 8.80
C GLU A 105 10.62 9.09 7.48
N ASP A 106 10.02 9.82 6.53
CA ASP A 106 10.66 10.36 5.32
C ASP A 106 11.66 11.52 5.59
N ASN A 107 12.15 11.65 6.84
CA ASN A 107 13.11 12.65 7.31
C ASN A 107 12.66 14.11 7.03
N GLN A 108 11.38 14.40 7.26
CA GLN A 108 10.74 15.70 7.07
C GLN A 108 9.69 15.99 8.16
N THR A 109 9.19 17.23 8.21
CA THR A 109 8.21 17.70 9.21
C THR A 109 7.19 18.65 8.55
N ILE A 110 5.95 18.20 8.37
CA ILE A 110 4.86 19.06 7.86
C ILE A 110 4.38 20.06 8.93
N GLN A 111 3.59 21.06 8.55
CA GLN A 111 2.93 22.01 9.45
C GLN A 111 1.47 22.28 9.03
N ALA A 112 0.55 22.29 9.99
CA ALA A 112 -0.89 22.41 9.76
C ALA A 112 -1.67 22.85 11.03
N ILE A 113 -3.00 22.75 11.02
CA ILE A 113 -3.91 23.14 12.13
C ILE A 113 -4.75 21.92 12.56
N ILE A 114 -4.98 21.76 13.87
CA ILE A 114 -5.81 20.68 14.45
C ILE A 114 -7.31 20.95 14.24
N LYS A 115 -8.03 20.01 13.63
CA LYS A 115 -9.47 20.07 13.32
C LYS A 115 -10.35 19.48 14.42
N ASP A 116 -9.90 18.40 15.08
CA ASP A 116 -10.54 17.80 16.26
C ASP A 116 -9.51 17.03 17.11
N PHE A 117 -9.79 16.77 18.40
CA PHE A 117 -8.90 16.03 19.30
C PHE A 117 -9.66 15.20 20.35
N SER A 118 -9.06 14.09 20.79
CA SER A 118 -9.55 13.21 21.86
C SER A 118 -8.36 12.63 22.66
N ALA A 119 -8.64 11.88 23.73
CA ALA A 119 -7.64 11.22 24.57
C ALA A 119 -7.02 9.97 23.92
N THR A 120 -7.69 9.37 22.92
CA THR A 120 -7.22 8.19 22.16
C THR A 120 -6.35 8.59 20.96
N HIS A 121 -6.91 9.42 20.06
CA HIS A 121 -6.28 9.95 18.84
C HIS A 121 -6.61 11.44 18.64
N VAL A 122 -5.93 12.08 17.68
CA VAL A 122 -6.17 13.48 17.26
C VAL A 122 -6.30 13.58 15.74
N MET A 123 -7.11 14.52 15.25
CA MET A 123 -7.45 14.73 13.84
C MET A 123 -6.85 16.05 13.33
N VAL A 124 -5.64 15.96 12.78
CA VAL A 124 -4.87 17.09 12.26
C VAL A 124 -5.20 17.32 10.78
N ASP A 125 -5.26 18.56 10.29
CA ASP A 125 -5.37 18.85 8.86
C ASP A 125 -4.12 18.36 8.10
N TYR A 126 -4.30 17.52 7.06
CA TYR A 126 -3.22 17.09 6.16
C TYR A 126 -3.64 17.31 4.69
N ASN A 127 -2.97 18.24 4.02
CA ASN A 127 -3.16 18.57 2.59
C ASN A 127 -1.83 18.49 1.80
N HIS A 128 -0.87 17.69 2.28
CA HIS A 128 0.43 17.48 1.65
C HIS A 128 0.29 16.71 0.31
N PRO A 129 1.09 17.01 -0.73
CA PRO A 129 1.05 16.31 -2.03
C PRO A 129 1.65 14.89 -1.99
N LEU A 130 2.20 14.47 -0.85
CA LEU A 130 2.71 13.14 -0.54
C LEU A 130 2.63 12.87 0.98
N ALA A 131 1.51 12.28 1.43
CA ALA A 131 1.31 11.89 2.84
C ALA A 131 2.00 10.56 3.18
N GLY A 132 1.58 9.44 2.57
CA GLY A 132 2.15 8.10 2.70
C GLY A 132 1.94 7.45 4.08
N LYS A 133 0.85 6.67 4.24
CA LYS A 133 0.50 5.95 5.48
C LYS A 133 0.17 4.47 5.25
N THR A 134 0.24 3.65 6.31
CA THR A 134 -0.11 2.22 6.31
C THR A 134 -1.60 1.97 6.04
N LEU A 135 -1.92 0.89 5.32
CA LEU A 135 -3.27 0.56 4.84
C LEU A 135 -3.71 -0.84 5.25
N ALA A 136 -4.99 -1.02 5.58
CA ALA A 136 -5.56 -2.29 6.01
C ALA A 136 -6.15 -3.07 4.83
N PHE A 137 -5.38 -4.00 4.25
CA PHE A 137 -5.87 -4.97 3.26
C PHE A 137 -6.57 -6.14 3.96
N ARG A 138 -7.87 -5.99 4.18
CA ARG A 138 -8.78 -7.06 4.63
C ARG A 138 -9.19 -7.92 3.43
N PHE A 139 -8.97 -9.23 3.50
CA PHE A 139 -9.37 -10.16 2.44
C PHE A 139 -9.84 -11.52 2.98
N LYS A 140 -10.38 -12.37 2.10
CA LYS A 140 -10.78 -13.76 2.38
C LYS A 140 -10.68 -14.63 1.12
N VAL A 141 -10.28 -15.89 1.29
CA VAL A 141 -10.41 -16.95 0.27
C VAL A 141 -11.83 -17.53 0.35
N LEU A 142 -12.72 -17.12 -0.55
CA LEU A 142 -14.13 -17.56 -0.57
C LEU A 142 -14.25 -19.04 -0.95
N GLY A 143 -13.31 -19.58 -1.73
CA GLY A 143 -13.23 -20.99 -2.09
C GLY A 143 -12.61 -21.25 -3.45
N PHE A 144 -12.86 -22.44 -3.99
CA PHE A 144 -12.40 -22.87 -5.31
C PHE A 144 -13.53 -23.54 -6.10
N ARG A 145 -13.51 -23.42 -7.43
CA ARG A 145 -14.45 -24.07 -8.35
C ARG A 145 -13.74 -24.66 -9.58
N GLU A 146 -14.20 -25.82 -10.04
CA GLU A 146 -13.79 -26.41 -11.32
C GLU A 146 -14.41 -25.61 -12.49
N VAL A 147 -13.58 -25.26 -13.48
CA VAL A 147 -13.93 -24.46 -14.67
C VAL A 147 -13.35 -25.06 -15.96
N SER A 148 -13.74 -24.52 -17.11
CA SER A 148 -13.24 -24.87 -18.45
C SER A 148 -12.74 -23.64 -19.21
N GLU A 149 -12.03 -23.87 -20.32
CA GLU A 149 -11.39 -22.83 -21.16
C GLU A 149 -11.86 -22.89 -22.63
N GLU A 150 -12.74 -23.83 -22.99
CA GLU A 150 -13.29 -24.02 -24.34
C GLU A 150 -14.50 -23.10 -24.62
N GLU A 151 -15.54 -23.15 -23.78
CA GLU A 151 -16.83 -22.44 -23.90
C GLU A 151 -17.28 -21.79 -22.57
N MET A 1 -11.11 -47.73 -14.92
CA MET A 1 -10.56 -46.89 -13.81
C MET A 1 -9.24 -47.48 -13.26
N GLN A 2 -8.22 -47.64 -14.11
CA GLN A 2 -6.88 -48.15 -13.72
C GLN A 2 -5.77 -47.09 -13.81
N ASN A 3 -6.06 -45.94 -14.45
CA ASN A 3 -5.18 -44.77 -14.55
C ASN A 3 -5.03 -44.06 -13.19
N HIS A 4 -3.92 -44.32 -12.50
CA HIS A 4 -3.50 -43.64 -11.26
C HIS A 4 -3.27 -42.13 -11.51
N ASP A 5 -4.03 -41.28 -10.82
CA ASP A 5 -3.86 -39.82 -10.86
C ASP A 5 -2.63 -39.34 -10.06
N LEU A 6 -2.13 -38.14 -10.40
CA LEU A 6 -0.97 -37.47 -9.79
C LEU A 6 -1.36 -36.17 -9.05
N GLU A 7 -2.65 -36.00 -8.70
CA GLU A 7 -3.24 -34.82 -8.04
C GLU A 7 -3.03 -33.47 -8.80
N SER A 8 -2.71 -33.55 -10.10
CA SER A 8 -2.41 -32.40 -10.99
C SER A 8 -3.65 -31.62 -11.48
N ILE A 9 -4.82 -31.84 -10.87
CA ILE A 9 -6.11 -31.18 -11.19
C ILE A 9 -6.02 -29.66 -10.97
N LYS A 10 -6.63 -28.89 -11.87
CA LYS A 10 -6.72 -27.41 -11.83
C LYS A 10 -8.14 -26.95 -11.47
N GLN A 11 -8.25 -25.79 -10.83
CA GLN A 11 -9.52 -25.19 -10.35
C GLN A 11 -9.41 -23.66 -10.29
N ALA A 12 -10.56 -22.97 -10.39
CA ALA A 12 -10.64 -21.52 -10.24
C ALA A 12 -10.63 -21.13 -8.75
N ALA A 13 -9.51 -20.60 -8.27
CA ALA A 13 -9.41 -19.91 -6.98
C ALA A 13 -10.14 -18.56 -7.05
N LEU A 14 -11.01 -18.29 -6.08
CA LEU A 14 -11.74 -17.02 -5.93
C LEU A 14 -11.34 -16.33 -4.62
N ILE A 15 -10.99 -15.03 -4.70
CA ILE A 15 -10.68 -14.18 -3.54
C ILE A 15 -11.39 -12.82 -3.60
N GLU A 16 -11.45 -12.13 -2.46
CA GLU A 16 -12.11 -10.82 -2.25
C GLU A 16 -11.23 -9.92 -1.37
N TYR A 17 -11.04 -8.65 -1.72
CA TYR A 17 -10.24 -7.68 -0.97
C TYR A 17 -10.86 -6.27 -0.87
N GLU A 18 -10.56 -5.58 0.23
CA GLU A 18 -10.99 -4.23 0.59
C GLU A 18 -9.80 -3.48 1.23
N VAL A 19 -9.33 -2.42 0.57
CA VAL A 19 -8.23 -1.57 1.05
C VAL A 19 -8.78 -0.37 1.83
N ARG A 20 -8.81 -0.52 3.16
CA ARG A 20 -9.19 0.50 4.13
C ARG A 20 -7.96 1.23 4.67
N GLU A 21 -8.13 2.44 5.20
CA GLU A 21 -7.07 3.10 5.98
C GLU A 21 -6.91 2.43 7.37
N GLN A 22 -5.74 2.56 8.00
CA GLN A 22 -5.46 2.02 9.34
C GLN A 22 -6.29 2.71 10.45
N GLY A 23 -6.07 4.01 10.67
CA GLY A 23 -6.67 4.76 11.77
C GLY A 23 -8.09 5.28 11.48
N SER A 24 -8.28 5.90 10.30
CA SER A 24 -9.59 6.39 9.84
C SER A 24 -10.53 5.24 9.42
N SER A 25 -11.84 5.47 9.57
CA SER A 25 -12.89 4.53 9.17
C SER A 25 -13.13 4.46 7.65
N ILE A 26 -12.58 5.40 6.87
CA ILE A 26 -12.80 5.49 5.41
C ILE A 26 -12.19 4.32 4.62
N VAL A 27 -12.73 4.06 3.44
CA VAL A 27 -12.32 2.98 2.51
C VAL A 27 -11.79 3.60 1.21
N LEU A 28 -10.59 3.22 0.77
CA LEU A 28 -9.96 3.76 -0.43
C LEU A 28 -10.50 3.09 -1.70
N ASP A 29 -10.55 1.75 -1.73
CA ASP A 29 -11.11 0.95 -2.82
C ASP A 29 -11.58 -0.44 -2.32
N SER A 30 -12.45 -1.10 -3.10
CA SER A 30 -13.04 -2.41 -2.78
C SER A 30 -13.55 -3.13 -4.04
N ASN A 31 -13.11 -4.37 -4.28
CA ASN A 31 -13.70 -5.21 -5.34
C ASN A 31 -14.93 -6.02 -4.86
N ILE A 32 -15.13 -6.18 -3.54
CA ILE A 32 -16.13 -7.07 -2.92
C ILE A 32 -17.57 -6.68 -3.31
N SER A 33 -17.86 -5.39 -3.43
CA SER A 33 -19.13 -4.84 -3.90
C SER A 33 -19.36 -4.95 -5.43
N LYS A 34 -18.34 -5.38 -6.20
CA LYS A 34 -18.31 -5.43 -7.67
C LYS A 34 -18.40 -6.89 -8.15
N GLU A 35 -17.27 -7.59 -8.28
CA GLU A 35 -17.14 -9.04 -8.54
C GLU A 35 -15.82 -9.59 -7.95
N PRO A 36 -15.76 -10.88 -7.57
CA PRO A 36 -14.55 -11.51 -7.04
C PRO A 36 -13.42 -11.64 -8.06
N LEU A 37 -12.19 -11.78 -7.56
CA LEU A 37 -10.98 -12.00 -8.37
C LEU A 37 -10.74 -13.50 -8.60
N GLU A 38 -10.88 -13.95 -9.84
CA GLU A 38 -10.66 -15.34 -10.28
C GLU A 38 -9.22 -15.55 -10.81
N PHE A 39 -8.53 -16.58 -10.32
CA PHE A 39 -7.22 -17.03 -10.85
C PHE A 39 -7.03 -18.57 -10.71
N ILE A 40 -5.92 -19.11 -11.20
CA ILE A 40 -5.54 -20.53 -11.11
C ILE A 40 -4.24 -20.65 -10.29
N ILE A 41 -4.02 -21.77 -9.58
CA ILE A 41 -2.82 -21.99 -8.74
C ILE A 41 -1.52 -21.68 -9.51
N GLY A 42 -0.87 -20.56 -9.15
CA GLY A 42 0.29 -19.98 -9.85
C GLY A 42 -0.08 -18.88 -10.85
N THR A 43 -0.34 -17.66 -10.37
CA THR A 43 -0.61 -16.45 -11.20
C THR A 43 0.20 -15.22 -10.77
N ASN A 44 0.23 -14.89 -9.47
CA ASN A 44 1.03 -13.80 -8.87
C ASN A 44 0.73 -12.39 -9.45
N GLN A 45 -0.53 -12.10 -9.85
CA GLN A 45 -0.89 -10.81 -10.49
C GLN A 45 -1.13 -9.65 -9.52
N ILE A 46 -1.55 -9.92 -8.27
CA ILE A 46 -1.75 -8.92 -7.21
C ILE A 46 -0.42 -8.45 -6.59
N ILE A 47 -0.48 -7.42 -5.74
CA ILE A 47 0.68 -6.86 -5.00
C ILE A 47 1.40 -7.93 -4.17
N ALA A 48 2.73 -7.84 -4.08
CA ALA A 48 3.58 -8.84 -3.41
C ALA A 48 3.21 -9.04 -1.91
N GLY A 49 2.94 -7.93 -1.20
CA GLY A 49 2.54 -7.95 0.21
C GLY A 49 1.27 -8.78 0.47
N LEU A 50 0.26 -8.66 -0.41
CA LEU A 50 -0.97 -9.44 -0.34
C LEU A 50 -0.77 -10.88 -0.85
N GLU A 51 -0.04 -11.10 -1.95
CA GLU A 51 0.20 -12.42 -2.54
C GLU A 51 0.77 -13.42 -1.52
N LYS A 52 1.81 -13.02 -0.76
CA LYS A 52 2.38 -13.86 0.31
C LYS A 52 1.42 -14.12 1.48
N ALA A 53 0.39 -13.27 1.66
CA ALA A 53 -0.70 -13.52 2.60
C ALA A 53 -1.74 -14.52 2.04
N VAL A 54 -2.15 -14.41 0.76
CA VAL A 54 -3.18 -15.28 0.15
C VAL A 54 -2.87 -16.77 0.33
N LEU A 55 -1.61 -17.19 0.11
CA LEU A 55 -1.20 -18.60 0.27
C LEU A 55 -1.24 -19.10 1.74
N LYS A 56 -1.26 -18.20 2.72
CA LYS A 56 -1.31 -18.50 4.18
C LYS A 56 -2.70 -18.31 4.80
N ALA A 57 -3.59 -17.54 4.18
CA ALA A 57 -4.98 -17.38 4.58
C ALA A 57 -5.81 -18.66 4.32
N GLN A 58 -6.62 -19.07 5.31
CA GLN A 58 -7.50 -20.23 5.21
C GLN A 58 -8.76 -19.91 4.38
N ILE A 59 -9.32 -20.93 3.72
CA ILE A 59 -10.63 -20.87 3.05
C ILE A 59 -11.74 -20.48 4.03
N GLY A 60 -12.55 -19.49 3.65
CA GLY A 60 -13.70 -19.03 4.44
C GLY A 60 -13.35 -18.24 5.71
N GLU A 61 -12.11 -17.78 5.87
CA GLU A 61 -11.62 -17.05 7.05
C GLU A 61 -11.06 -15.67 6.66
N TRP A 62 -11.67 -14.59 7.17
CA TRP A 62 -11.22 -13.21 6.97
C TRP A 62 -9.80 -12.99 7.52
N GLU A 63 -8.99 -12.21 6.80
CA GLU A 63 -7.62 -11.86 7.17
C GLU A 63 -7.33 -10.38 6.88
N GLU A 64 -6.97 -9.62 7.91
CA GLU A 64 -6.65 -8.19 7.86
C GLU A 64 -5.12 -7.98 7.94
N VAL A 65 -4.49 -7.73 6.78
CA VAL A 65 -3.03 -7.54 6.63
C VAL A 65 -2.69 -6.09 6.30
N VAL A 66 -1.96 -5.44 7.21
CA VAL A 66 -1.49 -4.07 7.05
C VAL A 66 -0.25 -4.03 6.15
N ILE A 67 -0.40 -3.50 4.94
CA ILE A 67 0.67 -3.40 3.93
C ILE A 67 1.28 -1.98 3.96
N ALA A 68 2.62 -1.90 3.89
CA ALA A 68 3.36 -0.65 3.80
C ALA A 68 3.07 0.12 2.49
N PRO A 69 3.18 1.47 2.45
CA PRO A 69 2.89 2.25 1.25
C PRO A 69 3.80 1.85 0.08
N GLU A 70 5.10 1.71 0.34
CA GLU A 70 6.13 1.27 -0.60
C GLU A 70 5.96 -0.17 -1.13
N GLU A 71 5.11 -0.98 -0.51
CA GLU A 71 4.86 -2.39 -0.86
C GLU A 71 3.47 -2.61 -1.50
N ALA A 72 2.49 -1.75 -1.17
CA ALA A 72 1.17 -1.71 -1.81
C ALA A 72 1.17 -0.88 -3.11
N TYR A 73 1.32 0.45 -3.00
CA TYR A 73 1.22 1.40 -4.12
C TYR A 73 2.60 1.87 -4.66
N GLY A 74 3.67 1.69 -3.88
CA GLY A 74 5.00 2.24 -4.18
C GLY A 74 5.23 3.64 -3.61
N VAL A 75 6.38 4.24 -3.93
CA VAL A 75 6.75 5.63 -3.55
C VAL A 75 5.70 6.65 -4.03
N TYR A 76 4.96 7.25 -3.09
CA TYR A 76 3.87 8.17 -3.38
C TYR A 76 4.34 9.50 -4.00
N GLU A 77 3.45 10.17 -4.74
CA GLU A 77 3.74 11.43 -5.46
C GLU A 77 3.52 12.69 -4.60
N SER A 78 4.28 12.80 -3.50
CA SER A 78 4.25 13.96 -2.59
C SER A 78 4.95 15.24 -3.13
N SER A 79 5.42 15.24 -4.38
CA SER A 79 6.02 16.40 -5.06
C SER A 79 5.02 17.56 -5.21
N TYR A 80 5.23 18.64 -4.45
CA TYR A 80 4.46 19.90 -4.48
C TYR A 80 5.40 21.13 -4.54
N LEU A 81 4.84 22.33 -4.64
CA LEU A 81 5.59 23.59 -4.52
C LEU A 81 5.33 24.23 -3.14
N GLN A 82 6.36 24.83 -2.55
CA GLN A 82 6.29 25.52 -1.26
C GLN A 82 6.58 27.03 -1.45
N GLU A 83 5.61 27.87 -1.12
CA GLU A 83 5.76 29.33 -1.07
C GLU A 83 6.56 29.73 0.18
N VAL A 84 7.81 30.13 -0.01
CA VAL A 84 8.80 30.51 1.02
C VAL A 84 9.26 31.96 0.78
N PRO A 85 9.28 32.85 1.78
CA PRO A 85 9.65 34.25 1.58
C PRO A 85 11.14 34.43 1.26
N ARG A 86 11.50 35.53 0.58
CA ARG A 86 12.91 35.92 0.34
C ARG A 86 13.71 36.13 1.63
N ASP A 87 13.04 36.36 2.76
CA ASP A 87 13.66 36.45 4.09
C ASP A 87 14.49 35.21 4.47
N GLN A 88 14.13 34.02 3.98
CA GLN A 88 14.87 32.76 4.20
C GLN A 88 16.08 32.59 3.25
N PHE A 89 16.28 33.52 2.31
CA PHE A 89 17.34 33.54 1.29
C PHE A 89 18.15 34.86 1.31
N GLU A 90 18.12 35.59 2.43
CA GLU A 90 18.79 36.88 2.61
C GLU A 90 20.32 36.77 2.43
N GLY A 91 20.82 37.24 1.28
CA GLY A 91 22.24 37.19 0.88
C GLY A 91 22.62 36.09 -0.11
N ILE A 92 21.65 35.31 -0.62
CA ILE A 92 21.83 34.27 -1.66
C ILE A 92 20.80 34.44 -2.78
N GLU A 93 21.22 35.06 -3.89
CA GLU A 93 20.40 35.25 -5.10
C GLU A 93 20.02 33.90 -5.74
N LEU A 94 18.81 33.83 -6.31
CA LEU A 94 18.21 32.63 -6.91
C LEU A 94 17.77 32.89 -8.36
N GLU A 95 17.61 31.82 -9.14
CA GLU A 95 17.18 31.86 -10.55
C GLU A 95 16.42 30.56 -10.90
N LYS A 96 15.39 30.64 -11.77
CA LYS A 96 14.61 29.47 -12.21
C LYS A 96 15.51 28.42 -12.89
N GLY A 97 15.40 27.17 -12.44
CA GLY A 97 16.21 26.06 -12.95
C GLY A 97 17.65 26.00 -12.41
N MET A 98 17.83 26.23 -11.10
CA MET A 98 19.10 25.99 -10.38
C MET A 98 18.88 25.15 -9.10
N SER A 99 19.92 24.43 -8.67
CA SER A 99 19.90 23.56 -7.49
C SER A 99 20.15 24.33 -6.19
N VAL A 100 19.07 24.67 -5.46
CA VAL A 100 19.12 25.31 -4.14
C VAL A 100 19.16 24.26 -3.02
N PHE A 101 19.67 24.63 -1.85
CA PHE A 101 19.72 23.77 -0.65
C PHE A 101 18.79 24.29 0.45
N GLY A 102 18.24 23.39 1.27
CA GLY A 102 17.26 23.69 2.33
C GLY A 102 17.51 22.89 3.60
N GLN A 103 18.18 23.50 4.57
CA GLN A 103 18.40 22.92 5.91
C GLN A 103 17.08 22.86 6.70
N THR A 104 16.56 21.65 6.94
CA THR A 104 15.42 21.39 7.84
C THR A 104 15.86 21.40 9.31
N GLU A 105 14.92 21.72 10.20
CA GLU A 105 15.09 21.69 11.67
C GLU A 105 15.29 20.27 12.23
N ASP A 106 15.02 19.22 11.43
CA ASP A 106 15.36 17.82 11.68
C ASP A 106 16.87 17.48 11.54
N ASN A 107 17.75 18.50 11.54
CA ASN A 107 19.21 18.42 11.44
C ASN A 107 19.69 17.71 10.15
N GLN A 108 19.07 18.09 9.02
CA GLN A 108 19.35 17.57 7.67
C GLN A 108 19.19 18.67 6.60
N THR A 109 19.60 18.40 5.36
CA THR A 109 19.56 19.36 4.24
C THR A 109 19.19 18.66 2.93
N ILE A 110 18.09 19.07 2.29
CA ILE A 110 17.70 18.56 0.95
C ILE A 110 18.31 19.40 -0.19
N GLN A 111 18.25 18.89 -1.41
CA GLN A 111 18.59 19.59 -2.66
C GLN A 111 17.32 19.70 -3.53
N ALA A 112 16.98 20.91 -3.98
CA ALA A 112 15.72 21.22 -4.65
C ALA A 112 15.92 22.20 -5.83
N ILE A 113 14.86 22.43 -6.63
CA ILE A 113 14.91 23.30 -7.82
C ILE A 113 13.93 24.45 -7.68
N ILE A 114 14.42 25.67 -7.94
CA ILE A 114 13.63 26.90 -8.07
C ILE A 114 12.67 26.78 -9.28
N LYS A 115 11.39 26.56 -9.01
CA LYS A 115 10.34 26.44 -10.03
C LYS A 115 9.80 27.81 -10.44
N ASP A 116 9.66 28.73 -9.49
CA ASP A 116 9.38 30.16 -9.74
C ASP A 116 9.97 31.07 -8.66
N PHE A 117 10.03 32.38 -8.93
CA PHE A 117 10.44 33.41 -7.98
C PHE A 117 9.72 34.74 -8.23
N SER A 118 9.67 35.59 -7.21
CA SER A 118 9.04 36.92 -7.20
C SER A 118 9.96 37.97 -6.56
N ALA A 119 9.55 39.24 -6.58
CA ALA A 119 10.28 40.34 -5.94
C ALA A 119 10.34 40.27 -4.39
N THR A 120 9.49 39.44 -3.77
CA THR A 120 9.29 39.34 -2.30
C THR A 120 9.11 37.88 -1.79
N HIS A 121 8.77 36.93 -2.66
CA HIS A 121 8.60 35.50 -2.34
C HIS A 121 9.31 34.58 -3.35
N VAL A 122 9.42 33.28 -3.03
CA VAL A 122 10.06 32.23 -3.84
C VAL A 122 9.18 30.97 -3.81
N MET A 123 9.18 30.19 -4.90
CA MET A 123 8.40 28.95 -5.04
C MET A 123 9.30 27.79 -5.51
N VAL A 124 9.72 26.95 -4.56
CA VAL A 124 10.63 25.82 -4.77
C VAL A 124 9.85 24.50 -4.74
N ASP A 125 10.28 23.50 -5.52
CA ASP A 125 9.80 22.12 -5.39
C ASP A 125 10.20 21.51 -4.02
N TYR A 126 9.24 20.95 -3.30
CA TYR A 126 9.43 20.19 -2.07
C TYR A 126 8.60 18.89 -2.10
N ASN A 127 8.96 17.95 -1.22
CA ASN A 127 8.29 16.66 -1.03
C ASN A 127 8.42 16.19 0.43
N HIS A 128 7.73 15.09 0.77
CA HIS A 128 7.79 14.50 2.11
C HIS A 128 8.58 13.16 2.07
N PRO A 129 9.58 12.95 2.95
CA PRO A 129 10.45 11.77 2.90
C PRO A 129 9.69 10.47 3.19
N LEU A 130 8.70 10.52 4.08
CA LEU A 130 7.71 9.45 4.28
C LEU A 130 6.55 9.67 3.29
N ALA A 131 6.77 9.27 2.03
CA ALA A 131 5.83 9.40 0.92
C ALA A 131 4.74 8.30 0.98
N GLY A 132 3.55 8.65 1.50
CA GLY A 132 2.41 7.75 1.70
C GLY A 132 2.33 7.17 3.12
N LYS A 133 1.28 6.37 3.39
CA LYS A 133 0.99 5.76 4.71
C LYS A 133 0.53 4.29 4.61
N THR A 134 0.61 3.56 5.72
CA THR A 134 0.20 2.15 5.86
C THR A 134 -1.31 1.95 5.66
N LEU A 135 -1.70 0.87 4.99
CA LEU A 135 -3.10 0.56 4.62
C LEU A 135 -3.50 -0.87 5.02
N ALA A 136 -4.71 -1.02 5.55
CA ALA A 136 -5.29 -2.29 5.97
C ALA A 136 -6.01 -2.98 4.79
N PHE A 137 -5.33 -3.91 4.12
CA PHE A 137 -5.96 -4.85 3.19
C PHE A 137 -6.69 -5.95 3.97
N ARG A 138 -7.98 -5.74 4.23
CA ARG A 138 -8.91 -6.81 4.66
C ARG A 138 -9.28 -7.65 3.45
N PHE A 139 -8.97 -8.95 3.46
CA PHE A 139 -9.31 -9.87 2.38
C PHE A 139 -9.81 -11.22 2.90
N LYS A 140 -10.34 -12.06 2.00
CA LYS A 140 -10.71 -13.46 2.27
C LYS A 140 -10.55 -14.34 1.02
N VAL A 141 -10.12 -15.57 1.24
CA VAL A 141 -10.18 -16.67 0.25
C VAL A 141 -11.59 -17.27 0.29
N LEU A 142 -12.41 -16.97 -0.72
CA LEU A 142 -13.76 -17.54 -0.86
C LEU A 142 -13.72 -19.07 -1.00
N GLY A 143 -12.69 -19.58 -1.67
CA GLY A 143 -12.49 -21.00 -1.96
C GLY A 143 -12.19 -21.24 -3.43
N PHE A 144 -12.60 -22.41 -3.92
CA PHE A 144 -12.35 -22.86 -5.29
C PHE A 144 -13.63 -23.34 -5.98
N ARG A 145 -13.70 -23.22 -7.31
CA ARG A 145 -14.79 -23.71 -8.16
C ARG A 145 -14.27 -24.55 -9.32
N GLU A 146 -14.93 -25.67 -9.58
CA GLU A 146 -14.65 -26.57 -10.71
C GLU A 146 -15.30 -26.01 -12.00
N VAL A 147 -14.48 -25.41 -12.87
CA VAL A 147 -14.89 -24.81 -14.15
C VAL A 147 -13.94 -25.24 -15.29
N SER A 148 -14.33 -24.94 -16.54
CA SER A 148 -13.53 -25.16 -17.75
C SER A 148 -13.68 -24.01 -18.75
N GLU A 149 -12.74 -23.92 -19.70
CA GLU A 149 -12.66 -22.87 -20.73
C GLU A 149 -12.62 -23.46 -22.17
N GLU A 150 -13.04 -24.73 -22.31
CA GLU A 150 -13.00 -25.56 -23.53
C GLU A 150 -11.56 -25.93 -24.00
N GLU A 151 -10.53 -25.48 -23.27
CA GLU A 151 -9.11 -25.86 -23.33
C GLU A 151 -8.86 -27.30 -22.83
N MET A 1 -5.48 -45.22 -6.81
CA MET A 1 -4.70 -43.96 -7.03
C MET A 1 -4.62 -43.65 -8.53
N GLN A 2 -5.47 -42.73 -9.00
CA GLN A 2 -5.48 -42.26 -10.40
C GLN A 2 -4.35 -41.25 -10.64
N ASN A 3 -4.41 -40.08 -9.98
CA ASN A 3 -3.36 -39.06 -9.99
C ASN A 3 -2.24 -39.39 -8.96
N HIS A 4 -1.09 -38.73 -9.11
CA HIS A 4 0.07 -38.87 -8.21
C HIS A 4 0.00 -37.99 -6.95
N ASP A 5 -0.98 -37.07 -6.84
CA ASP A 5 -1.21 -36.22 -5.67
C ASP A 5 -2.70 -35.92 -5.44
N LEU A 6 -3.07 -35.70 -4.17
CA LEU A 6 -4.43 -35.49 -3.66
C LEU A 6 -4.89 -34.04 -3.89
N GLU A 7 -6.10 -33.84 -4.45
CA GLU A 7 -6.68 -32.52 -4.78
C GLU A 7 -5.83 -31.66 -5.75
N SER A 8 -4.95 -32.31 -6.54
CA SER A 8 -4.05 -31.69 -7.53
C SER A 8 -4.74 -31.16 -8.80
N ILE A 9 -6.07 -31.28 -8.89
CA ILE A 9 -6.92 -30.77 -9.98
C ILE A 9 -6.77 -29.24 -10.11
N LYS A 10 -6.92 -28.69 -11.32
CA LYS A 10 -6.96 -27.24 -11.61
C LYS A 10 -8.39 -26.69 -11.54
N GLN A 11 -8.56 -25.53 -10.90
CA GLN A 11 -9.83 -24.80 -10.77
C GLN A 11 -9.62 -23.30 -10.48
N ALA A 12 -10.66 -22.49 -10.62
CA ALA A 12 -10.64 -21.06 -10.28
C ALA A 12 -10.70 -20.85 -8.76
N ALA A 13 -9.67 -20.23 -8.20
CA ALA A 13 -9.64 -19.64 -6.86
C ALA A 13 -10.38 -18.29 -6.86
N LEU A 14 -11.58 -18.28 -6.28
CA LEU A 14 -12.44 -17.10 -6.08
C LEU A 14 -12.04 -16.41 -4.76
N ILE A 15 -11.53 -15.17 -4.85
CA ILE A 15 -11.16 -14.35 -3.68
C ILE A 15 -11.73 -12.92 -3.78
N GLU A 16 -11.83 -12.26 -2.63
CA GLU A 16 -12.33 -10.88 -2.51
C GLU A 16 -11.49 -10.09 -1.50
N TYR A 17 -11.09 -8.85 -1.84
CA TYR A 17 -10.30 -7.96 -0.98
C TYR A 17 -10.89 -6.54 -0.90
N GLU A 18 -10.48 -5.77 0.10
CA GLU A 18 -10.67 -4.31 0.22
C GLU A 18 -9.38 -3.61 0.67
N VAL A 19 -9.36 -2.29 0.65
CA VAL A 19 -8.27 -1.46 1.18
C VAL A 19 -8.82 -0.22 1.91
N ARG A 20 -8.74 -0.25 3.25
CA ARG A 20 -9.19 0.81 4.16
C ARG A 20 -8.01 1.42 4.94
N GLU A 21 -8.14 2.66 5.39
CA GLU A 21 -7.12 3.28 6.25
C GLU A 21 -7.20 2.72 7.69
N GLN A 22 -6.06 2.65 8.39
CA GLN A 22 -5.98 2.18 9.78
C GLN A 22 -6.69 3.10 10.81
N GLY A 23 -6.81 4.40 10.50
CA GLY A 23 -7.48 5.41 11.33
C GLY A 23 -8.88 5.77 10.81
N SER A 24 -8.93 6.51 9.71
CA SER A 24 -10.18 7.03 9.10
C SER A 24 -11.17 5.93 8.69
N SER A 25 -12.47 6.18 8.92
CA SER A 25 -13.56 5.25 8.62
C SER A 25 -13.84 5.06 7.11
N ILE A 26 -13.42 6.03 6.28
CA ILE A 26 -13.57 5.99 4.81
C ILE A 26 -12.78 4.84 4.17
N VAL A 27 -13.18 4.45 2.94
CA VAL A 27 -12.58 3.34 2.17
C VAL A 27 -11.96 3.89 0.88
N LEU A 28 -10.70 3.53 0.60
CA LEU A 28 -9.97 4.01 -0.57
C LEU A 28 -10.36 3.23 -1.84
N ASP A 29 -10.43 1.90 -1.73
CA ASP A 29 -10.91 1.01 -2.79
C ASP A 29 -11.47 -0.31 -2.20
N SER A 30 -12.33 -1.01 -2.94
CA SER A 30 -12.87 -2.32 -2.55
C SER A 30 -13.34 -3.15 -3.73
N ASN A 31 -13.09 -4.46 -3.66
CA ASN A 31 -13.56 -5.49 -4.58
C ASN A 31 -14.56 -6.48 -3.93
N ILE A 32 -14.96 -6.28 -2.65
CA ILE A 32 -15.90 -7.15 -1.93
C ILE A 32 -17.31 -7.10 -2.57
N SER A 33 -17.88 -5.90 -2.71
CA SER A 33 -19.19 -5.67 -3.34
C SER A 33 -19.17 -5.85 -4.87
N LYS A 34 -17.98 -5.75 -5.48
CA LYS A 34 -17.71 -5.89 -6.91
C LYS A 34 -17.60 -7.36 -7.34
N GLU A 35 -17.33 -7.59 -8.62
CA GLU A 35 -17.08 -8.94 -9.16
C GLU A 35 -15.82 -9.59 -8.53
N PRO A 36 -15.90 -10.82 -7.98
CA PRO A 36 -14.77 -11.46 -7.30
C PRO A 36 -13.59 -11.72 -8.25
N LEU A 37 -12.37 -11.73 -7.69
CA LEU A 37 -11.12 -11.98 -8.42
C LEU A 37 -10.91 -13.49 -8.62
N GLU A 38 -10.54 -13.89 -9.84
CA GLU A 38 -10.39 -15.28 -10.28
C GLU A 38 -8.95 -15.56 -10.72
N PHE A 39 -8.23 -16.43 -9.98
CA PHE A 39 -6.88 -16.89 -10.33
C PHE A 39 -6.75 -18.43 -10.29
N ILE A 40 -5.61 -18.98 -10.73
CA ILE A 40 -5.32 -20.42 -10.73
C ILE A 40 -4.13 -20.68 -9.78
N ILE A 41 -4.06 -21.88 -9.17
CA ILE A 41 -2.95 -22.27 -8.27
C ILE A 41 -1.59 -22.13 -8.99
N GLY A 42 -0.82 -21.10 -8.62
CA GLY A 42 0.49 -20.77 -9.20
C GLY A 42 0.50 -19.67 -10.27
N THR A 43 -0.41 -18.68 -10.22
CA THR A 43 -0.45 -17.52 -11.14
C THR A 43 0.20 -16.24 -10.57
N ASN A 44 0.02 -15.96 -9.28
CA ASN A 44 0.58 -14.80 -8.55
C ASN A 44 0.26 -13.41 -9.17
N GLN A 45 -0.91 -13.24 -9.79
CA GLN A 45 -1.33 -11.99 -10.46
C GLN A 45 -1.60 -10.79 -9.50
N ILE A 46 -1.85 -11.05 -8.22
CA ILE A 46 -2.14 -10.06 -7.18
C ILE A 46 -0.90 -9.27 -6.71
N ILE A 47 -1.10 -8.18 -5.95
CA ILE A 47 -0.01 -7.33 -5.40
C ILE A 47 0.93 -8.13 -4.45
N ALA A 48 2.19 -7.69 -4.34
CA ALA A 48 3.24 -8.40 -3.61
C ALA A 48 2.89 -8.67 -2.12
N GLY A 49 2.32 -7.69 -1.41
CA GLY A 49 1.93 -7.85 -0.01
C GLY A 49 0.77 -8.85 0.20
N LEU A 50 -0.08 -9.06 -0.81
CA LEU A 50 -1.18 -10.03 -0.80
C LEU A 50 -0.74 -11.42 -1.31
N GLU A 51 0.24 -11.47 -2.22
CA GLU A 51 0.92 -12.70 -2.69
C GLU A 51 1.50 -13.50 -1.51
N LYS A 52 2.15 -12.81 -0.56
CA LYS A 52 2.72 -13.40 0.68
C LYS A 52 1.66 -13.63 1.78
N ALA A 53 0.37 -13.46 1.49
CA ALA A 53 -0.75 -13.68 2.42
C ALA A 53 -1.75 -14.75 1.95
N VAL A 54 -2.07 -14.80 0.64
CA VAL A 54 -3.07 -15.73 0.06
C VAL A 54 -2.73 -17.22 0.32
N LEU A 55 -1.45 -17.57 0.44
CA LEU A 55 -0.98 -18.92 0.78
C LEU A 55 -1.22 -19.33 2.26
N LYS A 56 -1.55 -18.37 3.15
CA LYS A 56 -1.82 -18.59 4.58
C LYS A 56 -3.31 -18.49 4.93
N ALA A 57 -4.05 -17.61 4.25
CA ALA A 57 -5.51 -17.55 4.33
C ALA A 57 -6.17 -18.88 3.92
N GLN A 58 -7.33 -19.19 4.50
CA GLN A 58 -8.07 -20.45 4.27
C GLN A 58 -9.48 -20.18 3.73
N ILE A 59 -10.11 -21.19 3.13
CA ILE A 59 -11.48 -21.11 2.61
C ILE A 59 -12.49 -20.69 3.69
N GLY A 60 -13.25 -19.63 3.42
CA GLY A 60 -14.26 -19.07 4.34
C GLY A 60 -13.68 -18.28 5.52
N GLU A 61 -12.37 -18.03 5.56
CA GLU A 61 -11.65 -17.44 6.70
C GLU A 61 -11.09 -16.05 6.35
N TRP A 62 -11.68 -14.99 6.91
CA TRP A 62 -11.19 -13.61 6.77
C TRP A 62 -9.74 -13.47 7.28
N GLU A 63 -8.95 -12.65 6.59
CA GLU A 63 -7.52 -12.41 6.83
C GLU A 63 -7.19 -10.92 6.70
N GLU A 64 -6.74 -10.30 7.79
CA GLU A 64 -6.32 -8.90 7.84
C GLU A 64 -4.78 -8.78 7.68
N VAL A 65 -4.32 -8.22 6.55
CA VAL A 65 -2.90 -7.91 6.32
C VAL A 65 -2.70 -6.42 6.01
N VAL A 66 -2.02 -5.71 6.92
CA VAL A 66 -1.60 -4.31 6.69
C VAL A 66 -0.44 -4.30 5.69
N ILE A 67 -0.56 -3.49 4.63
CA ILE A 67 0.44 -3.33 3.56
C ILE A 67 0.87 -1.86 3.51
N ALA A 68 2.18 -1.62 3.38
CA ALA A 68 2.75 -0.29 3.19
C ALA A 68 2.30 0.34 1.84
N PRO A 69 2.14 1.68 1.75
CA PRO A 69 1.53 2.34 0.59
C PRO A 69 2.35 2.13 -0.70
N GLU A 70 3.67 2.27 -0.61
CA GLU A 70 4.65 2.01 -1.67
C GLU A 70 4.67 0.54 -2.14
N GLU A 71 4.37 -0.39 -1.23
CA GLU A 71 4.41 -1.84 -1.46
C GLU A 71 3.15 -2.35 -2.19
N ALA A 72 2.02 -1.66 -1.98
CA ALA A 72 0.79 -1.83 -2.75
C ALA A 72 0.88 -1.15 -4.14
N TYR A 73 0.97 0.19 -4.19
CA TYR A 73 0.91 0.99 -5.42
C TYR A 73 1.83 2.24 -5.45
N GLY A 74 2.00 2.96 -4.34
CA GLY A 74 2.90 4.11 -4.19
C GLY A 74 2.63 5.30 -5.12
N VAL A 75 1.55 6.04 -4.87
CA VAL A 75 1.07 7.17 -5.71
C VAL A 75 1.05 8.54 -4.99
N TYR A 76 1.40 8.59 -3.71
CA TYR A 76 1.35 9.82 -2.88
C TYR A 76 2.43 10.86 -3.26
N GLU A 77 2.18 12.13 -2.94
CA GLU A 77 3.01 13.30 -3.25
C GLU A 77 4.09 13.58 -2.17
N SER A 78 5.27 12.98 -2.34
CA SER A 78 6.42 13.06 -1.41
C SER A 78 7.63 13.80 -1.99
N SER A 79 7.38 14.84 -2.79
CA SER A 79 8.33 15.89 -3.18
C SER A 79 8.96 16.57 -1.95
N TYR A 80 10.27 16.36 -1.72
CA TYR A 80 11.01 16.90 -0.56
C TYR A 80 12.37 17.53 -0.92
N LEU A 81 12.76 18.52 -0.10
CA LEU A 81 14.03 19.25 -0.17
C LEU A 81 15.20 18.39 0.32
N GLN A 82 16.13 18.07 -0.58
CA GLN A 82 17.33 17.27 -0.32
C GLN A 82 18.61 18.11 -0.53
N GLU A 83 19.40 18.26 0.53
CA GLU A 83 20.71 18.93 0.51
C GLU A 83 21.80 17.97 -0.02
N VAL A 84 22.25 18.20 -1.26
CA VAL A 84 23.29 17.45 -1.97
C VAL A 84 24.58 18.31 -2.05
N PRO A 85 25.77 17.78 -1.71
CA PRO A 85 27.00 18.58 -1.73
C PRO A 85 27.44 18.97 -3.15
N ARG A 86 28.32 19.98 -3.26
CA ARG A 86 28.90 20.43 -4.55
C ARG A 86 29.64 19.33 -5.30
N ASP A 87 30.09 18.28 -4.60
CA ASP A 87 30.84 17.13 -5.12
C ASP A 87 30.18 16.44 -6.33
N GLN A 88 28.85 16.31 -6.34
CA GLN A 88 28.10 15.72 -7.46
C GLN A 88 28.10 16.61 -8.72
N PHE A 89 28.42 17.90 -8.58
CA PHE A 89 28.22 18.96 -9.58
C PHE A 89 29.46 19.85 -9.82
N GLU A 90 30.64 19.42 -9.37
CA GLU A 90 31.87 20.22 -9.30
C GLU A 90 32.32 20.80 -10.67
N GLY A 91 31.98 20.13 -11.78
CA GLY A 91 32.30 20.52 -13.16
C GLY A 91 31.13 21.02 -14.02
N ILE A 92 29.93 21.21 -13.44
CA ILE A 92 28.70 21.60 -14.15
C ILE A 92 27.95 22.73 -13.41
N GLU A 93 27.89 23.91 -14.02
CA GLU A 93 27.12 25.07 -13.51
C GLU A 93 25.61 24.78 -13.47
N LEU A 94 24.94 25.24 -12.41
CA LEU A 94 23.51 25.00 -12.13
C LEU A 94 22.73 26.33 -12.01
N GLU A 95 21.40 26.26 -11.90
CA GLU A 95 20.52 27.42 -11.73
C GLU A 95 19.27 27.09 -10.90
N LYS A 96 18.59 28.11 -10.34
CA LYS A 96 17.32 27.96 -9.59
C LYS A 96 16.15 27.66 -10.55
N GLY A 97 15.83 26.37 -10.72
CA GLY A 97 14.73 25.88 -11.55
C GLY A 97 15.20 25.32 -12.90
N MET A 98 15.98 24.24 -12.87
CA MET A 98 16.34 23.41 -14.03
C MET A 98 16.19 21.92 -13.73
N SER A 99 15.92 21.13 -14.77
CA SER A 99 15.87 19.66 -14.75
C SER A 99 17.28 19.06 -14.73
N VAL A 100 17.78 18.69 -13.55
CA VAL A 100 19.10 18.07 -13.34
C VAL A 100 18.99 16.54 -13.28
N PHE A 101 20.08 15.85 -13.61
CA PHE A 101 20.19 14.39 -13.56
C PHE A 101 21.07 13.93 -12.37
N GLY A 102 20.74 12.77 -11.80
CA GLY A 102 21.41 12.20 -10.62
C GLY A 102 21.71 10.70 -10.79
N GLN A 103 22.94 10.37 -11.20
CA GLN A 103 23.42 8.98 -11.29
C GLN A 103 23.66 8.39 -9.90
N THR A 104 22.88 7.36 -9.52
CA THR A 104 23.09 6.56 -8.30
C THR A 104 24.15 5.46 -8.53
N GLU A 105 24.79 5.02 -7.45
CA GLU A 105 25.67 3.83 -7.41
C GLU A 105 24.93 2.51 -7.71
N ASP A 106 23.59 2.50 -7.70
CA ASP A 106 22.74 1.38 -8.14
C ASP A 106 22.69 1.21 -9.68
N ASN A 107 23.66 1.75 -10.42
CA ASN A 107 23.83 1.69 -11.88
C ASN A 107 22.62 2.24 -12.67
N GLN A 108 21.96 3.27 -12.14
CA GLN A 108 20.80 3.98 -12.70
C GLN A 108 20.96 5.51 -12.56
N THR A 109 20.08 6.27 -13.22
CA THR A 109 20.01 7.73 -13.17
C THR A 109 18.56 8.20 -13.08
N ILE A 110 18.26 9.20 -12.24
CA ILE A 110 16.95 9.87 -12.16
C ILE A 110 17.02 11.31 -12.68
N GLN A 111 15.86 11.96 -12.84
CA GLN A 111 15.70 13.38 -13.16
C GLN A 111 14.88 14.09 -12.07
N ALA A 112 15.35 15.25 -11.63
CA ALA A 112 14.77 16.09 -10.57
C ALA A 112 14.90 17.58 -10.89
N ILE A 113 14.27 18.46 -10.12
CA ILE A 113 14.29 19.91 -10.33
C ILE A 113 15.04 20.61 -9.18
N ILE A 114 16.04 21.43 -9.52
CA ILE A 114 16.78 22.26 -8.56
C ILE A 114 15.88 23.36 -7.98
N LYS A 115 15.84 23.48 -6.65
CA LYS A 115 15.15 24.56 -5.91
C LYS A 115 16.07 25.75 -5.65
N ASP A 116 17.28 25.51 -5.13
CA ASP A 116 18.27 26.53 -4.77
C ASP A 116 19.71 26.00 -4.85
N PHE A 117 20.71 26.89 -4.75
CA PHE A 117 22.14 26.53 -4.67
C PHE A 117 22.93 27.41 -3.68
N SER A 118 24.03 26.87 -3.18
CA SER A 118 24.99 27.47 -2.24
C SER A 118 26.40 27.48 -2.86
N ALA A 119 27.34 28.18 -2.23
CA ALA A 119 28.76 28.15 -2.59
C ALA A 119 29.40 26.75 -2.44
N THR A 120 28.85 25.90 -1.54
CA THR A 120 29.42 24.58 -1.17
C THR A 120 28.41 23.42 -1.20
N HIS A 121 27.12 23.70 -1.37
CA HIS A 121 26.02 22.72 -1.44
C HIS A 121 24.97 23.12 -2.49
N VAL A 122 24.02 22.25 -2.78
CA VAL A 122 22.90 22.44 -3.71
C VAL A 122 21.63 21.84 -3.08
N MET A 123 20.45 22.39 -3.40
CA MET A 123 19.15 21.97 -2.84
C MET A 123 18.16 21.63 -3.95
N VAL A 124 17.77 20.35 -4.03
CA VAL A 124 16.93 19.79 -5.10
C VAL A 124 15.68 19.09 -4.56
N ASP A 125 14.71 18.85 -5.44
CA ASP A 125 13.41 18.24 -5.10
C ASP A 125 13.35 16.75 -5.49
N TYR A 126 13.78 15.85 -4.59
CA TYR A 126 13.64 14.39 -4.73
C TYR A 126 12.23 13.90 -4.31
N ASN A 127 11.94 12.62 -4.55
CA ASN A 127 10.73 11.91 -4.13
C ASN A 127 11.06 10.92 -3.00
N HIS A 128 10.62 11.19 -1.76
CA HIS A 128 10.90 10.34 -0.59
C HIS A 128 10.22 8.96 -0.72
N PRO A 129 10.90 7.83 -0.44
CA PRO A 129 10.36 6.50 -0.68
C PRO A 129 9.18 6.11 0.22
N LEU A 130 9.14 6.60 1.47
CA LEU A 130 8.05 6.41 2.45
C LEU A 130 6.82 7.29 2.09
N ALA A 131 6.31 7.14 0.86
CA ALA A 131 5.25 7.96 0.28
C ALA A 131 3.84 7.48 0.67
N GLY A 132 3.18 8.18 1.60
CA GLY A 132 1.83 7.88 2.09
C GLY A 132 1.81 7.36 3.55
N LYS A 133 0.72 6.68 3.91
CA LYS A 133 0.51 5.98 5.19
C LYS A 133 0.02 4.54 4.99
N THR A 134 0.19 3.68 5.99
CA THR A 134 -0.16 2.24 5.96
C THR A 134 -1.65 1.99 5.80
N LEU A 135 -2.01 0.92 5.08
CA LEU A 135 -3.38 0.57 4.69
C LEU A 135 -3.72 -0.89 5.00
N ALA A 136 -4.91 -1.13 5.55
CA ALA A 136 -5.44 -2.43 5.91
C ALA A 136 -6.05 -3.14 4.68
N PHE A 137 -5.28 -4.03 4.05
CA PHE A 137 -5.79 -4.99 3.05
C PHE A 137 -6.45 -6.20 3.73
N ARG A 138 -7.71 -6.05 4.13
CA ARG A 138 -8.59 -7.15 4.57
C ARG A 138 -9.07 -7.94 3.35
N PHE A 139 -8.97 -9.27 3.39
CA PHE A 139 -9.44 -10.15 2.30
C PHE A 139 -9.95 -11.51 2.80
N LYS A 140 -10.58 -12.29 1.92
CA LYS A 140 -11.04 -13.67 2.19
C LYS A 140 -10.93 -14.55 0.93
N VAL A 141 -10.61 -15.83 1.14
CA VAL A 141 -10.72 -16.89 0.14
C VAL A 141 -12.15 -17.42 0.14
N LEU A 142 -12.98 -17.00 -0.82
CA LEU A 142 -14.39 -17.42 -0.92
C LEU A 142 -14.51 -18.91 -1.30
N GLY A 143 -13.56 -19.44 -2.08
CA GLY A 143 -13.43 -20.88 -2.35
C GLY A 143 -12.79 -21.20 -3.71
N PHE A 144 -12.84 -22.49 -4.06
CA PHE A 144 -12.26 -23.06 -5.28
C PHE A 144 -13.34 -23.80 -6.10
N ARG A 145 -13.59 -23.36 -7.33
CA ARG A 145 -14.64 -23.91 -8.23
C ARG A 145 -14.15 -24.05 -9.68
N GLU A 146 -14.32 -25.23 -10.26
CA GLU A 146 -13.99 -25.50 -11.68
C GLU A 146 -15.06 -24.88 -12.61
N VAL A 147 -14.66 -23.90 -13.42
CA VAL A 147 -15.48 -23.19 -14.40
C VAL A 147 -14.71 -22.98 -15.72
N SER A 148 -15.43 -22.65 -16.81
CA SER A 148 -14.87 -22.36 -18.13
C SER A 148 -15.49 -21.12 -18.76
N GLU A 149 -14.69 -20.37 -19.54
CA GLU A 149 -15.09 -19.12 -20.22
C GLU A 149 -15.67 -19.36 -21.64
N GLU A 150 -16.19 -20.57 -21.90
CA GLU A 150 -16.66 -21.07 -23.21
C GLU A 150 -15.53 -21.14 -24.29
N GLU A 151 -14.27 -21.04 -23.88
CA GLU A 151 -13.05 -21.13 -24.71
C GLU A 151 -12.84 -22.49 -25.41
N MET A 1 5.60 -20.51 -2.45
CA MET A 1 6.73 -21.32 -3.00
C MET A 1 7.65 -21.85 -1.89
N GLN A 2 7.11 -22.59 -0.90
CA GLN A 2 7.88 -23.09 0.26
C GLN A 2 7.44 -24.50 0.65
N ASN A 3 6.18 -24.68 1.08
CA ASN A 3 5.55 -25.99 1.31
C ASN A 3 5.16 -26.68 -0.02
N HIS A 4 4.72 -27.94 0.04
CA HIS A 4 4.41 -28.80 -1.11
C HIS A 4 2.98 -29.37 -1.01
N ASP A 5 2.01 -28.68 -1.60
CA ASP A 5 0.61 -29.11 -1.73
C ASP A 5 0.41 -30.15 -2.87
N LEU A 6 -0.78 -30.74 -2.94
CA LEU A 6 -1.18 -31.77 -3.92
C LEU A 6 -2.36 -31.26 -4.78
N GLU A 7 -2.11 -30.99 -6.06
CA GLU A 7 -3.05 -30.41 -7.02
C GLU A 7 -3.05 -31.15 -8.38
N SER A 8 -3.67 -32.34 -8.42
CA SER A 8 -3.80 -33.14 -9.65
C SER A 8 -4.76 -32.54 -10.71
N ILE A 9 -5.67 -31.64 -10.32
CA ILE A 9 -6.69 -31.00 -11.17
C ILE A 9 -6.71 -29.48 -10.95
N LYS A 10 -6.71 -28.71 -12.05
CA LYS A 10 -6.76 -27.23 -12.05
C LYS A 10 -8.17 -26.71 -11.70
N GLN A 11 -8.24 -25.67 -10.87
CA GLN A 11 -9.46 -25.06 -10.35
C GLN A 11 -9.35 -23.52 -10.38
N ALA A 12 -10.49 -22.83 -10.45
CA ALA A 12 -10.58 -21.37 -10.26
C ALA A 12 -10.67 -21.03 -8.77
N ALA A 13 -9.59 -20.48 -8.22
CA ALA A 13 -9.57 -19.81 -6.93
C ALA A 13 -10.32 -18.47 -7.00
N LEU A 14 -11.25 -18.25 -6.07
CA LEU A 14 -11.99 -17.00 -5.88
C LEU A 14 -11.60 -16.36 -4.54
N ILE A 15 -11.15 -15.11 -4.59
CA ILE A 15 -10.88 -14.28 -3.40
C ILE A 15 -11.59 -12.91 -3.49
N GLU A 16 -11.71 -12.22 -2.36
CA GLU A 16 -12.32 -10.89 -2.22
C GLU A 16 -11.45 -10.01 -1.32
N TYR A 17 -11.23 -8.74 -1.68
CA TYR A 17 -10.41 -7.79 -0.92
C TYR A 17 -11.01 -6.37 -0.78
N GLU A 18 -10.54 -5.66 0.26
CA GLU A 18 -10.88 -4.30 0.67
C GLU A 18 -9.58 -3.59 1.11
N VAL A 19 -9.44 -2.30 0.78
CA VAL A 19 -8.32 -1.44 1.21
C VAL A 19 -8.87 -0.20 1.93
N ARG A 20 -8.63 -0.15 3.25
CA ARG A 20 -9.07 0.92 4.15
C ARG A 20 -7.90 1.56 4.92
N GLU A 21 -8.19 2.67 5.58
CA GLU A 21 -7.26 3.35 6.50
C GLU A 21 -6.91 2.46 7.71
N GLN A 22 -5.73 2.63 8.30
CA GLN A 22 -5.25 1.84 9.45
C GLN A 22 -6.00 2.11 10.77
N GLY A 23 -6.68 3.26 10.91
CA GLY A 23 -7.38 3.68 12.13
C GLY A 23 -8.65 4.52 11.89
N SER A 24 -9.31 4.38 10.73
CA SER A 24 -10.57 5.08 10.39
C SER A 24 -11.53 4.18 9.61
N SER A 25 -12.81 4.57 9.60
CA SER A 25 -13.92 3.85 8.95
C SER A 25 -13.94 3.99 7.42
N ILE A 26 -13.24 4.98 6.85
CA ILE A 26 -13.21 5.24 5.40
C ILE A 26 -12.57 4.08 4.61
N VAL A 27 -12.99 3.92 3.35
CA VAL A 27 -12.56 2.85 2.44
C VAL A 27 -12.12 3.46 1.11
N LEU A 28 -10.84 3.30 0.75
CA LEU A 28 -10.26 3.84 -0.48
C LEU A 28 -10.72 3.06 -1.72
N ASP A 29 -10.73 1.73 -1.65
CA ASP A 29 -11.26 0.84 -2.69
C ASP A 29 -11.69 -0.53 -2.12
N SER A 30 -12.46 -1.31 -2.88
CA SER A 30 -12.94 -2.65 -2.55
C SER A 30 -13.51 -3.38 -3.77
N ASN A 31 -13.59 -4.71 -3.70
CA ASN A 31 -14.39 -5.53 -4.61
C ASN A 31 -15.38 -6.48 -3.89
N ILE A 32 -15.47 -6.46 -2.56
CA ILE A 32 -16.25 -7.40 -1.72
C ILE A 32 -17.70 -7.63 -2.21
N SER A 33 -18.42 -6.55 -2.55
CA SER A 33 -19.81 -6.59 -3.03
C SER A 33 -19.93 -6.63 -4.57
N LYS A 34 -18.80 -6.58 -5.29
CA LYS A 34 -18.65 -6.62 -6.75
C LYS A 34 -18.31 -8.04 -7.23
N GLU A 35 -17.87 -8.18 -8.48
CA GLU A 35 -17.35 -9.44 -9.05
C GLU A 35 -16.07 -9.93 -8.30
N PRO A 36 -15.95 -11.22 -7.94
CA PRO A 36 -14.78 -11.76 -7.25
C PRO A 36 -13.52 -11.81 -8.14
N LEU A 37 -12.35 -11.86 -7.50
CA LEU A 37 -11.06 -12.08 -8.16
C LEU A 37 -10.87 -13.58 -8.46
N GLU A 38 -11.22 -13.98 -9.68
CA GLU A 38 -11.02 -15.32 -10.23
C GLU A 38 -9.58 -15.50 -10.78
N PHE A 39 -8.85 -16.53 -10.34
CA PHE A 39 -7.54 -16.91 -10.89
C PHE A 39 -7.24 -18.42 -10.78
N ILE A 40 -6.14 -18.88 -11.40
CA ILE A 40 -5.64 -20.27 -11.33
C ILE A 40 -4.34 -20.30 -10.51
N ILE A 41 -4.13 -21.34 -9.71
CA ILE A 41 -3.00 -21.51 -8.76
C ILE A 41 -1.64 -21.19 -9.41
N GLY A 42 -0.91 -20.22 -8.85
CA GLY A 42 0.39 -19.74 -9.33
C GLY A 42 0.28 -18.74 -10.47
N THR A 43 -0.07 -17.48 -10.15
CA THR A 43 -0.35 -16.41 -11.13
C THR A 43 0.39 -15.08 -10.87
N ASN A 44 0.73 -14.76 -9.62
CA ASN A 44 1.46 -13.55 -9.19
C ASN A 44 0.84 -12.19 -9.64
N GLN A 45 -0.46 -12.15 -9.97
CA GLN A 45 -1.10 -10.98 -10.61
C GLN A 45 -1.43 -9.81 -9.66
N ILE A 46 -1.68 -10.09 -8.39
CA ILE A 46 -1.95 -9.10 -7.32
C ILE A 46 -0.65 -8.52 -6.73
N ILE A 47 -0.78 -7.49 -5.89
CA ILE A 47 0.35 -6.89 -5.14
C ILE A 47 1.10 -7.96 -4.32
N ALA A 48 2.43 -7.87 -4.27
CA ALA A 48 3.28 -8.87 -3.62
C ALA A 48 2.94 -9.06 -2.13
N GLY A 49 2.63 -7.97 -1.42
CA GLY A 49 2.23 -7.99 0.00
C GLY A 49 0.95 -8.80 0.28
N LEU A 50 0.01 -8.85 -0.69
CA LEU A 50 -1.18 -9.69 -0.63
C LEU A 50 -0.88 -11.12 -1.13
N GLU A 51 -0.14 -11.28 -2.23
CA GLU A 51 0.23 -12.60 -2.79
C GLU A 51 0.90 -13.50 -1.76
N LYS A 52 1.89 -12.97 -1.02
CA LYS A 52 2.57 -13.67 0.09
C LYS A 52 1.69 -13.95 1.32
N ALA A 53 0.41 -13.57 1.29
CA ALA A 53 -0.59 -13.85 2.33
C ALA A 53 -1.75 -14.76 1.84
N VAL A 54 -2.10 -14.80 0.55
CA VAL A 54 -3.20 -15.66 0.03
C VAL A 54 -2.98 -17.14 0.36
N LEU A 55 -1.75 -17.66 0.21
CA LEU A 55 -1.37 -19.02 0.61
C LEU A 55 -1.37 -19.29 2.13
N LYS A 56 -1.45 -18.23 2.97
CA LYS A 56 -1.43 -18.30 4.44
C LYS A 56 -2.85 -18.23 5.04
N ALA A 57 -3.75 -17.43 4.44
CA ALA A 57 -5.16 -17.34 4.80
C ALA A 57 -5.91 -18.66 4.53
N GLN A 58 -6.83 -19.04 5.43
CA GLN A 58 -7.68 -20.23 5.28
C GLN A 58 -8.96 -19.92 4.47
N ILE A 59 -9.52 -20.96 3.84
CA ILE A 59 -10.82 -20.92 3.17
C ILE A 59 -11.94 -20.55 4.16
N GLY A 60 -12.79 -19.59 3.80
CA GLY A 60 -13.94 -19.15 4.59
C GLY A 60 -13.58 -18.33 5.85
N GLU A 61 -12.33 -17.86 5.98
CA GLU A 61 -11.81 -17.15 7.16
C GLU A 61 -11.18 -15.80 6.77
N TRP A 62 -11.77 -14.69 7.22
CA TRP A 62 -11.23 -13.34 7.00
C TRP A 62 -9.82 -13.16 7.57
N GLU A 63 -8.97 -12.43 6.84
CA GLU A 63 -7.61 -12.06 7.26
C GLU A 63 -7.32 -10.58 6.91
N GLU A 64 -6.60 -9.89 7.79
CA GLU A 64 -6.17 -8.50 7.62
C GLU A 64 -4.63 -8.41 7.66
N VAL A 65 -4.06 -7.76 6.65
CA VAL A 65 -2.62 -7.56 6.43
C VAL A 65 -2.32 -6.09 6.14
N VAL A 66 -1.66 -5.41 7.08
CA VAL A 66 -1.20 -4.01 6.91
C VAL A 66 -0.06 -3.96 5.89
N ILE A 67 -0.21 -3.13 4.85
CA ILE A 67 0.77 -2.92 3.78
C ILE A 67 1.29 -1.48 3.83
N ALA A 68 2.60 -1.31 3.60
CA ALA A 68 3.25 0.00 3.46
C ALA A 68 2.75 0.76 2.19
N PRO A 69 2.82 2.10 2.16
CA PRO A 69 2.27 2.89 1.05
C PRO A 69 2.92 2.54 -0.32
N GLU A 70 4.23 2.33 -0.33
CA GLU A 70 4.99 2.02 -1.56
C GLU A 70 4.82 0.55 -2.04
N GLU A 71 4.35 -0.36 -1.16
CA GLU A 71 4.16 -1.79 -1.47
C GLU A 71 2.75 -2.13 -2.02
N ALA A 72 1.80 -1.19 -1.99
CA ALA A 72 0.44 -1.34 -2.50
C ALA A 72 0.06 -0.18 -3.43
N TYR A 73 0.53 -0.22 -4.68
CA TYR A 73 0.39 0.81 -5.72
C TYR A 73 0.53 2.25 -5.18
N GLY A 74 1.77 2.65 -4.86
CA GLY A 74 2.12 3.96 -4.31
C GLY A 74 1.77 5.13 -5.24
N VAL A 75 0.66 5.83 -4.97
CA VAL A 75 0.12 6.95 -5.76
C VAL A 75 0.04 8.24 -4.92
N TYR A 76 1.20 8.70 -4.46
CA TYR A 76 1.38 9.98 -3.76
C TYR A 76 1.06 11.20 -4.64
N GLU A 77 0.89 12.36 -3.99
CA GLU A 77 0.63 13.68 -4.61
C GLU A 77 1.67 14.75 -4.22
N SER A 78 2.76 14.35 -3.54
CA SER A 78 3.87 15.19 -3.10
C SER A 78 4.86 15.59 -4.22
N SER A 79 4.49 15.43 -5.49
CA SER A 79 5.21 15.83 -6.69
C SER A 79 5.49 17.35 -6.74
N TYR A 80 6.76 17.76 -6.67
CA TYR A 80 7.21 19.16 -6.71
C TYR A 80 8.47 19.36 -7.59
N LEU A 81 8.60 20.54 -8.19
CA LEU A 81 9.75 20.92 -9.02
C LEU A 81 10.92 21.37 -8.13
N GLN A 82 11.93 20.52 -7.97
CA GLN A 82 13.21 20.87 -7.33
C GLN A 82 14.19 21.41 -8.39
N GLU A 83 14.59 22.67 -8.25
CA GLU A 83 15.72 23.27 -8.98
C GLU A 83 17.05 22.70 -8.47
N VAL A 84 17.75 21.92 -9.29
CA VAL A 84 19.06 21.29 -9.01
C VAL A 84 20.12 21.76 -10.01
N PRO A 85 21.42 21.71 -9.67
CA PRO A 85 22.48 22.14 -10.59
C PRO A 85 22.69 21.13 -11.73
N ARG A 86 23.11 21.64 -12.89
CA ARG A 86 23.51 20.84 -14.08
C ARG A 86 24.70 19.92 -13.82
N ASP A 87 25.46 20.18 -12.75
CA ASP A 87 26.55 19.34 -12.21
C ASP A 87 26.17 17.86 -12.02
N GLN A 88 24.91 17.57 -11.68
CA GLN A 88 24.39 16.21 -11.51
C GLN A 88 24.21 15.43 -12.84
N PHE A 89 24.32 16.12 -13.98
CA PHE A 89 23.96 15.61 -15.32
C PHE A 89 24.99 15.92 -16.42
N GLU A 90 26.22 16.32 -16.05
CA GLU A 90 27.30 16.64 -17.00
C GLU A 90 27.59 15.49 -17.98
N GLY A 91 27.29 15.71 -19.27
CA GLY A 91 27.46 14.74 -20.36
C GLY A 91 26.21 13.95 -20.75
N ILE A 92 25.05 14.23 -20.15
CA ILE A 92 23.78 13.52 -20.36
C ILE A 92 22.80 14.40 -21.16
N GLU A 93 22.07 13.81 -22.11
CA GLU A 93 21.18 14.47 -23.09
C GLU A 93 19.80 14.88 -22.49
N LEU A 94 19.81 15.67 -21.41
CA LEU A 94 18.62 16.15 -20.69
C LEU A 94 17.62 16.91 -21.59
N GLU A 95 16.34 16.52 -21.49
CA GLU A 95 15.21 17.09 -22.24
C GLU A 95 13.90 16.91 -21.42
N LYS A 96 12.94 17.84 -21.56
CA LYS A 96 11.64 17.81 -20.85
C LYS A 96 10.84 16.55 -21.17
N GLY A 97 10.26 15.94 -20.12
CA GLY A 97 9.34 14.80 -20.22
C GLY A 97 9.96 13.41 -20.11
N MET A 98 11.29 13.26 -20.13
CA MET A 98 11.94 11.95 -19.90
C MET A 98 11.81 11.48 -18.45
N SER A 99 11.82 10.16 -18.24
CA SER A 99 12.07 9.52 -16.94
C SER A 99 13.57 9.51 -16.63
N VAL A 100 14.01 10.43 -15.77
CA VAL A 100 15.39 10.50 -15.24
C VAL A 100 15.52 9.65 -13.97
N PHE A 101 16.75 9.29 -13.60
CA PHE A 101 17.07 8.47 -12.42
C PHE A 101 18.20 9.09 -11.57
N GLY A 102 18.33 8.65 -10.32
CA GLY A 102 19.33 9.15 -9.37
C GLY A 102 19.70 8.12 -8.30
N GLN A 103 20.91 7.56 -8.37
CA GLN A 103 21.44 6.65 -7.35
C GLN A 103 21.67 7.38 -6.01
N THR A 104 21.48 6.67 -4.89
CA THR A 104 21.74 7.15 -3.53
C THR A 104 22.63 6.17 -2.73
N GLU A 105 23.29 6.67 -1.70
CA GLU A 105 24.23 5.95 -0.83
C GLU A 105 23.57 4.83 0.00
N ASP A 106 22.23 4.81 0.09
CA ASP A 106 21.40 3.72 0.65
C ASP A 106 21.30 2.48 -0.26
N ASN A 107 22.14 2.37 -1.31
CA ASN A 107 22.16 1.32 -2.33
C ASN A 107 20.82 1.18 -3.09
N GLN A 108 20.19 2.31 -3.40
CA GLN A 108 18.92 2.45 -4.14
C GLN A 108 19.05 3.51 -5.25
N THR A 109 18.04 3.60 -6.12
CA THR A 109 17.96 4.54 -7.25
C THR A 109 16.50 5.03 -7.40
N ILE A 110 16.24 6.32 -7.12
CA ILE A 110 14.90 6.90 -7.34
C ILE A 110 14.67 7.21 -8.83
N GLN A 111 13.41 7.49 -9.20
CA GLN A 111 13.04 8.02 -10.51
C GLN A 111 12.33 9.37 -10.39
N ALA A 112 12.39 10.19 -11.44
CA ALA A 112 11.78 11.51 -11.53
C ALA A 112 11.51 11.89 -13.00
N ILE A 113 10.88 13.05 -13.25
CA ILE A 113 10.52 13.53 -14.60
C ILE A 113 11.00 14.98 -14.79
N ILE A 114 11.72 15.27 -15.88
CA ILE A 114 12.20 16.62 -16.21
C ILE A 114 11.04 17.54 -16.58
N LYS A 115 10.92 18.70 -15.92
CA LYS A 115 9.83 19.69 -16.13
C LYS A 115 10.30 20.96 -16.85
N ASP A 116 11.48 21.47 -16.53
CA ASP A 116 12.14 22.56 -17.26
C ASP A 116 13.68 22.46 -17.16
N PHE A 117 14.43 23.05 -18.11
CA PHE A 117 15.90 23.05 -18.07
C PHE A 117 16.52 24.32 -18.69
N SER A 118 17.69 24.70 -18.17
CA SER A 118 18.52 25.83 -18.63
C SER A 118 20.02 25.47 -18.52
N ALA A 119 20.90 26.30 -19.09
CA ALA A 119 22.36 26.15 -18.95
C ALA A 119 22.86 26.39 -17.50
N THR A 120 22.11 27.15 -16.70
CA THR A 120 22.38 27.47 -15.28
C THR A 120 21.98 26.30 -14.36
N HIS A 121 20.68 26.02 -14.26
CA HIS A 121 20.05 24.98 -13.43
C HIS A 121 18.98 24.20 -14.21
N VAL A 122 18.47 23.12 -13.63
CA VAL A 122 17.42 22.25 -14.20
C VAL A 122 16.38 21.91 -13.14
N MET A 123 15.11 21.82 -13.53
CA MET A 123 13.93 21.69 -12.65
C MET A 123 13.23 20.35 -12.88
N VAL A 124 13.27 19.50 -11.85
CA VAL A 124 12.93 18.07 -11.93
C VAL A 124 11.81 17.75 -10.93
N ASP A 125 10.80 16.98 -11.35
CA ASP A 125 9.68 16.54 -10.54
C ASP A 125 10.09 15.48 -9.50
N TYR A 126 10.59 15.95 -8.35
CA TYR A 126 10.93 15.15 -7.17
C TYR A 126 9.72 14.97 -6.23
N ASN A 127 9.87 14.09 -5.23
CA ASN A 127 8.89 13.76 -4.19
C ASN A 127 9.60 13.25 -2.93
N HIS A 128 8.86 13.10 -1.82
CA HIS A 128 9.36 12.48 -0.59
C HIS A 128 9.63 10.97 -0.82
N PRO A 129 10.73 10.38 -0.31
CA PRO A 129 11.12 9.00 -0.61
C PRO A 129 10.27 7.92 0.11
N LEU A 130 9.42 8.33 1.06
CA LEU A 130 8.48 7.49 1.81
C LEU A 130 7.05 8.10 1.85
N ALA A 131 6.67 8.80 0.77
CA ALA A 131 5.36 9.46 0.63
C ALA A 131 4.16 8.51 0.81
N GLY A 132 2.98 9.06 1.13
CA GLY A 132 1.77 8.31 1.49
C GLY A 132 1.77 7.84 2.96
N LYS A 133 0.78 7.01 3.31
CA LYS A 133 0.58 6.42 4.65
C LYS A 133 0.21 4.93 4.59
N THR A 134 0.42 4.19 5.68
CA THR A 134 0.12 2.74 5.76
C THR A 134 -1.38 2.46 5.65
N LEU A 135 -1.75 1.31 5.06
CA LEU A 135 -3.14 0.91 4.79
C LEU A 135 -3.39 -0.56 5.17
N ALA A 136 -4.64 -0.89 5.49
CA ALA A 136 -5.06 -2.23 5.87
C ALA A 136 -5.77 -2.93 4.71
N PHE A 137 -5.09 -3.88 4.05
CA PHE A 137 -5.69 -4.81 3.11
C PHE A 137 -6.38 -5.96 3.86
N ARG A 138 -7.71 -5.98 3.85
CA ARG A 138 -8.56 -6.98 4.49
C ARG A 138 -9.22 -7.84 3.41
N PHE A 139 -8.98 -9.15 3.45
CA PHE A 139 -9.37 -10.08 2.39
C PHE A 139 -9.82 -11.45 2.92
N LYS A 140 -10.40 -12.28 2.05
CA LYS A 140 -10.76 -13.68 2.33
C LYS A 140 -10.64 -14.57 1.10
N VAL A 141 -10.23 -15.82 1.33
CA VAL A 141 -10.32 -16.92 0.35
C VAL A 141 -11.72 -17.53 0.41
N LEU A 142 -12.57 -17.20 -0.57
CA LEU A 142 -13.94 -17.73 -0.65
C LEU A 142 -13.96 -19.23 -0.96
N GLY A 143 -13.01 -19.70 -1.80
CA GLY A 143 -12.82 -21.10 -2.12
C GLY A 143 -12.38 -21.36 -3.57
N PHE A 144 -12.49 -22.62 -3.98
CA PHE A 144 -12.09 -23.12 -5.29
C PHE A 144 -13.29 -23.78 -6.00
N ARG A 145 -13.53 -23.47 -7.27
CA ARG A 145 -14.57 -24.06 -8.12
C ARG A 145 -14.00 -24.66 -9.40
N GLU A 146 -14.74 -25.58 -10.02
CA GLU A 146 -14.36 -26.23 -11.28
C GLU A 146 -14.49 -25.27 -12.48
N VAL A 147 -13.43 -25.18 -13.29
CA VAL A 147 -13.37 -24.36 -14.52
C VAL A 147 -14.27 -24.90 -15.66
N SER A 148 -14.43 -24.10 -16.73
CA SER A 148 -15.11 -24.41 -18.00
C SER A 148 -16.63 -24.58 -17.86
N GLU A 149 -17.39 -23.53 -18.18
CA GLU A 149 -18.86 -23.46 -18.13
C GLU A 149 -19.55 -24.24 -19.28
N GLU A 150 -19.19 -25.52 -19.42
CA GLU A 150 -19.64 -26.48 -20.45
C GLU A 150 -19.34 -26.06 -21.92
N GLU A 151 -18.48 -25.06 -22.11
CA GLU A 151 -18.06 -24.48 -23.40
C GLU A 151 -17.37 -25.47 -24.37
N MET A 1 11.08 -18.11 -12.61
CA MET A 1 11.19 -19.38 -11.85
C MET A 1 10.80 -20.58 -12.71
N GLN A 2 11.22 -21.78 -12.31
CA GLN A 2 10.95 -23.07 -12.98
C GLN A 2 10.17 -24.08 -12.09
N ASN A 3 9.63 -23.63 -10.95
CA ASN A 3 8.77 -24.43 -10.08
C ASN A 3 7.45 -24.84 -10.77
N HIS A 4 6.93 -26.01 -10.42
CA HIS A 4 5.59 -26.51 -10.78
C HIS A 4 5.07 -27.52 -9.74
N ASP A 5 3.78 -27.86 -9.83
CA ASP A 5 3.05 -28.75 -8.91
C ASP A 5 2.10 -29.70 -9.67
N LEU A 6 1.41 -30.59 -8.96
CA LEU A 6 0.35 -31.46 -9.50
C LEU A 6 -0.93 -30.65 -9.79
N GLU A 7 -1.15 -30.31 -11.06
CA GLU A 7 -2.30 -29.53 -11.56
C GLU A 7 -3.00 -30.25 -12.75
N SER A 8 -3.53 -31.45 -12.50
CA SER A 8 -4.17 -32.31 -13.52
C SER A 8 -5.37 -31.63 -14.21
N ILE A 9 -6.22 -30.93 -13.45
CA ILE A 9 -7.43 -30.23 -13.91
C ILE A 9 -7.42 -28.78 -13.40
N LYS A 10 -7.95 -27.83 -14.20
CA LYS A 10 -8.08 -26.40 -13.88
C LYS A 10 -9.05 -26.17 -12.71
N GLN A 11 -8.72 -25.22 -11.83
CA GLN A 11 -9.51 -24.82 -10.65
C GLN A 11 -9.54 -23.29 -10.51
N ALA A 12 -10.73 -22.69 -10.56
CA ALA A 12 -10.96 -21.28 -10.29
C ALA A 12 -10.93 -20.98 -8.79
N ALA A 13 -9.86 -20.36 -8.32
CA ALA A 13 -9.77 -19.69 -7.02
C ALA A 13 -10.56 -18.37 -7.05
N LEU A 14 -11.49 -18.19 -6.11
CA LEU A 14 -12.28 -16.96 -5.92
C LEU A 14 -11.87 -16.26 -4.62
N ILE A 15 -11.46 -14.98 -4.71
CA ILE A 15 -11.13 -14.14 -3.55
C ILE A 15 -11.81 -12.76 -3.62
N GLU A 16 -11.91 -12.07 -2.48
CA GLU A 16 -12.46 -10.71 -2.34
C GLU A 16 -11.56 -9.86 -1.43
N TYR A 17 -11.46 -8.54 -1.69
CA TYR A 17 -10.58 -7.63 -0.94
C TYR A 17 -11.16 -6.21 -0.72
N GLU A 18 -10.69 -5.54 0.34
CA GLU A 18 -11.09 -4.20 0.81
C GLU A 18 -9.89 -3.47 1.42
N VAL A 19 -9.63 -2.23 0.99
CA VAL A 19 -8.51 -1.37 1.41
C VAL A 19 -9.01 -0.25 2.32
N ARG A 20 -8.67 -0.32 3.61
CA ARG A 20 -9.06 0.62 4.66
C ARG A 20 -7.84 1.34 5.24
N GLU A 21 -8.04 2.56 5.74
CA GLU A 21 -7.01 3.34 6.45
C GLU A 21 -6.75 2.69 7.83
N GLN A 22 -5.49 2.39 8.15
CA GLN A 22 -5.11 1.82 9.46
C GLN A 22 -5.18 2.89 10.58
N GLY A 23 -6.41 3.20 11.00
CA GLY A 23 -6.74 4.15 12.07
C GLY A 23 -7.97 5.04 11.82
N SER A 24 -8.60 5.01 10.64
CA SER A 24 -9.77 5.83 10.28
C SER A 24 -10.90 5.01 9.62
N SER A 25 -12.15 5.37 9.90
CA SER A 25 -13.41 4.68 9.57
C SER A 25 -13.88 4.81 8.11
N ILE A 26 -12.95 4.93 7.15
CA ILE A 26 -13.22 5.17 5.72
C ILE A 26 -12.90 3.94 4.85
N VAL A 27 -13.17 4.01 3.54
CA VAL A 27 -12.86 2.98 2.54
C VAL A 27 -12.21 3.65 1.32
N LEU A 28 -10.96 3.30 1.03
CA LEU A 28 -10.20 3.85 -0.11
C LEU A 28 -10.58 3.16 -1.42
N ASP A 29 -10.50 1.82 -1.45
CA ASP A 29 -10.88 0.95 -2.56
C ASP A 29 -11.48 -0.35 -2.01
N SER A 30 -12.39 -0.98 -2.77
CA SER A 30 -12.94 -2.31 -2.42
C SER A 30 -13.50 -3.05 -3.64
N ASN A 31 -13.46 -4.38 -3.58
CA ASN A 31 -14.02 -5.28 -4.58
C ASN A 31 -15.06 -6.27 -4.01
N ILE A 32 -15.24 -6.31 -2.68
CA ILE A 32 -16.18 -7.22 -1.97
C ILE A 32 -17.65 -6.95 -2.37
N SER A 33 -18.01 -5.68 -2.58
CA SER A 33 -19.33 -5.25 -3.07
C SER A 33 -19.56 -5.54 -4.57
N LYS A 34 -18.51 -5.93 -5.30
CA LYS A 34 -18.44 -6.10 -6.76
C LYS A 34 -18.20 -7.59 -7.13
N GLU A 35 -17.93 -7.86 -8.41
CA GLU A 35 -17.55 -9.19 -8.91
C GLU A 35 -16.25 -9.72 -8.24
N PRO A 36 -16.23 -10.91 -7.63
CA PRO A 36 -15.03 -11.45 -6.97
C PRO A 36 -13.90 -11.75 -7.96
N LEU A 37 -12.65 -11.69 -7.49
CA LEU A 37 -11.44 -11.94 -8.26
C LEU A 37 -11.22 -13.43 -8.50
N GLU A 38 -11.41 -13.87 -9.75
CA GLU A 38 -11.18 -15.23 -10.22
C GLU A 38 -9.76 -15.39 -10.82
N PHE A 39 -9.04 -16.44 -10.42
CA PHE A 39 -7.77 -16.87 -11.05
C PHE A 39 -7.56 -18.39 -11.01
N ILE A 40 -6.58 -18.90 -11.76
CA ILE A 40 -6.16 -20.31 -11.75
C ILE A 40 -4.88 -20.47 -10.91
N ILE A 41 -4.72 -21.61 -10.25
CA ILE A 41 -3.59 -21.96 -9.37
C ILE A 41 -2.24 -21.65 -10.04
N GLY A 42 -1.45 -20.75 -9.42
CA GLY A 42 -0.17 -20.26 -9.94
C GLY A 42 -0.33 -19.13 -10.97
N THR A 43 -0.61 -17.91 -10.51
CA THR A 43 -0.89 -16.72 -11.35
C THR A 43 0.04 -15.53 -11.08
N ASN A 44 0.42 -15.28 -9.82
CA ASN A 44 1.27 -14.18 -9.35
C ASN A 44 0.82 -12.76 -9.78
N GLN A 45 -0.47 -12.56 -10.11
CA GLN A 45 -1.01 -11.29 -10.65
C GLN A 45 -1.28 -10.19 -9.59
N ILE A 46 -1.50 -10.57 -8.33
CA ILE A 46 -1.75 -9.63 -7.20
C ILE A 46 -0.45 -9.00 -6.67
N ILE A 47 -0.57 -7.96 -5.84
CA ILE A 47 0.56 -7.28 -5.18
C ILE A 47 1.37 -8.24 -4.30
N ALA A 48 2.70 -8.11 -4.28
CA ALA A 48 3.60 -9.03 -3.59
C ALA A 48 3.34 -9.16 -2.08
N GLY A 49 2.95 -8.05 -1.42
CA GLY A 49 2.57 -8.02 0.00
C GLY A 49 1.33 -8.86 0.35
N LEU A 50 0.44 -9.08 -0.64
CA LEU A 50 -0.72 -9.97 -0.53
C LEU A 50 -0.40 -11.39 -1.02
N GLU A 51 0.44 -11.53 -2.05
CA GLU A 51 0.89 -12.82 -2.61
C GLU A 51 1.62 -13.69 -1.58
N LYS A 52 2.46 -13.08 -0.72
CA LYS A 52 3.11 -13.77 0.42
C LYS A 52 2.18 -14.06 1.61
N ALA A 53 0.95 -13.55 1.60
CA ALA A 53 -0.07 -13.81 2.63
C ALA A 53 -1.08 -14.90 2.20
N VAL A 54 -1.62 -14.81 0.98
CA VAL A 54 -2.71 -15.68 0.46
C VAL A 54 -2.38 -17.18 0.49
N LEU A 55 -1.10 -17.57 0.39
CA LEU A 55 -0.66 -18.96 0.48
C LEU A 55 -0.96 -19.65 1.84
N LYS A 56 -1.20 -18.86 2.91
CA LYS A 56 -1.60 -19.34 4.26
C LYS A 56 -3.06 -19.04 4.62
N ALA A 57 -3.74 -18.20 3.83
CA ALA A 57 -5.13 -17.77 4.05
C ALA A 57 -6.13 -18.94 3.91
N GLN A 58 -6.77 -19.32 5.02
CA GLN A 58 -7.74 -20.41 5.06
C GLN A 58 -9.04 -20.06 4.33
N ILE A 59 -9.69 -21.06 3.71
CA ILE A 59 -11.00 -20.94 3.06
C ILE A 59 -12.08 -20.49 4.06
N GLY A 60 -12.87 -19.48 3.68
CA GLY A 60 -13.99 -18.95 4.46
C GLY A 60 -13.60 -18.12 5.69
N GLU A 61 -12.33 -17.73 5.84
CA GLU A 61 -11.80 -17.01 7.00
C GLU A 61 -11.30 -15.60 6.63
N TRP A 62 -11.90 -14.57 7.24
CA TRP A 62 -11.48 -13.16 7.10
C TRP A 62 -10.05 -12.95 7.61
N GLU A 63 -9.24 -12.23 6.83
CA GLU A 63 -7.85 -11.89 7.16
C GLU A 63 -7.55 -10.43 6.81
N GLU A 64 -6.84 -9.71 7.69
CA GLU A 64 -6.51 -8.29 7.54
C GLU A 64 -5.00 -8.07 7.70
N VAL A 65 -4.32 -7.81 6.58
CA VAL A 65 -2.87 -7.63 6.49
C VAL A 65 -2.53 -6.17 6.18
N VAL A 66 -1.86 -5.51 7.13
CA VAL A 66 -1.38 -4.12 6.95
C VAL A 66 -0.15 -4.13 6.02
N ILE A 67 -0.19 -3.32 4.96
CA ILE A 67 0.84 -3.22 3.92
C ILE A 67 1.38 -1.78 3.90
N ALA A 68 2.71 -1.64 3.90
CA ALA A 68 3.42 -0.35 3.79
C ALA A 68 3.19 0.28 2.39
N PRO A 69 3.29 1.62 2.25
CA PRO A 69 3.00 2.29 0.98
C PRO A 69 3.94 1.84 -0.15
N GLU A 70 5.25 1.76 0.14
CA GLU A 70 6.28 1.27 -0.79
C GLU A 70 6.12 -0.21 -1.22
N GLU A 71 5.38 -1.02 -0.46
CA GLU A 71 5.12 -2.44 -0.76
C GLU A 71 3.90 -2.64 -1.68
N ALA A 72 3.21 -1.56 -2.08
CA ALA A 72 2.08 -1.56 -3.02
C ALA A 72 2.22 -0.46 -4.09
N TYR A 73 2.11 0.81 -3.68
CA TYR A 73 2.20 2.02 -4.52
C TYR A 73 2.93 3.14 -3.74
N GLY A 74 4.25 3.22 -3.89
CA GLY A 74 5.10 4.20 -3.19
C GLY A 74 5.05 5.59 -3.84
N VAL A 75 6.02 5.87 -4.73
CA VAL A 75 6.15 7.08 -5.57
C VAL A 75 5.85 8.42 -4.85
N TYR A 76 6.34 8.56 -3.62
CA TYR A 76 6.09 9.68 -2.70
C TYR A 76 7.35 10.55 -2.43
N GLU A 77 7.19 11.64 -1.67
CA GLU A 77 8.20 12.69 -1.44
C GLU A 77 8.83 12.65 -0.03
N SER A 78 9.24 11.46 0.41
CA SER A 78 9.96 11.23 1.69
C SER A 78 11.37 11.86 1.71
N SER A 79 11.95 12.12 0.53
CA SER A 79 13.26 12.73 0.30
C SER A 79 13.19 13.62 -0.94
N TYR A 80 13.24 14.95 -0.76
CA TYR A 80 13.20 15.95 -1.84
C TYR A 80 14.14 17.14 -1.58
N LEU A 81 14.47 17.87 -2.65
CA LEU A 81 15.40 19.01 -2.63
C LEU A 81 14.67 20.34 -2.33
N GLN A 82 15.29 21.18 -1.48
CA GLN A 82 14.80 22.49 -1.06
C GLN A 82 15.86 23.58 -1.28
N GLU A 83 15.49 24.63 -2.03
CA GLU A 83 16.31 25.83 -2.28
C GLU A 83 16.08 26.88 -1.17
N VAL A 84 16.77 26.73 -0.04
CA VAL A 84 16.72 27.65 1.11
C VAL A 84 17.68 28.84 0.87
N PRO A 85 17.29 30.10 1.15
CA PRO A 85 18.18 31.25 0.96
C PRO A 85 19.31 31.30 2.02
N ARG A 86 20.43 31.96 1.71
CA ARG A 86 21.55 32.15 2.66
C ARG A 86 21.22 33.04 3.87
N ASP A 87 20.06 33.70 3.90
CA ASP A 87 19.60 34.52 5.04
C ASP A 87 19.54 33.75 6.37
N GLN A 88 19.24 32.45 6.34
CA GLN A 88 19.24 31.56 7.52
C GLN A 88 20.64 31.05 7.93
N PHE A 89 21.67 31.32 7.12
CA PHE A 89 23.02 30.75 7.21
C PHE A 89 24.15 31.81 7.18
N GLU A 90 23.79 33.08 7.40
CA GLU A 90 24.70 34.24 7.36
C GLU A 90 25.91 34.06 8.30
N GLY A 91 27.10 33.85 7.73
CA GLY A 91 28.37 33.69 8.46
C GLY A 91 28.79 32.25 8.77
N ILE A 92 28.13 31.23 8.19
CA ILE A 92 28.40 29.80 8.42
C ILE A 92 29.07 29.17 7.17
N GLU A 93 30.14 28.41 7.37
CA GLU A 93 30.89 27.68 6.33
C GLU A 93 30.24 26.31 5.98
N LEU A 94 29.18 26.33 5.17
CA LEU A 94 28.45 25.15 4.71
C LEU A 94 29.30 24.23 3.80
N GLU A 95 28.94 22.94 3.74
CA GLU A 95 29.59 21.88 2.94
C GLU A 95 28.55 20.94 2.31
N LYS A 96 28.91 20.24 1.22
CA LYS A 96 28.02 19.32 0.45
C LYS A 96 27.72 17.96 1.13
N GLY A 97 27.79 17.92 2.47
CA GLY A 97 27.62 16.71 3.28
C GLY A 97 27.84 16.96 4.77
N MET A 98 27.10 17.91 5.34
CA MET A 98 27.08 18.22 6.78
C MET A 98 25.65 18.33 7.32
N SER A 99 25.49 17.96 8.60
CA SER A 99 24.28 18.18 9.40
C SER A 99 24.06 19.68 9.65
N VAL A 100 22.88 20.20 9.31
CA VAL A 100 22.47 21.60 9.51
C VAL A 100 21.11 21.68 10.22
N PHE A 101 20.81 22.83 10.83
CA PHE A 101 19.60 23.09 11.60
C PHE A 101 18.77 24.24 11.00
N GLY A 102 17.44 24.20 11.17
CA GLY A 102 16.49 25.15 10.58
C GLY A 102 15.39 25.58 11.55
N GLN A 103 15.44 26.83 12.03
CA GLN A 103 14.43 27.40 12.94
C GLN A 103 13.11 27.66 12.20
N THR A 104 12.05 26.91 12.55
CA THR A 104 10.68 27.08 12.05
C THR A 104 9.87 28.07 12.91
N GLU A 105 8.80 28.64 12.35
CA GLU A 105 7.88 29.59 13.00
C GLU A 105 7.08 28.98 14.17
N ASP A 106 7.06 27.65 14.31
CA ASP A 106 6.51 26.92 15.46
C ASP A 106 7.37 27.01 16.75
N ASN A 107 8.37 27.90 16.78
CA ASN A 107 9.39 28.04 17.84
C ASN A 107 10.12 26.69 18.11
N GLN A 108 10.54 26.04 17.03
CA GLN A 108 11.21 24.73 17.01
C GLN A 108 12.35 24.73 15.98
N THR A 109 13.22 23.71 15.99
CA THR A 109 14.39 23.63 15.11
C THR A 109 14.60 22.20 14.61
N ILE A 110 14.28 21.92 13.33
CA ILE A 110 14.54 20.60 12.72
C ILE A 110 16.01 20.45 12.30
N GLN A 111 16.41 19.24 11.92
CA GLN A 111 17.75 18.88 11.43
C GLN A 111 17.68 18.22 10.03
N ALA A 112 18.62 18.59 9.15
CA ALA A 112 18.69 18.18 7.74
C ALA A 112 20.15 18.08 7.26
N ILE A 113 20.37 17.71 5.98
CA ILE A 113 21.70 17.57 5.36
C ILE A 113 21.77 18.35 4.04
N ILE A 114 22.79 19.19 3.90
CA ILE A 114 23.08 19.99 2.69
C ILE A 114 23.62 19.10 1.56
N LYS A 115 23.04 19.25 0.36
CA LYS A 115 23.45 18.58 -0.88
C LYS A 115 24.39 19.46 -1.71
N ASP A 116 24.11 20.75 -1.83
CA ASP A 116 24.91 21.72 -2.58
C ASP A 116 24.72 23.16 -2.05
N PHE A 117 25.58 24.09 -2.47
CA PHE A 117 25.49 25.52 -2.16
C PHE A 117 25.87 26.39 -3.38
N SER A 118 25.19 27.53 -3.50
CA SER A 118 25.36 28.53 -4.57
C SER A 118 25.80 29.88 -3.97
N ALA A 119 26.12 30.86 -4.82
CA ALA A 119 26.54 32.20 -4.38
C ALA A 119 25.46 32.96 -3.56
N THR A 120 24.18 32.57 -3.66
CA THR A 120 23.02 33.27 -3.08
C THR A 120 22.02 32.38 -2.33
N HIS A 121 22.04 31.05 -2.57
CA HIS A 121 21.09 30.06 -2.04
C HIS A 121 21.78 28.72 -1.70
N VAL A 122 21.06 27.79 -1.06
CA VAL A 122 21.53 26.52 -0.50
C VAL A 122 20.53 25.38 -0.81
N MET A 123 21.01 24.30 -1.41
CA MET A 123 20.25 23.08 -1.74
C MET A 123 20.39 22.03 -0.63
N VAL A 124 19.30 21.77 0.09
CA VAL A 124 19.20 20.82 1.22
C VAL A 124 18.22 19.69 0.94
N ASP A 125 18.46 18.53 1.54
CA ASP A 125 17.57 17.35 1.51
C ASP A 125 16.60 17.36 2.69
N TYR A 126 15.29 17.48 2.40
CA TYR A 126 14.19 17.52 3.36
C TYR A 126 13.15 16.41 3.07
N ASN A 127 12.20 16.21 3.98
CA ASN A 127 11.05 15.30 3.84
C ASN A 127 9.73 16.09 3.75
N HIS A 128 8.79 15.63 2.93
CA HIS A 128 7.50 16.30 2.71
C HIS A 128 6.36 15.55 3.45
N PRO A 129 5.54 16.22 4.28
CA PRO A 129 4.54 15.54 5.12
C PRO A 129 3.35 14.94 4.35
N LEU A 130 3.12 15.35 3.09
CA LEU A 130 2.05 14.84 2.21
C LEU A 130 2.45 13.51 1.50
N ALA A 131 3.39 12.75 2.05
CA ALA A 131 3.79 11.40 1.61
C ALA A 131 2.73 10.32 1.93
N GLY A 132 2.97 9.09 1.46
CA GLY A 132 2.11 7.91 1.73
C GLY A 132 2.20 7.37 3.17
N LYS A 133 1.32 6.42 3.51
CA LYS A 133 1.23 5.75 4.83
C LYS A 133 0.76 4.29 4.74
N THR A 134 0.88 3.54 5.84
CA THR A 134 0.44 2.14 5.99
C THR A 134 -1.08 1.99 5.87
N LEU A 135 -1.55 0.96 5.15
CA LEU A 135 -2.98 0.69 4.89
C LEU A 135 -3.35 -0.77 5.19
N ALA A 136 -4.57 -0.97 5.69
CA ALA A 136 -5.14 -2.28 6.01
C ALA A 136 -5.77 -2.93 4.76
N PHE A 137 -5.04 -3.85 4.12
CA PHE A 137 -5.55 -4.74 3.06
C PHE A 137 -6.30 -5.92 3.70
N ARG A 138 -7.62 -5.79 3.85
CA ARG A 138 -8.52 -6.91 4.21
C ARG A 138 -8.77 -7.79 2.99
N PHE A 139 -8.82 -9.10 3.17
CA PHE A 139 -9.26 -10.06 2.15
C PHE A 139 -9.87 -11.34 2.73
N LYS A 140 -10.47 -12.17 1.87
CA LYS A 140 -10.92 -13.53 2.18
C LYS A 140 -10.85 -14.43 0.94
N VAL A 141 -10.46 -15.69 1.15
CA VAL A 141 -10.53 -16.77 0.15
C VAL A 141 -11.90 -17.44 0.24
N LEU A 142 -12.77 -17.21 -0.75
CA LEU A 142 -14.12 -17.80 -0.80
C LEU A 142 -14.05 -19.31 -1.08
N GLY A 143 -13.06 -19.74 -1.87
CA GLY A 143 -12.76 -21.14 -2.16
C GLY A 143 -12.35 -21.40 -3.60
N PHE A 144 -12.16 -22.68 -3.93
CA PHE A 144 -11.85 -23.18 -5.27
C PHE A 144 -13.06 -23.91 -5.87
N ARG A 145 -13.32 -23.72 -7.17
CA ARG A 145 -14.41 -24.39 -7.91
C ARG A 145 -14.00 -24.84 -9.31
N GLU A 146 -14.72 -25.82 -9.85
CA GLU A 146 -14.53 -26.37 -11.19
C GLU A 146 -15.37 -25.59 -12.23
N VAL A 147 -14.71 -24.78 -13.06
CA VAL A 147 -15.32 -24.10 -14.22
C VAL A 147 -15.82 -25.08 -15.28
N SER A 148 -16.74 -24.60 -16.13
CA SER A 148 -17.28 -25.31 -17.31
C SER A 148 -17.27 -24.41 -18.54
N GLU A 149 -17.30 -25.01 -19.73
CA GLU A 149 -17.22 -24.34 -21.04
C GLU A 149 -18.47 -24.67 -21.88
N GLU A 150 -19.64 -24.31 -21.35
CA GLU A 150 -20.99 -24.60 -21.88
C GLU A 150 -21.35 -26.11 -22.00
N GLU A 151 -20.56 -26.98 -21.36
CA GLU A 151 -20.72 -28.44 -21.25
C GLU A 151 -22.08 -28.88 -20.64
N MET A 1 5.12 -31.67 10.63
CA MET A 1 3.81 -31.88 9.96
C MET A 1 3.78 -31.14 8.62
N GLN A 2 3.37 -31.80 7.53
CA GLN A 2 3.23 -31.22 6.18
C GLN A 2 2.08 -31.85 5.38
N ASN A 3 1.72 -31.24 4.24
CA ASN A 3 0.66 -31.71 3.34
C ASN A 3 1.23 -32.45 2.11
N HIS A 4 1.99 -31.76 1.27
CA HIS A 4 2.49 -32.22 -0.04
C HIS A 4 1.41 -32.93 -0.90
N ASP A 5 0.21 -32.34 -0.95
CA ASP A 5 -0.94 -32.82 -1.73
C ASP A 5 -0.75 -32.68 -3.25
N LEU A 6 -1.48 -33.49 -4.02
CA LEU A 6 -1.29 -33.69 -5.47
C LEU A 6 -2.42 -33.03 -6.27
N GLU A 7 -2.20 -31.79 -6.70
CA GLU A 7 -3.18 -30.94 -7.42
C GLU A 7 -2.71 -30.67 -8.87
N SER A 8 -2.63 -31.72 -9.68
CA SER A 8 -2.33 -31.61 -11.12
C SER A 8 -3.50 -31.00 -11.93
N ILE A 9 -4.74 -31.17 -11.46
CA ILE A 9 -5.95 -30.56 -12.04
C ILE A 9 -6.02 -29.07 -11.66
N LYS A 10 -6.55 -28.25 -12.57
CA LYS A 10 -6.78 -26.80 -12.41
C LYS A 10 -8.25 -26.49 -12.11
N GLN A 11 -8.49 -25.44 -11.32
CA GLN A 11 -9.81 -24.95 -10.93
C GLN A 11 -9.79 -23.43 -10.73
N ALA A 12 -10.97 -22.79 -10.82
CA ALA A 12 -11.14 -21.35 -10.61
C ALA A 12 -11.14 -21.04 -9.10
N ALA A 13 -10.06 -20.43 -8.60
CA ALA A 13 -9.96 -19.87 -7.26
C ALA A 13 -10.64 -18.49 -7.20
N LEU A 14 -11.59 -18.31 -6.27
CA LEU A 14 -12.31 -17.07 -6.03
C LEU A 14 -11.84 -16.42 -4.71
N ILE A 15 -11.43 -15.16 -4.76
CA ILE A 15 -11.07 -14.35 -3.57
C ILE A 15 -11.69 -12.94 -3.62
N GLU A 16 -11.73 -12.25 -2.49
CA GLU A 16 -12.21 -10.87 -2.35
C GLU A 16 -11.33 -10.08 -1.37
N TYR A 17 -11.01 -8.83 -1.69
CA TYR A 17 -10.19 -7.93 -0.87
C TYR A 17 -10.74 -6.49 -0.79
N GLU A 18 -10.29 -5.75 0.23
CA GLU A 18 -10.46 -4.30 0.38
C GLU A 18 -9.22 -3.66 1.02
N VAL A 19 -9.09 -2.35 0.87
CA VAL A 19 -8.03 -1.53 1.45
C VAL A 19 -8.63 -0.27 2.09
N ARG A 20 -8.64 -0.26 3.42
CA ARG A 20 -9.16 0.81 4.28
C ARG A 20 -8.02 1.47 5.06
N GLU A 21 -8.23 2.71 5.52
CA GLU A 21 -7.26 3.40 6.38
C GLU A 21 -7.11 2.68 7.74
N GLN A 22 -5.95 2.80 8.38
CA GLN A 22 -5.61 2.08 9.63
C GLN A 22 -6.58 2.33 10.80
N GLY A 23 -7.28 3.49 10.82
CA GLY A 23 -8.27 3.84 11.82
C GLY A 23 -9.22 4.97 11.39
N SER A 24 -9.93 4.78 10.26
CA SER A 24 -11.00 5.67 9.80
C SER A 24 -12.15 4.91 9.11
N SER A 25 -13.30 5.57 8.95
CA SER A 25 -14.49 5.04 8.28
C SER A 25 -14.43 5.10 6.75
N ILE A 26 -13.60 5.98 6.18
CA ILE A 26 -13.42 6.10 4.71
C ILE A 26 -12.70 4.87 4.15
N VAL A 27 -12.88 4.60 2.85
CA VAL A 27 -12.25 3.48 2.11
C VAL A 27 -11.51 4.00 0.88
N LEU A 28 -10.37 3.36 0.54
CA LEU A 28 -9.54 3.75 -0.60
C LEU A 28 -9.91 2.95 -1.87
N ASP A 29 -10.03 1.63 -1.75
CA ASP A 29 -10.53 0.72 -2.78
C ASP A 29 -11.09 -0.59 -2.18
N SER A 30 -11.97 -1.28 -2.92
CA SER A 30 -12.48 -2.62 -2.56
C SER A 30 -13.14 -3.36 -3.73
N ASN A 31 -13.32 -4.68 -3.60
CA ASN A 31 -14.18 -5.50 -4.49
C ASN A 31 -15.15 -6.45 -3.76
N ILE A 32 -15.28 -6.38 -2.44
CA ILE A 32 -16.11 -7.29 -1.61
C ILE A 32 -17.58 -7.36 -2.09
N SER A 33 -18.23 -6.20 -2.21
CA SER A 33 -19.63 -6.07 -2.67
C SER A 33 -19.79 -6.23 -4.19
N LYS A 34 -18.71 -6.08 -4.95
CA LYS A 34 -18.60 -6.29 -6.41
C LYS A 34 -18.35 -7.79 -6.72
N GLU A 35 -18.06 -8.10 -7.98
CA GLU A 35 -17.66 -9.46 -8.39
C GLU A 35 -16.31 -9.88 -7.75
N PRO A 36 -16.14 -11.15 -7.36
CA PRO A 36 -14.88 -11.67 -6.81
C PRO A 36 -13.77 -11.76 -7.88
N LEU A 37 -12.52 -11.80 -7.41
CA LEU A 37 -11.31 -11.99 -8.22
C LEU A 37 -11.12 -13.48 -8.54
N GLU A 38 -11.33 -13.84 -9.81
CA GLU A 38 -11.06 -15.16 -10.40
C GLU A 38 -9.57 -15.31 -10.77
N PHE A 39 -8.90 -16.38 -10.30
CA PHE A 39 -7.58 -16.79 -10.80
C PHE A 39 -7.37 -18.32 -10.80
N ILE A 40 -6.24 -18.78 -11.34
CA ILE A 40 -5.80 -20.19 -11.37
C ILE A 40 -4.53 -20.35 -10.51
N ILE A 41 -4.45 -21.41 -9.72
CA ILE A 41 -3.35 -21.73 -8.79
C ILE A 41 -1.97 -21.60 -9.48
N GLY A 42 -1.20 -20.57 -9.09
CA GLY A 42 0.10 -20.22 -9.68
C GLY A 42 -0.02 -19.24 -10.86
N THR A 43 -0.05 -17.93 -10.59
CA THR A 43 -0.16 -16.86 -11.60
C THR A 43 0.60 -15.56 -11.25
N ASN A 44 0.69 -15.21 -9.95
CA ASN A 44 1.41 -14.06 -9.40
C ASN A 44 1.03 -12.70 -10.05
N GLN A 45 -0.24 -12.30 -9.96
CA GLN A 45 -0.81 -11.13 -10.66
C GLN A 45 -1.21 -9.94 -9.77
N ILE A 46 -1.54 -10.17 -8.49
CA ILE A 46 -1.87 -9.14 -7.48
C ILE A 46 -0.60 -8.49 -6.87
N ILE A 47 -0.76 -7.46 -6.03
CA ILE A 47 0.34 -6.81 -5.30
C ILE A 47 1.11 -7.81 -4.43
N ALA A 48 2.44 -7.68 -4.36
CA ALA A 48 3.31 -8.63 -3.65
C ALA A 48 2.98 -8.75 -2.15
N GLY A 49 2.71 -7.61 -1.47
CA GLY A 49 2.35 -7.58 -0.05
C GLY A 49 1.09 -8.39 0.30
N LEU A 50 0.12 -8.44 -0.61
CA LEU A 50 -1.08 -9.28 -0.50
C LEU A 50 -0.79 -10.72 -0.93
N GLU A 51 -0.10 -10.94 -2.06
CA GLU A 51 0.26 -12.25 -2.61
C GLU A 51 0.90 -13.20 -1.57
N LYS A 52 1.88 -12.70 -0.81
CA LYS A 52 2.57 -13.45 0.24
C LYS A 52 1.65 -13.88 1.39
N ALA A 53 0.48 -13.25 1.54
CA ALA A 53 -0.60 -13.67 2.44
C ALA A 53 -1.59 -14.63 1.76
N VAL A 54 -2.02 -14.38 0.51
CA VAL A 54 -3.03 -15.22 -0.19
C VAL A 54 -2.64 -16.70 -0.23
N LEU A 55 -1.38 -17.02 -0.52
CA LEU A 55 -0.89 -18.41 -0.56
C LEU A 55 -0.96 -19.14 0.80
N LYS A 56 -1.02 -18.39 1.92
CA LYS A 56 -1.14 -18.88 3.30
C LYS A 56 -2.56 -18.76 3.89
N ALA A 57 -3.46 -18.04 3.23
CA ALA A 57 -4.85 -17.84 3.65
C ALA A 57 -5.73 -19.08 3.41
N GLN A 58 -6.42 -19.56 4.46
CA GLN A 58 -7.37 -20.67 4.37
C GLN A 58 -8.72 -20.24 3.76
N ILE A 59 -9.43 -21.19 3.17
CA ILE A 59 -10.82 -21.05 2.71
C ILE A 59 -11.75 -20.63 3.86
N GLY A 60 -12.62 -19.64 3.61
CA GLY A 60 -13.65 -19.20 4.56
C GLY A 60 -13.12 -18.42 5.78
N GLU A 61 -11.86 -17.97 5.76
CA GLU A 61 -11.18 -17.34 6.90
C GLU A 61 -10.75 -15.89 6.57
N TRP A 62 -11.53 -14.91 7.03
CA TRP A 62 -11.19 -13.48 6.97
C TRP A 62 -9.87 -13.20 7.71
N GLU A 63 -8.96 -12.45 7.08
CA GLU A 63 -7.74 -11.94 7.71
C GLU A 63 -7.39 -10.51 7.25
N GLU A 64 -6.61 -9.80 8.08
CA GLU A 64 -6.31 -8.37 7.92
C GLU A 64 -4.80 -8.12 7.96
N VAL A 65 -4.19 -8.01 6.78
CA VAL A 65 -2.75 -7.81 6.58
C VAL A 65 -2.47 -6.32 6.34
N VAL A 66 -1.89 -5.65 7.33
CA VAL A 66 -1.52 -4.22 7.23
C VAL A 66 -0.26 -4.08 6.36
N ILE A 67 -0.32 -3.27 5.29
CA ILE A 67 0.72 -3.08 4.27
C ILE A 67 1.11 -1.59 4.23
N ALA A 68 2.41 -1.30 4.08
CA ALA A 68 2.95 0.07 3.99
C ALA A 68 2.47 0.81 2.71
N PRO A 69 2.49 2.15 2.66
CA PRO A 69 2.01 2.91 1.50
C PRO A 69 2.85 2.62 0.24
N GLU A 70 4.18 2.65 0.36
CA GLU A 70 5.14 2.38 -0.72
C GLU A 70 5.22 0.89 -1.15
N GLU A 71 4.69 -0.05 -0.37
CA GLU A 71 4.70 -1.49 -0.68
C GLU A 71 3.62 -1.92 -1.70
N ALA A 72 2.70 -1.03 -2.06
CA ALA A 72 1.63 -1.27 -3.05
C ALA A 72 1.57 -0.13 -4.09
N TYR A 73 0.90 0.97 -3.76
CA TYR A 73 0.74 2.19 -4.57
C TYR A 73 0.89 3.43 -3.68
N GLY A 74 2.11 3.96 -3.58
CA GLY A 74 2.47 5.10 -2.72
C GLY A 74 2.12 6.44 -3.36
N VAL A 75 0.85 6.85 -3.27
CA VAL A 75 0.29 8.06 -3.91
C VAL A 75 -0.19 9.08 -2.86
N TYR A 76 0.76 9.78 -2.24
CA TYR A 76 0.52 10.82 -1.23
C TYR A 76 1.37 12.08 -1.50
N GLU A 77 0.94 13.24 -1.01
CA GLU A 77 1.57 14.55 -1.17
C GLU A 77 1.51 15.34 0.16
N SER A 78 2.67 15.51 0.81
CA SER A 78 2.80 16.25 2.09
C SER A 78 3.15 17.75 1.92
N SER A 79 3.47 18.19 0.69
CA SER A 79 3.81 19.58 0.32
C SER A 79 4.96 20.17 1.18
N TYR A 80 6.11 19.49 1.18
CA TYR A 80 7.35 19.93 1.87
C TYR A 80 8.07 21.07 1.11
N LEU A 81 9.14 21.61 1.68
CA LEU A 81 9.94 22.72 1.14
C LEU A 81 11.41 22.32 0.94
N GLN A 82 12.05 22.88 -0.10
CA GLN A 82 13.49 22.84 -0.32
C GLN A 82 14.05 24.23 -0.64
N GLU A 83 14.85 24.78 0.28
CA GLU A 83 15.77 25.88 0.00
C GLU A 83 16.93 25.39 -0.89
N VAL A 84 17.03 25.92 -2.11
CA VAL A 84 18.08 25.64 -3.10
C VAL A 84 18.73 26.96 -3.57
N PRO A 85 19.98 26.95 -4.08
CA PRO A 85 20.63 28.18 -4.56
C PRO A 85 20.01 28.68 -5.86
N ARG A 86 20.11 30.00 -6.10
CA ARG A 86 19.67 30.66 -7.35
C ARG A 86 20.40 30.16 -8.60
N ASP A 87 21.57 29.53 -8.45
CA ASP A 87 22.39 28.97 -9.53
C ASP A 87 21.64 27.99 -10.46
N GLN A 88 20.64 27.25 -9.96
CA GLN A 88 19.79 26.35 -10.77
C GLN A 88 18.86 27.11 -11.75
N PHE A 89 18.62 28.40 -11.51
CA PHE A 89 17.60 29.22 -12.18
C PHE A 89 18.11 30.63 -12.55
N GLU A 90 19.44 30.80 -12.65
CA GLU A 90 20.12 32.09 -12.82
C GLU A 90 19.68 32.89 -14.06
N GLY A 91 19.15 32.22 -15.09
CA GLY A 91 18.61 32.80 -16.32
C GLY A 91 17.08 32.81 -16.42
N ILE A 92 16.34 32.61 -15.33
CA ILE A 92 14.87 32.45 -15.30
C ILE A 92 14.23 33.44 -14.30
N GLU A 93 13.17 34.13 -14.71
CA GLU A 93 12.39 35.05 -13.88
C GLU A 93 11.36 34.28 -13.01
N LEU A 94 11.78 33.87 -11.81
CA LEU A 94 10.94 33.14 -10.85
C LEU A 94 9.84 34.05 -10.23
N GLU A 95 8.79 33.45 -9.67
CA GLU A 95 7.65 34.16 -9.05
C GLU A 95 6.93 33.27 -8.01
N LYS A 96 6.29 33.87 -7.00
CA LYS A 96 5.36 33.19 -6.06
C LYS A 96 4.04 32.86 -6.76
N GLY A 97 4.00 31.72 -7.46
CA GLY A 97 2.80 31.18 -8.11
C GLY A 97 3.00 30.77 -9.58
N MET A 98 4.10 30.10 -9.89
CA MET A 98 4.37 29.46 -11.18
C MET A 98 4.83 28.00 -11.00
N SER A 99 4.52 27.15 -11.98
CA SER A 99 5.08 25.80 -12.11
C SER A 99 6.58 25.86 -12.42
N VAL A 100 7.37 25.06 -11.71
CA VAL A 100 8.83 24.93 -11.83
C VAL A 100 9.23 23.45 -11.91
N PHE A 101 10.35 23.17 -12.55
CA PHE A 101 10.88 21.82 -12.74
C PHE A 101 12.26 21.67 -12.08
N GLY A 102 12.55 20.50 -11.51
CA GLY A 102 13.76 20.21 -10.73
C GLY A 102 14.45 18.92 -11.18
N GLN A 103 15.50 19.03 -11.99
CA GLN A 103 16.26 17.86 -12.46
C GLN A 103 17.01 17.18 -11.30
N THR A 104 17.04 15.85 -11.29
CA THR A 104 17.72 15.00 -10.29
C THR A 104 18.80 14.13 -10.94
N GLU A 105 19.81 13.73 -10.14
CA GLU A 105 20.93 12.86 -10.53
C GLU A 105 20.49 11.45 -10.97
N ASP A 106 19.26 11.03 -10.63
CA ASP A 106 18.58 9.81 -11.06
C ASP A 106 18.13 9.81 -12.55
N ASN A 107 18.65 10.74 -13.37
CA ASN A 107 18.26 11.01 -14.77
C ASN A 107 16.73 11.23 -14.93
N GLN A 108 16.16 12.07 -14.07
CA GLN A 108 14.75 12.43 -14.03
C GLN A 108 14.52 13.90 -13.63
N THR A 109 13.26 14.34 -13.61
CA THR A 109 12.87 15.73 -13.31
C THR A 109 11.53 15.76 -12.54
N ILE A 110 11.46 16.47 -11.41
CA ILE A 110 10.21 16.71 -10.67
C ILE A 110 9.44 17.91 -11.23
N GLN A 111 8.16 18.06 -10.85
CA GLN A 111 7.30 19.21 -11.17
C GLN A 111 6.56 19.69 -9.91
N ALA A 112 6.66 20.98 -9.58
CA ALA A 112 6.04 21.60 -8.40
C ALA A 112 5.77 23.10 -8.59
N ILE A 113 5.34 23.81 -7.54
CA ILE A 113 5.09 25.27 -7.53
C ILE A 113 6.10 25.96 -6.60
N ILE A 114 6.60 27.14 -6.99
CA ILE A 114 7.49 27.99 -6.18
C ILE A 114 6.75 28.61 -4.98
N LYS A 115 7.35 28.57 -3.79
CA LYS A 115 6.73 29.04 -2.53
C LYS A 115 7.34 30.36 -2.01
N ASP A 116 8.63 30.59 -2.22
CA ASP A 116 9.30 31.89 -2.08
C ASP A 116 10.53 31.99 -2.99
N PHE A 117 10.94 33.19 -3.39
CA PHE A 117 12.12 33.46 -4.22
C PHE A 117 12.84 34.75 -3.79
N SER A 118 14.17 34.69 -3.67
CA SER A 118 15.06 35.84 -3.46
C SER A 118 16.33 35.69 -4.31
N ALA A 119 17.06 36.79 -4.54
CA ALA A 119 18.26 36.80 -5.38
C ALA A 119 19.43 35.98 -4.78
N THR A 120 19.43 35.76 -3.47
CA THR A 120 20.36 34.90 -2.73
C THR A 120 19.99 33.41 -2.90
N HIS A 121 18.81 33.01 -2.42
CA HIS A 121 18.26 31.65 -2.41
C HIS A 121 16.77 31.61 -2.78
N VAL A 122 16.27 30.44 -3.19
CA VAL A 122 14.87 30.19 -3.56
C VAL A 122 14.33 28.97 -2.81
N MET A 123 13.03 28.97 -2.49
CA MET A 123 12.33 27.92 -1.75
C MET A 123 11.19 27.35 -2.57
N VAL A 124 11.39 26.14 -3.09
CA VAL A 124 10.46 25.42 -3.97
C VAL A 124 9.77 24.27 -3.22
N ASP A 125 8.52 23.98 -3.57
CA ASP A 125 7.78 22.86 -2.98
C ASP A 125 8.32 21.51 -3.49
N TYR A 126 8.37 20.49 -2.63
CA TYR A 126 8.80 19.13 -2.95
C TYR A 126 7.86 18.08 -2.30
N ASN A 127 7.84 16.88 -2.88
CA ASN A 127 7.06 15.72 -2.42
C ASN A 127 7.98 14.50 -2.22
N HIS A 128 8.20 14.13 -0.96
CA HIS A 128 9.06 13.03 -0.54
C HIS A 128 8.46 11.67 -0.97
N PRO A 129 9.24 10.73 -1.55
CA PRO A 129 8.69 9.47 -2.08
C PRO A 129 8.18 8.52 -0.99
N LEU A 130 8.70 8.63 0.24
CA LEU A 130 8.35 7.78 1.38
C LEU A 130 7.07 8.22 2.13
N ALA A 131 6.35 9.23 1.61
CA ALA A 131 5.13 9.80 2.19
C ALA A 131 3.93 8.81 2.25
N GLY A 132 2.87 9.21 2.97
CA GLY A 132 1.67 8.40 3.24
C GLY A 132 1.71 7.71 4.60
N LYS A 133 0.72 6.86 4.87
CA LYS A 133 0.55 6.05 6.10
C LYS A 133 0.17 4.60 5.80
N THR A 134 0.36 3.71 6.76
CA THR A 134 0.05 2.27 6.67
C THR A 134 -1.44 2.01 6.45
N LEU A 135 -1.79 1.00 5.64
CA LEU A 135 -3.16 0.68 5.23
C LEU A 135 -3.54 -0.77 5.52
N ALA A 136 -4.80 -1.00 5.92
CA ALA A 136 -5.34 -2.31 6.28
C ALA A 136 -5.93 -3.03 5.05
N PHE A 137 -5.17 -3.95 4.45
CA PHE A 137 -5.66 -4.88 3.44
C PHE A 137 -6.40 -6.07 4.11
N ARG A 138 -7.72 -5.94 4.26
CA ARG A 138 -8.63 -7.02 4.70
C ARG A 138 -9.02 -7.88 3.49
N PHE A 139 -8.89 -9.21 3.58
CA PHE A 139 -9.29 -10.11 2.49
C PHE A 139 -9.73 -11.50 2.99
N LYS A 140 -10.31 -12.30 2.08
CA LYS A 140 -10.67 -13.71 2.31
C LYS A 140 -10.61 -14.53 1.01
N VAL A 141 -10.27 -15.81 1.16
CA VAL A 141 -10.39 -16.85 0.12
C VAL A 141 -11.80 -17.47 0.21
N LEU A 142 -12.67 -17.19 -0.77
CA LEU A 142 -14.02 -17.78 -0.85
C LEU A 142 -13.95 -19.28 -1.15
N GLY A 143 -12.90 -19.70 -1.87
CA GLY A 143 -12.57 -21.07 -2.23
C GLY A 143 -12.48 -21.28 -3.74
N PHE A 144 -12.03 -22.46 -4.15
CA PHE A 144 -11.97 -22.85 -5.56
C PHE A 144 -13.13 -23.78 -5.97
N ARG A 145 -13.45 -23.79 -7.28
CA ARG A 145 -14.49 -24.61 -7.90
C ARG A 145 -14.12 -25.03 -9.32
N GLU A 146 -14.49 -26.24 -9.71
CA GLU A 146 -14.37 -26.73 -11.08
C GLU A 146 -15.35 -25.99 -12.01
N VAL A 147 -14.83 -25.41 -13.09
CA VAL A 147 -15.58 -24.69 -14.13
C VAL A 147 -15.34 -25.31 -15.51
N SER A 148 -16.21 -25.00 -16.47
CA SER A 148 -16.17 -25.50 -17.85
C SER A 148 -16.07 -24.36 -18.87
N GLU A 149 -15.89 -24.70 -20.15
CA GLU A 149 -15.95 -23.76 -21.29
C GLU A 149 -17.31 -23.73 -22.01
N GLU A 150 -18.22 -24.67 -21.68
CA GLU A 150 -19.58 -24.77 -22.24
C GLU A 150 -20.56 -23.76 -21.61
N GLU A 151 -20.38 -23.42 -20.33
CA GLU A 151 -21.22 -22.50 -19.54
C GLU A 151 -21.21 -21.03 -20.01
N MET A 1 3.32 -27.49 -12.76
CA MET A 1 3.75 -28.74 -12.08
C MET A 1 2.67 -29.20 -11.09
N GLN A 2 2.20 -30.44 -11.22
CA GLN A 2 1.18 -31.08 -10.36
C GLN A 2 1.56 -32.54 -10.05
N ASN A 3 1.23 -33.02 -8.86
CA ASN A 3 1.36 -34.43 -8.44
C ASN A 3 0.19 -35.30 -8.94
N HIS A 4 0.28 -36.61 -8.74
CA HIS A 4 -0.83 -37.56 -8.94
C HIS A 4 -1.93 -37.39 -7.88
N ASP A 5 -2.81 -36.41 -8.09
CA ASP A 5 -4.02 -36.13 -7.33
C ASP A 5 -5.22 -35.95 -8.28
N LEU A 6 -6.44 -36.01 -7.71
CA LEU A 6 -7.71 -35.90 -8.44
C LEU A 6 -8.00 -34.47 -8.95
N GLU A 7 -7.20 -33.48 -8.56
CA GLU A 7 -7.35 -32.04 -8.89
C GLU A 7 -6.49 -31.57 -10.10
N SER A 8 -6.28 -32.46 -11.08
CA SER A 8 -5.49 -32.18 -12.31
C SER A 8 -6.00 -30.95 -13.08
N ILE A 9 -7.32 -30.79 -13.24
CA ILE A 9 -7.92 -29.65 -13.97
C ILE A 9 -7.80 -28.34 -13.17
N LYS A 10 -7.59 -27.23 -13.88
CA LYS A 10 -7.43 -25.84 -13.41
C LYS A 10 -8.59 -25.38 -12.50
N GLN A 11 -8.37 -25.39 -11.18
CA GLN A 11 -9.33 -24.94 -10.16
C GLN A 11 -9.51 -23.41 -10.14
N ALA A 12 -10.74 -22.93 -10.33
CA ALA A 12 -11.09 -21.51 -10.30
C ALA A 12 -11.19 -21.00 -8.85
N ALA A 13 -10.12 -20.38 -8.34
CA ALA A 13 -10.03 -19.72 -7.03
C ALA A 13 -10.65 -18.32 -7.06
N LEU A 14 -11.70 -18.07 -6.25
CA LEU A 14 -12.32 -16.76 -6.06
C LEU A 14 -11.88 -16.11 -4.74
N ILE A 15 -11.46 -14.84 -4.80
CA ILE A 15 -11.06 -14.01 -3.65
C ILE A 15 -11.67 -12.60 -3.72
N GLU A 16 -11.77 -11.93 -2.58
CA GLU A 16 -12.31 -10.55 -2.43
C GLU A 16 -11.45 -9.74 -1.44
N TYR A 17 -11.24 -8.45 -1.74
CA TYR A 17 -10.43 -7.52 -0.94
C TYR A 17 -11.06 -6.13 -0.76
N GLU A 18 -10.67 -5.47 0.33
CA GLU A 18 -11.08 -4.14 0.77
C GLU A 18 -9.86 -3.42 1.39
N VAL A 19 -9.38 -2.37 0.74
CA VAL A 19 -8.28 -1.53 1.22
C VAL A 19 -8.84 -0.36 2.04
N ARG A 20 -8.49 -0.35 3.33
CA ARG A 20 -8.94 0.64 4.33
C ARG A 20 -7.72 1.30 5.01
N GLU A 21 -7.90 2.54 5.47
CA GLU A 21 -6.86 3.26 6.22
C GLU A 21 -6.67 2.68 7.63
N GLN A 22 -5.45 2.70 8.16
CA GLN A 22 -5.05 2.01 9.41
C GLN A 22 -5.89 2.35 10.66
N GLY A 23 -6.40 3.58 10.78
CA GLY A 23 -7.09 4.08 11.97
C GLY A 23 -8.23 5.06 11.67
N SER A 24 -9.07 4.74 10.68
CA SER A 24 -10.26 5.53 10.32
C SER A 24 -11.45 4.64 9.91
N SER A 25 -12.67 5.18 10.04
CA SER A 25 -13.95 4.52 9.72
C SER A 25 -14.32 4.57 8.23
N ILE A 26 -13.63 5.39 7.42
CA ILE A 26 -13.79 5.47 5.96
C ILE A 26 -13.31 4.19 5.24
N VAL A 27 -13.44 4.14 3.92
CA VAL A 27 -12.82 3.11 3.05
C VAL A 27 -12.16 3.77 1.84
N LEU A 28 -10.97 3.31 1.46
CA LEU A 28 -10.21 3.84 0.32
C LEU A 28 -10.72 3.22 -0.99
N ASP A 29 -10.82 1.90 -1.06
CA ASP A 29 -11.41 1.14 -2.17
C ASP A 29 -11.80 -0.30 -1.79
N SER A 30 -12.64 -0.96 -2.59
CA SER A 30 -12.96 -2.39 -2.46
C SER A 30 -13.47 -3.01 -3.77
N ASN A 31 -13.50 -4.36 -3.83
CA ASN A 31 -14.25 -5.10 -4.86
C ASN A 31 -15.32 -6.04 -4.28
N ILE A 32 -15.44 -6.14 -2.96
CA ILE A 32 -16.28 -7.11 -2.23
C ILE A 32 -17.78 -6.95 -2.59
N SER A 33 -18.30 -5.71 -2.55
CA SER A 33 -19.69 -5.40 -2.96
C SER A 33 -19.89 -5.40 -4.49
N LYS A 34 -18.79 -5.31 -5.27
CA LYS A 34 -18.77 -5.15 -6.73
C LYS A 34 -18.84 -6.51 -7.45
N GLU A 35 -17.74 -7.26 -7.44
CA GLU A 35 -17.57 -8.57 -8.09
C GLU A 35 -16.27 -9.26 -7.59
N PRO A 36 -16.29 -10.57 -7.24
CA PRO A 36 -15.09 -11.29 -6.81
C PRO A 36 -14.06 -11.46 -7.93
N LEU A 37 -12.78 -11.61 -7.56
CA LEU A 37 -11.66 -11.84 -8.47
C LEU A 37 -11.38 -13.34 -8.59
N GLU A 38 -11.63 -13.90 -9.78
CA GLU A 38 -11.36 -15.31 -10.12
C GLU A 38 -9.98 -15.46 -10.79
N PHE A 39 -9.17 -16.43 -10.32
CA PHE A 39 -7.90 -16.84 -10.92
C PHE A 39 -7.64 -18.36 -10.77
N ILE A 40 -6.52 -18.85 -11.29
CA ILE A 40 -6.07 -20.25 -11.12
C ILE A 40 -4.82 -20.27 -10.23
N ILE A 41 -4.75 -21.19 -9.27
CA ILE A 41 -3.62 -21.37 -8.33
C ILE A 41 -2.28 -21.43 -9.09
N GLY A 42 -1.47 -20.38 -8.94
CA GLY A 42 -0.18 -20.19 -9.64
C GLY A 42 -0.21 -19.12 -10.74
N THR A 43 -0.67 -17.90 -10.43
CA THR A 43 -0.68 -16.74 -11.37
C THR A 43 0.09 -15.52 -10.83
N ASN A 44 0.10 -15.29 -9.50
CA ASN A 44 0.89 -14.26 -8.80
C ASN A 44 0.67 -12.80 -9.32
N GLN A 45 -0.54 -12.47 -9.78
CA GLN A 45 -0.88 -11.15 -10.35
C GLN A 45 -1.14 -10.04 -9.32
N ILE A 46 -1.52 -10.40 -8.09
CA ILE A 46 -1.76 -9.46 -6.97
C ILE A 46 -0.45 -8.81 -6.46
N ILE A 47 -0.58 -7.75 -5.65
CA ILE A 47 0.55 -7.07 -5.00
C ILE A 47 1.38 -8.04 -4.13
N ALA A 48 2.71 -7.90 -4.13
CA ALA A 48 3.63 -8.83 -3.47
C ALA A 48 3.37 -8.99 -1.95
N GLY A 49 3.02 -7.89 -1.27
CA GLY A 49 2.64 -7.89 0.15
C GLY A 49 1.41 -8.76 0.47
N LEU A 50 0.48 -8.91 -0.48
CA LEU A 50 -0.70 -9.78 -0.39
C LEU A 50 -0.41 -11.21 -0.90
N GLU A 51 0.50 -11.39 -1.85
CA GLU A 51 0.95 -12.71 -2.31
C GLU A 51 1.57 -13.55 -1.20
N LYS A 52 2.43 -12.95 -0.35
CA LYS A 52 2.99 -13.62 0.84
C LYS A 52 1.95 -13.91 1.94
N ALA A 53 0.73 -13.37 1.82
CA ALA A 53 -0.39 -13.58 2.74
C ALA A 53 -1.38 -14.66 2.24
N VAL A 54 -1.84 -14.58 0.99
CA VAL A 54 -2.89 -15.47 0.42
C VAL A 54 -2.57 -16.96 0.54
N LEU A 55 -1.28 -17.35 0.49
CA LEU A 55 -0.84 -18.75 0.70
C LEU A 55 -1.13 -19.29 2.11
N LYS A 56 -1.31 -18.42 3.11
CA LYS A 56 -1.62 -18.73 4.51
C LYS A 56 -3.09 -18.49 4.88
N ALA A 57 -3.85 -17.78 4.06
CA ALA A 57 -5.29 -17.54 4.23
C ALA A 57 -6.13 -18.78 3.89
N GLN A 58 -6.86 -19.33 4.87
CA GLN A 58 -7.80 -20.44 4.67
C GLN A 58 -9.08 -20.01 3.94
N ILE A 59 -9.76 -20.98 3.31
CA ILE A 59 -11.11 -20.84 2.74
C ILE A 59 -12.13 -20.40 3.80
N GLY A 60 -12.96 -19.42 3.47
CA GLY A 60 -14.05 -18.92 4.31
C GLY A 60 -13.60 -18.10 5.54
N GLU A 61 -12.33 -17.71 5.60
CA GLU A 61 -11.69 -17.10 6.78
C GLU A 61 -11.15 -15.70 6.45
N TRP A 62 -11.81 -14.66 6.98
CA TRP A 62 -11.36 -13.26 6.89
C TRP A 62 -9.92 -13.09 7.41
N GLU A 63 -9.06 -12.44 6.62
CA GLU A 63 -7.67 -12.14 6.97
C GLU A 63 -7.36 -10.65 6.74
N GLU A 64 -6.58 -10.06 7.65
CA GLU A 64 -6.25 -8.64 7.69
C GLU A 64 -4.73 -8.46 7.74
N VAL A 65 -4.15 -7.91 6.67
CA VAL A 65 -2.71 -7.65 6.53
C VAL A 65 -2.42 -6.18 6.24
N VAL A 66 -1.60 -5.55 7.09
CA VAL A 66 -1.15 -4.16 6.91
C VAL A 66 0.07 -4.12 5.98
N ILE A 67 0.01 -3.29 4.94
CA ILE A 67 1.04 -3.16 3.88
C ILE A 67 1.45 -1.68 3.77
N ALA A 68 2.75 -1.40 3.66
CA ALA A 68 3.29 -0.03 3.52
C ALA A 68 2.79 0.66 2.23
N PRO A 69 2.76 2.01 2.18
CA PRO A 69 2.22 2.72 1.00
C PRO A 69 3.07 2.48 -0.24
N GLU A 70 4.41 2.50 -0.08
CA GLU A 70 5.40 2.21 -1.12
C GLU A 70 5.44 0.73 -1.57
N GLU A 71 4.99 -0.21 -0.73
CA GLU A 71 4.82 -1.63 -1.11
C GLU A 71 3.56 -1.87 -1.97
N ALA A 72 2.56 -0.99 -1.88
CA ALA A 72 1.38 -0.99 -2.74
C ALA A 72 1.61 -0.19 -4.04
N TYR A 73 1.68 1.14 -3.97
CA TYR A 73 1.74 2.05 -5.13
C TYR A 73 2.66 3.29 -4.94
N GLY A 74 2.94 3.71 -3.71
CA GLY A 74 3.83 4.84 -3.37
C GLY A 74 3.23 6.22 -3.65
N VAL A 75 2.39 6.71 -2.73
CA VAL A 75 1.76 8.06 -2.77
C VAL A 75 2.40 9.07 -1.81
N TYR A 76 3.53 8.72 -1.19
CA TYR A 76 4.32 9.59 -0.32
C TYR A 76 4.93 10.81 -1.07
N GLU A 77 5.50 11.74 -0.30
CA GLU A 77 6.12 12.99 -0.78
C GLU A 77 7.43 13.31 -0.04
N SER A 78 8.17 14.33 -0.50
CA SER A 78 9.51 14.75 -0.05
C SER A 78 9.57 15.40 1.36
N SER A 79 8.66 15.00 2.25
CA SER A 79 8.68 15.23 3.71
C SER A 79 9.86 14.50 4.39
N TYR A 80 9.85 14.39 5.72
CA TYR A 80 10.88 13.76 6.56
C TYR A 80 12.20 14.55 6.56
N LEU A 81 12.15 15.81 6.13
CA LEU A 81 13.22 16.81 6.01
C LEU A 81 12.62 18.22 6.10
N GLN A 82 13.22 19.09 6.92
CA GLN A 82 12.95 20.54 6.96
C GLN A 82 14.25 21.31 7.14
N GLU A 83 14.60 22.14 6.16
CA GLU A 83 15.67 23.14 6.25
C GLU A 83 15.25 24.28 7.19
N VAL A 84 15.91 24.40 8.35
CA VAL A 84 15.72 25.47 9.35
C VAL A 84 17.03 26.26 9.55
N PRO A 85 16.98 27.51 10.03
CA PRO A 85 18.18 28.25 10.41
C PRO A 85 18.81 27.68 11.69
N ARG A 86 20.07 28.04 11.93
CA ARG A 86 20.88 27.65 13.11
C ARG A 86 20.40 28.26 14.44
N ASP A 87 19.32 29.04 14.43
CA ASP A 87 18.76 29.78 15.57
C ASP A 87 18.14 28.87 16.65
N GLN A 88 17.47 27.78 16.25
CA GLN A 88 16.85 26.81 17.19
C GLN A 88 17.87 26.00 18.00
N PHE A 89 19.14 26.00 17.60
CA PHE A 89 20.20 25.11 18.10
C PHE A 89 21.45 25.88 18.57
N GLU A 90 21.31 27.17 18.89
CA GLU A 90 22.38 28.07 19.32
C GLU A 90 23.12 27.53 20.57
N GLY A 91 24.28 26.90 20.37
CA GLY A 91 25.12 26.28 21.41
C GLY A 91 24.96 24.76 21.57
N ILE A 92 24.17 24.10 20.73
CA ILE A 92 23.95 22.64 20.73
C ILE A 92 24.83 21.99 19.65
N GLU A 93 25.61 20.98 20.02
CA GLU A 93 26.36 20.12 19.07
C GLU A 93 25.41 19.31 18.17
N LEU A 94 25.56 19.46 16.84
CA LEU A 94 24.74 18.77 15.83
C LEU A 94 25.60 17.80 15.00
N GLU A 95 25.08 16.62 14.69
CA GLU A 95 25.80 15.52 14.02
C GLU A 95 24.84 14.65 13.17
N LYS A 96 25.33 14.04 12.08
CA LYS A 96 24.53 13.09 11.27
C LYS A 96 24.42 11.72 11.95
N GLY A 97 23.38 11.56 12.77
CA GLY A 97 23.04 10.32 13.49
C GLY A 97 22.86 10.49 15.00
N MET A 98 22.16 11.55 15.43
CA MET A 98 21.74 11.80 16.81
C MET A 98 20.27 12.21 16.89
N SER A 99 19.62 11.90 18.01
CA SER A 99 18.31 12.43 18.39
C SER A 99 18.39 13.93 18.71
N VAL A 100 17.44 14.70 18.16
CA VAL A 100 17.28 16.15 18.35
C VAL A 100 15.81 16.50 18.60
N PHE A 101 15.56 17.64 19.24
CA PHE A 101 14.22 18.12 19.60
C PHE A 101 13.94 19.50 18.97
N GLY A 102 12.71 19.70 18.48
CA GLY A 102 12.29 20.89 17.73
C GLY A 102 11.04 21.54 18.31
N GLN A 103 11.21 22.62 19.09
CA GLN A 103 10.09 23.36 19.67
C GLN A 103 9.20 24.00 18.59
N THR A 104 7.89 24.05 18.82
CA THR A 104 6.89 24.67 17.94
C THR A 104 5.98 25.65 18.70
N GLU A 105 5.40 26.61 17.98
CA GLU A 105 4.54 27.67 18.51
C GLU A 105 3.21 27.14 19.09
N ASP A 106 2.85 25.89 18.81
CA ASP A 106 1.73 25.14 19.40
C ASP A 106 1.98 24.68 20.87
N ASN A 107 2.97 25.26 21.55
CA ASN A 107 3.44 24.93 22.91
C ASN A 107 3.81 23.43 23.04
N GLN A 108 4.54 22.91 22.05
CA GLN A 108 4.93 21.52 21.87
C GLN A 108 6.39 21.40 21.37
N THR A 109 6.91 20.16 21.30
CA THR A 109 8.27 19.86 20.86
C THR A 109 8.32 18.52 20.11
N ILE A 110 8.70 18.52 18.83
CA ILE A 110 8.93 17.28 18.06
C ILE A 110 10.22 16.59 18.51
N GLN A 111 10.38 15.30 18.18
CA GLN A 111 11.58 14.50 18.45
C GLN A 111 11.93 13.63 17.23
N ALA A 112 13.12 13.82 16.66
CA ALA A 112 13.56 13.19 15.41
C ALA A 112 15.10 13.09 15.31
N ILE A 113 15.63 12.70 14.14
CA ILE A 113 17.07 12.53 13.87
C ILE A 113 17.55 13.62 12.88
N ILE A 114 18.77 14.14 13.08
CA ILE A 114 19.41 15.09 12.15
C ILE A 114 19.89 14.37 10.88
N LYS A 115 19.48 14.86 9.70
CA LYS A 115 19.78 14.24 8.40
C LYS A 115 20.92 14.94 7.66
N ASP A 116 21.05 16.25 7.80
CA ASP A 116 22.19 17.05 7.32
C ASP A 116 22.39 18.32 8.18
N PHE A 117 23.60 18.86 8.23
CA PHE A 117 23.92 20.14 8.89
C PHE A 117 25.01 20.92 8.14
N SER A 118 24.91 22.26 8.18
CA SER A 118 25.91 23.21 7.68
C SER A 118 25.92 24.48 8.55
N ALA A 119 26.90 25.37 8.34
CA ALA A 119 27.00 26.64 9.05
C ALA A 119 25.95 27.69 8.59
N THR A 120 25.42 27.56 7.36
CA THR A 120 24.36 28.41 6.79
C THR A 120 22.97 27.99 7.29
N HIS A 121 22.57 26.76 6.99
CA HIS A 121 21.30 26.11 7.38
C HIS A 121 21.51 24.65 7.80
N VAL A 122 20.49 24.04 8.43
CA VAL A 122 20.49 22.66 8.92
C VAL A 122 19.19 21.95 8.54
N MET A 123 19.27 20.66 8.23
CA MET A 123 18.17 19.82 7.72
C MET A 123 17.86 18.67 8.69
N VAL A 124 16.91 18.92 9.59
CA VAL A 124 16.39 17.97 10.58
C VAL A 124 15.24 17.16 9.97
N ASP A 125 15.05 15.91 10.40
CA ASP A 125 13.87 15.11 10.01
C ASP A 125 12.57 15.71 10.60
N TYR A 126 11.69 16.18 9.71
CA TYR A 126 10.34 16.63 10.02
C TYR A 126 9.33 15.86 9.14
N ASN A 127 8.71 14.82 9.71
CA ASN A 127 7.58 14.12 9.08
C ASN A 127 6.37 15.06 8.88
N HIS A 128 5.42 14.66 8.03
CA HIS A 128 4.22 15.46 7.74
C HIS A 128 2.97 14.56 7.55
N PRO A 129 1.78 14.96 8.05
CA PRO A 129 0.57 14.13 8.00
C PRO A 129 -0.05 14.03 6.60
N LEU A 130 0.38 14.87 5.65
CA LEU A 130 -0.09 14.88 4.26
C LEU A 130 0.43 13.69 3.43
N ALA A 131 1.59 13.14 3.79
CA ALA A 131 2.19 11.97 3.14
C ALA A 131 1.38 10.67 3.40
N GLY A 132 1.60 9.64 2.57
CA GLY A 132 1.01 8.32 2.76
C GLY A 132 1.53 7.60 4.03
N LYS A 133 0.76 6.61 4.49
CA LYS A 133 1.04 5.75 5.66
C LYS A 133 0.64 4.30 5.39
N THR A 134 0.86 3.40 6.35
CA THR A 134 0.50 1.97 6.25
C THR A 134 -1.01 1.78 6.02
N LEU A 135 -1.39 0.82 5.17
CA LEU A 135 -2.76 0.55 4.69
C LEU A 135 -3.19 -0.87 5.06
N ALA A 136 -4.41 -1.03 5.58
CA ALA A 136 -5.01 -2.30 5.96
C ALA A 136 -5.74 -2.97 4.77
N PHE A 137 -5.11 -3.95 4.14
CA PHE A 137 -5.76 -4.86 3.19
C PHE A 137 -6.51 -5.97 3.94
N ARG A 138 -7.82 -5.78 4.13
CA ARG A 138 -8.77 -6.79 4.59
C ARG A 138 -9.23 -7.64 3.40
N PHE A 139 -8.99 -8.95 3.41
CA PHE A 139 -9.38 -9.84 2.31
C PHE A 139 -9.91 -11.20 2.81
N LYS A 140 -10.50 -11.99 1.89
CA LYS A 140 -10.97 -13.35 2.16
C LYS A 140 -10.84 -14.25 0.93
N VAL A 141 -10.37 -15.48 1.15
CA VAL A 141 -10.45 -16.58 0.17
C VAL A 141 -11.84 -17.18 0.23
N LEU A 142 -12.70 -16.85 -0.74
CA LEU A 142 -14.07 -17.38 -0.80
C LEU A 142 -14.08 -18.90 -1.05
N GLY A 143 -13.07 -19.38 -1.78
CA GLY A 143 -12.80 -20.78 -2.09
C GLY A 143 -12.47 -20.99 -3.55
N PHE A 144 -12.09 -22.22 -3.90
CA PHE A 144 -11.90 -22.67 -5.27
C PHE A 144 -13.02 -23.63 -5.70
N ARG A 145 -13.46 -23.49 -6.95
CA ARG A 145 -14.41 -24.38 -7.63
C ARG A 145 -13.70 -25.16 -8.72
N GLU A 146 -13.50 -26.45 -8.47
CA GLU A 146 -12.98 -27.40 -9.46
C GLU A 146 -13.99 -27.60 -10.60
N VAL A 147 -13.53 -27.44 -11.85
CA VAL A 147 -14.34 -27.63 -13.07
C VAL A 147 -13.83 -28.83 -13.88
N SER A 148 -14.70 -29.40 -14.72
CA SER A 148 -14.39 -30.49 -15.66
C SER A 148 -15.19 -30.33 -16.95
N GLU A 149 -14.65 -30.87 -18.05
CA GLU A 149 -15.26 -30.86 -19.41
C GLU A 149 -15.18 -32.22 -20.12
N GLU A 150 -14.89 -33.29 -19.37
CA GLU A 150 -14.69 -34.67 -19.85
C GLU A 150 -15.52 -35.67 -19.03
N GLU A 151 -15.27 -35.78 -17.72
CA GLU A 151 -16.05 -36.58 -16.76
C GLU A 151 -17.50 -36.08 -16.57
N MET A 1 2.97 -28.14 7.60
CA MET A 1 2.18 -29.37 7.34
C MET A 1 2.04 -29.60 5.84
N GLN A 2 2.08 -30.87 5.40
CA GLN A 2 1.89 -31.28 4.00
C GLN A 2 1.21 -32.67 3.89
N ASN A 3 0.54 -32.92 2.77
CA ASN A 3 -0.18 -34.16 2.43
C ASN A 3 -0.34 -34.30 0.89
N HIS A 4 -1.00 -35.37 0.43
CA HIS A 4 -1.30 -35.63 -0.99
C HIS A 4 -2.74 -36.13 -1.18
N ASP A 5 -3.61 -35.28 -1.73
CA ASP A 5 -5.00 -35.65 -2.11
C ASP A 5 -5.06 -36.43 -3.44
N LEU A 6 -6.23 -37.02 -3.76
CA LEU A 6 -6.53 -37.65 -5.05
C LEU A 6 -6.96 -36.64 -6.16
N GLU A 7 -7.06 -35.35 -5.85
CA GLU A 7 -7.60 -34.27 -6.69
C GLU A 7 -6.50 -33.26 -7.10
N SER A 8 -5.53 -33.71 -7.90
CA SER A 8 -4.45 -32.87 -8.45
C SER A 8 -4.90 -31.94 -9.61
N ILE A 9 -6.15 -32.05 -10.05
CA ILE A 9 -6.77 -31.27 -11.13
C ILE A 9 -6.86 -29.77 -10.72
N LYS A 10 -6.73 -28.86 -11.69
CA LYS A 10 -6.92 -27.40 -11.52
C LYS A 10 -8.34 -27.04 -11.03
N GLN A 11 -8.49 -25.85 -10.45
CA GLN A 11 -9.78 -25.25 -10.09
C GLN A 11 -9.71 -23.72 -10.18
N ALA A 12 -10.85 -23.09 -10.50
CA ALA A 12 -11.01 -21.64 -10.42
C ALA A 12 -11.16 -21.22 -8.96
N ALA A 13 -10.07 -20.73 -8.34
CA ALA A 13 -10.09 -20.13 -7.01
C ALA A 13 -10.72 -18.72 -7.07
N LEU A 14 -11.38 -18.33 -5.98
CA LEU A 14 -12.01 -17.02 -5.78
C LEU A 14 -11.53 -16.39 -4.46
N ILE A 15 -11.12 -15.13 -4.52
CA ILE A 15 -10.80 -14.30 -3.34
C ILE A 15 -11.55 -12.96 -3.37
N GLU A 16 -11.63 -12.31 -2.21
CA GLU A 16 -12.22 -10.98 -2.03
C GLU A 16 -11.33 -10.15 -1.09
N TYR A 17 -10.93 -8.93 -1.50
CA TYR A 17 -10.09 -8.01 -0.73
C TYR A 17 -10.65 -6.58 -0.69
N GLU A 18 -10.38 -5.87 0.40
CA GLU A 18 -10.76 -4.48 0.68
C GLU A 18 -9.58 -3.74 1.33
N VAL A 19 -9.45 -2.43 1.10
CA VAL A 19 -8.41 -1.58 1.69
C VAL A 19 -8.98 -0.34 2.38
N ARG A 20 -8.69 -0.22 3.69
CA ARG A 20 -9.13 0.86 4.57
C ARG A 20 -7.94 1.55 5.25
N GLU A 21 -8.01 2.87 5.42
CA GLU A 21 -7.04 3.66 6.17
C GLU A 21 -7.05 3.29 7.67
N GLN A 22 -5.89 3.00 8.26
CA GLN A 22 -5.77 2.66 9.68
C GLN A 22 -6.27 3.80 10.60
N GLY A 23 -7.44 3.60 11.20
CA GLY A 23 -8.11 4.50 12.15
C GLY A 23 -9.31 5.28 11.58
N SER A 24 -9.50 5.31 10.26
CA SER A 24 -10.58 6.05 9.56
C SER A 24 -11.48 5.12 8.77
N SER A 25 -12.79 5.17 9.01
CA SER A 25 -13.86 4.31 8.49
C SER A 25 -14.14 4.42 6.96
N ILE A 26 -13.20 4.96 6.19
CA ILE A 26 -13.32 5.23 4.74
C ILE A 26 -13.00 3.99 3.89
N VAL A 27 -13.22 4.06 2.58
CA VAL A 27 -12.89 2.98 1.62
C VAL A 27 -12.28 3.58 0.34
N LEU A 28 -10.95 3.75 0.34
CA LEU A 28 -10.21 4.35 -0.79
C LEU A 28 -10.14 3.43 -2.02
N ASP A 29 -10.27 2.11 -1.83
CA ASP A 29 -10.52 1.12 -2.87
C ASP A 29 -11.15 -0.15 -2.26
N SER A 30 -11.86 -0.93 -3.07
CA SER A 30 -12.27 -2.30 -2.71
C SER A 30 -12.52 -3.17 -3.93
N ASN A 31 -12.49 -4.48 -3.74
CA ASN A 31 -12.91 -5.48 -4.71
C ASN A 31 -14.15 -6.28 -4.22
N ILE A 32 -14.35 -6.40 -2.91
CA ILE A 32 -15.49 -7.12 -2.26
C ILE A 32 -16.85 -6.57 -2.73
N SER A 33 -17.03 -5.24 -2.70
CA SER A 33 -18.26 -4.56 -3.12
C SER A 33 -18.54 -4.71 -4.63
N LYS A 34 -17.48 -4.91 -5.44
CA LYS A 34 -17.53 -4.98 -6.91
C LYS A 34 -17.86 -6.41 -7.38
N GLU A 35 -16.90 -7.33 -7.30
CA GLU A 35 -16.99 -8.74 -7.69
C GLU A 35 -15.76 -9.54 -7.19
N PRO A 36 -15.88 -10.85 -6.88
CA PRO A 36 -14.74 -11.67 -6.45
C PRO A 36 -13.71 -11.84 -7.58
N LEU A 37 -12.42 -11.88 -7.22
CA LEU A 37 -11.29 -12.07 -8.14
C LEU A 37 -11.08 -13.57 -8.42
N GLU A 38 -11.35 -14.03 -9.64
CA GLU A 38 -11.23 -15.43 -10.04
C GLU A 38 -9.91 -15.72 -10.79
N PHE A 39 -9.10 -16.69 -10.32
CA PHE A 39 -7.87 -17.14 -10.99
C PHE A 39 -7.50 -18.61 -10.68
N ILE A 40 -6.54 -19.17 -11.42
CA ILE A 40 -5.95 -20.50 -11.15
C ILE A 40 -4.71 -20.33 -10.27
N ILE A 41 -4.64 -21.05 -9.14
CA ILE A 41 -3.53 -21.02 -8.18
C ILE A 41 -2.16 -21.20 -8.89
N GLY A 42 -1.34 -20.15 -8.86
CA GLY A 42 -0.07 -20.03 -9.60
C GLY A 42 -0.17 -19.03 -10.76
N THR A 43 -0.29 -17.73 -10.43
CA THR A 43 -0.37 -16.61 -11.40
C THR A 43 0.43 -15.37 -10.96
N ASN A 44 0.49 -15.09 -9.65
CA ASN A 44 1.30 -14.03 -9.01
C ASN A 44 1.04 -12.59 -9.54
N GLN A 45 -0.19 -12.32 -10.01
CA GLN A 45 -0.57 -11.03 -10.63
C GLN A 45 -0.92 -9.91 -9.63
N ILE A 46 -1.28 -10.25 -8.39
CA ILE A 46 -1.64 -9.31 -7.30
C ILE A 46 -0.42 -8.59 -6.70
N ILE A 47 -0.65 -7.56 -5.87
CA ILE A 47 0.40 -6.82 -5.15
C ILE A 47 1.27 -7.76 -4.28
N ALA A 48 2.57 -7.46 -4.18
CA ALA A 48 3.55 -8.28 -3.45
C ALA A 48 3.17 -8.51 -1.97
N GLY A 49 2.63 -7.48 -1.30
CA GLY A 49 2.17 -7.56 0.09
C GLY A 49 1.00 -8.53 0.32
N LEU A 50 0.18 -8.78 -0.71
CA LEU A 50 -0.91 -9.78 -0.70
C LEU A 50 -0.46 -11.14 -1.26
N GLU A 51 0.49 -11.16 -2.20
CA GLU A 51 1.11 -12.37 -2.77
C GLU A 51 1.75 -13.26 -1.69
N LYS A 52 2.47 -12.65 -0.75
CA LYS A 52 3.07 -13.35 0.42
C LYS A 52 2.04 -13.70 1.52
N ALA A 53 0.82 -13.14 1.46
CA ALA A 53 -0.27 -13.40 2.40
C ALA A 53 -1.23 -14.51 1.93
N VAL A 54 -1.60 -14.54 0.64
CA VAL A 54 -2.57 -15.50 0.08
C VAL A 54 -2.15 -16.98 0.25
N LEU A 55 -0.84 -17.26 0.38
CA LEU A 55 -0.32 -18.59 0.72
C LEU A 55 -0.58 -19.02 2.18
N LYS A 56 -0.71 -18.06 3.11
CA LYS A 56 -1.09 -18.26 4.53
C LYS A 56 -2.61 -18.36 4.70
N ALA A 57 -3.35 -17.48 4.05
CA ALA A 57 -4.81 -17.42 4.07
C ALA A 57 -5.45 -18.73 3.60
N GLN A 58 -6.27 -19.33 4.47
CA GLN A 58 -6.99 -20.59 4.23
C GLN A 58 -8.46 -20.35 3.84
N ILE A 59 -9.07 -21.34 3.21
CA ILE A 59 -10.47 -21.30 2.74
C ILE A 59 -11.47 -20.97 3.86
N GLY A 60 -12.35 -19.99 3.61
CA GLY A 60 -13.44 -19.62 4.50
C GLY A 60 -13.03 -18.82 5.76
N GLU A 61 -11.81 -18.30 5.81
CA GLU A 61 -11.22 -17.66 6.99
C GLU A 61 -10.69 -16.24 6.67
N TRP A 62 -11.29 -15.21 7.27
CA TRP A 62 -10.85 -13.82 7.14
C TRP A 62 -9.40 -13.61 7.61
N GLU A 63 -8.65 -12.77 6.89
CA GLU A 63 -7.27 -12.40 7.20
C GLU A 63 -7.03 -10.90 7.02
N GLU A 64 -6.72 -10.21 8.11
CA GLU A 64 -6.30 -8.80 8.14
C GLU A 64 -4.77 -8.69 8.03
N VAL A 65 -4.28 -8.11 6.94
CA VAL A 65 -2.86 -7.84 6.69
C VAL A 65 -2.64 -6.35 6.41
N VAL A 66 -2.06 -5.63 7.38
CA VAL A 66 -1.68 -4.22 7.21
C VAL A 66 -0.46 -4.12 6.28
N ILE A 67 -0.52 -3.23 5.29
CA ILE A 67 0.52 -3.02 4.27
C ILE A 67 0.98 -1.55 4.32
N ALA A 68 2.29 -1.32 4.17
CA ALA A 68 2.89 0.01 4.13
C ALA A 68 2.44 0.81 2.90
N PRO A 69 2.47 2.17 2.93
CA PRO A 69 2.04 3.00 1.80
C PRO A 69 2.88 2.78 0.53
N GLU A 70 4.15 2.41 0.66
CA GLU A 70 5.04 2.08 -0.46
C GLU A 70 4.84 0.66 -1.04
N GLU A 71 4.30 -0.28 -0.26
CA GLU A 71 4.18 -1.71 -0.60
C GLU A 71 2.88 -2.06 -1.37
N ALA A 72 1.94 -1.11 -1.46
CA ALA A 72 0.68 -1.21 -2.21
C ALA A 72 0.51 0.00 -3.14
N TYR A 73 1.21 -0.01 -4.28
CA TYR A 73 1.31 1.06 -5.29
C TYR A 73 1.47 2.47 -4.69
N GLY A 74 2.69 2.78 -4.22
CA GLY A 74 3.07 4.06 -3.60
C GLY A 74 3.04 5.24 -4.57
N VAL A 75 1.88 5.89 -4.71
CA VAL A 75 1.61 7.06 -5.57
C VAL A 75 1.99 8.41 -4.90
N TYR A 76 2.84 8.37 -3.88
CA TYR A 76 3.37 9.52 -3.13
C TYR A 76 4.19 10.52 -4.00
N GLU A 77 4.52 11.67 -3.42
CA GLU A 77 5.30 12.76 -4.04
C GLU A 77 6.81 12.44 -4.21
N SER A 78 7.57 13.38 -4.79
CA SER A 78 9.04 13.33 -4.91
C SER A 78 9.76 14.38 -4.03
N SER A 79 9.04 15.09 -3.17
CA SER A 79 9.54 16.16 -2.28
C SER A 79 8.70 16.33 -1.00
N TYR A 80 9.38 16.51 0.14
CA TYR A 80 8.80 16.75 1.47
C TYR A 80 9.66 17.77 2.25
N LEU A 81 9.16 18.28 3.39
CA LEU A 81 9.93 19.15 4.30
C LEU A 81 10.35 18.38 5.57
N GLN A 82 11.49 18.76 6.14
CA GLN A 82 12.03 18.18 7.37
C GLN A 82 12.66 19.27 8.26
N GLU A 83 11.99 19.59 9.38
CA GLU A 83 12.49 20.48 10.42
C GLU A 83 13.72 19.89 11.12
N VAL A 84 14.83 20.63 11.11
CA VAL A 84 16.15 20.24 11.66
C VAL A 84 16.76 21.43 12.44
N PRO A 85 17.38 21.21 13.61
CA PRO A 85 18.01 22.28 14.38
C PRO A 85 19.34 22.76 13.76
N ARG A 86 19.87 23.87 14.25
CA ARG A 86 21.13 24.53 13.85
C ARG A 86 22.42 23.78 14.23
N ASP A 87 22.32 22.47 14.48
CA ASP A 87 23.42 21.58 14.88
C ASP A 87 24.06 20.81 13.70
N GLN A 88 23.35 20.68 12.56
CA GLN A 88 23.84 20.01 11.34
C GLN A 88 24.38 20.98 10.27
N PHE A 89 24.19 22.29 10.45
CA PHE A 89 24.57 23.37 9.52
C PHE A 89 25.41 24.47 10.20
N GLU A 90 26.14 24.11 11.27
CA GLU A 90 27.00 25.02 12.05
C GLU A 90 28.07 25.69 11.15
N GLY A 91 27.88 26.98 10.83
CA GLY A 91 28.75 27.78 9.96
C GLY A 91 28.20 28.08 8.56
N ILE A 92 27.00 27.61 8.20
CA ILE A 92 26.34 27.81 6.90
C ILE A 92 25.30 28.94 6.99
N GLU A 93 25.26 29.82 5.99
CA GLU A 93 24.31 30.94 5.86
C GLU A 93 22.96 30.53 5.23
N LEU A 94 22.09 29.87 6.00
CA LEU A 94 20.78 29.38 5.50
C LEU A 94 19.88 30.53 4.98
N GLU A 95 19.17 30.29 3.88
CA GLU A 95 18.34 31.26 3.14
C GLU A 95 17.19 30.54 2.41
N LYS A 96 16.06 31.21 2.15
CA LYS A 96 14.99 30.69 1.28
C LYS A 96 15.43 30.74 -0.19
N GLY A 97 15.70 29.58 -0.77
CA GLY A 97 16.13 29.43 -2.18
C GLY A 97 17.65 29.38 -2.35
N MET A 98 18.30 28.43 -1.69
CA MET A 98 19.71 28.03 -1.90
C MET A 98 19.86 26.51 -1.95
N SER A 99 20.91 26.02 -2.61
CA SER A 99 21.34 24.63 -2.56
C SER A 99 22.15 24.36 -1.29
N VAL A 100 21.67 23.45 -0.44
CA VAL A 100 22.33 22.94 0.76
C VAL A 100 22.67 21.46 0.60
N PHE A 101 23.64 20.97 1.39
CA PHE A 101 24.16 19.61 1.34
C PHE A 101 24.10 18.93 2.71
N GLY A 102 24.03 17.59 2.73
CA GLY A 102 23.86 16.78 3.95
C GLY A 102 24.67 15.49 3.91
N GLN A 103 25.82 15.46 4.60
CA GLN A 103 26.65 14.26 4.71
C GLN A 103 25.92 13.16 5.49
N THR A 104 25.87 11.95 4.92
CA THR A 104 25.27 10.74 5.52
C THR A 104 26.36 9.76 5.99
N GLU A 105 26.03 8.91 6.96
CA GLU A 105 26.93 7.91 7.56
C GLU A 105 27.39 6.83 6.55
N ASP A 106 26.66 6.64 5.45
CA ASP A 106 26.99 5.79 4.30
C ASP A 106 28.15 6.31 3.42
N ASN A 107 29.00 7.22 3.94
CA ASN A 107 30.10 7.92 3.26
C ASN A 107 29.65 8.60 1.95
N GLN A 108 28.54 9.34 2.01
CA GLN A 108 27.94 10.07 0.89
C GLN A 108 27.36 11.43 1.31
N THR A 109 26.81 12.22 0.38
CA THR A 109 26.31 13.58 0.62
C THR A 109 25.09 13.89 -0.26
N ILE A 110 23.91 14.07 0.36
CA ILE A 110 22.69 14.52 -0.35
C ILE A 110 22.78 16.00 -0.75
N GLN A 111 21.91 16.45 -1.65
CA GLN A 111 21.73 17.85 -2.04
C GLN A 111 20.24 18.23 -2.15
N ALA A 112 19.84 19.40 -1.64
CA ALA A 112 18.45 19.85 -1.58
C ALA A 112 18.31 21.39 -1.48
N ILE A 113 17.08 21.90 -1.41
CA ILE A 113 16.74 23.33 -1.30
C ILE A 113 16.08 23.64 0.05
N ILE A 114 16.49 24.72 0.72
CA ILE A 114 15.89 25.21 1.96
C ILE A 114 14.55 25.92 1.70
N LYS A 115 13.46 25.40 2.28
CA LYS A 115 12.08 25.89 2.08
C LYS A 115 11.66 26.97 3.10
N ASP A 116 12.18 26.92 4.32
CA ASP A 116 12.05 27.96 5.37
C ASP A 116 13.24 27.91 6.33
N PHE A 117 13.65 29.04 6.93
CA PHE A 117 14.72 29.10 7.94
C PHE A 117 14.40 30.09 9.07
N SER A 118 15.00 29.87 10.24
CA SER A 118 14.96 30.73 11.43
C SER A 118 16.21 30.54 12.31
N ALA A 119 16.36 31.35 13.35
CA ALA A 119 17.42 31.24 14.35
C ALA A 119 17.28 30.00 15.26
N THR A 120 16.05 29.53 15.49
CA THR A 120 15.71 28.36 16.32
C THR A 120 15.89 27.04 15.55
N HIS A 121 15.12 26.86 14.47
CA HIS A 121 15.11 25.70 13.57
C HIS A 121 15.07 26.14 12.10
N VAL A 122 15.33 25.21 11.18
CA VAL A 122 15.27 25.39 9.72
C VAL A 122 14.57 24.18 9.08
N MET A 123 13.84 24.39 7.99
CA MET A 123 13.04 23.36 7.30
C MET A 123 13.51 23.22 5.85
N VAL A 124 14.29 22.16 5.61
CA VAL A 124 14.89 21.85 4.29
C VAL A 124 14.02 20.83 3.56
N ASP A 125 14.03 20.88 2.22
CA ASP A 125 13.50 19.82 1.37
C ASP A 125 14.26 18.50 1.58
N TYR A 126 13.55 17.39 1.79
CA TYR A 126 14.12 16.05 1.94
C TYR A 126 13.24 14.98 1.27
N ASN A 127 13.77 13.76 1.17
CA ASN A 127 13.12 12.57 0.60
C ASN A 127 12.97 11.50 1.68
N HIS A 128 11.78 10.87 1.79
CA HIS A 128 11.49 9.84 2.78
C HIS A 128 10.52 8.78 2.20
N PRO A 129 10.79 7.46 2.35
CA PRO A 129 9.95 6.40 1.79
C PRO A 129 8.60 6.27 2.51
N LEU A 130 8.58 6.42 3.85
CA LEU A 130 7.35 6.54 4.64
C LEU A 130 6.82 7.97 4.54
N ALA A 131 6.13 8.26 3.43
CA ALA A 131 5.47 9.52 3.13
C ALA A 131 3.97 9.50 3.43
N GLY A 132 3.29 8.40 3.07
CA GLY A 132 1.87 8.14 3.31
C GLY A 132 1.58 7.56 4.70
N LYS A 133 0.40 6.94 4.84
CA LYS A 133 -0.09 6.26 6.05
C LYS A 133 -0.38 4.77 5.76
N THR A 134 -0.26 3.92 6.78
CA THR A 134 -0.48 2.46 6.68
C THR A 134 -1.93 2.10 6.36
N LEU A 135 -2.12 1.04 5.56
CA LEU A 135 -3.41 0.63 5.00
C LEU A 135 -3.73 -0.82 5.34
N ALA A 136 -4.88 -1.05 5.98
CA ALA A 136 -5.41 -2.37 6.32
C ALA A 136 -6.01 -3.06 5.09
N PHE A 137 -5.26 -3.97 4.44
CA PHE A 137 -5.80 -4.91 3.46
C PHE A 137 -6.50 -6.09 4.18
N ARG A 138 -7.82 -6.04 4.27
CA ARG A 138 -8.68 -7.12 4.79
C ARG A 138 -9.12 -8.01 3.62
N PHE A 139 -8.80 -9.30 3.65
CA PHE A 139 -9.19 -10.22 2.57
C PHE A 139 -9.60 -11.61 3.08
N LYS A 140 -10.19 -12.42 2.19
CA LYS A 140 -10.56 -13.82 2.44
C LYS A 140 -10.46 -14.66 1.16
N VAL A 141 -9.97 -15.89 1.29
CA VAL A 141 -10.12 -16.93 0.27
C VAL A 141 -11.52 -17.52 0.40
N LEU A 142 -12.44 -17.13 -0.50
CA LEU A 142 -13.80 -17.65 -0.57
C LEU A 142 -13.82 -19.18 -0.79
N GLY A 143 -12.84 -19.67 -1.54
CA GLY A 143 -12.64 -21.07 -1.89
C GLY A 143 -12.39 -21.20 -3.39
N PHE A 144 -12.99 -22.22 -4.00
CA PHE A 144 -12.86 -22.54 -5.42
C PHE A 144 -14.11 -23.22 -5.98
N ARG A 145 -14.19 -23.26 -7.31
CA ARG A 145 -15.20 -24.00 -8.10
C ARG A 145 -14.53 -24.79 -9.22
N GLU A 146 -15.02 -26.00 -9.46
CA GLU A 146 -14.63 -26.82 -10.61
C GLU A 146 -15.21 -26.24 -11.91
N VAL A 147 -14.41 -26.29 -12.98
CA VAL A 147 -14.73 -25.74 -14.32
C VAL A 147 -14.29 -26.72 -15.43
N SER A 148 -14.69 -26.44 -16.67
CA SER A 148 -14.28 -27.19 -17.87
C SER A 148 -12.76 -27.20 -18.09
N GLU A 149 -12.24 -28.28 -18.66
CA GLU A 149 -10.80 -28.49 -18.94
C GLU A 149 -10.42 -28.31 -20.43
N GLU A 150 -11.40 -28.00 -21.29
CA GLU A 150 -11.25 -27.90 -22.76
C GLU A 150 -12.05 -26.70 -23.32
N GLU A 151 -13.37 -26.68 -23.10
CA GLU A 151 -14.27 -25.54 -23.39
C GLU A 151 -13.88 -24.25 -22.64
N MET A 1 -10.51 -51.41 -4.65
CA MET A 1 -10.06 -50.07 -4.16
C MET A 1 -9.49 -49.20 -5.28
N GLN A 2 -10.20 -49.05 -6.40
CA GLN A 2 -9.77 -48.23 -7.54
C GLN A 2 -9.80 -46.74 -7.19
N ASN A 3 -8.83 -45.98 -7.73
CA ASN A 3 -8.66 -44.54 -7.54
C ASN A 3 -8.60 -43.80 -8.89
N HIS A 4 -8.67 -42.46 -8.85
CA HIS A 4 -8.60 -41.57 -10.00
C HIS A 4 -7.65 -40.38 -9.76
N ASP A 5 -7.35 -39.62 -10.82
CA ASP A 5 -6.45 -38.45 -10.79
C ASP A 5 -7.10 -37.24 -10.08
N LEU A 6 -6.89 -37.15 -8.77
CA LEU A 6 -7.29 -36.02 -7.93
C LEU A 6 -6.69 -34.69 -8.44
N GLU A 7 -7.51 -33.66 -8.60
CA GLU A 7 -7.15 -32.32 -9.10
C GLU A 7 -6.39 -32.34 -10.46
N SER A 8 -6.72 -33.30 -11.34
CA SER A 8 -6.14 -33.45 -12.69
C SER A 8 -6.29 -32.18 -13.54
N ILE A 9 -7.50 -31.61 -13.58
CA ILE A 9 -7.83 -30.34 -14.23
C ILE A 9 -7.73 -29.19 -13.22
N LYS A 10 -7.34 -28.01 -13.70
CA LYS A 10 -7.25 -26.75 -12.93
C LYS A 10 -8.57 -26.38 -12.23
N GLN A 11 -8.47 -25.60 -11.15
CA GLN A 11 -9.61 -25.10 -10.38
C GLN A 11 -9.66 -23.57 -10.39
N ALA A 12 -10.86 -23.01 -10.61
CA ALA A 12 -11.11 -21.57 -10.52
C ALA A 12 -11.27 -21.17 -9.05
N ALA A 13 -10.22 -20.61 -8.46
CA ALA A 13 -10.22 -20.01 -7.12
C ALA A 13 -10.81 -18.58 -7.15
N LEU A 14 -11.54 -18.21 -6.09
CA LEU A 14 -12.16 -16.90 -5.90
C LEU A 14 -11.66 -16.27 -4.61
N ILE A 15 -11.14 -15.05 -4.69
CA ILE A 15 -10.77 -14.22 -3.53
C ILE A 15 -11.41 -12.83 -3.61
N GLU A 16 -11.55 -12.16 -2.47
CA GLU A 16 -12.16 -10.82 -2.35
C GLU A 16 -11.37 -9.97 -1.36
N TYR A 17 -11.10 -8.70 -1.70
CA TYR A 17 -10.29 -7.78 -0.90
C TYR A 17 -10.87 -6.36 -0.83
N GLU A 18 -10.46 -5.63 0.21
CA GLU A 18 -10.68 -4.20 0.40
C GLU A 18 -9.44 -3.53 1.00
N VAL A 19 -9.26 -2.24 0.72
CA VAL A 19 -8.17 -1.40 1.24
C VAL A 19 -8.75 -0.17 1.94
N ARG A 20 -8.45 -0.05 3.24
CA ARG A 20 -9.04 0.92 4.18
C ARG A 20 -7.98 1.51 5.11
N GLU A 21 -8.14 2.78 5.47
CA GLU A 21 -7.24 3.46 6.41
C GLU A 21 -7.45 2.95 7.85
N GLN A 22 -6.35 2.64 8.55
CA GLN A 22 -6.36 2.23 9.97
C GLN A 22 -7.03 3.30 10.86
N GLY A 23 -8.20 2.96 11.40
CA GLY A 23 -8.95 3.80 12.34
C GLY A 23 -9.95 4.79 11.72
N SER A 24 -10.43 4.53 10.49
CA SER A 24 -11.42 5.37 9.79
C SER A 24 -12.63 4.58 9.26
N SER A 25 -13.69 5.32 8.88
CA SER A 25 -14.94 4.80 8.29
C SER A 25 -15.00 4.93 6.76
N ILE A 26 -14.04 5.62 6.14
CA ILE A 26 -13.92 5.71 4.67
C ILE A 26 -13.46 4.36 4.06
N VAL A 27 -13.57 4.23 2.73
CA VAL A 27 -13.09 3.07 1.96
C VAL A 27 -12.34 3.58 0.72
N LEU A 28 -11.04 3.30 0.62
CA LEU A 28 -10.18 3.75 -0.47
C LEU A 28 -10.49 2.99 -1.77
N ASP A 29 -10.55 1.66 -1.70
CA ASP A 29 -11.02 0.78 -2.78
C ASP A 29 -11.46 -0.60 -2.25
N SER A 30 -12.23 -1.35 -3.05
CA SER A 30 -12.54 -2.77 -2.81
C SER A 30 -13.05 -3.47 -4.08
N ASN A 31 -13.13 -4.81 -4.04
CA ASN A 31 -13.90 -5.61 -5.00
C ASN A 31 -14.96 -6.54 -4.36
N ILE A 32 -15.07 -6.56 -3.03
CA ILE A 32 -15.92 -7.48 -2.25
C ILE A 32 -17.40 -7.41 -2.68
N SER A 33 -18.03 -6.23 -2.57
CA SER A 33 -19.41 -6.01 -3.01
C SER A 33 -19.56 -5.93 -4.55
N LYS A 34 -18.48 -5.62 -5.26
CA LYS A 34 -18.42 -5.43 -6.72
C LYS A 34 -18.49 -6.78 -7.47
N GLU A 35 -17.39 -7.54 -7.44
CA GLU A 35 -17.18 -8.82 -8.14
C GLU A 35 -15.90 -9.50 -7.63
N PRO A 36 -15.95 -10.72 -7.04
CA PRO A 36 -14.74 -11.43 -6.58
C PRO A 36 -13.77 -11.77 -7.71
N LEU A 37 -12.48 -11.87 -7.38
CA LEU A 37 -11.37 -12.10 -8.32
C LEU A 37 -11.21 -13.60 -8.61
N GLU A 38 -11.76 -14.04 -9.75
CA GLU A 38 -11.56 -15.38 -10.32
C GLU A 38 -10.13 -15.54 -10.88
N PHE A 39 -9.33 -16.45 -10.32
CA PHE A 39 -7.97 -16.79 -10.82
C PHE A 39 -7.63 -18.28 -10.68
N ILE A 40 -6.46 -18.70 -11.18
CA ILE A 40 -5.94 -20.08 -11.11
C ILE A 40 -4.69 -20.13 -10.22
N ILE A 41 -4.57 -21.15 -9.37
CA ILE A 41 -3.44 -21.39 -8.46
C ILE A 41 -2.10 -21.35 -9.23
N GLY A 42 -1.30 -20.30 -9.00
CA GLY A 42 -0.03 -20.03 -9.68
C GLY A 42 0.00 -18.76 -10.54
N THR A 43 -1.11 -18.02 -10.66
CA THR A 43 -1.19 -16.75 -11.43
C THR A 43 -0.41 -15.60 -10.76
N ASN A 44 -0.57 -15.44 -9.43
CA ASN A 44 0.13 -14.46 -8.57
C ASN A 44 0.11 -12.98 -9.05
N GLN A 45 -0.95 -12.54 -9.75
CA GLN A 45 -1.04 -11.19 -10.36
C GLN A 45 -1.27 -10.02 -9.36
N ILE A 46 -1.64 -10.33 -8.10
CA ILE A 46 -1.84 -9.36 -7.01
C ILE A 46 -0.53 -8.72 -6.51
N ILE A 47 -0.64 -7.67 -5.68
CA ILE A 47 0.51 -6.99 -5.04
C ILE A 47 1.33 -7.95 -4.16
N ALA A 48 2.65 -7.78 -4.11
CA ALA A 48 3.58 -8.72 -3.45
C ALA A 48 3.30 -8.91 -1.95
N GLY A 49 2.90 -7.84 -1.24
CA GLY A 49 2.53 -7.91 0.19
C GLY A 49 1.29 -8.77 0.46
N LEU A 50 0.38 -8.89 -0.50
CA LEU A 50 -0.80 -9.75 -0.46
C LEU A 50 -0.50 -11.16 -1.02
N GLU A 51 0.40 -11.28 -2.02
CA GLU A 51 0.91 -12.55 -2.55
C GLU A 51 1.49 -13.44 -1.44
N LYS A 52 2.34 -12.88 -0.58
CA LYS A 52 2.93 -13.60 0.57
C LYS A 52 1.92 -13.90 1.70
N ALA A 53 0.72 -13.33 1.65
CA ALA A 53 -0.39 -13.61 2.58
C ALA A 53 -1.29 -14.76 2.09
N VAL A 54 -1.77 -14.71 0.83
CA VAL A 54 -2.75 -15.68 0.28
C VAL A 54 -2.29 -17.15 0.34
N LEU A 55 -0.98 -17.42 0.38
CA LEU A 55 -0.44 -18.78 0.50
C LEU A 55 -0.76 -19.49 1.84
N LYS A 56 -1.10 -18.72 2.90
CA LYS A 56 -1.55 -19.25 4.20
C LYS A 56 -3.06 -19.08 4.47
N ALA A 57 -3.73 -18.20 3.73
CA ALA A 57 -5.16 -17.93 3.86
C ALA A 57 -6.04 -19.16 3.52
N GLN A 58 -6.81 -19.65 4.48
CA GLN A 58 -7.71 -20.80 4.33
C GLN A 58 -9.06 -20.40 3.72
N ILE A 59 -9.77 -21.38 3.13
CA ILE A 59 -11.14 -21.26 2.64
C ILE A 59 -12.11 -20.80 3.74
N GLY A 60 -12.92 -19.77 3.45
CA GLY A 60 -13.94 -19.23 4.35
C GLY A 60 -13.43 -18.43 5.55
N GLU A 61 -12.14 -18.08 5.59
CA GLU A 61 -11.47 -17.45 6.74
C GLU A 61 -10.97 -16.04 6.40
N TRP A 62 -11.56 -15.01 7.01
CA TRP A 62 -11.13 -13.61 6.91
C TRP A 62 -9.69 -13.41 7.41
N GLU A 63 -8.94 -12.53 6.76
CA GLU A 63 -7.57 -12.15 7.13
C GLU A 63 -7.32 -10.65 6.90
N GLU A 64 -6.51 -10.03 7.76
CA GLU A 64 -6.17 -8.60 7.74
C GLU A 64 -4.65 -8.43 7.74
N VAL A 65 -4.10 -7.91 6.63
CA VAL A 65 -2.66 -7.62 6.46
C VAL A 65 -2.43 -6.13 6.24
N VAL A 66 -1.81 -5.46 7.22
CA VAL A 66 -1.41 -4.05 7.12
C VAL A 66 -0.14 -3.94 6.25
N ILE A 67 -0.17 -3.06 5.25
CA ILE A 67 0.89 -2.88 4.25
C ILE A 67 1.34 -1.40 4.23
N ALA A 68 2.65 -1.19 4.10
CA ALA A 68 3.28 0.13 3.92
C ALA A 68 2.93 0.76 2.54
N PRO A 69 2.90 2.09 2.41
CA PRO A 69 2.53 2.76 1.15
C PRO A 69 3.53 2.47 0.02
N GLU A 70 4.82 2.39 0.36
CA GLU A 70 5.91 2.03 -0.56
C GLU A 70 5.86 0.56 -1.06
N GLU A 71 5.17 -0.33 -0.34
CA GLU A 71 4.99 -1.75 -0.72
C GLU A 71 3.69 -2.00 -1.51
N ALA A 72 2.73 -1.09 -1.47
CA ALA A 72 1.46 -1.17 -2.22
C ALA A 72 1.59 -0.60 -3.65
N TYR A 73 1.97 0.67 -3.79
CA TYR A 73 2.05 1.39 -5.09
C TYR A 73 3.39 2.11 -5.34
N GLY A 74 4.19 2.41 -4.32
CA GLY A 74 5.53 3.00 -4.48
C GLY A 74 5.56 4.39 -5.14
N VAL A 75 4.47 5.17 -5.02
CA VAL A 75 4.20 6.42 -5.75
C VAL A 75 4.28 7.68 -4.84
N TYR A 76 5.12 7.61 -3.81
CA TYR A 76 5.35 8.68 -2.83
C TYR A 76 5.89 9.99 -3.44
N GLU A 77 5.65 11.11 -2.76
CA GLU A 77 6.03 12.47 -3.19
C GLU A 77 7.39 12.88 -2.61
N SER A 78 8.45 12.81 -3.43
CA SER A 78 9.83 13.22 -3.09
C SER A 78 10.03 14.75 -2.99
N SER A 79 8.96 15.52 -2.82
CA SER A 79 8.95 16.99 -2.66
C SER A 79 7.70 17.46 -1.90
N TYR A 80 7.88 17.91 -0.65
CA TYR A 80 6.82 18.45 0.22
C TYR A 80 7.32 19.57 1.15
N LEU A 81 6.43 20.44 1.62
CA LEU A 81 6.76 21.51 2.58
C LEU A 81 6.81 20.95 4.01
N GLN A 82 7.98 20.96 4.65
CA GLN A 82 8.17 20.57 6.04
C GLN A 82 8.33 21.82 6.94
N GLU A 83 7.42 21.99 7.91
CA GLU A 83 7.58 22.94 9.01
C GLU A 83 8.64 22.44 10.02
N VAL A 84 9.60 23.30 10.35
CA VAL A 84 10.77 23.01 11.22
C VAL A 84 11.08 24.25 12.09
N PRO A 85 11.44 24.10 13.38
CA PRO A 85 11.71 25.24 14.26
C PRO A 85 13.01 25.96 13.90
N ARG A 86 13.10 27.26 14.26
CA ARG A 86 14.33 28.07 14.18
C ARG A 86 15.43 27.67 15.18
N ASP A 87 15.16 26.72 16.08
CA ASP A 87 16.15 26.09 16.96
C ASP A 87 17.39 25.56 16.20
N GLN A 88 17.20 25.05 14.97
CA GLN A 88 18.26 24.55 14.08
C GLN A 88 18.87 25.65 13.17
N PHE A 89 18.36 26.88 13.23
CA PHE A 89 18.74 28.04 12.41
C PHE A 89 18.97 29.32 13.25
N GLU A 90 19.33 29.13 14.53
CA GLU A 90 19.48 30.18 15.55
C GLU A 90 20.65 31.13 15.19
N GLY A 91 20.31 32.34 14.74
CA GLY A 91 21.25 33.38 14.28
C GLY A 91 21.38 33.50 12.75
N ILE A 92 20.80 32.57 11.97
CA ILE A 92 20.78 32.59 10.50
C ILE A 92 19.55 33.38 10.01
N GLU A 93 19.75 34.39 9.16
CA GLU A 93 18.66 35.11 8.47
C GLU A 93 17.87 34.19 7.52
N LEU A 94 16.53 34.21 7.62
CA LEU A 94 15.60 33.38 6.83
C LEU A 94 14.58 34.25 6.09
N GLU A 95 14.28 33.93 4.83
CA GLU A 95 13.34 34.67 3.97
C GLU A 95 12.73 33.75 2.90
N LYS A 96 11.57 34.10 2.32
CA LYS A 96 10.97 33.38 1.18
C LYS A 96 11.85 33.49 -0.07
N GLY A 97 12.32 32.36 -0.60
CA GLY A 97 13.10 32.28 -1.85
C GLY A 97 14.62 32.42 -1.68
N MET A 98 15.20 31.76 -0.69
CA MET A 98 16.66 31.57 -0.53
C MET A 98 17.02 30.11 -0.21
N SER A 99 18.24 29.70 -0.60
CA SER A 99 18.81 28.40 -0.27
C SER A 99 19.26 28.33 1.19
N VAL A 100 18.91 27.24 1.88
CA VAL A 100 19.26 26.92 3.27
C VAL A 100 19.83 25.49 3.37
N PHE A 101 20.78 25.29 4.28
CA PHE A 101 21.47 24.02 4.50
C PHE A 101 20.86 23.24 5.67
N GLY A 102 20.63 21.94 5.49
CA GLY A 102 19.95 21.05 6.44
C GLY A 102 20.86 19.90 6.89
N GLN A 103 21.58 20.07 8.00
CA GLN A 103 22.39 19.00 8.59
C GLN A 103 21.52 17.81 9.05
N THR A 104 22.03 16.58 8.90
CA THR A 104 21.37 15.33 9.29
C THR A 104 22.26 14.44 10.16
N GLU A 105 21.64 13.56 10.94
CA GLU A 105 22.27 12.63 11.90
C GLU A 105 23.14 11.56 11.23
N ASP A 106 22.99 11.36 9.92
CA ASP A 106 23.86 10.53 9.05
C ASP A 106 25.21 11.20 8.70
N ASN A 107 25.61 12.24 9.45
CA ASN A 107 26.83 13.04 9.28
C ASN A 107 26.95 13.65 7.86
N GLN A 108 25.86 14.28 7.41
CA GLN A 108 25.71 14.91 6.09
C GLN A 108 24.88 16.22 6.14
N THR A 109 24.75 16.92 5.02
CA THR A 109 24.06 18.22 4.91
C THR A 109 23.35 18.38 3.55
N ILE A 110 22.01 18.43 3.54
CA ILE A 110 21.22 18.74 2.33
C ILE A 110 21.24 20.25 2.02
N GLN A 111 20.74 20.62 0.83
CA GLN A 111 20.53 22.01 0.40
C GLN A 111 19.16 22.16 -0.29
N ALA A 112 18.31 23.06 0.18
CA ALA A 112 16.94 23.27 -0.29
C ALA A 112 16.48 24.74 -0.14
N ILE A 113 15.28 25.09 -0.61
CA ILE A 113 14.78 26.47 -0.69
C ILE A 113 13.62 26.71 0.31
N ILE A 114 13.70 27.81 1.06
CA ILE A 114 12.68 28.29 2.01
C ILE A 114 11.42 28.77 1.26
N LYS A 115 10.23 28.36 1.75
CA LYS A 115 8.91 28.58 1.14
C LYS A 115 8.01 29.52 1.96
N ASP A 116 8.11 29.49 3.29
CA ASP A 116 7.50 30.47 4.22
C ASP A 116 8.32 30.58 5.51
N PHE A 117 8.14 31.64 6.30
CA PHE A 117 8.84 31.85 7.58
C PHE A 117 7.95 32.53 8.65
N SER A 118 8.33 32.34 9.92
CA SER A 118 7.67 32.84 11.13
C SER A 118 8.70 33.32 12.17
N ALA A 119 8.24 33.86 13.31
CA ALA A 119 9.10 34.36 14.39
C ALA A 119 10.01 33.27 15.01
N THR A 120 9.51 32.03 15.11
CA THR A 120 10.16 30.89 15.80
C THR A 120 10.26 29.61 14.96
N HIS A 121 9.69 29.61 13.74
CA HIS A 121 9.63 28.46 12.83
C HIS A 121 9.85 28.88 11.36
N VAL A 122 10.09 27.92 10.48
CA VAL A 122 10.22 28.09 9.03
C VAL A 122 9.61 26.89 8.28
N MET A 123 9.22 27.07 7.03
CA MET A 123 8.72 26.04 6.11
C MET A 123 9.62 25.95 4.88
N VAL A 124 10.17 24.76 4.63
CA VAL A 124 11.19 24.50 3.59
C VAL A 124 10.76 23.29 2.76
N ASP A 125 11.03 23.29 1.45
CA ASP A 125 10.80 22.13 0.59
C ASP A 125 11.80 21.00 0.89
N TYR A 126 11.33 19.89 1.46
CA TYR A 126 12.08 18.70 1.81
C TYR A 126 11.61 17.46 1.03
N ASN A 127 12.33 16.35 1.17
CA ASN A 127 12.06 15.06 0.54
C ASN A 127 12.08 13.92 1.58
N HIS A 128 11.13 12.99 1.48
CA HIS A 128 11.03 11.82 2.37
C HIS A 128 10.34 10.64 1.66
N PRO A 129 10.87 9.39 1.74
CA PRO A 129 10.28 8.24 1.07
C PRO A 129 8.94 7.81 1.70
N LEU A 130 8.78 7.99 3.02
CA LEU A 130 7.50 7.84 3.71
C LEU A 130 6.73 9.17 3.67
N ALA A 131 6.17 9.49 2.51
CA ALA A 131 5.22 10.60 2.33
C ALA A 131 3.75 10.20 2.65
N GLY A 132 3.43 8.90 2.50
CA GLY A 132 2.12 8.29 2.79
C GLY A 132 2.03 7.69 4.20
N LYS A 133 0.97 6.91 4.43
CA LYS A 133 0.69 6.17 5.68
C LYS A 133 0.31 4.70 5.41
N THR A 134 0.43 3.85 6.43
CA THR A 134 0.07 2.42 6.40
C THR A 134 -1.43 2.19 6.25
N LEU A 135 -1.81 1.12 5.53
CA LEU A 135 -3.20 0.79 5.17
C LEU A 135 -3.51 -0.69 5.42
N ALA A 136 -4.77 -0.99 5.77
CA ALA A 136 -5.27 -2.34 6.00
C ALA A 136 -5.82 -2.95 4.70
N PHE A 137 -5.06 -3.85 4.07
CA PHE A 137 -5.60 -4.78 3.07
C PHE A 137 -6.27 -5.97 3.80
N ARG A 138 -7.60 -5.91 3.94
CA ARG A 138 -8.42 -7.05 4.41
C ARG A 138 -8.85 -7.90 3.22
N PHE A 139 -8.84 -9.22 3.36
CA PHE A 139 -9.30 -10.15 2.33
C PHE A 139 -9.88 -11.45 2.87
N LYS A 140 -10.51 -12.26 2.01
CA LYS A 140 -10.94 -13.64 2.26
C LYS A 140 -10.85 -14.49 1.00
N VAL A 141 -10.61 -15.79 1.18
CA VAL A 141 -10.73 -16.83 0.15
C VAL A 141 -12.14 -17.41 0.20
N LEU A 142 -12.96 -17.12 -0.81
CA LEU A 142 -14.33 -17.66 -0.92
C LEU A 142 -14.31 -19.20 -1.05
N GLY A 143 -13.30 -19.72 -1.76
CA GLY A 143 -13.14 -21.12 -2.13
C GLY A 143 -12.72 -21.29 -3.59
N PHE A 144 -12.86 -22.50 -4.09
CA PHE A 144 -12.55 -22.90 -5.46
C PHE A 144 -13.61 -23.86 -6.02
N ARG A 145 -13.71 -23.94 -7.35
CA ARG A 145 -14.56 -24.90 -8.09
C ARG A 145 -13.75 -25.68 -9.12
N GLU A 146 -13.75 -27.01 -8.98
CA GLU A 146 -13.24 -27.95 -9.98
C GLU A 146 -14.25 -28.11 -11.12
N VAL A 147 -13.96 -27.52 -12.29
CA VAL A 147 -14.76 -27.71 -13.52
C VAL A 147 -14.72 -29.18 -14.00
N SER A 148 -15.67 -29.55 -14.86
CA SER A 148 -15.76 -30.88 -15.49
C SER A 148 -16.13 -30.79 -16.98
N GLU A 149 -15.76 -31.82 -17.75
CA GLU A 149 -15.90 -31.88 -19.22
C GLU A 149 -16.41 -33.28 -19.66
N GLU A 150 -17.51 -33.74 -19.03
CA GLU A 150 -18.11 -35.08 -19.18
C GLU A 150 -17.19 -36.28 -18.81
N GLU A 151 -16.03 -36.02 -18.20
CA GLU A 151 -15.09 -36.99 -17.62
C GLU A 151 -15.71 -37.89 -16.52
#